data_8Y1F
#
_entry.id   8Y1F
#
_cell.length_a   1.00
_cell.length_b   1.00
_cell.length_c   1.00
_cell.angle_alpha   90.00
_cell.angle_beta   90.00
_cell.angle_gamma   90.00
#
_symmetry.space_group_name_H-M   'P 1'
#
loop_
_entity.id
_entity.type
_entity.pdbx_description
1 polymer 'Spike glycoprotein'
2 branched alpha-D-mannopyranose-(1-3)-alpha-D-mannopyranose-(1-6)-[alpha-D-mannopyranose-(1-3)]alpha-D-mannopyranose-(1-4)-2-acetamido-2-deoxy-beta-D-glucopyranose-(1-4)-2-acetamido-2-deoxy-beta-D-glucopyranose
3 branched 2-acetamido-2-deoxy-beta-D-glucopyranose-(1-4)-2-acetamido-2-deoxy-beta-D-glucopyranose
4 non-polymer 2-acetamido-2-deoxy-beta-D-glucopyranose
#
_entity_poly.entity_id   1
_entity_poly.type   'polypeptide(L)'
_entity_poly.pdbx_seq_one_letter_code
;MFLIIFILPTTLAVIGDFNCTNSFINDYNKTIPRISEDVVDVSLGLGTYYVLNRVYLNTTLLFTGYFPKSGANFRDLALK
GSKYLSTLWYKPPFLSDFNNGIFSKVKNTKLYVNNTLYSEFSTIVIGSVFVNTSYTIVVQPHNGILEITACQYTMCEYPH
TVCKSKGSIRNESWHIDSSEPLCLFKKNFTYNVSADWLYFHFYQERGVFYAYYADVGMPTTFLFSLYLGTILSHYYVMPL
TCKAISSNTDNETLEYWVTPLSRRQYLLNFDEHGVITNAVDCSSSFLSEIQCKTQSFAPNTGVYDLSGFTVKPVATVYRR
IPNLPDCDIDNWLNNVSVPSPLNWERRIFSNCNFNLSTLLRLVHVDSFSCNNLDKSKIFGSCFNSITVDKFAIPNRRRDD
LQLGSSGFLQSSNYKIDISSSSCQLYYSLPLVNVTINNFNPSSWNRRYGFGSFNVSSYDVVYSDHCFSVNSDFCPCADPS
VVNSCVKSKPLSAICPAGTKYRHCDLDTTLYVNNWCRCSCLPDPISTYSPNTCPQKKVVVGIGEHCPGLGINEEKCGTQL
NHSSCSCSPDAFLGWSFDSCISNNRCNIFSNFIFNGINSGTTCSNDLLYSNTEVSTGVCVNYDLYGITGQGIFKEVSAAY
YNNWQNLLYDSNGNIIGFKDFLTNKTYTILPCYSGRVSAAFYQNSSSPALLYRNLKCSYVLNNISFISQPFYFDSYLGCV
LNAVNLTSYSVSSCDLRMGSGFCIDYALPSSGSASRGISSPYRFVTFEPFNVSFVNDSVETVGGLFEIQIPTNFTIAGHE
EFIQTSSPKVTIDCSAFVCSNYAACHDLLSEYGTFCDNINSILNEVNDLLDITQLQVANALMQGVTLSSNLNTNLHSDVD
NIDFKSLLGCLGSQCGSSSRSLLEDLLFNKVKLSDVGFVEAYNNCTGGSEIRDLLCVQSFNGIKVLPPILSETQISGYTT
AATVAAMFPPWSAAAGVPFSLNVQYRINGLGVTMDVLNKNQKLIANAFNKALLSIQNGFTATNSALAKIQSVVNANAQAL
NSLLQQLFNKFGAISSSLQEILSRLDPPEAQVQIDRLINGRLTALNAYVSQQLSDITLIKAGASRAIEKVNECVKSQSPR
INFCGNGNHILSLVQNAPYGLLFIHFSYKPTSFKTVLVSPGLCLSGDRGIAPKQGYFIKQNDSWMFTGSSYYYPEPISDK
NVVFMNSCSVNFTKAPFIYLNNSIPNLSDFEAEFSLWFKNHTSIAPNLTFNSHINATFLDLYYEMNVIQESIKSLNSSFI
NLKEIGTYEM
;
_entity_poly.pdbx_strand_id   A,B,C
#
loop_
_chem_comp.id
_chem_comp.type
_chem_comp.name
_chem_comp.formula
MAN D-saccharide, alpha linking alpha-D-mannopyranose 'C6 H12 O6'
NAG D-saccharide, beta linking 2-acetamido-2-deoxy-beta-D-glucopyranose 'C8 H15 N O6'
#
# COMPACT_ATOMS: atom_id res chain seq x y z
N VAL A 14 7.33 -4.69 62.80
CA VAL A 14 7.70 -3.45 62.15
C VAL A 14 8.39 -3.77 60.82
N ILE A 15 9.32 -4.72 60.86
CA ILE A 15 9.78 -5.40 59.66
C ILE A 15 9.18 -6.80 59.70
N GLY A 16 9.54 -7.57 60.74
CA GLY A 16 8.84 -8.77 61.09
C GLY A 16 7.86 -8.52 62.22
N ASP A 17 7.33 -9.62 62.78
CA ASP A 17 6.38 -9.51 63.89
C ASP A 17 6.82 -10.36 65.07
N PHE A 18 8.04 -10.85 65.07
CA PHE A 18 8.56 -11.66 66.17
C PHE A 18 9.37 -10.79 67.11
N ASN A 19 8.97 -10.77 68.38
CA ASN A 19 9.68 -10.02 69.42
C ASN A 19 10.96 -10.74 69.74
N CYS A 20 12.07 -10.27 69.18
CA CYS A 20 13.37 -10.91 69.39
C CYS A 20 14.16 -10.27 70.52
N THR A 21 14.12 -8.95 70.65
CA THR A 21 14.91 -8.27 71.65
C THR A 21 14.16 -7.04 72.15
N ASN A 22 14.56 -6.59 73.34
CA ASN A 22 14.06 -5.34 73.89
C ASN A 22 15.16 -4.45 74.43
N SER A 23 16.41 -4.89 74.39
CA SER A 23 17.52 -4.12 74.95
C SER A 23 18.02 -3.09 73.95
N PHE A 24 18.23 -1.86 74.43
CA PHE A 24 18.76 -0.73 73.67
C PHE A 24 17.90 -0.41 72.45
N ILE A 25 16.62 -0.18 72.71
CA ILE A 25 15.66 0.19 71.68
C ILE A 25 15.30 1.65 71.91
N ASN A 26 15.81 2.53 71.07
CA ASN A 26 15.66 3.98 71.26
C ASN A 26 14.42 4.46 70.50
N ASP A 27 13.26 4.11 71.04
CA ASP A 27 12.00 4.59 70.49
C ASP A 27 11.50 5.84 71.19
N TYR A 28 12.37 6.84 71.40
CA TYR A 28 11.95 8.16 71.86
C TYR A 28 12.69 9.20 71.02
N ASN A 29 12.15 9.45 69.82
CA ASN A 29 12.70 10.43 68.88
C ASN A 29 11.70 10.68 67.75
N LYS A 30 11.44 11.94 67.43
CA LYS A 30 10.52 12.28 66.35
C LYS A 30 11.20 13.04 65.22
N THR A 31 12.48 12.77 64.95
CA THR A 31 13.20 13.40 63.86
C THR A 31 13.92 12.32 63.06
N ILE A 32 13.41 12.03 61.87
CA ILE A 32 14.04 11.06 60.97
C ILE A 32 15.27 11.71 60.34
N PRO A 33 16.33 10.96 60.04
CA PRO A 33 17.52 11.59 59.44
C PRO A 33 17.30 11.93 57.98
N ARG A 34 17.98 12.99 57.55
CA ARG A 34 18.08 13.29 56.13
C ARG A 34 18.92 12.21 55.46
N ILE A 35 18.38 11.59 54.41
CA ILE A 35 18.96 10.32 53.98
C ILE A 35 20.17 10.56 53.09
N SER A 36 19.93 10.92 51.81
CA SER A 36 20.86 11.43 50.81
C SER A 36 20.14 11.59 49.48
N GLU A 37 20.76 12.32 48.55
CA GLU A 37 20.35 12.31 47.15
C GLU A 37 21.61 12.32 46.29
N ASP A 38 21.49 11.79 45.08
CA ASP A 38 22.59 11.72 44.13
C ASP A 38 22.00 11.43 42.76
N VAL A 39 22.38 12.22 41.76
CA VAL A 39 21.84 12.07 40.42
C VAL A 39 22.53 10.90 39.73
N VAL A 40 21.74 10.10 39.00
CA VAL A 40 22.26 8.95 38.29
C VAL A 40 22.67 9.39 36.88
N ASP A 41 23.91 9.09 36.51
CA ASP A 41 24.49 9.46 35.23
C ASP A 41 24.91 8.18 34.51
N VAL A 42 24.22 7.86 33.41
CA VAL A 42 24.42 6.61 32.69
C VAL A 42 25.42 6.75 31.55
N SER A 43 26.18 7.85 31.51
CA SER A 43 26.91 8.23 30.32
C SER A 43 28.12 7.34 30.05
N LEU A 44 28.61 6.60 31.04
CA LEU A 44 29.79 5.76 30.88
C LEU A 44 29.49 4.28 31.07
N GLY A 45 28.21 3.90 31.13
CA GLY A 45 27.84 2.51 31.28
C GLY A 45 27.21 2.13 32.58
N LEU A 46 26.82 3.10 33.41
CA LEU A 46 26.24 2.79 34.71
C LEU A 46 24.76 2.47 34.57
N GLY A 47 24.36 1.32 35.07
CA GLY A 47 22.98 0.88 34.99
C GLY A 47 22.66 -0.07 33.87
N THR A 48 23.65 -0.47 33.08
CA THR A 48 23.46 -1.37 31.96
C THR A 48 23.98 -2.76 32.30
N TYR A 49 23.53 -3.74 31.53
CA TYR A 49 24.02 -5.10 31.67
C TYR A 49 24.28 -5.70 30.29
N TYR A 50 25.00 -6.81 30.28
CA TYR A 50 25.28 -7.51 29.04
C TYR A 50 24.12 -8.40 28.64
N VAL A 51 23.91 -8.52 27.33
CA VAL A 51 22.87 -9.36 26.77
C VAL A 51 23.28 -10.82 26.95
N LEU A 52 22.30 -11.74 26.86
CA LEU A 52 22.30 -13.09 27.41
C LEU A 52 23.55 -13.93 27.20
N ASN A 53 23.88 -14.24 25.94
CA ASN A 53 25.10 -14.95 25.63
C ASN A 53 25.72 -14.43 24.34
N ARG A 54 25.41 -13.19 23.98
CA ARG A 54 25.82 -12.59 22.72
C ARG A 54 27.00 -11.66 22.92
N VAL A 55 27.80 -11.52 21.88
CA VAL A 55 28.91 -10.56 21.83
C VAL A 55 28.60 -9.55 20.74
N TYR A 56 28.80 -8.28 21.03
CA TYR A 56 28.70 -7.20 20.04
C TYR A 56 30.04 -6.50 19.96
N LEU A 57 30.43 -6.11 18.75
CA LEU A 57 31.78 -5.63 18.47
C LEU A 57 31.75 -4.40 17.58
N ASN A 58 32.19 -3.26 18.11
CA ASN A 58 32.36 -1.98 17.41
C ASN A 58 31.07 -1.55 16.71
N THR A 59 30.03 -1.35 17.53
CA THR A 59 28.73 -1.00 16.99
C THR A 59 27.94 -0.26 18.07
N THR A 60 26.80 0.28 17.66
CA THR A 60 25.82 0.82 18.58
C THR A 60 24.58 -0.06 18.57
N LEU A 61 23.97 -0.21 19.73
CA LEU A 61 22.84 -1.11 19.88
C LEU A 61 21.70 -0.40 20.58
N LEU A 62 20.51 -0.51 20.00
CA LEU A 62 19.29 0.01 20.62
C LEU A 62 18.60 -1.13 21.34
N PHE A 63 18.48 -1.03 22.66
CA PHE A 63 18.09 -2.17 23.48
C PHE A 63 17.15 -1.72 24.59
N THR A 64 16.07 -2.46 24.79
CA THR A 64 15.11 -2.20 25.86
C THR A 64 15.28 -3.23 26.96
N GLY A 65 15.44 -2.77 28.19
CA GLY A 65 15.59 -3.65 29.33
C GLY A 65 15.13 -2.98 30.61
N TYR A 66 15.56 -3.49 31.75
CA TYR A 66 15.22 -2.90 33.04
C TYR A 66 16.37 -2.02 33.48
N PHE A 67 16.22 -0.72 33.22
CA PHE A 67 17.27 0.28 33.35
C PHE A 67 16.85 1.37 34.30
N PRO A 68 17.80 2.03 34.98
CA PRO A 68 17.46 3.22 35.75
C PRO A 68 17.14 4.40 34.84
N LYS A 69 16.34 5.31 35.37
CA LYS A 69 15.96 6.52 34.66
C LYS A 69 17.02 7.59 34.88
N SER A 70 17.59 8.10 33.79
CA SER A 70 18.68 9.06 33.90
C SER A 70 18.16 10.40 34.36
N GLY A 71 18.86 11.02 35.31
CA GLY A 71 18.42 12.25 35.92
C GLY A 71 17.62 12.07 37.20
N ALA A 72 17.31 10.84 37.58
CA ALA A 72 16.59 10.56 38.82
C ALA A 72 17.58 10.58 39.99
N ASN A 73 17.13 10.17 41.16
CA ASN A 73 17.94 10.30 42.37
C ASN A 73 18.28 8.94 42.96
N PHE A 74 19.56 8.77 43.29
CA PHE A 74 20.00 7.71 44.17
C PHE A 74 19.65 8.06 45.62
N ARG A 75 19.53 7.02 46.44
CA ARG A 75 19.25 7.19 47.86
C ARG A 75 20.18 6.29 48.66
N ASP A 76 20.95 6.88 49.57
CA ASP A 76 21.90 6.11 50.38
C ASP A 76 21.17 5.56 51.60
N LEU A 77 20.71 4.32 51.49
CA LEU A 77 19.92 3.69 52.54
C LEU A 77 20.76 2.87 53.51
N ALA A 78 22.07 3.10 53.55
CA ALA A 78 22.94 2.37 54.46
C ALA A 78 22.96 3.03 55.82
N LEU A 79 22.66 2.25 56.86
CA LEU A 79 22.61 2.73 58.23
C LEU A 79 23.66 2.01 59.06
N LYS A 80 24.43 2.77 59.82
CA LYS A 80 25.42 2.23 60.74
C LYS A 80 25.03 2.57 62.17
N GLY A 81 25.02 1.56 63.04
CA GLY A 81 24.77 1.76 64.45
C GLY A 81 25.92 1.26 65.28
N SER A 82 25.95 1.71 66.54
CA SER A 82 26.94 1.22 67.49
C SER A 82 26.29 0.48 68.65
N LYS A 83 25.38 1.13 69.39
CA LYS A 83 24.74 0.51 70.53
C LYS A 83 23.22 0.50 70.42
N TYR A 84 22.60 1.61 70.07
CA TYR A 84 21.16 1.75 70.11
C TYR A 84 20.55 1.64 68.71
N LEU A 85 19.35 1.07 68.66
CA LEU A 85 18.60 0.94 67.42
C LEU A 85 17.35 1.79 67.52
N SER A 86 17.29 2.85 66.72
CA SER A 86 16.10 3.68 66.67
C SER A 86 15.00 2.97 65.88
N THR A 87 13.76 3.14 66.33
CA THR A 87 12.64 2.49 65.65
C THR A 87 12.21 3.22 64.38
N LEU A 88 12.75 4.41 64.14
CA LEU A 88 12.46 5.13 62.90
C LEU A 88 13.17 4.50 61.71
N TRP A 89 14.18 3.66 61.95
CA TRP A 89 14.91 3.01 60.88
C TRP A 89 14.10 1.93 60.18
N TYR A 90 13.05 1.45 60.82
CA TYR A 90 12.24 0.35 60.31
C TYR A 90 10.86 0.84 59.88
N LYS A 91 10.80 2.04 59.34
CA LYS A 91 9.57 2.73 58.97
C LYS A 91 9.51 2.90 57.47
N PRO A 92 8.33 3.17 56.89
CA PRO A 92 8.22 3.33 55.42
C PRO A 92 8.93 4.55 54.84
N PRO A 93 9.60 5.41 55.62
CA PRO A 93 10.73 6.14 55.02
C PRO A 93 11.82 5.24 54.46
N PHE A 94 12.30 4.27 55.25
CA PHE A 94 13.38 3.40 54.81
C PHE A 94 12.88 2.10 54.19
N LEU A 95 11.84 1.50 54.76
CA LEU A 95 11.21 0.33 54.16
C LEU A 95 10.46 0.77 52.91
N SER A 96 11.05 0.50 51.75
CA SER A 96 10.59 1.07 50.49
C SER A 96 9.79 0.05 49.69
N ASP A 97 9.43 0.43 48.47
CA ASP A 97 8.59 -0.37 47.59
C ASP A 97 9.43 -1.01 46.49
N PHE A 98 9.13 -2.27 46.19
CA PHE A 98 9.75 -3.03 45.11
C PHE A 98 8.68 -3.22 44.04
N ASN A 99 8.60 -2.28 43.09
CA ASN A 99 7.51 -2.31 42.11
C ASN A 99 7.88 -3.19 40.92
N ASN A 100 8.91 -2.80 40.18
CA ASN A 100 9.48 -3.62 39.14
C ASN A 100 10.89 -4.09 39.46
N GLY A 101 11.65 -3.29 40.18
CA GLY A 101 12.97 -3.69 40.58
C GLY A 101 13.81 -2.50 40.99
N ILE A 102 15.04 -2.79 41.38
CA ILE A 102 15.97 -1.77 41.85
C ILE A 102 17.33 -1.97 41.20
N PHE A 103 18.05 -0.87 41.02
CA PHE A 103 19.46 -0.87 40.68
C PHE A 103 20.24 -0.34 41.87
N SER A 104 21.30 -1.03 42.25
CA SER A 104 22.01 -0.73 43.49
C SER A 104 23.48 -0.53 43.22
N LYS A 105 24.08 0.41 43.96
CA LYS A 105 25.49 0.75 43.87
C LYS A 105 26.08 0.70 45.26
N VAL A 106 26.91 -0.31 45.53
CA VAL A 106 27.37 -0.61 46.88
C VAL A 106 28.86 -0.32 46.97
N LYS A 107 29.25 0.41 48.02
CA LYS A 107 30.66 0.66 48.28
C LYS A 107 31.25 -0.48 49.10
N ASN A 108 32.36 -1.02 48.62
CA ASN A 108 33.07 -2.10 49.32
C ASN A 108 33.99 -1.48 50.36
N THR A 109 33.61 -1.58 51.63
CA THR A 109 34.42 -1.01 52.71
C THR A 109 35.47 -2.02 53.14
N LYS A 110 36.69 -1.53 53.34
CA LYS A 110 37.85 -2.38 53.57
C LYS A 110 38.45 -2.08 54.94
N LEU A 111 38.68 -3.14 55.72
CA LEU A 111 39.27 -3.04 57.04
C LEU A 111 40.58 -3.82 57.08
N TYR A 112 41.44 -3.46 58.03
CA TYR A 112 42.75 -4.08 58.18
C TYR A 112 42.94 -4.52 59.62
N VAL A 113 43.14 -5.83 59.83
CA VAL A 113 43.45 -6.38 61.13
C VAL A 113 44.69 -7.26 60.97
N ASN A 114 45.80 -6.85 61.61
CA ASN A 114 47.14 -7.40 61.40
C ASN A 114 47.54 -7.38 59.92
N ASN A 115 47.22 -6.26 59.25
CA ASN A 115 47.44 -6.06 57.80
C ASN A 115 46.79 -7.16 56.96
N THR A 116 45.48 -7.35 57.14
CA THR A 116 44.71 -8.32 56.38
C THR A 116 43.43 -7.66 55.88
N LEU A 117 43.18 -7.75 54.58
CA LEU A 117 42.03 -7.10 53.98
C LEU A 117 40.75 -7.83 54.32
N TYR A 118 39.78 -7.08 54.86
CA TYR A 118 38.46 -7.60 55.16
C TYR A 118 37.42 -6.73 54.46
N SER A 119 36.54 -7.36 53.70
CA SER A 119 35.47 -6.66 52.99
C SER A 119 34.18 -6.75 53.77
N GLU A 120 33.40 -5.67 53.73
CA GLU A 120 32.18 -5.59 54.53
C GLU A 120 31.25 -4.56 53.92
N PHE A 121 30.01 -4.95 53.65
CA PHE A 121 28.98 -4.00 53.28
C PHE A 121 27.63 -4.51 53.79
N SER A 122 26.58 -3.77 53.46
CA SER A 122 25.27 -4.02 54.05
C SER A 122 24.53 -5.14 53.33
N THR A 123 23.58 -5.74 54.04
CA THR A 123 22.74 -6.78 53.47
C THR A 123 21.35 -6.23 53.21
N ILE A 124 20.73 -6.71 52.14
CA ILE A 124 19.41 -6.27 51.72
C ILE A 124 18.47 -7.47 51.76
N VAL A 125 17.24 -7.24 52.20
CA VAL A 125 16.21 -8.27 52.25
C VAL A 125 15.08 -7.85 51.32
N ILE A 126 14.50 -8.82 50.60
CA ILE A 126 13.46 -8.57 49.62
C ILE A 126 12.33 -9.55 49.88
N GLY A 127 11.14 -9.03 50.14
CA GLY A 127 10.00 -9.87 50.44
C GLY A 127 8.70 -9.11 50.32
N SER A 128 7.65 -9.69 50.91
CA SER A 128 6.34 -9.04 50.91
C SER A 128 5.86 -8.68 52.31
N VAL A 129 5.75 -9.64 53.22
CA VAL A 129 5.23 -9.39 54.56
C VAL A 129 6.16 -9.83 55.67
N PHE A 130 7.23 -10.57 55.34
CA PHE A 130 8.32 -10.93 56.25
C PHE A 130 7.84 -11.77 57.44
N VAL A 131 7.01 -12.79 57.16
CA VAL A 131 6.61 -13.77 58.15
C VAL A 131 7.02 -15.14 57.63
N ASN A 132 6.72 -16.18 58.41
CA ASN A 132 7.12 -17.53 58.04
C ASN A 132 6.13 -18.23 57.13
N THR A 133 5.13 -17.53 56.61
CA THR A 133 4.23 -18.08 55.60
C THR A 133 4.52 -17.51 54.21
N SER A 134 5.55 -16.70 54.07
CA SER A 134 5.96 -16.17 52.78
C SER A 134 7.48 -16.22 52.68
N TYR A 135 7.97 -16.30 51.45
CA TYR A 135 9.39 -16.39 51.17
C TYR A 135 10.00 -14.99 51.07
N THR A 136 11.17 -14.82 51.68
CA THR A 136 11.93 -13.58 51.57
C THR A 136 13.33 -13.90 51.06
N ILE A 137 13.90 -12.99 50.27
CA ILE A 137 15.19 -13.18 49.64
C ILE A 137 16.23 -12.37 50.39
N VAL A 138 17.32 -13.02 50.81
CA VAL A 138 18.36 -12.39 51.61
C VAL A 138 19.69 -12.52 50.87
N VAL A 139 20.36 -11.39 50.66
CA VAL A 139 21.68 -11.34 50.02
C VAL A 139 22.65 -10.83 51.07
N GLN A 140 23.67 -11.64 51.39
CA GLN A 140 24.54 -11.33 52.51
C GLN A 140 26.01 -11.57 52.16
N PRO A 141 26.90 -10.63 52.44
CA PRO A 141 28.33 -10.86 52.21
C PRO A 141 29.04 -11.53 53.38
N HIS A 142 30.03 -12.34 53.04
CA HIS A 142 30.83 -13.08 54.02
C HIS A 142 32.31 -13.03 53.67
N ASN A 143 32.82 -11.83 53.38
CA ASN A 143 34.24 -11.53 53.15
C ASN A 143 34.81 -12.32 51.98
N GLY A 144 34.31 -12.00 50.79
CA GLY A 144 34.70 -12.66 49.58
C GLY A 144 33.73 -13.73 49.11
N ILE A 145 32.73 -14.05 49.93
CA ILE A 145 31.69 -15.02 49.60
C ILE A 145 30.35 -14.30 49.67
N LEU A 146 29.54 -14.45 48.64
CA LEU A 146 28.23 -13.82 48.55
C LEU A 146 27.16 -14.89 48.71
N GLU A 147 26.60 -14.99 49.91
CA GLU A 147 25.60 -16.01 50.22
C GLU A 147 24.20 -15.45 49.98
N ILE A 148 23.42 -16.16 49.17
CA ILE A 148 22.08 -15.72 48.78
C ILE A 148 21.10 -16.85 49.07
N THR A 149 20.09 -16.57 49.90
CA THR A 149 19.08 -17.55 50.25
C THR A 149 17.69 -16.99 49.98
N ALA A 150 16.72 -17.90 49.84
CA ALA A 150 15.31 -17.53 49.68
C ALA A 150 14.48 -18.57 50.44
N CYS A 151 14.20 -18.29 51.72
CA CYS A 151 13.54 -19.24 52.59
C CYS A 151 12.37 -18.56 53.28
N GLN A 152 11.58 -19.37 53.99
CA GLN A 152 10.46 -18.85 54.79
C GLN A 152 10.98 -18.51 56.20
N TYR A 153 11.63 -17.35 56.29
CA TYR A 153 12.26 -16.95 57.52
C TYR A 153 11.25 -16.37 58.50
N THR A 154 11.59 -16.45 59.79
CA THR A 154 10.83 -15.80 60.86
C THR A 154 11.61 -14.54 61.23
N MET A 155 11.34 -13.45 60.52
CA MET A 155 12.12 -12.24 60.67
C MET A 155 11.80 -11.54 61.98
N CYS A 156 12.82 -10.89 62.53
CA CYS A 156 12.65 -10.10 63.75
C CYS A 156 11.99 -8.76 63.43
N GLU A 157 11.54 -8.08 64.48
CA GLU A 157 10.93 -6.77 64.29
C GLU A 157 11.98 -5.71 63.98
N TYR A 158 13.18 -5.86 64.54
CA TYR A 158 14.29 -4.92 64.35
C TYR A 158 15.54 -5.69 63.94
N PRO A 159 15.66 -6.07 62.67
CA PRO A 159 16.82 -6.85 62.24
C PRO A 159 18.06 -6.00 62.01
N HIS A 160 19.21 -6.61 62.24
CA HIS A 160 20.50 -5.97 62.01
C HIS A 160 21.56 -7.05 61.83
N THR A 161 22.69 -6.65 61.26
CA THR A 161 23.85 -7.51 61.12
C THR A 161 25.05 -6.88 61.79
N VAL A 162 26.10 -7.69 62.00
CA VAL A 162 27.29 -7.29 62.75
C VAL A 162 28.51 -7.60 61.91
N CYS A 163 29.44 -6.64 61.82
CA CYS A 163 30.71 -6.87 61.15
C CYS A 163 31.55 -7.89 61.90
N LYS A 164 32.30 -8.71 61.16
CA LYS A 164 32.99 -9.85 61.73
C LYS A 164 34.45 -9.58 62.08
N SER A 165 35.02 -8.49 61.59
CA SER A 165 36.43 -8.20 61.87
C SER A 165 36.61 -7.72 63.30
N LYS A 166 35.67 -6.93 63.81
CA LYS A 166 35.66 -6.46 65.19
C LYS A 166 34.20 -6.45 65.65
N GLY A 167 33.80 -7.49 66.36
CA GLY A 167 32.41 -7.66 66.74
C GLY A 167 31.91 -6.60 67.69
N SER A 168 30.73 -6.08 67.37
CA SER A 168 30.18 -4.91 68.03
C SER A 168 29.60 -5.26 69.39
N ILE A 169 28.93 -4.29 70.01
CA ILE A 169 28.36 -4.48 71.34
C ILE A 169 27.15 -5.42 71.26
N ARG A 170 26.45 -5.41 70.14
CA ARG A 170 25.31 -6.28 69.95
C ARG A 170 25.71 -7.58 69.25
N ASN A 171 24.84 -8.57 69.33
CA ASN A 171 24.95 -9.80 68.58
C ASN A 171 24.17 -9.68 67.27
N GLU A 172 24.51 -10.54 66.32
CA GLU A 172 23.80 -10.56 65.05
C GLU A 172 22.45 -11.23 65.21
N SER A 173 21.38 -10.56 64.79
CA SER A 173 20.04 -11.11 64.90
C SER A 173 19.16 -10.47 63.83
N TRP A 174 18.82 -11.24 62.80
CA TRP A 174 17.83 -10.83 61.83
C TRP A 174 16.75 -11.87 61.58
N HIS A 175 16.93 -13.10 62.05
CA HIS A 175 15.88 -14.10 62.02
C HIS A 175 16.11 -15.06 63.18
N ILE A 176 15.07 -15.81 63.51
CA ILE A 176 15.14 -16.81 64.59
C ILE A 176 14.34 -18.02 64.13
N ASP A 177 15.05 -19.13 63.89
CA ASP A 177 14.45 -20.34 63.35
C ASP A 177 15.26 -21.52 63.84
N SER A 178 14.71 -22.27 64.79
CA SER A 178 15.31 -23.51 65.26
C SER A 178 14.68 -24.73 64.62
N SER A 179 14.20 -24.62 63.38
CA SER A 179 13.40 -25.68 62.79
C SER A 179 13.73 -25.99 61.34
N GLU A 180 14.78 -25.37 60.75
CA GLU A 180 15.22 -25.51 59.36
C GLU A 180 14.08 -25.26 58.38
N PRO A 181 13.74 -23.99 58.12
CA PRO A 181 12.54 -23.69 57.31
C PRO A 181 12.72 -24.08 55.85
N LEU A 182 11.59 -24.03 55.13
CA LEU A 182 11.58 -24.39 53.72
C LEU A 182 12.31 -23.34 52.90
N CYS A 183 13.15 -23.80 51.98
CA CYS A 183 13.94 -22.91 51.14
C CYS A 183 13.70 -23.24 49.67
N LEU A 184 13.86 -22.24 48.82
CA LEU A 184 13.81 -22.42 47.37
C LEU A 184 15.18 -22.28 46.73
N PHE A 185 16.13 -21.65 47.41
CA PHE A 185 17.40 -21.31 46.80
C PHE A 185 18.44 -21.17 47.89
N LYS A 186 19.59 -21.82 47.70
CA LYS A 186 20.68 -21.76 48.66
C LYS A 186 21.98 -21.96 47.89
N LYS A 187 22.63 -20.85 47.52
CA LYS A 187 23.80 -20.91 46.66
C LYS A 187 24.79 -19.84 47.08
N ASN A 188 26.07 -20.19 47.06
CA ASN A 188 27.15 -19.28 47.41
C ASN A 188 27.87 -18.83 46.15
N PHE A 189 28.24 -17.55 46.10
CA PHE A 189 29.00 -16.99 45.01
C PHE A 189 30.26 -16.32 45.57
N THR A 190 31.08 -15.80 44.67
CA THR A 190 32.31 -15.12 45.05
C THR A 190 32.36 -13.74 44.40
N TYR A 191 33.18 -12.86 44.95
CA TYR A 191 33.40 -11.54 44.37
C TYR A 191 34.82 -11.10 44.65
N ASN A 192 35.24 -10.05 43.95
CA ASN A 192 36.58 -9.50 44.08
C ASN A 192 36.71 -8.79 45.42
N VAL A 193 37.66 -9.23 46.24
CA VAL A 193 37.79 -8.67 47.59
C VAL A 193 38.44 -7.30 47.56
N SER A 194 39.13 -6.95 46.48
CA SER A 194 39.79 -5.66 46.35
C SER A 194 39.06 -4.72 45.40
N ALA A 195 37.78 -4.98 45.12
CA ALA A 195 37.00 -4.09 44.28
C ALA A 195 36.61 -2.84 45.07
N ASP A 196 36.40 -1.75 44.34
CA ASP A 196 35.99 -0.50 44.97
C ASP A 196 34.47 -0.38 45.09
N TRP A 197 33.74 -0.75 44.04
CA TRP A 197 32.28 -0.67 44.05
C TRP A 197 31.70 -1.98 43.53
N LEU A 198 30.48 -2.27 43.96
CA LEU A 198 29.72 -3.39 43.45
C LEU A 198 28.36 -2.90 42.98
N TYR A 199 27.88 -3.46 41.88
CA TYR A 199 26.66 -3.03 41.23
C TYR A 199 25.72 -4.21 41.13
N PHE A 200 24.41 -3.93 41.24
CA PHE A 200 23.41 -4.99 41.29
C PHE A 200 22.16 -4.56 40.54
N HIS A 201 21.60 -5.49 39.76
CA HIS A 201 20.26 -5.36 39.23
C HIS A 201 19.40 -6.45 39.85
N PHE A 202 18.34 -6.06 40.54
CA PHE A 202 17.33 -7.01 41.02
C PHE A 202 16.01 -6.58 40.41
N TYR A 203 15.30 -7.51 39.77
CA TYR A 203 13.98 -7.20 39.25
C TYR A 203 13.14 -8.47 39.18
N GLN A 204 11.83 -8.28 39.02
CA GLN A 204 10.88 -9.38 38.91
C GLN A 204 10.03 -9.21 37.67
N GLU A 205 9.60 -10.34 37.11
CA GLU A 205 8.77 -10.35 35.91
C GLU A 205 8.08 -11.70 35.80
N ARG A 206 6.75 -11.69 35.81
CA ARG A 206 5.89 -12.86 35.56
C ARG A 206 6.14 -13.99 36.57
N GLY A 207 6.48 -13.61 37.79
CA GLY A 207 6.72 -14.57 38.85
C GLY A 207 8.16 -15.01 39.02
N VAL A 208 9.07 -14.53 38.18
CA VAL A 208 10.47 -14.93 38.24
C VAL A 208 11.30 -13.74 38.71
N PHE A 209 12.25 -14.01 39.61
CA PHE A 209 13.14 -12.99 40.13
C PHE A 209 14.52 -13.14 39.49
N TYR A 210 15.06 -12.04 38.98
CA TYR A 210 16.33 -12.05 38.26
C TYR A 210 17.36 -11.21 39.02
N ALA A 211 18.62 -11.62 38.94
CA ALA A 211 19.70 -10.90 39.61
C ALA A 211 20.91 -10.78 38.68
N TYR A 212 21.50 -9.59 38.65
CA TYR A 212 22.71 -9.29 37.92
C TYR A 212 23.72 -8.64 38.85
N TYR A 213 25.01 -8.82 38.59
CA TYR A 213 26.01 -8.25 39.47
C TYR A 213 27.30 -7.97 38.70
N ALA A 214 28.08 -7.03 39.23
CA ALA A 214 29.38 -6.68 38.68
C ALA A 214 30.35 -6.34 39.80
N ASP A 215 31.56 -6.89 39.72
CA ASP A 215 32.63 -6.54 40.63
C ASP A 215 33.84 -5.94 39.94
N VAL A 216 33.95 -6.07 38.61
CA VAL A 216 34.96 -5.38 37.82
C VAL A 216 34.23 -4.60 36.74
N GLY A 217 34.28 -3.27 36.83
CA GLY A 217 33.61 -2.42 35.87
C GLY A 217 32.14 -2.20 36.22
N MET A 218 31.52 -1.29 35.47
CA MET A 218 30.14 -0.88 35.70
C MET A 218 29.04 -1.79 35.11
N PRO A 219 29.13 -2.33 33.88
CA PRO A 219 28.05 -3.23 33.43
C PRO A 219 28.06 -4.57 34.14
N THR A 220 26.86 -5.05 34.47
CA THR A 220 26.65 -6.27 35.24
C THR A 220 26.40 -7.47 34.31
N THR A 221 26.65 -8.67 34.85
CA THR A 221 26.36 -9.92 34.16
C THR A 221 25.40 -10.74 35.01
N PHE A 222 24.77 -11.72 34.36
CA PHE A 222 23.71 -12.53 34.94
C PHE A 222 24.24 -13.41 36.07
N LEU A 223 23.60 -13.34 37.24
CA LEU A 223 24.02 -14.11 38.41
C LEU A 223 23.16 -15.35 38.62
N PHE A 224 21.85 -15.17 38.83
CA PHE A 224 20.94 -16.30 38.96
C PHE A 224 19.52 -15.83 38.63
N SER A 225 18.61 -16.80 38.60
CA SER A 225 17.18 -16.53 38.50
C SER A 225 16.44 -17.53 39.38
N LEU A 226 15.20 -17.19 39.71
CA LEU A 226 14.44 -17.99 40.67
C LEU A 226 12.95 -17.75 40.46
N TYR A 227 12.21 -18.84 40.28
CA TYR A 227 10.76 -18.75 40.18
C TYR A 227 10.14 -18.69 41.57
N LEU A 228 9.25 -17.74 41.77
CA LEU A 228 8.53 -17.57 43.03
C LEU A 228 7.05 -17.90 42.92
N GLY A 229 6.35 -17.32 41.95
CA GLY A 229 4.93 -17.48 41.84
C GLY A 229 4.11 -16.46 42.59
N THR A 230 4.76 -15.58 43.35
CA THR A 230 4.12 -14.50 44.06
C THR A 230 4.67 -13.17 43.53
N ILE A 231 4.28 -12.09 44.18
CA ILE A 231 4.73 -10.75 43.82
C ILE A 231 5.45 -10.14 45.00
N LEU A 232 6.68 -9.71 44.79
CA LEU A 232 7.43 -9.00 45.82
C LEU A 232 6.98 -7.54 45.86
N SER A 233 6.95 -6.98 47.07
CA SER A 233 6.44 -5.63 47.25
C SER A 233 7.37 -4.70 48.01
N HIS A 234 8.20 -5.19 48.92
CA HIS A 234 9.04 -4.32 49.72
C HIS A 234 10.48 -4.84 49.73
N TYR A 235 11.42 -3.90 49.82
CA TYR A 235 12.81 -4.22 50.08
C TYR A 235 13.28 -3.37 51.25
N TYR A 236 14.31 -3.86 51.94
CA TYR A 236 14.83 -3.14 53.09
C TYR A 236 16.32 -3.41 53.24
N VAL A 237 17.12 -2.35 53.21
CA VAL A 237 18.55 -2.45 53.43
C VAL A 237 18.81 -2.45 54.92
N MET A 238 19.33 -3.54 55.43
CA MET A 238 19.44 -3.81 56.86
C MET A 238 20.58 -3.00 57.46
N PRO A 239 20.36 -2.38 58.63
CA PRO A 239 21.44 -1.63 59.28
C PRO A 239 22.52 -2.53 59.84
N LEU A 240 23.76 -2.14 59.60
CA LEU A 240 24.93 -2.90 60.02
C LEU A 240 25.53 -2.26 61.27
N THR A 241 25.53 -3.01 62.37
CA THR A 241 26.06 -2.53 63.64
C THR A 241 27.50 -2.99 63.77
N CYS A 242 28.44 -2.05 63.69
CA CYS A 242 29.85 -2.36 63.73
C CYS A 242 30.51 -1.61 64.87
N LYS A 243 31.59 -2.19 65.40
CA LYS A 243 32.24 -1.60 66.56
C LYS A 243 33.12 -0.42 66.17
N ALA A 244 33.83 -0.53 65.04
CA ALA A 244 34.81 0.49 64.65
C ALA A 244 34.75 0.68 63.14
N ILE A 245 33.92 1.63 62.70
CA ILE A 245 33.95 2.10 61.32
C ILE A 245 33.85 3.61 61.20
N SER A 246 33.53 4.34 62.27
CA SER A 246 33.15 5.75 62.18
C SER A 246 34.37 6.66 62.07
N SER A 247 34.14 7.96 62.29
CA SER A 247 35.16 8.98 62.02
C SER A 247 36.27 9.01 63.07
N ASN A 248 35.95 8.66 64.32
CA ASN A 248 36.99 8.59 65.34
C ASN A 248 37.91 7.40 65.13
N THR A 249 37.44 6.40 64.41
CA THR A 249 38.23 5.25 63.97
C THR A 249 38.82 5.57 62.60
N ASP A 250 39.18 4.55 61.82
CA ASP A 250 39.98 4.57 60.58
C ASP A 250 39.37 5.42 59.42
N ASN A 251 38.27 6.16 59.60
CA ASN A 251 37.70 7.08 58.61
C ASN A 251 37.21 6.34 57.36
N GLU A 252 36.26 5.46 57.56
CA GLU A 252 35.52 4.79 56.48
C GLU A 252 34.03 5.06 56.64
N THR A 253 33.28 4.71 55.60
CA THR A 253 31.84 4.96 55.58
C THR A 253 31.11 3.82 54.89
N LEU A 254 29.88 3.58 55.31
CA LEU A 254 28.98 2.65 54.63
C LEU A 254 28.19 3.41 53.58
N GLU A 255 27.89 2.73 52.47
CA GLU A 255 27.13 3.34 51.39
C GLU A 255 26.35 2.28 50.64
N TYR A 256 25.08 2.54 50.40
CA TYR A 256 24.22 1.63 49.63
C TYR A 256 23.23 2.51 48.87
N TRP A 257 23.58 2.88 47.65
CA TRP A 257 22.75 3.75 46.83
C TRP A 257 21.78 2.91 46.01
N VAL A 258 20.48 3.19 46.14
CA VAL A 258 19.43 2.43 45.45
C VAL A 258 18.61 3.40 44.59
N THR A 259 18.21 2.93 43.41
CA THR A 259 17.31 3.64 42.52
C THR A 259 16.35 2.63 41.91
N PRO A 260 15.12 3.04 41.59
CA PRO A 260 14.17 2.11 40.98
C PRO A 260 14.49 1.80 39.52
N LEU A 261 13.84 0.74 39.03
CA LEU A 261 13.96 0.28 37.66
C LEU A 261 12.61 0.36 36.95
N SER A 262 12.67 0.44 35.62
CA SER A 262 11.51 0.35 34.77
C SER A 262 11.97 -0.12 33.40
N ARG A 263 11.01 -0.46 32.55
CA ARG A 263 11.32 -0.96 31.22
C ARG A 263 11.44 0.21 30.26
N ARG A 264 12.66 0.51 29.83
CA ARG A 264 12.90 1.66 28.97
C ARG A 264 14.05 1.31 28.02
N GLN A 265 14.17 2.12 26.96
CA GLN A 265 15.08 1.85 25.86
C GLN A 265 16.33 2.70 25.98
N TYR A 266 17.49 2.08 25.77
CA TYR A 266 18.77 2.75 25.78
C TYR A 266 19.46 2.59 24.43
N LEU A 267 20.51 3.37 24.24
CA LEU A 267 21.45 3.19 23.14
C LEU A 267 22.81 2.87 23.73
N LEU A 268 23.39 1.74 23.31
CA LEU A 268 24.62 1.23 23.90
C LEU A 268 25.77 1.38 22.94
N ASN A 269 26.99 1.33 23.47
CA ASN A 269 28.20 1.50 22.67
C ASN A 269 29.19 0.41 23.03
N PHE A 270 29.42 -0.52 22.09
CA PHE A 270 30.37 -1.61 22.28
C PHE A 270 31.66 -1.26 21.55
N ASP A 271 32.79 -1.51 22.19
CA ASP A 271 34.09 -1.19 21.61
C ASP A 271 34.65 -2.41 20.87
N GLU A 272 35.95 -2.36 20.58
CA GLU A 272 36.63 -3.42 19.84
C GLU A 272 36.65 -4.74 20.61
N HIS A 273 36.75 -4.70 21.94
CA HIS A 273 36.83 -5.92 22.73
C HIS A 273 35.47 -6.37 23.27
N GLY A 274 34.41 -5.63 22.98
CA GLY A 274 33.08 -6.03 23.40
C GLY A 274 32.61 -5.46 24.72
N VAL A 275 33.21 -4.39 25.20
CA VAL A 275 32.85 -3.78 26.47
C VAL A 275 31.91 -2.62 26.22
N ILE A 276 30.86 -2.52 27.04
CA ILE A 276 29.98 -1.36 26.99
C ILE A 276 30.71 -0.17 27.58
N THR A 277 30.91 0.87 26.77
CA THR A 277 31.67 2.04 27.19
C THR A 277 30.82 3.28 27.37
N ASN A 278 29.67 3.38 26.71
CA ASN A 278 28.80 4.54 26.82
C ASN A 278 27.35 4.08 26.73
N ALA A 279 26.46 4.92 27.25
CA ALA A 279 25.03 4.66 27.19
C ALA A 279 24.28 5.98 27.25
N VAL A 280 23.07 6.00 26.72
CA VAL A 280 22.21 7.19 26.74
C VAL A 280 20.76 6.75 26.84
N ASP A 281 20.06 7.25 27.85
CA ASP A 281 18.63 7.02 28.01
C ASP A 281 17.88 7.87 26.99
N CYS A 282 17.00 7.24 26.22
CA CYS A 282 16.43 7.90 25.04
C CYS A 282 15.27 8.83 25.35
N SER A 283 14.96 9.08 26.62
CA SER A 283 13.82 9.90 26.98
C SER A 283 14.15 10.90 28.08
N SER A 284 15.43 11.16 28.31
CA SER A 284 15.85 12.00 29.42
C SER A 284 16.03 13.47 29.06
N SER A 285 16.40 13.78 27.81
CA SER A 285 16.65 15.16 27.41
C SER A 285 16.37 15.29 25.92
N PHE A 286 16.78 16.41 25.35
CA PHE A 286 16.61 16.63 23.91
C PHE A 286 17.82 16.10 23.13
N LEU A 287 19.02 16.31 23.66
CA LEU A 287 20.22 15.77 23.05
C LEU A 287 20.19 14.24 23.03
N SER A 288 19.61 13.65 24.06
CA SER A 288 19.44 12.20 24.10
C SER A 288 18.47 11.72 23.03
N GLU A 289 17.44 12.51 22.73
CA GLU A 289 16.51 12.13 21.67
C GLU A 289 17.16 12.26 20.30
N ILE A 290 17.98 13.29 20.11
CA ILE A 290 18.74 13.42 18.86
C ILE A 290 19.72 12.26 18.70
N GLN A 291 20.39 11.88 19.80
CA GLN A 291 21.36 10.79 19.76
C GLN A 291 20.70 9.45 19.51
N CYS A 292 19.51 9.23 20.06
CA CYS A 292 18.80 7.98 19.81
C CYS A 292 18.11 7.94 18.46
N LYS A 293 17.80 9.10 17.86
CA LYS A 293 17.21 9.08 16.54
C LYS A 293 18.26 9.05 15.43
N THR A 294 19.50 9.44 15.72
CA THR A 294 20.57 9.26 14.76
C THR A 294 21.42 8.01 15.03
N GLN A 295 21.23 7.38 16.19
CA GLN A 295 21.96 6.18 16.63
C GLN A 295 23.47 6.41 16.65
N SER A 296 23.87 7.59 17.11
CA SER A 296 25.27 7.98 17.17
C SER A 296 25.50 8.84 18.39
N PHE A 297 26.67 8.70 18.99
CA PHE A 297 27.01 9.44 20.20
C PHE A 297 27.61 10.81 19.91
N ALA A 298 27.89 11.10 18.64
CA ALA A 298 28.31 12.43 18.22
C ALA A 298 27.57 12.76 16.94
N PRO A 299 26.35 13.29 17.02
CA PRO A 299 25.58 13.59 15.82
C PRO A 299 26.11 14.85 15.13
N ASN A 300 25.63 15.05 13.90
CA ASN A 300 26.10 16.13 13.07
C ASN A 300 25.41 17.44 13.42
N THR A 301 25.91 18.53 12.83
CA THR A 301 25.27 19.83 12.96
C THR A 301 24.01 19.87 12.09
N GLY A 302 22.91 20.30 12.68
CA GLY A 302 21.67 20.39 11.92
C GLY A 302 20.54 20.82 12.82
N VAL A 303 19.40 21.06 12.19
CA VAL A 303 18.16 21.38 12.88
C VAL A 303 17.31 20.11 12.88
N TYR A 304 16.89 19.68 14.07
CA TYR A 304 16.13 18.46 14.24
C TYR A 304 14.77 18.78 14.82
N ASP A 305 13.72 18.32 14.16
CA ASP A 305 12.36 18.47 14.65
C ASP A 305 12.00 17.23 15.46
N LEU A 306 11.71 17.43 16.73
CA LEU A 306 11.58 16.32 17.67
C LEU A 306 10.13 15.88 17.77
N SER A 307 9.87 14.95 18.69
CA SER A 307 8.57 14.30 18.78
C SER A 307 7.50 15.25 19.30
N GLY A 308 6.25 14.91 19.01
CA GLY A 308 5.15 15.78 19.38
C GLY A 308 4.79 15.64 20.84
N PHE A 309 4.46 16.77 21.46
CA PHE A 309 3.95 16.78 22.82
C PHE A 309 2.48 17.19 22.81
N THR A 310 1.84 17.00 23.97
CA THR A 310 0.48 17.47 24.20
C THR A 310 0.42 18.10 25.57
N VAL A 311 -0.35 19.18 25.69
CA VAL A 311 -0.58 19.79 26.99
C VAL A 311 -1.38 18.84 27.86
N LYS A 312 -0.81 18.49 29.02
CA LYS A 312 -1.37 17.45 29.88
C LYS A 312 -2.62 17.96 30.59
N PRO A 313 -3.62 17.11 30.80
CA PRO A 313 -4.84 17.57 31.46
C PRO A 313 -4.65 17.75 32.95
N VAL A 314 -5.34 18.75 33.50
CA VAL A 314 -5.17 19.10 34.90
C VAL A 314 -6.19 18.38 35.78
N ALA A 315 -7.47 18.55 35.47
CA ALA A 315 -8.53 18.01 36.32
C ALA A 315 -9.43 17.09 35.52
N THR A 316 -10.55 16.68 36.13
CA THR A 316 -11.51 15.78 35.51
C THR A 316 -12.90 16.30 35.78
N VAL A 317 -13.73 16.38 34.73
CA VAL A 317 -15.14 16.72 34.87
C VAL A 317 -15.94 15.43 34.85
N TYR A 318 -16.87 15.29 35.79
CA TYR A 318 -17.68 14.08 35.92
C TYR A 318 -19.11 14.50 36.17
N ARG A 319 -20.02 14.09 35.30
CA ARG A 319 -21.43 14.44 35.41
C ARG A 319 -22.28 13.18 35.29
N ARG A 320 -23.17 12.96 36.26
CA ARG A 320 -24.15 11.89 36.20
C ARG A 320 -25.47 12.40 36.76
N ILE A 321 -26.54 11.70 36.43
CA ILE A 321 -27.87 12.06 36.95
C ILE A 321 -28.06 11.42 38.32
N PRO A 322 -28.47 12.18 39.34
CA PRO A 322 -28.77 11.57 40.64
C PRO A 322 -30.22 11.16 40.76
N ASN A 323 -30.48 10.34 41.79
CA ASN A 323 -31.81 9.84 42.17
C ASN A 323 -32.48 9.07 41.04
N LEU A 324 -31.79 8.07 40.54
CA LEU A 324 -32.39 7.20 39.56
C LEU A 324 -32.76 5.86 40.20
N PRO A 325 -33.82 5.21 39.74
CA PRO A 325 -34.20 3.91 40.31
C PRO A 325 -33.26 2.80 39.85
N ASP A 326 -33.57 1.58 40.30
CA ASP A 326 -32.80 0.42 39.89
C ASP A 326 -33.48 -0.26 38.70
N CYS A 327 -32.66 -0.93 37.89
CA CYS A 327 -33.21 -1.62 36.73
C CYS A 327 -33.92 -2.90 37.12
N ASP A 328 -33.38 -3.62 38.11
CA ASP A 328 -33.89 -4.90 38.62
C ASP A 328 -33.97 -5.95 37.50
N ILE A 329 -32.83 -6.17 36.86
CA ILE A 329 -32.76 -7.19 35.81
C ILE A 329 -32.78 -8.59 36.43
N ASP A 330 -32.25 -8.74 37.64
CA ASP A 330 -32.26 -10.04 38.31
C ASP A 330 -33.66 -10.45 38.73
N ASN A 331 -34.55 -9.50 38.99
CA ASN A 331 -35.92 -9.85 39.32
C ASN A 331 -36.68 -10.38 38.12
N TRP A 332 -36.29 -9.96 36.91
CA TRP A 332 -36.90 -10.51 35.70
C TRP A 332 -36.21 -11.80 35.26
N LEU A 333 -34.92 -11.95 35.56
CA LEU A 333 -34.23 -13.19 35.21
C LEU A 333 -34.64 -14.34 36.12
N ASN A 334 -34.98 -14.05 37.37
CA ASN A 334 -35.36 -15.08 38.35
C ASN A 334 -36.87 -15.22 38.48
N ASN A 335 -37.63 -14.83 37.47
CA ASN A 335 -39.09 -14.98 37.52
C ASN A 335 -39.48 -16.45 37.41
N VAL A 336 -40.64 -16.78 37.97
CA VAL A 336 -41.08 -18.17 38.03
C VAL A 336 -41.50 -18.68 36.66
N SER A 337 -42.19 -17.84 35.88
CA SER A 337 -42.61 -18.22 34.54
C SER A 337 -41.44 -18.11 33.58
N VAL A 338 -41.00 -19.24 33.04
CA VAL A 338 -39.87 -19.31 32.12
C VAL A 338 -40.42 -19.66 30.74
N PRO A 339 -40.12 -18.90 29.70
CA PRO A 339 -40.65 -19.19 28.38
C PRO A 339 -39.77 -20.15 27.58
N SER A 340 -40.36 -20.71 26.54
CA SER A 340 -39.68 -21.59 25.60
C SER A 340 -38.96 -20.75 24.55
N PRO A 341 -38.12 -21.36 23.69
CA PRO A 341 -37.57 -20.58 22.56
C PRO A 341 -38.60 -20.15 21.53
N LEU A 342 -39.78 -20.76 21.51
CA LEU A 342 -40.80 -20.37 20.54
C LEU A 342 -41.41 -19.02 20.90
N ASN A 343 -41.55 -18.72 22.20
CA ASN A 343 -42.15 -17.49 22.68
C ASN A 343 -41.22 -16.80 23.67
N TRP A 344 -39.96 -16.60 23.26
CA TRP A 344 -38.99 -15.91 24.09
C TRP A 344 -39.42 -14.47 24.37
N GLU A 345 -39.12 -13.99 25.57
CA GLU A 345 -39.62 -12.73 26.07
C GLU A 345 -38.49 -11.70 26.09
N ARG A 346 -38.88 -10.42 26.04
CA ARG A 346 -37.95 -9.31 26.02
C ARG A 346 -38.41 -8.23 26.99
N ARG A 347 -37.47 -7.67 27.73
CA ARG A 347 -37.71 -6.49 28.54
C ARG A 347 -36.60 -5.47 28.28
N ILE A 348 -36.98 -4.20 28.17
CA ILE A 348 -36.04 -3.12 27.90
C ILE A 348 -35.85 -2.32 29.17
N PHE A 349 -34.60 -1.98 29.49
CA PHE A 349 -34.26 -1.25 30.70
C PHE A 349 -33.58 0.06 30.31
N SER A 350 -34.12 1.17 30.82
CA SER A 350 -33.55 2.48 30.58
C SER A 350 -33.95 3.41 31.71
N ASN A 351 -33.18 4.49 31.88
CA ASN A 351 -33.32 5.49 32.96
C ASN A 351 -33.26 4.83 34.33
N CYS A 352 -32.23 4.00 34.52
CA CYS A 352 -32.08 3.28 35.77
C CYS A 352 -30.60 3.01 36.02
N ASN A 353 -30.30 2.52 37.21
CA ASN A 353 -28.94 2.16 37.60
C ASN A 353 -28.82 0.65 37.77
N PHE A 354 -27.73 0.10 37.25
CA PHE A 354 -27.44 -1.31 37.38
C PHE A 354 -25.97 -1.47 37.70
N ASN A 355 -25.59 -2.68 38.12
CA ASN A 355 -24.18 -3.04 38.18
C ASN A 355 -24.05 -4.54 38.00
N LEU A 356 -22.97 -4.95 37.35
CA LEU A 356 -22.76 -6.35 37.00
C LEU A 356 -22.43 -7.22 38.22
N SER A 357 -21.98 -6.63 39.31
CA SER A 357 -21.57 -7.41 40.48
C SER A 357 -22.76 -8.06 41.15
N THR A 358 -23.78 -7.26 41.52
CA THR A 358 -24.98 -7.79 42.15
C THR A 358 -25.76 -8.68 41.21
N LEU A 359 -25.75 -8.37 39.92
CA LEU A 359 -26.47 -9.18 38.94
C LEU A 359 -25.82 -10.56 38.78
N LEU A 360 -24.49 -10.60 38.66
CA LEU A 360 -23.81 -11.87 38.51
C LEU A 360 -23.67 -12.65 39.81
N ARG A 361 -23.90 -12.02 40.96
CA ARG A 361 -23.91 -12.79 42.20
C ARG A 361 -25.31 -13.17 42.66
N LEU A 362 -26.36 -12.55 42.11
CA LEU A 362 -27.72 -12.90 42.49
C LEU A 362 -28.35 -13.92 41.55
N VAL A 363 -27.73 -14.25 40.43
CA VAL A 363 -28.14 -15.37 39.61
C VAL A 363 -27.02 -16.39 39.58
N HIS A 364 -27.36 -17.62 39.24
CA HIS A 364 -26.42 -18.74 39.30
C HIS A 364 -25.74 -18.89 37.96
N VAL A 365 -24.69 -18.08 37.75
CA VAL A 365 -24.03 -17.99 36.45
C VAL A 365 -23.24 -19.26 36.18
N ASP A 366 -23.50 -19.87 35.03
CA ASP A 366 -22.68 -20.99 34.56
C ASP A 366 -21.60 -20.52 33.60
N SER A 367 -21.88 -19.47 32.82
CA SER A 367 -20.94 -18.92 31.86
C SER A 367 -21.41 -17.52 31.49
N PHE A 368 -20.46 -16.64 31.19
CA PHE A 368 -20.79 -15.26 30.82
C PHE A 368 -19.70 -14.74 29.89
N SER A 369 -19.97 -14.75 28.59
CA SER A 369 -19.03 -14.24 27.59
C SER A 369 -19.65 -13.06 26.88
N CYS A 370 -18.81 -12.26 26.24
CA CYS A 370 -19.26 -11.06 25.54
C CYS A 370 -18.75 -11.08 24.10
N ASN A 371 -19.34 -10.21 23.28
CA ASN A 371 -19.05 -10.17 21.85
C ASN A 371 -19.05 -8.73 21.38
N ASN A 372 -17.95 -8.33 20.73
CA ASN A 372 -17.66 -6.94 20.32
C ASN A 372 -17.70 -5.98 21.50
N LEU A 373 -17.31 -6.47 22.67
CA LEU A 373 -17.34 -5.72 23.92
C LEU A 373 -16.37 -6.41 24.85
N ASP A 374 -16.33 -5.94 26.09
CA ASP A 374 -15.50 -6.55 27.11
C ASP A 374 -16.20 -6.48 28.45
N LYS A 375 -15.90 -7.46 29.30
CA LYS A 375 -16.45 -7.52 30.65
C LYS A 375 -16.00 -6.34 31.50
N SER A 376 -14.76 -5.88 31.29
CA SER A 376 -14.20 -4.81 32.11
C SER A 376 -14.56 -3.43 31.60
N LYS A 377 -15.19 -3.32 30.44
CA LYS A 377 -15.53 -2.02 29.87
C LYS A 377 -16.93 -1.56 30.22
N ILE A 378 -17.79 -2.44 30.72
CA ILE A 378 -19.13 -2.04 31.12
C ILE A 378 -19.13 -1.40 32.52
N PHE A 379 -18.00 -1.42 33.22
CA PHE A 379 -18.00 -1.09 34.65
C PHE A 379 -18.10 0.42 34.90
N GLY A 380 -18.03 1.24 33.88
CA GLY A 380 -18.20 2.66 34.10
C GLY A 380 -19.13 3.34 33.12
N SER A 381 -19.49 2.63 32.06
CA SER A 381 -20.13 3.21 30.90
C SER A 381 -21.60 3.51 31.15
N CYS A 382 -22.15 4.39 30.31
CA CYS A 382 -23.57 4.66 30.24
C CYS A 382 -24.09 4.23 28.88
N PHE A 383 -25.37 3.86 28.83
CA PHE A 383 -25.98 3.35 27.61
C PHE A 383 -27.32 4.01 27.40
N ASN A 384 -27.84 3.93 26.17
CA ASN A 384 -29.18 4.40 25.90
C ASN A 384 -30.22 3.45 26.48
N SER A 385 -30.09 2.16 26.17
CA SER A 385 -30.95 1.14 26.75
C SER A 385 -30.19 -0.17 26.78
N ILE A 386 -30.72 -1.12 27.55
CA ILE A 386 -30.21 -2.50 27.56
C ILE A 386 -31.40 -3.42 27.34
N THR A 387 -31.30 -4.31 26.37
CA THR A 387 -32.36 -5.24 26.02
C THR A 387 -31.95 -6.65 26.44
N VAL A 388 -32.79 -7.30 27.24
CA VAL A 388 -32.53 -8.64 27.74
C VAL A 388 -33.61 -9.58 27.19
N ASP A 389 -33.17 -10.66 26.55
CA ASP A 389 -34.05 -11.72 26.07
C ASP A 389 -33.71 -13.01 26.81
N LYS A 390 -34.74 -13.81 27.12
CA LYS A 390 -34.51 -15.05 27.86
C LYS A 390 -35.44 -16.14 27.38
N PHE A 391 -34.94 -17.38 27.40
CA PHE A 391 -35.73 -18.58 27.18
C PHE A 391 -35.01 -19.78 27.78
N ALA A 392 -35.75 -20.86 28.00
CA ALA A 392 -35.19 -22.09 28.52
C ALA A 392 -34.55 -22.90 27.41
N ILE A 393 -33.49 -23.61 27.74
CA ILE A 393 -32.68 -24.35 26.76
C ILE A 393 -33.13 -25.81 26.77
N PRO A 394 -33.39 -26.41 25.62
CA PRO A 394 -33.49 -27.87 25.55
C PRO A 394 -32.10 -28.48 25.70
N ASN A 395 -32.07 -29.73 26.18
CA ASN A 395 -30.80 -30.32 26.59
C ASN A 395 -29.92 -30.68 25.41
N ARG A 396 -30.49 -31.25 24.35
CA ARG A 396 -29.72 -31.66 23.19
C ARG A 396 -29.51 -30.54 22.18
N ARG A 397 -29.91 -29.32 22.51
CA ARG A 397 -29.82 -28.19 21.58
C ARG A 397 -28.91 -27.08 22.07
N ARG A 398 -28.01 -27.37 23.02
CA ARG A 398 -27.18 -26.31 23.59
C ARG A 398 -26.11 -25.85 22.61
N ASP A 399 -25.69 -26.72 21.71
CA ASP A 399 -24.64 -26.35 20.76
C ASP A 399 -25.15 -25.50 19.60
N ASP A 400 -26.46 -25.28 19.50
CA ASP A 400 -26.98 -24.37 18.50
C ASP A 400 -26.79 -22.91 18.89
N LEU A 401 -26.51 -22.64 20.16
CA LEU A 401 -26.42 -21.28 20.68
C LEU A 401 -25.03 -20.68 20.55
N GLN A 402 -24.20 -21.21 19.68
CA GLN A 402 -22.91 -20.60 19.39
C GLN A 402 -23.07 -19.45 18.41
N LEU A 403 -22.11 -18.54 18.43
CA LEU A 403 -22.20 -17.36 17.57
C LEU A 403 -21.82 -17.73 16.14
N GLY A 404 -22.64 -17.29 15.18
CA GLY A 404 -22.44 -17.63 13.80
C GLY A 404 -22.89 -19.03 13.41
N SER A 405 -23.52 -19.75 14.33
CA SER A 405 -23.89 -21.13 14.09
C SER A 405 -25.27 -21.23 13.46
N SER A 406 -25.43 -22.26 12.63
CA SER A 406 -26.74 -22.63 12.11
C SER A 406 -27.36 -23.66 13.06
N GLY A 407 -28.45 -24.28 12.66
CA GLY A 407 -29.16 -25.21 13.51
C GLY A 407 -30.63 -24.85 13.62
N PHE A 408 -31.28 -25.46 14.60
CA PHE A 408 -32.71 -25.24 14.76
C PHE A 408 -33.00 -23.97 15.56
N LEU A 409 -32.23 -23.74 16.63
CA LEU A 409 -32.54 -22.65 17.54
C LEU A 409 -32.22 -21.29 16.96
N GLN A 410 -31.21 -21.20 16.08
CA GLN A 410 -30.85 -19.90 15.52
C GLN A 410 -31.40 -19.69 14.12
N SER A 411 -32.12 -20.65 13.55
CA SER A 411 -32.79 -20.44 12.28
C SER A 411 -34.31 -20.50 12.37
N SER A 412 -34.85 -21.06 13.45
CA SER A 412 -36.29 -21.16 13.59
C SER A 412 -36.85 -20.48 14.83
N ASN A 413 -36.05 -20.25 15.86
CA ASN A 413 -36.59 -19.74 17.13
C ASN A 413 -36.04 -18.38 17.49
N TYR A 414 -34.72 -18.21 17.56
CA TYR A 414 -34.12 -16.96 18.03
C TYR A 414 -32.75 -16.82 17.41
N LYS A 415 -32.57 -15.79 16.57
CA LYS A 415 -31.28 -15.55 15.92
C LYS A 415 -30.50 -14.51 16.70
N ILE A 416 -29.24 -14.85 17.02
CA ILE A 416 -28.35 -13.94 17.74
C ILE A 416 -27.61 -13.09 16.72
N ASP A 417 -27.60 -11.78 16.94
CA ASP A 417 -26.91 -10.87 16.03
C ASP A 417 -25.43 -10.81 16.38
N ILE A 418 -24.57 -11.03 15.37
CA ILE A 418 -23.13 -11.08 15.59
C ILE A 418 -22.44 -9.75 15.31
N SER A 419 -23.17 -8.71 14.94
CA SER A 419 -22.60 -7.40 14.72
C SER A 419 -22.79 -6.45 15.90
N SER A 420 -23.65 -6.81 16.85
CA SER A 420 -23.96 -5.95 17.99
C SER A 420 -22.97 -6.17 19.12
N SER A 421 -22.91 -5.20 20.02
CA SER A 421 -22.18 -5.34 21.27
C SER A 421 -23.08 -6.08 22.25
N SER A 422 -22.78 -7.34 22.50
CA SER A 422 -23.68 -8.20 23.26
C SER A 422 -22.88 -9.05 24.24
N CYS A 423 -23.59 -9.59 25.22
CA CYS A 423 -23.04 -10.54 26.18
C CYS A 423 -24.08 -11.62 26.42
N GLN A 424 -23.62 -12.88 26.41
CA GLN A 424 -24.49 -14.03 26.58
C GLN A 424 -24.34 -14.59 27.99
N LEU A 425 -25.44 -15.08 28.55
CA LEU A 425 -25.47 -15.53 29.94
C LEU A 425 -26.15 -16.89 30.02
N TYR A 426 -25.47 -17.86 30.60
CA TYR A 426 -26.04 -19.18 30.87
C TYR A 426 -26.20 -19.31 32.37
N TYR A 427 -27.42 -19.59 32.82
CA TYR A 427 -27.70 -19.70 34.25
C TYR A 427 -28.78 -20.74 34.45
N SER A 428 -29.23 -20.89 35.69
CA SER A 428 -30.20 -21.92 36.03
C SER A 428 -31.00 -21.52 37.25
N LEU A 429 -32.11 -22.22 37.47
CA LEU A 429 -33.04 -21.97 38.55
C LEU A 429 -33.36 -23.29 39.26
N PRO A 430 -33.73 -23.24 40.54
CA PRO A 430 -34.18 -24.46 41.21
C PRO A 430 -35.52 -24.93 40.69
N LEU A 431 -35.71 -26.25 40.72
CA LEU A 431 -36.93 -26.87 40.22
C LEU A 431 -38.11 -26.76 41.17
N VAL A 432 -38.00 -25.99 42.26
CA VAL A 432 -39.10 -25.87 43.21
C VAL A 432 -40.24 -25.07 42.61
N ASN A 433 -39.95 -23.86 42.14
CA ASN A 433 -40.94 -22.99 41.51
C ASN A 433 -40.44 -22.62 40.13
N VAL A 434 -40.70 -23.49 39.16
CA VAL A 434 -40.38 -23.23 37.76
C VAL A 434 -41.54 -23.77 36.93
N THR A 435 -42.09 -22.93 36.06
CA THR A 435 -43.19 -23.30 35.18
C THR A 435 -42.81 -22.92 33.77
N ILE A 436 -42.61 -23.91 32.91
CA ILE A 436 -42.28 -23.66 31.52
C ILE A 436 -43.54 -23.20 30.80
N ASN A 437 -43.46 -22.03 30.15
CA ASN A 437 -44.58 -21.45 29.42
C ASN A 437 -44.42 -21.82 27.95
N ASN A 438 -45.16 -22.83 27.51
CA ASN A 438 -45.11 -23.31 26.13
C ASN A 438 -46.30 -22.73 25.39
N PHE A 439 -46.15 -21.48 24.94
CA PHE A 439 -47.20 -20.74 24.26
C PHE A 439 -46.83 -20.55 22.80
N ASN A 440 -47.83 -20.62 21.92
CA ASN A 440 -47.61 -20.43 20.50
C ASN A 440 -47.95 -19.01 20.13
N PRO A 441 -46.96 -18.16 19.81
CA PRO A 441 -47.25 -16.74 19.57
C PRO A 441 -47.75 -16.41 18.17
N SER A 442 -48.04 -17.41 17.34
CA SER A 442 -48.48 -17.15 15.97
C SER A 442 -49.94 -16.73 15.96
N SER A 443 -50.29 -15.82 15.04
CA SER A 443 -51.66 -15.33 14.98
C SER A 443 -52.51 -16.18 14.06
N TRP A 444 -51.97 -16.59 12.90
CA TRP A 444 -52.74 -17.42 11.99
C TRP A 444 -52.76 -18.89 12.39
N ASN A 445 -51.92 -19.30 13.35
CA ASN A 445 -52.07 -20.63 13.92
C ASN A 445 -53.15 -20.64 15.00
N ARG A 446 -53.21 -19.59 15.81
CA ARG A 446 -54.22 -19.50 16.84
C ARG A 446 -55.58 -19.09 16.31
N ARG A 447 -55.64 -18.54 15.08
CA ARG A 447 -56.92 -18.24 14.47
C ARG A 447 -57.72 -19.50 14.17
N TYR A 448 -57.06 -20.55 13.69
CA TYR A 448 -57.74 -21.77 13.27
C TYR A 448 -57.67 -22.87 14.33
N GLY A 449 -57.70 -22.48 15.59
CA GLY A 449 -57.98 -23.42 16.67
C GLY A 449 -56.79 -24.11 17.30
N PHE A 450 -55.65 -23.44 17.42
CA PHE A 450 -54.55 -23.99 18.19
C PHE A 450 -54.83 -23.80 19.68
N GLY A 451 -54.89 -24.91 20.42
CA GLY A 451 -55.10 -24.81 21.84
C GLY A 451 -53.85 -24.82 22.69
N SER A 452 -53.03 -25.86 22.57
CA SER A 452 -51.92 -26.09 23.48
C SER A 452 -51.04 -27.21 22.94
N PHE A 453 -49.81 -27.26 23.44
CA PHE A 453 -48.96 -28.43 23.31
C PHE A 453 -49.18 -29.34 24.50
N ASN A 454 -49.31 -30.63 24.26
CA ASN A 454 -49.40 -31.61 25.36
C ASN A 454 -48.01 -32.19 25.57
N VAL A 455 -47.30 -31.66 26.56
CA VAL A 455 -45.99 -32.15 26.96
C VAL A 455 -45.99 -32.34 28.47
N SER A 456 -44.84 -32.73 29.01
CA SER A 456 -44.71 -32.97 30.44
C SER A 456 -44.47 -31.65 31.17
N SER A 457 -44.08 -31.74 32.44
CA SER A 457 -44.04 -30.55 33.29
C SER A 457 -42.80 -29.69 33.02
N TYR A 458 -41.68 -30.32 32.67
CA TYR A 458 -40.44 -29.58 32.43
C TYR A 458 -39.91 -29.79 31.02
N ASP A 459 -40.80 -30.06 30.07
CA ASP A 459 -40.42 -30.19 28.67
C ASP A 459 -40.52 -28.83 27.98
N VAL A 460 -39.61 -28.59 27.05
CA VAL A 460 -39.42 -27.27 26.45
C VAL A 460 -39.57 -27.41 24.94
N VAL A 461 -40.54 -26.70 24.38
CA VAL A 461 -40.93 -26.84 22.98
C VAL A 461 -40.13 -25.86 22.13
N TYR A 462 -39.57 -26.35 21.03
CA TYR A 462 -38.94 -25.51 20.03
C TYR A 462 -39.48 -25.89 18.66
N SER A 463 -38.94 -25.25 17.63
CA SER A 463 -39.43 -25.42 16.27
C SER A 463 -38.32 -25.93 15.35
N ASP A 464 -38.72 -26.74 14.37
CA ASP A 464 -37.82 -27.26 13.35
C ASP A 464 -37.90 -26.49 12.04
N HIS A 465 -39.11 -26.18 11.58
CA HIS A 465 -39.32 -25.36 10.40
C HIS A 465 -40.38 -24.31 10.72
N CYS A 466 -40.23 -23.12 10.14
CA CYS A 466 -41.21 -22.06 10.31
C CYS A 466 -41.79 -21.68 8.96
N PHE A 467 -43.12 -21.55 8.91
CA PHE A 467 -43.85 -21.31 7.68
C PHE A 467 -44.56 -19.97 7.75
N SER A 468 -44.55 -19.25 6.63
CA SER A 468 -45.14 -17.93 6.53
C SER A 468 -46.24 -17.91 5.48
N VAL A 469 -47.42 -17.41 5.86
CA VAL A 469 -48.56 -17.30 4.96
C VAL A 469 -48.88 -15.83 4.78
N ASN A 470 -49.87 -15.57 3.93
CA ASN A 470 -50.36 -14.22 3.73
C ASN A 470 -51.57 -13.95 4.62
N SER A 471 -52.12 -12.74 4.50
CA SER A 471 -53.23 -12.34 5.35
C SER A 471 -54.57 -12.92 4.91
N ASP A 472 -54.65 -13.51 3.72
CA ASP A 472 -55.86 -14.15 3.23
C ASP A 472 -55.77 -15.66 3.19
N PHE A 473 -55.03 -16.24 4.14
CA PHE A 473 -54.85 -17.69 4.20
C PHE A 473 -56.01 -18.34 4.92
N CYS A 474 -56.42 -19.52 4.44
CA CYS A 474 -57.41 -20.35 5.10
C CYS A 474 -57.10 -21.79 4.70
N PRO A 475 -56.96 -22.70 5.66
CA PRO A 475 -56.63 -24.09 5.33
C PRO A 475 -57.81 -24.99 5.02
N CYS A 476 -59.01 -24.43 4.86
CA CYS A 476 -60.18 -25.23 4.53
C CYS A 476 -60.54 -25.08 3.05
N ALA A 477 -61.08 -26.15 2.48
CA ALA A 477 -61.54 -26.13 1.11
C ALA A 477 -63.01 -25.75 1.04
N ASP A 478 -63.43 -25.30 -0.14
CA ASP A 478 -64.80 -24.83 -0.34
C ASP A 478 -65.77 -26.00 -0.33
N PRO A 479 -66.79 -26.01 0.54
CA PRO A 479 -67.73 -27.14 0.57
C PRO A 479 -68.66 -27.22 -0.63
N SER A 480 -68.79 -26.17 -1.43
CA SER A 480 -69.59 -26.23 -2.65
C SER A 480 -68.81 -26.76 -3.84
N VAL A 481 -67.51 -26.45 -3.93
CA VAL A 481 -66.66 -27.02 -4.97
C VAL A 481 -66.30 -28.47 -4.68
N VAL A 482 -66.21 -28.87 -3.41
CA VAL A 482 -65.75 -30.20 -3.05
C VAL A 482 -66.85 -31.26 -3.18
N ASN A 483 -68.11 -30.85 -3.36
CA ASN A 483 -69.20 -31.82 -3.47
C ASN A 483 -69.17 -32.62 -4.76
N SER A 484 -68.43 -32.17 -5.77
CA SER A 484 -68.31 -32.89 -7.03
C SER A 484 -67.07 -33.77 -7.10
N CYS A 485 -66.45 -34.08 -5.97
CA CYS A 485 -65.26 -34.91 -5.93
C CYS A 485 -65.57 -36.24 -5.26
N VAL A 486 -65.01 -37.31 -5.82
CA VAL A 486 -65.19 -38.67 -5.30
C VAL A 486 -63.90 -39.23 -4.73
N LYS A 487 -62.82 -39.17 -5.50
CA LYS A 487 -61.52 -39.66 -5.05
C LYS A 487 -60.79 -38.58 -4.26
N SER A 488 -60.39 -38.94 -3.03
CA SER A 488 -59.65 -38.08 -2.11
C SER A 488 -60.40 -36.78 -1.83
N LYS A 489 -61.58 -36.92 -1.24
CA LYS A 489 -62.43 -35.79 -0.91
C LYS A 489 -62.06 -35.27 0.48
N PRO A 490 -61.47 -34.09 0.60
CA PRO A 490 -61.01 -33.60 1.90
C PRO A 490 -62.15 -33.05 2.74
N LEU A 491 -61.80 -32.67 3.96
CA LEU A 491 -62.75 -32.02 4.85
C LEU A 491 -63.01 -30.59 4.38
N SER A 492 -64.17 -30.06 4.80
CA SER A 492 -64.59 -28.76 4.29
C SER A 492 -65.33 -28.00 5.38
N ALA A 493 -65.12 -26.68 5.39
CA ALA A 493 -65.75 -25.77 6.33
C ALA A 493 -65.85 -24.40 5.67
N ILE A 494 -66.33 -23.42 6.43
CA ILE A 494 -66.58 -22.08 5.90
C ILE A 494 -65.52 -21.13 6.44
N CYS A 495 -64.66 -20.63 5.55
CA CYS A 495 -63.59 -19.72 5.89
C CYS A 495 -64.16 -18.36 6.29
N PRO A 496 -63.44 -17.59 7.12
CA PRO A 496 -63.92 -16.26 7.50
C PRO A 496 -63.91 -15.28 6.34
N ALA A 497 -64.52 -14.12 6.59
CA ALA A 497 -64.67 -13.11 5.55
C ALA A 497 -63.33 -12.44 5.26
N GLY A 498 -62.94 -12.46 3.98
CA GLY A 498 -61.72 -11.84 3.55
C GLY A 498 -60.58 -12.78 3.23
N THR A 499 -60.79 -14.08 3.37
CA THR A 499 -59.77 -15.08 3.09
C THR A 499 -60.16 -15.91 1.88
N LYS A 500 -59.15 -16.50 1.24
CA LYS A 500 -59.37 -17.36 0.08
C LYS A 500 -59.34 -18.83 0.52
N TYR A 501 -60.21 -19.62 -0.10
CA TYR A 501 -60.31 -21.03 0.21
C TYR A 501 -59.09 -21.78 -0.32
N ARG A 502 -58.88 -22.97 0.24
CA ARG A 502 -57.79 -23.84 -0.19
C ARG A 502 -58.04 -24.33 -1.61
N HIS A 503 -57.01 -24.22 -2.45
CA HIS A 503 -57.15 -24.52 -3.87
C HIS A 503 -57.21 -26.03 -4.08
N CYS A 504 -58.23 -26.48 -4.81
CA CYS A 504 -58.41 -27.89 -5.15
C CYS A 504 -58.93 -27.97 -6.57
N ASP A 505 -58.13 -28.51 -7.48
CA ASP A 505 -58.53 -28.62 -8.87
C ASP A 505 -59.40 -29.86 -9.07
N LEU A 506 -60.28 -29.78 -10.06
CA LEU A 506 -61.20 -30.87 -10.41
C LEU A 506 -60.82 -31.37 -11.80
N ASP A 507 -60.25 -32.57 -11.87
CA ASP A 507 -59.69 -33.10 -13.10
C ASP A 507 -60.44 -34.35 -13.54
N THR A 508 -60.57 -34.49 -14.87
CA THR A 508 -61.11 -35.70 -15.49
C THR A 508 -59.94 -36.57 -15.93
N THR A 509 -59.81 -37.75 -15.31
CA THR A 509 -58.76 -38.68 -15.66
C THR A 509 -59.29 -39.72 -16.64
N LEU A 510 -58.48 -40.75 -16.91
CA LEU A 510 -58.91 -41.84 -17.77
C LEU A 510 -59.81 -42.83 -17.05
N TYR A 511 -59.92 -42.73 -15.72
CA TYR A 511 -60.87 -43.52 -14.95
C TYR A 511 -61.93 -42.65 -14.28
N VAL A 512 -61.50 -41.61 -13.56
CA VAL A 512 -62.39 -40.75 -12.78
C VAL A 512 -62.69 -39.50 -13.60
N ASN A 513 -63.95 -39.10 -13.63
CA ASN A 513 -64.36 -37.93 -14.40
C ASN A 513 -64.27 -36.63 -13.58
N ASN A 514 -64.24 -36.73 -12.25
CA ASN A 514 -64.08 -35.54 -11.40
C ASN A 514 -63.51 -36.00 -10.06
N TRP A 515 -62.21 -35.76 -9.87
CA TRP A 515 -61.54 -36.07 -8.61
C TRP A 515 -60.72 -34.86 -8.17
N CYS A 516 -60.53 -34.72 -6.86
CA CYS A 516 -59.86 -33.56 -6.30
C CYS A 516 -58.36 -33.78 -6.19
N ARG A 517 -57.58 -32.82 -6.67
CA ARG A 517 -56.15 -32.77 -6.45
C ARG A 517 -55.81 -31.41 -5.83
N CYS A 518 -55.64 -31.39 -4.52
CA CYS A 518 -55.49 -30.17 -3.75
C CYS A 518 -54.01 -29.82 -3.60
N SER A 519 -53.74 -28.82 -2.76
CA SER A 519 -52.40 -28.31 -2.54
C SER A 519 -51.86 -28.74 -1.19
N CYS A 520 -50.52 -28.62 -1.04
CA CYS A 520 -49.76 -28.96 0.17
C CYS A 520 -49.99 -30.41 0.59
N LEU A 521 -49.79 -31.32 -0.34
CA LEU A 521 -49.89 -32.75 -0.06
C LEU A 521 -48.51 -33.38 -0.05
N PRO A 522 -48.21 -34.30 0.88
CA PRO A 522 -49.06 -34.75 1.99
C PRO A 522 -49.00 -33.83 3.20
N ASP A 523 -48.02 -32.93 3.19
CA ASP A 523 -47.78 -31.99 4.27
C ASP A 523 -46.96 -30.84 3.71
N PRO A 524 -47.02 -29.64 4.33
CA PRO A 524 -46.19 -28.53 3.83
C PRO A 524 -44.71 -28.73 4.05
N ILE A 525 -44.30 -29.62 4.93
CA ILE A 525 -42.88 -29.88 5.15
C ILE A 525 -42.31 -30.71 4.02
N SER A 526 -42.96 -31.82 3.67
CA SER A 526 -42.44 -32.78 2.70
C SER A 526 -43.29 -32.81 1.44
N THR A 527 -43.72 -31.65 0.96
CA THR A 527 -44.44 -31.57 -0.29
C THR A 527 -43.46 -31.67 -1.45
N TYR A 528 -44.00 -31.90 -2.65
CA TYR A 528 -43.17 -32.04 -3.84
C TYR A 528 -43.19 -30.80 -4.71
N SER A 529 -44.25 -30.00 -4.66
CA SER A 529 -44.38 -28.77 -5.45
C SER A 529 -44.51 -27.60 -4.49
N PRO A 530 -43.40 -27.05 -4.00
CA PRO A 530 -43.49 -25.93 -3.05
C PRO A 530 -43.89 -24.62 -3.68
N ASN A 531 -43.89 -24.51 -5.02
CA ASN A 531 -44.33 -23.29 -5.68
C ASN A 531 -45.85 -23.15 -5.75
N THR A 532 -46.59 -24.14 -5.26
CA THR A 532 -48.05 -24.08 -5.26
C THR A 532 -48.64 -24.02 -3.86
N CYS A 533 -47.91 -24.45 -2.84
CA CYS A 533 -48.39 -24.38 -1.47
C CYS A 533 -48.19 -22.98 -0.92
N PRO A 534 -49.21 -22.37 -0.32
CA PRO A 534 -49.07 -20.99 0.20
C PRO A 534 -48.23 -20.88 1.46
N GLN A 535 -47.95 -21.98 2.16
CA GLN A 535 -47.16 -21.94 3.38
C GLN A 535 -45.68 -22.00 3.02
N LYS A 536 -45.04 -20.83 2.99
CA LYS A 536 -43.66 -20.69 2.52
C LYS A 536 -42.68 -20.89 3.66
N LYS A 537 -41.67 -21.73 3.43
CA LYS A 537 -40.66 -22.03 4.43
C LYS A 537 -39.68 -20.87 4.53
N VAL A 538 -39.55 -20.31 5.73
CA VAL A 538 -38.75 -19.11 5.95
C VAL A 538 -37.77 -19.35 7.10
N VAL A 539 -36.88 -18.39 7.28
CA VAL A 539 -35.89 -18.37 8.36
C VAL A 539 -36.20 -17.16 9.24
N VAL A 540 -36.14 -17.36 10.57
CA VAL A 540 -36.45 -16.29 11.50
C VAL A 540 -35.41 -15.18 11.42
N GLY A 541 -35.84 -13.96 11.73
CA GLY A 541 -34.98 -12.80 11.64
C GLY A 541 -34.58 -12.27 13.01
N ILE A 542 -33.81 -11.19 12.98
CA ILE A 542 -33.36 -10.54 14.20
C ILE A 542 -34.51 -9.76 14.80
N GLY A 543 -34.76 -9.97 16.08
CA GLY A 543 -35.82 -9.27 16.79
C GLY A 543 -37.22 -9.79 16.54
N GLU A 544 -37.36 -10.97 15.93
CA GLU A 544 -38.66 -11.49 15.54
C GLU A 544 -38.80 -12.93 16.01
N HIS A 545 -40.07 -13.35 16.14
CA HIS A 545 -40.42 -14.71 16.49
C HIS A 545 -40.70 -15.53 15.25
N CYS A 546 -40.92 -16.82 15.45
CA CYS A 546 -41.31 -17.70 14.36
C CYS A 546 -42.71 -17.33 13.87
N PRO A 547 -42.94 -17.20 12.57
CA PRO A 547 -44.25 -16.72 12.09
C PRO A 547 -45.36 -17.74 12.26
N GLY A 548 -45.05 -19.03 12.30
CA GLY A 548 -46.06 -20.04 12.53
C GLY A 548 -45.59 -21.44 12.21
N LEU A 549 -46.22 -22.43 12.82
CA LEU A 549 -45.92 -23.82 12.53
C LEU A 549 -46.64 -24.26 11.26
N GLY A 550 -46.26 -25.44 10.76
CA GLY A 550 -46.91 -25.97 9.59
C GLY A 550 -48.26 -26.58 9.94
N ILE A 551 -49.21 -26.44 9.00
CA ILE A 551 -50.56 -26.97 9.18
C ILE A 551 -50.79 -28.04 8.14
N ASN A 552 -51.02 -29.27 8.60
CA ASN A 552 -51.47 -30.35 7.73
C ASN A 552 -52.93 -30.10 7.36
N GLU A 553 -53.17 -29.68 6.12
CA GLU A 553 -54.49 -29.22 5.72
C GLU A 553 -55.50 -30.35 5.53
N GLU A 554 -55.07 -31.61 5.56
CA GLU A 554 -55.98 -32.73 5.42
C GLU A 554 -56.73 -33.05 6.72
N LYS A 555 -56.42 -32.36 7.82
CA LYS A 555 -57.12 -32.55 9.08
C LYS A 555 -57.81 -31.27 9.53
N CYS A 556 -58.17 -30.40 8.59
CA CYS A 556 -58.82 -29.14 8.88
C CYS A 556 -60.21 -29.15 8.25
N GLY A 557 -61.23 -28.87 9.06
CA GLY A 557 -62.61 -28.89 8.62
C GLY A 557 -63.36 -30.07 9.20
N THR A 558 -64.60 -30.22 8.73
CA THR A 558 -65.49 -31.27 9.19
C THR A 558 -65.92 -32.13 8.00
N GLN A 559 -66.73 -33.15 8.28
CA GLN A 559 -67.12 -34.14 7.28
C GLN A 559 -68.43 -33.79 6.59
N LEU A 560 -69.51 -33.65 7.35
CA LEU A 560 -70.83 -33.40 6.77
C LEU A 560 -71.37 -32.02 7.12
N ASN A 561 -71.41 -31.68 8.41
CA ASN A 561 -71.81 -30.35 8.82
C ASN A 561 -70.70 -29.36 8.52
N HIS A 562 -71.07 -28.09 8.34
CA HIS A 562 -70.15 -27.07 7.88
C HIS A 562 -70.23 -25.83 8.78
N SER A 563 -69.45 -25.86 9.86
CA SER A 563 -69.25 -24.71 10.72
C SER A 563 -67.98 -23.97 10.25
N SER A 564 -67.44 -23.10 11.10
CA SER A 564 -66.23 -22.35 10.75
C SER A 564 -65.01 -23.28 10.68
N CYS A 565 -63.95 -22.77 10.07
CA CYS A 565 -62.76 -23.58 9.82
C CYS A 565 -61.94 -23.74 11.09
N SER A 566 -61.71 -24.99 11.49
CA SER A 566 -60.92 -25.30 12.67
C SER A 566 -60.19 -26.61 12.42
N CYS A 567 -58.98 -26.70 12.96
CA CYS A 567 -58.11 -27.84 12.69
C CYS A 567 -57.91 -28.68 13.94
N SER A 568 -57.62 -29.96 13.72
CA SER A 568 -57.34 -30.89 14.80
C SER A 568 -56.01 -30.57 15.48
N PRO A 569 -55.85 -30.96 16.74
CA PRO A 569 -54.56 -30.73 17.43
C PRO A 569 -53.38 -31.48 16.82
N ASP A 570 -53.61 -32.59 16.14
CA ASP A 570 -52.55 -33.32 15.47
C ASP A 570 -52.25 -32.79 14.06
N ALA A 571 -52.87 -31.68 13.67
CA ALA A 571 -52.66 -31.12 12.34
C ALA A 571 -51.55 -30.08 12.32
N PHE A 572 -50.82 -29.89 13.42
CA PHE A 572 -49.74 -28.91 13.50
C PHE A 572 -48.41 -29.65 13.56
N LEU A 573 -47.50 -29.29 12.65
CA LEU A 573 -46.26 -30.03 12.44
C LEU A 573 -45.05 -29.14 12.71
N GLY A 574 -43.87 -29.76 12.68
CA GLY A 574 -42.64 -29.01 12.69
C GLY A 574 -42.16 -28.54 14.05
N TRP A 575 -42.54 -29.22 15.12
CA TRP A 575 -42.12 -28.84 16.46
C TRP A 575 -41.66 -30.08 17.22
N SER A 576 -40.62 -29.89 18.03
CA SER A 576 -40.09 -30.94 18.89
C SER A 576 -40.13 -30.46 20.33
N PHE A 577 -39.60 -31.28 21.23
CA PHE A 577 -39.54 -30.92 22.64
C PHE A 577 -38.42 -31.69 23.32
N ASP A 578 -37.93 -31.12 24.42
CA ASP A 578 -36.88 -31.73 25.22
C ASP A 578 -36.93 -31.12 26.61
N SER A 579 -36.27 -31.78 27.55
CA SER A 579 -36.24 -31.32 28.93
C SER A 579 -35.12 -30.30 29.13
N CYS A 580 -35.25 -29.50 30.19
CA CYS A 580 -34.22 -28.56 30.60
C CYS A 580 -33.51 -28.99 31.87
N ILE A 581 -33.95 -30.08 32.51
CA ILE A 581 -33.42 -30.48 33.80
C ILE A 581 -32.02 -31.04 33.62
N SER A 582 -31.07 -30.47 34.37
CA SER A 582 -29.68 -30.90 34.34
C SER A 582 -29.04 -30.50 35.66
N ASN A 583 -28.46 -31.49 36.36
CA ASN A 583 -27.98 -31.36 37.74
C ASN A 583 -29.08 -30.84 38.66
N ASN A 584 -30.29 -31.39 38.49
CA ASN A 584 -31.50 -31.04 39.25
C ASN A 584 -31.87 -29.57 39.12
N ARG A 585 -31.51 -28.94 38.01
CA ARG A 585 -31.82 -27.54 37.75
C ARG A 585 -32.17 -27.37 36.28
N CYS A 586 -32.92 -26.31 35.99
CA CYS A 586 -33.38 -26.02 34.63
C CYS A 586 -32.53 -24.91 34.03
N ASN A 587 -31.84 -25.22 32.93
CA ASN A 587 -30.90 -24.31 32.29
C ASN A 587 -31.64 -23.24 31.49
N ILE A 588 -31.20 -21.99 31.61
CA ILE A 588 -31.83 -20.84 30.96
C ILE A 588 -30.75 -20.06 30.23
N PHE A 589 -31.06 -19.63 29.00
CA PHE A 589 -30.18 -18.78 28.20
C PHE A 589 -30.67 -17.34 28.31
N SER A 590 -29.72 -16.40 28.32
CA SER A 590 -30.06 -14.99 28.35
C SER A 590 -29.12 -14.21 27.44
N ASN A 591 -29.67 -13.23 26.72
CA ASN A 591 -28.92 -12.41 25.77
C ASN A 591 -29.10 -10.95 26.13
N PHE A 592 -27.99 -10.26 26.39
CA PHE A 592 -27.96 -8.84 26.73
C PHE A 592 -27.48 -8.08 25.50
N ILE A 593 -28.22 -7.06 25.09
CA ILE A 593 -27.81 -6.22 23.97
C ILE A 593 -27.71 -4.78 24.46
N PHE A 594 -26.52 -4.20 24.33
CA PHE A 594 -26.23 -2.85 24.80
C PHE A 594 -26.40 -1.88 23.65
N ASN A 595 -27.38 -0.98 23.77
CA ASN A 595 -27.72 -0.04 22.71
C ASN A 595 -27.11 1.32 23.00
N GLY A 596 -26.27 1.80 22.08
CA GLY A 596 -25.72 3.13 22.21
C GLY A 596 -24.64 3.24 23.27
N ILE A 597 -23.50 2.58 23.03
CA ILE A 597 -22.42 2.52 24.01
C ILE A 597 -21.77 3.90 24.15
N ASN A 598 -21.53 4.29 25.41
CA ASN A 598 -20.88 5.55 25.81
C ASN A 598 -21.72 6.78 25.49
N SER A 599 -23.05 6.65 25.64
CA SER A 599 -23.98 7.78 25.54
C SER A 599 -25.33 7.31 26.09
N GLY A 600 -25.91 8.09 27.00
CA GLY A 600 -27.24 7.78 27.48
C GLY A 600 -27.34 7.94 28.99
N THR A 601 -28.39 7.36 29.57
CA THR A 601 -28.69 7.54 30.98
C THR A 601 -28.79 6.21 31.72
N THR A 602 -28.60 5.08 31.05
CA THR A 602 -28.57 3.77 31.69
C THR A 602 -27.12 3.51 32.08
N CYS A 603 -26.73 3.99 33.25
CA CYS A 603 -25.35 4.00 33.67
C CYS A 603 -25.08 2.89 34.68
N SER A 604 -23.86 2.38 34.66
CA SER A 604 -23.43 1.32 35.57
C SER A 604 -22.68 1.94 36.76
N ASN A 605 -23.21 1.72 37.96
CA ASN A 605 -22.55 2.23 39.17
C ASN A 605 -21.66 1.17 39.81
N ASP A 606 -20.81 0.58 38.98
CA ASP A 606 -19.70 -0.24 39.46
C ASP A 606 -18.52 0.60 39.88
N LEU A 607 -18.16 1.59 39.07
CA LEU A 607 -17.22 2.64 39.44
C LEU A 607 -18.05 3.89 39.72
N LEU A 608 -18.03 4.34 40.96
CA LEU A 608 -18.80 5.50 41.39
C LEU A 608 -17.86 6.65 41.70
N TYR A 609 -18.19 7.83 41.19
CA TYR A 609 -17.48 9.06 41.49
C TYR A 609 -18.48 10.15 41.81
N SER A 610 -17.97 11.28 42.28
CA SER A 610 -18.82 12.40 42.63
C SER A 610 -18.88 13.41 41.50
N ASN A 611 -19.98 14.15 41.45
CA ASN A 611 -20.14 15.18 40.43
C ASN A 611 -19.21 16.35 40.72
N THR A 612 -18.58 16.88 39.68
CA THR A 612 -17.69 18.01 39.78
C THR A 612 -18.26 19.19 38.99
N GLU A 613 -17.58 20.32 39.11
CA GLU A 613 -17.96 21.50 38.37
C GLU A 613 -17.45 21.42 36.94
N VAL A 614 -18.17 22.05 36.03
CA VAL A 614 -17.74 22.15 34.65
C VAL A 614 -16.81 23.37 34.56
N SER A 615 -15.51 23.13 34.74
CA SER A 615 -14.53 24.20 34.79
C SER A 615 -14.07 24.57 33.39
N THR A 616 -13.94 25.87 33.13
CA THR A 616 -13.59 26.39 31.82
C THR A 616 -12.16 26.91 31.83
N GLY A 617 -11.59 27.05 30.64
CA GLY A 617 -10.29 27.63 30.46
C GLY A 617 -9.11 26.68 30.52
N VAL A 618 -9.26 25.54 31.20
CA VAL A 618 -8.15 24.63 31.42
C VAL A 618 -8.38 23.34 30.63
N CYS A 619 -7.28 22.69 30.27
CA CYS A 619 -7.35 21.39 29.61
C CYS A 619 -7.67 20.33 30.65
N VAL A 620 -8.77 19.61 30.46
CA VAL A 620 -9.27 18.63 31.41
C VAL A 620 -9.62 17.35 30.68
N ASN A 621 -9.84 16.29 31.46
CA ASN A 621 -10.62 15.15 31.00
C ASN A 621 -12.07 15.40 31.35
N TYR A 622 -12.98 14.76 30.62
CA TYR A 622 -14.39 14.91 30.95
C TYR A 622 -15.12 13.58 30.79
N ASP A 623 -16.19 13.43 31.55
CA ASP A 623 -17.12 12.30 31.45
C ASP A 623 -18.51 12.91 31.58
N LEU A 624 -19.08 13.31 30.45
CA LEU A 624 -20.32 14.08 30.43
C LEU A 624 -21.47 13.14 30.09
N TYR A 625 -21.99 12.48 31.13
CA TYR A 625 -23.11 11.53 31.06
C TYR A 625 -22.87 10.41 30.06
N GLY A 626 -21.61 9.96 29.94
CA GLY A 626 -21.22 8.93 29.02
C GLY A 626 -20.13 9.34 28.04
N ILE A 627 -20.15 10.59 27.59
CA ILE A 627 -19.21 11.08 26.58
C ILE A 627 -17.87 11.35 27.27
N THR A 628 -16.81 10.70 26.79
CA THR A 628 -15.48 10.84 27.37
C THR A 628 -14.52 11.48 26.36
N GLY A 629 -13.47 12.10 26.87
CA GLY A 629 -12.47 12.70 26.02
C GLY A 629 -11.64 13.71 26.79
N GLN A 630 -10.86 14.48 26.04
CA GLN A 630 -10.05 15.56 26.58
C GLN A 630 -10.31 16.83 25.79
N GLY A 631 -10.25 17.97 26.46
CA GLY A 631 -10.49 19.22 25.77
C GLY A 631 -10.59 20.39 26.73
N ILE A 632 -11.03 21.52 26.17
CA ILE A 632 -11.18 22.78 26.90
C ILE A 632 -12.63 23.22 26.78
N PHE A 633 -13.24 23.60 27.90
CA PHE A 633 -14.62 24.08 27.91
C PHE A 633 -14.65 25.60 27.96
N LYS A 634 -15.80 26.16 27.55
CA LYS A 634 -16.04 27.60 27.58
C LYS A 634 -17.54 27.81 27.56
N GLU A 635 -18.06 28.46 28.59
CA GLU A 635 -19.50 28.66 28.71
C GLU A 635 -19.99 29.69 27.71
N VAL A 636 -21.04 29.33 26.96
CA VAL A 636 -21.61 30.18 25.93
C VAL A 636 -23.11 30.32 26.24
N SER A 637 -23.73 31.32 25.63
CA SER A 637 -25.15 31.57 25.78
C SER A 637 -25.84 31.11 24.51
N ALA A 638 -26.20 29.84 24.46
CA ALA A 638 -26.73 29.20 23.26
C ALA A 638 -28.25 29.14 23.34
N ALA A 639 -28.91 29.27 22.18
CA ALA A 639 -30.36 29.26 22.11
C ALA A 639 -30.88 28.29 21.07
N TYR A 640 -30.10 27.30 20.67
CA TYR A 640 -30.50 26.37 19.62
C TYR A 640 -30.82 24.98 20.13
N TYR A 641 -31.00 24.80 21.44
CA TYR A 641 -31.36 23.53 22.02
C TYR A 641 -32.86 23.48 22.26
N ASN A 642 -33.50 22.40 21.83
CA ASN A 642 -34.90 22.16 22.12
C ASN A 642 -35.02 21.44 23.46
N ASN A 643 -36.22 20.94 23.77
CA ASN A 643 -36.43 20.21 25.01
C ASN A 643 -35.92 18.78 24.95
N TRP A 644 -35.45 18.32 23.80
CA TRP A 644 -35.05 16.94 23.58
C TRP A 644 -33.64 16.83 23.00
N GLN A 645 -32.95 17.96 22.82
CA GLN A 645 -31.61 18.01 22.27
C GLN A 645 -30.65 18.47 23.35
N ASN A 646 -29.50 17.81 23.45
CA ASN A 646 -28.50 18.22 24.42
C ASN A 646 -27.06 18.10 23.94
N LEU A 647 -26.83 17.73 22.69
CA LEU A 647 -25.47 17.61 22.16
C LEU A 647 -25.35 18.39 20.86
N LEU A 648 -24.22 19.05 20.67
CA LEU A 648 -23.92 19.80 19.46
C LEU A 648 -22.84 19.07 18.68
N TYR A 649 -23.10 18.81 17.41
CA TYR A 649 -22.19 18.05 16.56
C TYR A 649 -21.77 18.87 15.35
N ASP A 650 -20.75 18.39 14.67
CA ASP A 650 -20.36 18.90 13.36
C ASP A 650 -20.50 17.76 12.34
N SER A 651 -20.22 18.08 11.08
CA SER A 651 -20.50 17.17 9.99
C SER A 651 -19.55 15.98 9.93
N ASN A 652 -18.46 15.98 10.68
CA ASN A 652 -17.51 14.87 10.67
C ASN A 652 -17.77 13.87 11.79
N GLY A 653 -18.65 14.17 12.73
CA GLY A 653 -19.02 13.23 13.76
C GLY A 653 -18.47 13.51 15.14
N ASN A 654 -17.80 14.64 15.34
CA ASN A 654 -17.29 15.02 16.65
C ASN A 654 -18.32 15.85 17.40
N ILE A 655 -18.26 15.79 18.73
CA ILE A 655 -19.10 16.62 19.56
C ILE A 655 -18.35 17.91 19.90
N ILE A 656 -18.98 19.05 19.64
CA ILE A 656 -18.36 20.35 19.84
C ILE A 656 -19.15 21.23 20.80
N GLY A 657 -19.91 20.65 21.71
CA GLY A 657 -20.70 21.44 22.64
C GLY A 657 -21.83 20.62 23.20
N PHE A 658 -22.34 21.05 24.35
CA PHE A 658 -23.37 20.31 25.04
C PHE A 658 -24.13 21.24 25.98
N LYS A 659 -25.32 20.81 26.37
CA LYS A 659 -26.12 21.48 27.39
C LYS A 659 -26.18 20.60 28.63
N ASP A 660 -25.97 21.21 29.79
CA ASP A 660 -25.94 20.46 31.03
C ASP A 660 -27.35 20.03 31.43
N PHE A 661 -27.49 18.74 31.76
CA PHE A 661 -28.77 18.21 32.20
C PHE A 661 -29.20 18.78 33.55
N LEU A 662 -28.24 19.06 34.43
CA LEU A 662 -28.54 19.44 35.79
C LEU A 662 -28.70 20.95 35.97
N THR A 663 -27.88 21.76 35.30
CA THR A 663 -27.88 23.20 35.52
C THR A 663 -28.37 24.01 34.33
N ASN A 664 -28.70 23.36 33.20
CA ASN A 664 -29.21 23.99 31.98
C ASN A 664 -28.24 25.00 31.38
N LYS A 665 -26.95 24.87 31.67
CA LYS A 665 -25.93 25.74 31.11
C LYS A 665 -25.34 25.11 29.85
N THR A 666 -25.02 25.96 28.88
CA THR A 666 -24.54 25.54 27.58
C THR A 666 -23.06 25.86 27.43
N TYR A 667 -22.32 24.97 26.77
CA TYR A 667 -20.88 25.07 26.65
C TYR A 667 -20.45 24.73 25.24
N THR A 668 -19.19 25.00 24.95
CA THR A 668 -18.52 24.53 23.74
C THR A 668 -17.24 23.80 24.14
N ILE A 669 -16.84 22.82 23.32
CA ILE A 669 -15.66 22.01 23.61
C ILE A 669 -14.63 22.26 22.51
N LEU A 670 -13.39 22.48 22.91
CA LEU A 670 -12.26 22.75 22.05
C LEU A 670 -11.06 21.90 22.48
N PRO A 671 -10.27 21.40 21.54
CA PRO A 671 -9.17 20.50 21.91
C PRO A 671 -8.00 21.24 22.54
N CYS A 672 -7.16 20.46 23.22
CA CYS A 672 -5.97 21.00 23.87
C CYS A 672 -4.82 21.14 22.87
N TYR A 673 -3.79 21.87 23.29
CA TYR A 673 -2.69 22.20 22.39
C TYR A 673 -1.81 20.98 22.14
N SER A 674 -1.30 20.87 20.92
CA SER A 674 -0.36 19.84 20.53
C SER A 674 0.61 20.41 19.52
N GLY A 675 1.89 20.10 19.70
CA GLY A 675 2.91 20.63 18.80
C GLY A 675 4.23 19.94 19.00
N ARG A 676 5.27 20.49 18.37
CA ARG A 676 6.62 19.95 18.48
C ARG A 676 7.59 21.10 18.73
N VAL A 677 8.86 20.72 18.92
CA VAL A 677 9.92 21.67 19.20
C VAL A 677 11.10 21.36 18.29
N SER A 678 11.61 22.39 17.62
CA SER A 678 12.73 22.26 16.69
C SER A 678 14.02 22.65 17.39
N ALA A 679 14.96 21.71 17.42
CA ALA A 679 16.23 21.88 18.14
C ALA A 679 17.35 22.13 17.14
N ALA A 680 18.05 23.25 17.30
CA ALA A 680 19.22 23.55 16.49
C ALA A 680 20.47 23.13 17.26
N PHE A 681 21.22 22.19 16.72
CA PHE A 681 22.33 21.56 17.43
C PHE A 681 23.61 21.72 16.64
N TYR A 682 24.64 22.24 17.30
CA TYR A 682 25.98 22.28 16.75
C TYR A 682 26.78 21.10 17.31
N GLN A 683 27.74 20.63 16.53
CA GLN A 683 28.51 19.44 16.92
C GLN A 683 29.39 19.73 18.13
N ASN A 684 29.61 18.70 18.94
CA ASN A 684 30.40 18.69 20.18
C ASN A 684 29.83 19.59 21.28
N SER A 685 28.61 20.08 21.14
CA SER A 685 28.03 20.93 22.17
C SER A 685 27.22 20.09 23.15
N SER A 686 27.01 20.66 24.35
CA SER A 686 26.36 19.94 25.42
C SER A 686 24.84 19.93 25.33
N SER A 687 24.24 20.88 24.61
CA SER A 687 22.79 20.99 24.51
C SER A 687 22.47 21.81 23.28
N PRO A 688 21.31 21.60 22.67
CA PRO A 688 20.89 22.45 21.54
C PRO A 688 20.18 23.71 21.99
N ALA A 689 19.87 24.55 21.01
CA ALA A 689 18.95 25.67 21.21
C ALA A 689 17.57 25.25 20.72
N LEU A 690 16.55 25.66 21.47
CA LEU A 690 15.19 25.19 21.25
C LEU A 690 14.32 26.33 20.74
N LEU A 691 13.37 25.99 19.87
CA LEU A 691 12.43 26.94 19.31
C LEU A 691 11.04 26.34 19.37
N TYR A 692 10.15 27.00 20.11
CA TYR A 692 8.74 26.66 20.12
C TYR A 692 8.05 27.63 19.18
N ARG A 693 7.73 27.16 17.98
CA ARG A 693 7.23 28.04 16.93
C ARG A 693 5.81 28.51 17.25
N ASN A 694 5.57 29.81 17.02
CA ASN A 694 4.26 30.45 17.14
C ASN A 694 3.69 30.38 18.55
N LEU A 695 4.55 30.36 19.55
CA LEU A 695 4.13 30.30 20.95
C LEU A 695 4.83 31.40 21.72
N LYS A 696 4.10 32.05 22.62
CA LYS A 696 4.71 33.03 23.51
C LYS A 696 5.48 32.31 24.61
N CYS A 697 6.45 33.02 25.18
CA CYS A 697 7.27 32.41 26.22
C CYS A 697 6.53 32.23 27.53
N SER A 698 5.51 33.06 27.78
CA SER A 698 4.68 32.89 28.96
C SER A 698 3.87 31.59 28.89
N TYR A 699 3.38 31.25 27.69
CA TYR A 699 2.64 30.01 27.52
C TYR A 699 3.54 28.79 27.69
N VAL A 700 4.78 28.87 27.20
CA VAL A 700 5.70 27.75 27.34
C VAL A 700 6.13 27.58 28.79
N LEU A 701 6.34 28.68 29.50
CA LEU A 701 6.79 28.56 30.89
C LEU A 701 5.64 28.23 31.84
N ASN A 702 4.39 28.53 31.48
CA ASN A 702 3.28 28.27 32.39
C ASN A 702 2.49 27.01 32.05
N ASN A 703 2.53 26.53 30.82
CA ASN A 703 1.65 25.43 30.43
C ASN A 703 2.37 24.24 29.81
N ILE A 704 3.59 24.41 29.29
CA ILE A 704 4.25 23.33 28.59
C ILE A 704 5.48 22.87 29.35
N SER A 705 6.42 23.79 29.56
CA SER A 705 7.71 23.46 30.16
C SER A 705 7.76 23.99 31.59
N PHE A 706 8.32 23.19 32.49
CA PHE A 706 8.54 23.59 33.87
C PHE A 706 9.97 23.35 34.33
N ILE A 707 10.84 22.94 33.41
CA ILE A 707 12.24 22.70 33.74
C ILE A 707 13.00 24.02 33.77
N SER A 708 14.23 23.99 34.27
CA SER A 708 15.02 25.20 34.44
C SER A 708 15.55 25.67 33.10
N GLN A 709 15.11 26.86 32.68
CA GLN A 709 15.59 27.50 31.45
C GLN A 709 15.89 28.95 31.78
N PRO A 710 17.16 29.30 32.01
CA PRO A 710 17.47 30.69 32.37
C PRO A 710 17.41 31.66 31.21
N PHE A 711 17.76 31.23 30.00
CA PHE A 711 17.80 32.09 28.83
C PHE A 711 16.57 31.82 27.98
N TYR A 712 15.74 32.85 27.79
CA TYR A 712 14.57 32.74 26.94
C TYR A 712 14.16 34.15 26.50
N PHE A 713 13.79 34.27 25.23
CA PHE A 713 13.29 35.55 24.72
C PHE A 713 12.27 35.27 23.63
N ASP A 714 11.38 36.24 23.44
CA ASP A 714 10.33 36.14 22.44
C ASP A 714 10.81 36.75 21.13
N SER A 715 10.65 36.00 20.04
CA SER A 715 11.06 36.47 18.73
C SER A 715 9.88 36.40 17.78
N TYR A 716 10.18 36.69 16.49
CA TYR A 716 9.17 36.65 15.45
C TYR A 716 8.69 35.23 15.19
N LEU A 717 9.58 34.25 15.30
CA LEU A 717 9.24 32.87 15.01
C LEU A 717 8.59 32.14 16.17
N GLY A 718 8.82 32.59 17.39
CA GLY A 718 8.30 31.96 18.59
C GLY A 718 9.31 32.10 19.72
N CYS A 719 9.07 31.35 20.79
CA CYS A 719 9.92 31.42 21.97
C CYS A 719 11.21 30.66 21.72
N VAL A 720 12.34 31.28 22.04
CA VAL A 720 13.67 30.72 21.80
C VAL A 720 14.35 30.52 23.14
N LEU A 721 14.62 29.26 23.48
CA LEU A 721 15.34 28.91 24.70
C LEU A 721 16.81 28.63 24.38
N ASN A 722 17.68 28.93 25.34
CA ASN A 722 19.11 28.61 25.32
C ASN A 722 19.83 29.31 24.16
N ALA A 723 19.50 30.58 23.96
CA ALA A 723 20.18 31.38 22.94
C ALA A 723 20.18 32.83 23.38
N VAL A 724 20.97 33.64 22.67
CA VAL A 724 21.14 35.05 22.97
C VAL A 724 20.55 35.86 21.83
N ASN A 725 19.73 36.85 22.16
CA ASN A 725 19.14 37.73 21.16
C ASN A 725 20.20 38.70 20.66
N LEU A 726 20.68 38.50 19.43
CA LEU A 726 21.72 39.31 18.84
C LEU A 726 21.38 39.60 17.38
N THR A 727 20.15 40.02 17.12
CA THR A 727 19.66 40.19 15.76
C THR A 727 20.20 41.44 15.08
N SER A 728 20.94 42.29 15.78
CA SER A 728 21.56 43.43 15.14
C SER A 728 22.82 43.06 14.38
N TYR A 729 23.40 41.89 14.67
CA TYR A 729 24.59 41.41 13.98
C TYR A 729 24.19 40.41 12.91
N SER A 730 24.80 40.54 11.74
CA SER A 730 24.42 39.78 10.56
C SER A 730 25.54 38.86 10.11
N VAL A 731 25.17 37.78 9.44
CA VAL A 731 26.11 36.79 8.94
C VAL A 731 25.73 36.49 7.50
N SER A 732 26.70 36.00 6.73
CA SER A 732 26.49 35.70 5.32
C SER A 732 26.41 34.21 5.02
N SER A 733 26.95 33.36 5.89
CA SER A 733 26.85 31.92 5.74
C SER A 733 26.38 31.32 7.05
N CYS A 734 25.42 30.40 6.96
CA CYS A 734 24.85 29.82 8.17
C CYS A 734 24.36 28.41 7.86
N ASP A 735 24.72 27.47 8.72
CA ASP A 735 24.28 26.09 8.59
C ASP A 735 23.16 25.73 9.55
N LEU A 736 22.64 26.69 10.30
CA LEU A 736 21.47 26.51 11.16
C LEU A 736 20.50 27.63 10.84
N ARG A 737 19.69 27.42 9.81
CA ARG A 737 18.78 28.45 9.31
C ARG A 737 17.37 28.15 9.77
N MET A 738 16.75 29.13 10.44
CA MET A 738 15.48 28.92 11.12
C MET A 738 14.28 29.44 10.35
N GLY A 739 14.48 30.30 9.37
CA GLY A 739 13.35 30.79 8.61
C GLY A 739 13.19 32.29 8.76
N SER A 740 12.63 32.91 7.70
CA SER A 740 12.31 34.34 7.62
C SER A 740 13.52 35.23 7.84
N GLY A 741 14.70 34.77 7.45
CA GLY A 741 15.90 35.57 7.52
C GLY A 741 16.63 35.54 8.84
N PHE A 742 16.44 34.50 9.65
CA PHE A 742 17.10 34.36 10.93
C PHE A 742 17.98 33.12 10.93
N CYS A 743 18.98 33.11 11.82
CA CYS A 743 20.00 32.08 11.80
C CYS A 743 20.55 31.92 13.22
N ILE A 744 21.02 30.71 13.52
CA ILE A 744 21.62 30.39 14.81
C ILE A 744 23.11 30.20 14.59
N ASP A 745 23.91 30.98 15.30
CA ASP A 745 25.36 30.93 15.21
C ASP A 745 25.94 30.36 16.49
N TYR A 746 27.04 29.63 16.35
CA TYR A 746 27.74 29.03 17.49
C TYR A 746 29.13 29.64 17.59
N ALA A 747 29.52 29.99 18.82
CA ALA A 747 30.83 30.60 19.04
C ALA A 747 31.25 30.25 20.47
N LEU A 748 32.15 29.28 20.60
CA LEU A 748 32.59 28.84 21.92
C LEU A 748 33.56 29.86 22.52
N PRO A 749 33.46 30.10 23.84
CA PRO A 749 34.37 31.05 24.48
C PRO A 749 35.77 30.48 24.60
N SER A 750 36.75 31.24 24.10
CA SER A 750 38.15 30.84 24.15
C SER A 750 38.74 31.19 25.51
N SER A 751 40.05 31.05 25.64
CA SER A 751 40.71 31.45 26.89
C SER A 751 40.81 32.97 27.00
N GLY A 752 40.88 33.66 25.86
CA GLY A 752 40.95 35.11 25.90
C GLY A 752 39.62 35.76 26.27
N SER A 753 38.57 35.44 25.53
CA SER A 753 37.24 35.99 25.79
C SER A 753 36.45 35.05 26.72
N ALA A 754 37.08 34.71 27.84
CA ALA A 754 36.46 33.86 28.85
C ALA A 754 35.59 34.74 29.74
N SER A 755 34.30 34.82 29.41
CA SER A 755 33.35 35.63 30.16
C SER A 755 33.02 34.92 31.47
N ARG A 756 33.33 35.58 32.59
CA ARG A 756 32.97 35.03 33.89
C ARG A 756 31.46 35.02 34.10
N GLY A 757 30.76 36.01 33.55
CA GLY A 757 29.32 35.94 33.50
C GLY A 757 28.88 34.93 32.46
N ILE A 758 28.11 33.93 32.88
CA ILE A 758 27.78 32.82 31.99
C ILE A 758 26.67 33.25 31.03
N SER A 759 26.61 32.57 29.90
CA SER A 759 25.61 32.82 28.86
C SER A 759 25.48 31.55 28.03
N SER A 760 24.84 31.66 26.92
CA SER A 760 24.74 30.52 26.02
C SER A 760 25.74 30.66 24.88
N PRO A 761 26.30 29.57 24.37
CA PRO A 761 27.18 29.66 23.20
C PRO A 761 26.44 29.80 21.88
N TYR A 762 25.11 29.84 21.89
CA TYR A 762 24.32 30.04 20.70
C TYR A 762 23.85 31.48 20.62
N ARG A 763 23.87 32.04 19.40
CA ARG A 763 23.42 33.40 19.15
C ARG A 763 22.33 33.37 18.10
N PHE A 764 21.35 34.25 18.24
CA PHE A 764 20.24 34.37 17.31
C PHE A 764 20.47 35.61 16.46
N VAL A 765 20.92 35.41 15.22
CA VAL A 765 21.42 36.50 14.39
C VAL A 765 20.60 36.61 13.10
N THR A 766 21.02 37.53 12.22
CA THR A 766 20.34 37.79 10.97
C THR A 766 21.09 37.12 9.82
N PHE A 767 20.36 36.43 8.95
CA PHE A 767 20.91 35.78 7.78
C PHE A 767 20.78 36.70 6.58
N GLU A 768 21.91 37.15 6.04
CA GLU A 768 21.93 38.08 4.90
C GLU A 768 23.07 37.68 3.97
N PRO A 769 22.78 36.87 2.94
CA PRO A 769 23.87 36.27 2.15
C PRO A 769 24.35 37.08 0.97
N PHE A 770 23.63 38.12 0.54
CA PHE A 770 23.97 38.83 -0.69
C PHE A 770 24.01 40.33 -0.45
N ASN A 771 25.01 40.98 -1.04
CA ASN A 771 25.18 42.42 -0.96
C ASN A 771 25.44 42.99 -2.34
N VAL A 772 25.49 44.32 -2.41
CA VAL A 772 25.89 45.02 -3.62
C VAL A 772 27.26 45.64 -3.37
N SER A 773 27.90 46.06 -4.46
CA SER A 773 29.09 46.88 -4.34
C SER A 773 28.67 48.35 -4.26
N PHE A 774 29.49 49.15 -3.58
CA PHE A 774 29.20 50.56 -3.39
C PHE A 774 30.35 51.41 -3.89
N VAL A 775 30.02 52.57 -4.45
CA VAL A 775 30.99 53.57 -4.87
C VAL A 775 30.65 54.89 -4.20
N ASN A 776 31.55 55.84 -4.34
CA ASN A 776 31.49 57.12 -3.65
C ASN A 776 31.29 58.27 -4.64
N ASP A 777 30.43 58.07 -5.64
CA ASP A 777 30.24 59.03 -6.71
C ASP A 777 28.88 59.71 -6.58
N SER A 778 28.70 60.77 -7.37
CA SER A 778 27.45 61.52 -7.38
C SER A 778 26.40 60.81 -8.21
N VAL A 779 25.14 61.02 -7.84
CA VAL A 779 24.03 60.37 -8.53
C VAL A 779 23.30 61.33 -9.48
N GLU A 780 23.88 62.48 -9.78
CA GLU A 780 23.34 63.39 -10.77
C GLU A 780 24.48 64.07 -11.53
N THR A 781 24.11 64.87 -12.53
CA THR A 781 25.10 65.54 -13.38
C THR A 781 25.84 66.61 -12.61
N VAL A 782 27.16 66.62 -12.76
CA VAL A 782 28.01 67.65 -12.16
C VAL A 782 28.50 68.50 -13.34
N GLY A 783 27.74 69.54 -13.65
CA GLY A 783 28.04 70.35 -14.82
C GLY A 783 27.73 69.65 -16.13
N GLY A 784 26.71 68.79 -16.14
CA GLY A 784 26.33 68.05 -17.33
C GLY A 784 26.99 66.70 -17.48
N LEU A 785 28.10 66.47 -16.80
CA LEU A 785 28.86 65.23 -16.91
C LEU A 785 28.62 64.34 -15.69
N PHE A 786 28.62 63.03 -15.94
CA PHE A 786 28.43 62.04 -14.89
C PHE A 786 29.78 61.56 -14.38
N GLU A 787 29.80 61.07 -13.14
CA GLU A 787 31.01 60.59 -12.50
C GLU A 787 30.97 59.07 -12.45
N ILE A 788 32.02 58.43 -12.96
CA ILE A 788 32.02 56.98 -13.15
C ILE A 788 33.41 56.41 -12.90
N GLN A 789 33.45 55.10 -12.66
CA GLN A 789 34.67 54.36 -12.32
C GLN A 789 35.07 53.50 -13.51
N ILE A 790 36.28 53.71 -14.02
CA ILE A 790 36.76 53.03 -15.22
C ILE A 790 38.08 52.34 -14.87
N PRO A 791 38.25 51.06 -15.19
CA PRO A 791 39.48 50.35 -14.82
C PRO A 791 40.72 50.81 -15.57
N THR A 792 41.86 50.72 -14.89
CA THR A 792 43.15 51.03 -15.49
C THR A 792 44.11 49.85 -15.53
N ASN A 793 43.73 48.71 -14.93
CA ASN A 793 44.58 47.53 -14.93
C ASN A 793 43.68 46.31 -14.75
N PHE A 794 44.14 45.16 -15.23
CA PHE A 794 43.29 43.98 -15.23
C PHE A 794 44.12 42.71 -15.10
N THR A 795 43.42 41.61 -14.84
CA THR A 795 43.98 40.27 -14.87
C THR A 795 42.89 39.34 -15.40
N ILE A 796 43.15 38.04 -15.32
CA ILE A 796 42.23 37.02 -15.83
C ILE A 796 41.99 35.99 -14.74
N ALA A 797 40.72 35.82 -14.37
CA ALA A 797 40.33 34.92 -13.31
C ALA A 797 39.73 33.64 -13.88
N GLY A 798 39.78 32.58 -13.10
CA GLY A 798 39.20 31.31 -13.50
C GLY A 798 38.52 30.64 -12.33
N HIS A 799 37.38 30.00 -12.61
CA HIS A 799 36.66 29.27 -11.58
C HIS A 799 35.95 28.09 -12.22
N GLU A 800 35.79 27.02 -11.45
CA GLU A 800 35.25 25.76 -11.96
C GLU A 800 33.80 25.59 -11.54
N GLU A 801 33.09 24.77 -12.30
CA GLU A 801 31.67 24.53 -12.09
C GLU A 801 31.32 23.12 -12.51
N PHE A 802 30.70 22.37 -11.62
CA PHE A 802 30.30 20.99 -11.88
C PHE A 802 28.82 20.93 -12.19
N ILE A 803 28.45 20.23 -13.27
CA ILE A 803 27.07 19.97 -13.61
C ILE A 803 26.90 18.46 -13.71
N GLN A 804 25.92 17.93 -12.98
CA GLN A 804 25.67 16.50 -12.95
C GLN A 804 24.82 16.09 -14.15
N THR A 805 25.29 15.09 -14.90
CA THR A 805 24.58 14.61 -16.07
C THR A 805 24.12 13.17 -15.97
N SER A 806 24.48 12.44 -14.91
CA SER A 806 24.11 11.03 -14.80
C SER A 806 24.08 10.63 -13.34
N SER A 807 23.87 9.35 -13.09
CA SER A 807 23.75 8.80 -11.75
C SER A 807 24.06 7.31 -11.82
N PRO A 808 24.34 6.65 -10.68
CA PRO A 808 24.51 5.20 -10.71
C PRO A 808 23.23 4.47 -11.09
N LYS A 809 23.38 3.47 -11.98
CA LYS A 809 22.25 2.71 -12.51
C LYS A 809 21.98 1.54 -11.59
N VAL A 810 20.93 1.64 -10.79
CA VAL A 810 20.58 0.60 -9.83
C VAL A 810 19.56 -0.33 -10.47
N THR A 811 19.86 -1.63 -10.46
CA THR A 811 18.90 -2.65 -10.83
C THR A 811 18.61 -3.51 -9.61
N ILE A 812 17.37 -4.01 -9.54
CA ILE A 812 16.89 -4.72 -8.35
C ILE A 812 16.26 -6.03 -8.80
N ASP A 813 16.76 -7.14 -8.26
CA ASP A 813 16.10 -8.43 -8.37
C ASP A 813 15.00 -8.48 -7.31
N CYS A 814 13.75 -8.46 -7.76
CA CYS A 814 12.62 -8.25 -6.86
C CYS A 814 12.32 -9.51 -6.04
N SER A 815 12.37 -10.68 -6.67
CA SER A 815 12.04 -11.91 -5.96
C SER A 815 13.17 -12.36 -5.05
N ALA A 816 14.40 -11.94 -5.33
CA ALA A 816 15.51 -12.23 -4.40
C ALA A 816 15.53 -11.25 -3.25
N PHE A 817 14.90 -10.09 -3.42
CA PHE A 817 14.76 -9.15 -2.31
C PHE A 817 13.64 -9.58 -1.38
N VAL A 818 12.47 -9.90 -1.93
CA VAL A 818 11.31 -10.21 -1.09
C VAL A 818 11.43 -11.59 -0.46
N CYS A 819 11.69 -12.60 -1.27
CA CYS A 819 11.57 -13.99 -0.85
C CYS A 819 12.80 -14.83 -1.10
N SER A 820 13.98 -14.38 -0.63
CA SER A 820 15.35 -14.63 -1.13
C SER A 820 15.59 -16.06 -1.62
N ASN A 821 15.44 -17.07 -0.77
CA ASN A 821 15.86 -18.41 -1.19
C ASN A 821 14.84 -19.47 -0.78
N TYR A 822 13.78 -19.05 -0.10
CA TYR A 822 12.83 -20.00 0.47
C TYR A 822 11.70 -20.30 -0.50
N ALA A 823 11.36 -21.58 -0.64
CA ALA A 823 10.45 -21.99 -1.69
C ALA A 823 9.00 -21.67 -1.35
N ALA A 824 8.65 -21.72 -0.06
CA ALA A 824 7.29 -21.40 0.35
C ALA A 824 6.97 -19.92 0.14
N CYS A 825 7.96 -19.05 0.35
CA CYS A 825 7.79 -17.64 0.07
C CYS A 825 7.61 -17.39 -1.43
N HIS A 826 8.32 -18.14 -2.27
CA HIS A 826 8.15 -18.02 -3.71
C HIS A 826 6.77 -18.49 -4.15
N ASP A 827 6.27 -19.56 -3.52
CA ASP A 827 4.93 -20.06 -3.82
C ASP A 827 3.87 -19.05 -3.41
N LEU A 828 4.07 -18.36 -2.29
CA LEU A 828 3.10 -17.33 -1.89
C LEU A 828 3.22 -16.09 -2.75
N LEU A 829 4.42 -15.77 -3.23
CA LEU A 829 4.61 -14.57 -4.03
C LEU A 829 4.13 -14.76 -5.47
N SER A 830 4.03 -16.02 -5.90
CA SER A 830 3.60 -16.29 -7.27
C SER A 830 2.12 -15.96 -7.48
N GLU A 831 1.32 -15.95 -6.41
CA GLU A 831 -0.08 -15.61 -6.56
C GLU A 831 -0.35 -14.12 -6.51
N TYR A 832 0.65 -13.30 -6.21
CA TYR A 832 0.52 -11.85 -6.35
C TYR A 832 0.69 -11.39 -7.79
N GLY A 833 1.06 -12.27 -8.70
CA GLY A 833 1.05 -11.99 -10.12
C GLY A 833 2.11 -11.05 -10.62
N THR A 834 1.68 -9.90 -11.13
CA THR A 834 2.50 -9.00 -11.94
C THR A 834 3.09 -7.86 -11.12
N PHE A 835 3.50 -8.13 -9.88
CA PHE A 835 3.98 -7.07 -9.01
C PHE A 835 5.47 -6.78 -9.21
N CYS A 836 6.28 -7.83 -9.37
CA CYS A 836 7.71 -7.63 -9.54
C CYS A 836 8.05 -7.16 -10.95
N ASP A 837 7.23 -7.52 -11.94
CA ASP A 837 7.51 -7.16 -13.32
C ASP A 837 7.35 -5.67 -13.55
N ASN A 838 6.43 -5.03 -12.82
CA ASN A 838 6.26 -3.59 -12.97
C ASN A 838 7.45 -2.83 -12.39
N ILE A 839 7.99 -3.31 -11.28
CA ILE A 839 9.16 -2.69 -10.67
C ILE A 839 10.38 -2.85 -11.57
N ASN A 840 10.54 -4.05 -12.16
CA ASN A 840 11.64 -4.28 -13.10
C ASN A 840 11.51 -3.42 -14.36
N SER A 841 10.28 -3.25 -14.85
CA SER A 841 10.06 -2.46 -16.06
C SER A 841 10.32 -0.98 -15.81
N ILE A 842 9.94 -0.47 -14.63
CA ILE A 842 10.19 0.92 -14.30
C ILE A 842 11.69 1.20 -14.17
N LEU A 843 12.42 0.29 -13.52
CA LEU A 843 13.86 0.51 -13.39
C LEU A 843 14.60 0.35 -14.72
N ASN A 844 14.11 -0.52 -15.61
CA ASN A 844 14.70 -0.61 -16.94
C ASN A 844 14.45 0.64 -17.76
N GLU A 845 13.26 1.25 -17.61
CA GLU A 845 12.96 2.53 -18.25
C GLU A 845 13.89 3.63 -17.75
N VAL A 846 14.14 3.68 -16.44
CA VAL A 846 15.04 4.68 -15.86
C VAL A 846 16.46 4.52 -16.38
N ASN A 847 16.95 3.28 -16.45
CA ASN A 847 18.31 3.06 -16.93
C ASN A 847 18.47 3.33 -18.42
N ASP A 848 17.40 3.07 -19.21
CA ASP A 848 17.43 3.44 -20.62
C ASP A 848 17.48 4.95 -20.81
N LEU A 849 16.76 5.69 -19.96
CA LEU A 849 16.82 7.15 -19.97
C LEU A 849 18.22 7.65 -19.65
N LEU A 850 18.89 7.02 -18.69
CA LEU A 850 20.27 7.37 -18.36
C LEU A 850 21.22 7.15 -19.52
N ASP A 851 21.07 6.01 -20.23
CA ASP A 851 21.94 5.73 -21.37
C ASP A 851 21.69 6.69 -22.53
N ILE A 852 20.43 7.09 -22.73
CA ILE A 852 20.10 8.06 -23.78
C ILE A 852 20.73 9.42 -23.49
N THR A 853 20.67 9.87 -22.23
CA THR A 853 21.29 11.16 -21.89
C THR A 853 22.81 11.11 -22.00
N GLN A 854 23.43 9.96 -21.69
CA GLN A 854 24.88 9.85 -21.83
C GLN A 854 25.31 9.92 -23.30
N LEU A 855 24.56 9.24 -24.18
CA LEU A 855 24.85 9.35 -25.61
C LEU A 855 24.62 10.75 -26.14
N GLN A 856 23.63 11.48 -25.61
CA GLN A 856 23.40 12.86 -26.03
C GLN A 856 24.55 13.77 -25.62
N VAL A 857 25.09 13.58 -24.41
CA VAL A 857 26.21 14.40 -23.96
C VAL A 857 27.46 14.13 -24.79
N ALA A 858 27.73 12.85 -25.11
CA ALA A 858 28.90 12.54 -25.92
C ALA A 858 28.76 13.04 -27.35
N ASN A 859 27.54 13.00 -27.91
CA ASN A 859 27.32 13.53 -29.25
C ASN A 859 27.48 15.04 -29.27
N ALA A 860 27.03 15.74 -28.23
CA ALA A 860 27.26 17.17 -28.13
C ALA A 860 28.74 17.50 -27.98
N LEU A 861 29.51 16.63 -27.32
CA LEU A 861 30.94 16.89 -27.17
C LEU A 861 31.70 16.68 -28.47
N MET A 862 31.33 15.69 -29.28
CA MET A 862 32.14 15.31 -30.44
C MET A 862 31.56 15.76 -31.76
N GLN A 863 30.66 16.74 -31.78
CA GLN A 863 30.00 17.14 -33.03
C GLN A 863 30.82 18.16 -33.78
N GLY A 864 31.15 17.86 -35.03
CA GLY A 864 31.73 18.84 -35.93
C GLY A 864 33.16 19.24 -35.65
N VAL A 865 33.96 18.33 -35.12
CA VAL A 865 35.35 18.61 -34.77
C VAL A 865 36.26 17.91 -35.77
N THR A 866 37.18 18.66 -36.36
CA THR A 866 38.14 18.15 -37.33
C THR A 866 39.54 18.34 -36.78
N LEU A 867 40.34 17.29 -36.83
CA LEU A 867 41.70 17.32 -36.31
C LEU A 867 42.68 16.94 -37.40
N SER A 868 43.93 17.33 -37.22
CA SER A 868 44.99 16.88 -38.12
C SER A 868 45.48 15.51 -37.67
N SER A 869 45.78 14.66 -38.64
CA SER A 869 46.28 13.33 -38.33
C SER A 869 47.75 13.34 -37.90
N ASN A 870 48.45 14.45 -38.09
CA ASN A 870 49.81 14.63 -37.59
C ASN A 870 49.84 15.15 -36.16
N LEU A 871 48.69 15.25 -35.50
CA LEU A 871 48.64 15.74 -34.14
C LEU A 871 49.10 14.65 -33.16
N ASN A 872 50.13 14.96 -32.39
CA ASN A 872 50.66 14.05 -31.40
C ASN A 872 50.85 14.86 -30.12
N THR A 873 50.12 14.50 -29.06
CA THR A 873 50.11 15.28 -27.83
C THR A 873 51.42 15.22 -27.05
N ASN A 874 52.32 14.28 -27.40
CA ASN A 874 53.61 14.24 -26.74
C ASN A 874 54.51 15.37 -27.22
N LEU A 875 54.28 15.89 -28.44
CA LEU A 875 55.04 17.00 -28.98
C LEU A 875 54.21 18.26 -29.15
N HIS A 876 52.89 18.14 -29.14
CA HIS A 876 51.98 19.26 -29.35
C HIS A 876 51.11 19.41 -28.10
N SER A 877 51.60 20.19 -27.13
CA SER A 877 50.83 20.44 -25.92
C SER A 877 50.96 21.88 -25.44
N ASP A 878 51.35 22.80 -26.31
CA ASP A 878 51.62 24.17 -25.91
C ASP A 878 51.50 25.07 -27.12
N VAL A 879 50.68 26.11 -27.03
CA VAL A 879 50.52 27.09 -28.09
C VAL A 879 50.41 28.47 -27.46
N ASP A 880 51.04 29.46 -28.10
CA ASP A 880 50.94 30.89 -27.77
C ASP A 880 51.38 31.18 -26.34
N ASN A 881 52.42 30.46 -25.90
CA ASN A 881 52.97 30.50 -24.54
C ASN A 881 51.93 30.15 -23.48
N ILE A 882 50.96 29.29 -23.82
CA ILE A 882 49.96 28.82 -22.87
C ILE A 882 50.06 27.30 -22.82
N ASP A 883 50.22 26.75 -21.62
CA ASP A 883 50.48 25.34 -21.43
C ASP A 883 49.19 24.60 -21.12
N PHE A 884 48.76 23.75 -22.05
CA PHE A 884 47.57 22.92 -21.88
C PHE A 884 47.90 21.48 -21.55
N LYS A 885 49.05 21.22 -20.93
CA LYS A 885 49.52 19.85 -20.77
C LYS A 885 48.71 19.10 -19.72
N SER A 886 48.19 19.81 -18.71
CA SER A 886 47.39 19.18 -17.67
C SER A 886 45.96 18.92 -18.12
N LEU A 887 45.53 19.50 -19.24
CA LEU A 887 44.17 19.30 -19.72
C LEU A 887 44.07 18.26 -20.82
N LEU A 888 45.16 17.93 -21.48
CA LEU A 888 45.14 16.98 -22.59
C LEU A 888 45.46 15.58 -22.09
N GLY A 889 44.76 14.60 -22.65
CA GLY A 889 45.02 13.22 -22.32
C GLY A 889 46.12 12.67 -23.18
N CYS A 890 45.82 11.63 -23.96
CA CYS A 890 46.82 11.01 -24.83
C CYS A 890 46.15 10.81 -26.19
N LEU A 891 46.57 11.61 -27.16
CA LEU A 891 45.97 11.59 -28.49
C LEU A 891 47.08 11.53 -29.53
N GLY A 892 46.84 10.77 -30.58
CA GLY A 892 47.80 10.55 -31.64
C GLY A 892 47.56 9.20 -32.27
N SER A 893 48.45 8.84 -33.19
CA SER A 893 48.36 7.56 -33.88
C SER A 893 49.24 6.49 -33.26
N GLN A 894 49.78 6.72 -32.07
CA GLN A 894 50.69 5.76 -31.44
C GLN A 894 50.45 5.65 -29.93
N CYS A 895 49.26 6.01 -29.45
CA CYS A 895 49.04 6.02 -28.00
C CYS A 895 48.37 4.75 -27.49
N GLY A 896 47.15 4.48 -27.93
CA GLY A 896 46.33 3.47 -27.29
C GLY A 896 45.43 4.12 -26.26
N SER A 897 44.13 4.22 -26.57
CA SER A 897 43.22 5.09 -25.82
C SER A 897 42.77 4.40 -24.53
N SER A 898 43.61 4.46 -23.52
CA SER A 898 43.29 3.94 -22.19
C SER A 898 43.84 4.86 -21.10
N SER A 899 43.68 6.17 -21.26
CA SER A 899 44.25 7.12 -20.31
C SER A 899 43.48 8.43 -20.33
N ARG A 900 43.68 9.23 -19.29
CA ARG A 900 43.07 10.54 -19.13
C ARG A 900 44.14 11.59 -18.83
N SER A 901 43.69 12.83 -18.65
CA SER A 901 44.60 13.91 -18.28
C SER A 901 44.90 13.85 -16.78
N LEU A 902 45.73 14.78 -16.32
CA LEU A 902 46.10 14.74 -14.91
C LEU A 902 45.15 15.55 -14.04
N LEU A 903 44.37 16.46 -14.62
CA LEU A 903 43.30 17.09 -13.85
C LEU A 903 42.16 16.10 -13.61
N GLU A 904 41.82 15.31 -14.64
CA GLU A 904 40.87 14.23 -14.46
C GLU A 904 41.41 13.14 -13.54
N ASP A 905 42.73 12.90 -13.57
CA ASP A 905 43.35 11.97 -12.63
C ASP A 905 43.27 12.50 -11.20
N LEU A 906 43.39 13.82 -11.03
CA LEU A 906 43.25 14.42 -9.71
C LEU A 906 41.81 14.34 -9.21
N LEU A 907 40.85 14.48 -10.11
CA LEU A 907 39.45 14.42 -9.70
C LEU A 907 39.01 12.99 -9.37
N PHE A 908 39.41 12.02 -10.19
CA PHE A 908 38.91 10.66 -10.00
C PHE A 908 39.60 9.91 -8.87
N ASN A 909 40.77 10.35 -8.42
CA ASN A 909 41.44 9.69 -7.31
C ASN A 909 40.92 10.12 -5.95
N LYS A 910 40.08 11.16 -5.89
CA LYS A 910 39.49 11.62 -4.64
C LYS A 910 38.07 11.12 -4.46
N VAL A 911 37.52 10.43 -5.44
CA VAL A 911 36.19 9.82 -5.35
C VAL A 911 36.39 8.32 -5.52
N LYS A 912 36.01 7.56 -4.49
CA LYS A 912 36.31 6.13 -4.50
C LYS A 912 35.33 5.37 -5.38
N LEU A 913 34.03 5.65 -5.24
CA LEU A 913 33.00 4.89 -5.93
C LEU A 913 32.62 5.59 -7.23
N SER A 914 33.54 5.53 -8.19
CA SER A 914 33.26 5.91 -9.56
C SER A 914 32.71 4.69 -10.29
N ASP A 915 32.66 4.74 -11.62
CA ASP A 915 32.18 3.60 -12.39
C ASP A 915 33.14 2.42 -12.32
N VAL A 916 34.44 2.68 -12.19
CA VAL A 916 35.40 1.60 -12.09
C VAL A 916 35.51 1.13 -10.64
N GLY A 917 35.16 2.00 -9.68
CA GLY A 917 35.24 1.62 -8.28
C GLY A 917 34.19 0.62 -7.89
N PHE A 918 32.99 0.73 -8.47
CA PHE A 918 31.95 -0.28 -8.26
C PHE A 918 32.35 -1.62 -8.84
N VAL A 919 33.02 -1.63 -9.99
CA VAL A 919 33.44 -2.87 -10.62
C VAL A 919 34.51 -3.56 -9.79
N GLU A 920 35.53 -2.81 -9.37
CA GLU A 920 36.58 -3.42 -8.57
C GLU A 920 36.16 -3.67 -7.12
N ALA A 921 35.03 -3.09 -6.68
CA ALA A 921 34.48 -3.48 -5.38
C ALA A 921 33.64 -4.74 -5.48
N TYR A 922 32.91 -4.92 -6.59
CA TYR A 922 32.14 -6.14 -6.78
C TYR A 922 33.03 -7.32 -7.17
N ASN A 923 34.23 -7.07 -7.68
CA ASN A 923 35.16 -8.17 -7.97
C ASN A 923 35.68 -8.84 -6.72
N ASN A 924 35.58 -8.19 -5.56
CA ASN A 924 36.08 -8.72 -4.30
C ASN A 924 35.02 -9.41 -3.47
N CYS A 925 33.81 -9.60 -4.01
CA CYS A 925 32.73 -10.15 -3.22
C CYS A 925 32.83 -11.66 -3.03
N THR A 926 33.65 -12.35 -3.83
CA THR A 926 33.87 -13.78 -3.64
C THR A 926 35.02 -13.96 -2.65
N GLY A 927 34.72 -13.72 -1.38
CA GLY A 927 35.70 -13.80 -0.32
C GLY A 927 35.59 -12.66 0.66
N GLY A 928 35.13 -11.50 0.18
CA GLY A 928 35.01 -10.28 0.98
C GLY A 928 36.27 -9.44 1.01
N SER A 929 37.43 -10.10 1.10
CA SER A 929 38.80 -9.61 0.96
C SER A 929 39.28 -8.75 2.14
N GLU A 930 38.39 -8.35 3.05
CA GLU A 930 38.82 -8.00 4.39
C GLU A 930 38.12 -8.89 5.41
N ILE A 931 36.81 -8.73 5.61
CA ILE A 931 35.95 -9.81 6.07
C ILE A 931 34.59 -9.66 5.40
N ARG A 932 34.30 -8.47 4.87
CA ARG A 932 32.95 -8.09 4.48
C ARG A 932 32.99 -6.76 3.73
N ASP A 933 31.82 -6.34 3.26
CA ASP A 933 31.62 -5.06 2.57
C ASP A 933 30.12 -4.79 2.55
N LEU A 934 29.76 -3.52 2.35
CA LEU A 934 28.35 -3.17 2.25
C LEU A 934 27.76 -3.54 0.89
N LEU A 935 28.56 -3.41 -0.17
CA LEU A 935 28.07 -3.68 -1.51
C LEU A 935 27.81 -5.15 -1.74
N CYS A 936 28.57 -6.03 -1.08
CA CYS A 936 28.34 -7.45 -1.23
C CYS A 936 27.09 -7.91 -0.48
N VAL A 937 26.81 -7.31 0.68
CA VAL A 937 25.56 -7.58 1.39
C VAL A 937 24.38 -7.07 0.59
N GLN A 938 24.52 -5.90 -0.05
CA GLN A 938 23.45 -5.40 -0.91
C GLN A 938 23.24 -6.26 -2.13
N SER A 939 24.33 -6.78 -2.72
CA SER A 939 24.22 -7.54 -3.95
C SER A 939 23.79 -8.98 -3.73
N PHE A 940 23.98 -9.52 -2.52
CA PHE A 940 23.47 -10.85 -2.25
C PHE A 940 21.99 -10.84 -1.94
N ASN A 941 21.40 -9.66 -1.71
CA ASN A 941 19.96 -9.51 -1.58
C ASN A 941 19.31 -8.97 -2.84
N GLY A 942 20.08 -8.85 -3.91
CA GLY A 942 19.51 -8.48 -5.20
C GLY A 942 19.55 -7.01 -5.54
N ILE A 943 20.54 -6.26 -5.06
CA ILE A 943 20.65 -4.83 -5.33
C ILE A 943 22.06 -4.57 -5.85
N LYS A 944 22.19 -4.22 -7.12
CA LYS A 944 23.50 -4.08 -7.74
C LYS A 944 23.51 -2.88 -8.68
N VAL A 945 24.66 -2.20 -8.75
CA VAL A 945 24.84 -1.07 -9.65
C VAL A 945 25.58 -1.53 -10.90
N LEU A 946 24.99 -1.29 -12.06
CA LEU A 946 25.53 -1.64 -13.36
C LEU A 946 26.46 -0.56 -13.88
N PRO A 947 27.45 -0.90 -14.72
CA PRO A 947 28.28 0.14 -15.32
C PRO A 947 27.51 0.89 -16.39
N PRO A 948 27.92 2.11 -16.72
CA PRO A 948 27.32 2.81 -17.86
C PRO A 948 27.78 2.19 -19.17
N ILE A 949 27.09 2.54 -20.25
CA ILE A 949 27.38 1.90 -21.53
C ILE A 949 28.65 2.43 -22.15
N LEU A 950 29.09 3.62 -21.74
CA LEU A 950 30.34 4.21 -22.19
C LEU A 950 31.31 4.30 -21.02
N SER A 951 32.54 3.88 -21.24
CA SER A 951 33.54 3.98 -20.20
C SER A 951 33.99 5.42 -20.02
N GLU A 952 34.74 5.67 -18.96
CA GLU A 952 35.14 7.03 -18.65
C GLU A 952 36.39 7.47 -19.40
N THR A 953 37.20 6.52 -19.89
CA THR A 953 38.31 6.89 -20.75
C THR A 953 37.82 7.32 -22.13
N GLN A 954 36.66 6.82 -22.55
CA GLN A 954 36.05 7.30 -23.79
C GLN A 954 35.60 8.75 -23.67
N ILE A 955 34.97 9.11 -22.54
CA ILE A 955 34.55 10.49 -22.32
C ILE A 955 35.76 11.39 -22.12
N SER A 956 36.85 10.86 -21.54
CA SER A 956 38.08 11.63 -21.43
C SER A 956 38.69 11.89 -22.80
N GLY A 957 38.64 10.91 -23.70
CA GLY A 957 39.10 11.14 -25.06
C GLY A 957 38.23 12.13 -25.81
N TYR A 958 36.92 12.14 -25.52
CA TYR A 958 36.02 13.09 -26.16
C TYR A 958 36.31 14.52 -25.69
N THR A 959 36.52 14.71 -24.39
CA THR A 959 36.87 16.04 -23.88
C THR A 959 38.27 16.46 -24.32
N THR A 960 39.19 15.51 -24.51
CA THR A 960 40.50 15.83 -25.05
C THR A 960 40.41 16.30 -26.49
N ALA A 961 39.54 15.67 -27.29
CA ALA A 961 39.33 16.13 -28.67
C ALA A 961 38.68 17.51 -28.70
N ALA A 962 37.68 17.74 -27.85
CA ALA A 962 37.02 19.03 -27.80
C ALA A 962 37.94 20.14 -27.29
N THR A 963 38.92 19.80 -26.45
CA THR A 963 39.87 20.80 -25.99
C THR A 963 40.95 21.07 -27.04
N VAL A 964 41.42 20.01 -27.72
CA VAL A 964 42.50 20.18 -28.69
C VAL A 964 41.99 20.74 -30.01
N ALA A 965 40.67 20.77 -30.22
CA ALA A 965 40.10 21.38 -31.42
C ALA A 965 40.16 22.90 -31.42
N ALA A 966 40.49 23.53 -30.29
CA ALA A 966 40.56 24.97 -30.20
C ALA A 966 41.98 25.51 -30.31
N MET A 967 42.99 24.63 -30.26
CA MET A 967 44.38 25.04 -30.15
C MET A 967 45.16 24.98 -31.45
N PHE A 968 44.65 24.33 -32.48
CA PHE A 968 45.47 23.81 -33.57
C PHE A 968 44.80 24.12 -34.90
N PRO A 969 45.55 24.19 -36.00
CA PRO A 969 45.13 25.01 -37.17
C PRO A 969 44.01 24.44 -38.05
N PRO A 970 43.24 23.43 -37.65
CA PRO A 970 41.85 23.45 -38.11
C PRO A 970 41.03 24.54 -37.42
N TRP A 971 41.19 24.70 -36.10
CA TRP A 971 40.48 25.67 -35.26
C TRP A 971 38.97 25.51 -35.35
N SER A 972 38.48 24.32 -34.97
CA SER A 972 37.05 24.05 -35.07
C SER A 972 36.28 24.70 -33.92
N ALA A 973 36.81 24.64 -32.70
CA ALA A 973 36.12 25.15 -31.53
C ALA A 973 36.62 26.52 -31.09
N ALA A 974 37.24 27.29 -31.98
CA ALA A 974 37.76 28.60 -31.65
C ALA A 974 37.36 29.64 -32.69
N ALA A 975 36.24 29.39 -33.37
CA ALA A 975 35.65 30.26 -34.40
C ALA A 975 36.62 30.51 -35.56
N GLY A 976 37.40 29.49 -35.90
CA GLY A 976 38.28 29.55 -37.06
C GLY A 976 39.50 30.42 -36.93
N VAL A 977 39.77 30.98 -35.76
CA VAL A 977 40.94 31.83 -35.55
C VAL A 977 41.82 31.15 -34.52
N PRO A 978 43.10 31.54 -34.42
CA PRO A 978 43.94 31.05 -33.31
C PRO A 978 43.43 31.43 -31.93
N PHE A 979 44.03 30.79 -30.93
CA PHE A 979 43.55 30.90 -29.55
C PHE A 979 43.80 32.29 -28.98
N SER A 980 44.98 32.85 -29.22
CA SER A 980 45.31 34.17 -28.68
C SER A 980 44.54 35.27 -29.38
N LEU A 981 44.30 35.12 -30.69
CA LEU A 981 43.49 36.09 -31.41
C LEU A 981 42.03 36.04 -30.97
N ASN A 982 41.52 34.84 -30.68
CA ASN A 982 40.15 34.70 -30.21
C ASN A 982 39.99 35.32 -28.82
N VAL A 983 40.97 35.11 -27.93
CA VAL A 983 40.97 35.74 -26.62
C VAL A 983 41.03 37.26 -26.76
N GLN A 984 41.85 37.76 -27.70
CA GLN A 984 41.97 39.19 -27.92
C GLN A 984 40.66 39.82 -28.42
N TYR A 985 39.98 39.15 -29.35
CA TYR A 985 38.72 39.69 -29.87
C TYR A 985 37.61 39.62 -28.82
N ARG A 986 37.59 38.57 -27.99
CA ARG A 986 36.58 38.49 -26.96
C ARG A 986 36.81 39.47 -25.82
N ILE A 987 38.06 39.85 -25.56
CA ILE A 987 38.30 40.90 -24.56
C ILE A 987 37.96 42.26 -25.14
N ASN A 988 38.29 42.48 -26.42
CA ASN A 988 37.95 43.74 -27.09
C ASN A 988 36.44 43.94 -27.21
N GLY A 989 35.67 42.86 -27.30
CA GLY A 989 34.23 42.96 -27.30
C GLY A 989 33.61 43.39 -25.97
N LEU A 990 34.40 43.45 -24.90
CA LEU A 990 33.90 43.93 -23.62
C LEU A 990 34.08 45.44 -23.44
N GLY A 991 34.87 46.08 -24.29
CA GLY A 991 35.11 47.49 -24.16
C GLY A 991 36.55 47.86 -23.90
N VAL A 992 37.47 47.01 -24.36
CA VAL A 992 38.91 47.22 -24.20
C VAL A 992 39.51 47.50 -25.57
N THR A 993 40.42 48.46 -25.64
CA THR A 993 41.04 48.81 -26.91
C THR A 993 42.05 47.73 -27.31
N MET A 994 42.37 47.69 -28.60
CA MET A 994 43.22 46.65 -29.13
C MET A 994 44.71 46.94 -28.93
N ASP A 995 45.06 48.20 -28.63
CA ASP A 995 46.46 48.55 -28.41
C ASP A 995 46.99 47.93 -27.12
N VAL A 996 46.18 47.97 -26.05
CA VAL A 996 46.59 47.40 -24.78
C VAL A 996 46.68 45.88 -24.87
N LEU A 997 45.83 45.27 -25.70
CA LEU A 997 45.91 43.83 -25.90
C LEU A 997 47.10 43.45 -26.78
N ASN A 998 47.49 44.33 -27.71
CA ASN A 998 48.70 44.07 -28.49
C ASN A 998 49.96 44.23 -27.65
N LYS A 999 49.94 45.14 -26.68
CA LYS A 999 51.12 45.31 -25.83
C LYS A 999 51.24 44.25 -24.75
N ASN A 1000 50.13 43.66 -24.30
CA ASN A 1000 50.15 42.81 -23.11
C ASN A 1000 49.79 41.37 -23.41
N GLN A 1001 50.36 40.79 -24.47
CA GLN A 1001 50.02 39.41 -24.82
C GLN A 1001 50.67 38.42 -23.86
N LYS A 1002 51.92 38.69 -23.46
CA LYS A 1002 52.62 37.79 -22.55
C LYS A 1002 52.02 37.83 -21.14
N LEU A 1003 51.55 38.99 -20.70
CA LEU A 1003 50.87 39.08 -19.41
C LEU A 1003 49.56 38.32 -19.42
N ILE A 1004 48.83 38.35 -20.54
CA ILE A 1004 47.59 37.60 -20.67
C ILE A 1004 47.87 36.10 -20.66
N ALA A 1005 48.94 35.67 -21.34
CA ALA A 1005 49.30 34.25 -21.35
C ALA A 1005 49.76 33.77 -19.96
N ASN A 1006 50.49 34.63 -19.23
CA ASN A 1006 50.92 34.28 -17.88
C ASN A 1006 49.73 34.23 -16.92
N ALA A 1007 48.75 35.12 -17.11
CA ALA A 1007 47.55 35.08 -16.29
C ALA A 1007 46.72 33.84 -16.57
N PHE A 1008 46.67 33.39 -17.82
CA PHE A 1008 45.99 32.13 -18.15
C PHE A 1008 46.68 30.94 -17.51
N ASN A 1009 48.02 30.92 -17.53
CA ASN A 1009 48.76 29.83 -16.90
C ASN A 1009 48.59 29.84 -15.38
N LYS A 1010 48.57 31.03 -14.78
CA LYS A 1010 48.37 31.13 -13.33
C LYS A 1010 46.96 30.71 -12.94
N ALA A 1011 45.95 31.06 -13.75
CA ALA A 1011 44.59 30.64 -13.46
C ALA A 1011 44.42 29.13 -13.60
N LEU A 1012 45.08 28.53 -14.59
CA LEU A 1012 45.04 27.08 -14.74
C LEU A 1012 45.73 26.37 -13.58
N LEU A 1013 46.87 26.90 -13.13
CA LEU A 1013 47.57 26.29 -12.00
C LEU A 1013 46.80 26.49 -10.69
N SER A 1014 46.06 27.60 -10.58
CA SER A 1014 45.24 27.81 -9.39
C SER A 1014 44.01 26.91 -9.39
N ILE A 1015 43.48 26.59 -10.57
CA ILE A 1015 42.42 25.57 -10.64
C ILE A 1015 42.99 24.20 -10.27
N GLN A 1016 44.22 23.90 -10.71
CA GLN A 1016 44.80 22.57 -10.52
C GLN A 1016 45.12 22.28 -9.07
N ASN A 1017 45.49 23.28 -8.28
CA ASN A 1017 45.87 23.10 -6.88
C ASN A 1017 44.77 23.54 -5.93
N GLY A 1018 43.51 23.26 -6.26
CA GLY A 1018 42.41 23.74 -5.45
C GLY A 1018 41.42 22.67 -5.03
N PHE A 1019 41.70 21.41 -5.36
CA PHE A 1019 40.81 20.31 -5.00
C PHE A 1019 41.16 19.74 -3.63
N THR A 1020 41.01 20.57 -2.60
CA THR A 1020 41.43 20.21 -1.24
C THR A 1020 40.28 20.45 -0.26
N ALA A 1021 39.38 19.47 -0.15
CA ALA A 1021 38.52 19.23 1.01
C ALA A 1021 37.47 20.31 1.31
N THR A 1022 37.50 21.43 0.59
CA THR A 1022 36.53 22.50 0.77
C THR A 1022 36.02 23.05 -0.55
N ASN A 1023 36.39 22.43 -1.67
CA ASN A 1023 35.93 22.88 -2.97
C ASN A 1023 34.46 22.54 -3.14
N SER A 1024 33.70 23.47 -3.71
CA SER A 1024 32.26 23.28 -3.85
C SER A 1024 31.92 22.23 -4.89
N ALA A 1025 32.75 22.12 -5.94
CA ALA A 1025 32.50 21.12 -6.98
C ALA A 1025 32.76 19.71 -6.47
N LEU A 1026 33.78 19.54 -5.62
CA LEU A 1026 34.08 18.22 -5.06
C LEU A 1026 32.99 17.77 -4.10
N ALA A 1027 32.44 18.70 -3.30
CA ALA A 1027 31.33 18.35 -2.42
C ALA A 1027 30.07 18.08 -3.22
N LYS A 1028 29.89 18.78 -4.34
CA LYS A 1028 28.79 18.51 -5.24
C LYS A 1028 28.90 17.12 -5.87
N ILE A 1029 30.12 16.69 -6.19
CA ILE A 1029 30.33 15.35 -6.73
C ILE A 1029 30.07 14.29 -5.66
N GLN A 1030 30.56 14.53 -4.44
CA GLN A 1030 30.43 13.51 -3.39
C GLN A 1030 29.02 13.41 -2.83
N SER A 1031 28.20 14.45 -3.01
CA SER A 1031 26.80 14.37 -2.58
C SER A 1031 26.02 13.34 -3.38
N VAL A 1032 26.39 13.11 -4.64
CA VAL A 1032 25.72 12.11 -5.48
C VAL A 1032 25.96 10.71 -4.93
N VAL A 1033 27.22 10.39 -4.61
CA VAL A 1033 27.58 9.09 -4.08
C VAL A 1033 26.99 8.89 -2.68
N ASN A 1034 26.98 9.95 -1.86
CA ASN A 1034 26.39 9.84 -0.53
C ASN A 1034 24.89 9.62 -0.59
N ALA A 1035 24.20 10.27 -1.53
CA ALA A 1035 22.76 10.11 -1.66
C ALA A 1035 22.41 8.72 -2.16
N ASN A 1036 23.19 8.20 -3.12
CA ASN A 1036 22.97 6.84 -3.62
C ASN A 1036 23.19 5.80 -2.53
N ALA A 1037 24.28 5.94 -1.76
CA ALA A 1037 24.58 4.99 -0.70
C ALA A 1037 23.55 5.05 0.42
N GLN A 1038 23.02 6.23 0.72
CA GLN A 1038 22.02 6.34 1.77
C GLN A 1038 20.69 5.74 1.33
N ALA A 1039 20.29 5.96 0.06
CA ALA A 1039 19.07 5.35 -0.44
C ALA A 1039 19.17 3.83 -0.47
N LEU A 1040 20.34 3.29 -0.85
CA LEU A 1040 20.49 1.84 -0.89
C LEU A 1040 20.54 1.24 0.52
N ASN A 1041 21.14 1.95 1.48
CA ASN A 1041 21.15 1.43 2.85
C ASN A 1041 19.78 1.48 3.50
N SER A 1042 19.00 2.52 3.21
CA SER A 1042 17.64 2.58 3.74
C SER A 1042 16.75 1.53 3.08
N LEU A 1043 17.02 1.17 1.82
CA LEU A 1043 16.28 0.08 1.20
C LEU A 1043 16.68 -1.27 1.78
N LEU A 1044 17.95 -1.43 2.11
CA LEU A 1044 18.40 -2.69 2.72
C LEU A 1044 17.90 -2.85 4.15
N GLN A 1045 17.69 -1.74 4.86
CA GLN A 1045 17.18 -1.81 6.23
C GLN A 1045 15.72 -2.24 6.32
N GLN A 1046 15.00 -2.31 5.20
CA GLN A 1046 13.60 -2.72 5.24
C GLN A 1046 13.43 -4.21 5.42
N LEU A 1047 14.50 -4.99 5.29
CA LEU A 1047 14.44 -6.43 5.46
C LEU A 1047 14.46 -6.88 6.92
N PHE A 1048 14.48 -5.94 7.86
CA PHE A 1048 14.47 -6.26 9.28
C PHE A 1048 13.24 -5.71 9.99
N ASN A 1049 12.27 -5.19 9.24
CA ASN A 1049 11.00 -4.77 9.82
C ASN A 1049 10.04 -5.96 9.88
N LYS A 1050 9.19 -5.97 10.90
CA LYS A 1050 8.27 -7.09 11.08
C LYS A 1050 6.94 -6.87 10.39
N PHE A 1051 6.53 -5.61 10.24
CA PHE A 1051 5.27 -5.20 9.58
C PHE A 1051 4.03 -5.79 10.24
N GLY A 1052 4.11 -6.10 11.53
CA GLY A 1052 3.01 -6.72 12.22
C GLY A 1052 3.07 -8.23 12.32
N ALA A 1053 4.12 -8.86 11.80
CA ALA A 1053 4.30 -10.29 11.94
C ALA A 1053 5.03 -10.59 13.24
N ILE A 1054 5.36 -11.87 13.45
CA ILE A 1054 6.06 -12.26 14.66
C ILE A 1054 7.57 -12.18 14.51
N SER A 1055 8.08 -12.14 13.28
CA SER A 1055 9.51 -12.12 13.04
C SER A 1055 9.76 -11.49 11.68
N SER A 1056 10.95 -10.91 11.54
CA SER A 1056 11.40 -10.37 10.26
C SER A 1056 12.20 -11.38 9.47
N SER A 1057 12.39 -12.59 10.00
CA SER A 1057 13.17 -13.63 9.35
C SER A 1057 12.25 -14.73 8.85
N LEU A 1058 12.42 -15.14 7.60
CA LEU A 1058 11.65 -16.26 7.08
C LEU A 1058 12.19 -17.59 7.61
N GLN A 1059 13.47 -17.63 7.96
CA GLN A 1059 14.07 -18.83 8.54
C GLN A 1059 13.49 -19.11 9.92
N GLU A 1060 13.16 -18.07 10.68
CA GLU A 1060 12.53 -18.26 11.98
C GLU A 1060 11.09 -18.71 11.85
N ILE A 1061 10.35 -18.16 10.88
CA ILE A 1061 8.94 -18.51 10.72
C ILE A 1061 8.79 -19.93 10.19
N LEU A 1062 9.62 -20.31 9.22
CA LEU A 1062 9.50 -21.62 8.60
C LEU A 1062 10.06 -22.76 9.43
N SER A 1063 10.62 -22.48 10.61
CA SER A 1063 11.11 -23.52 11.50
C SER A 1063 10.29 -23.61 12.78
N ARG A 1064 9.16 -22.91 12.86
CA ARG A 1064 8.32 -22.92 14.05
C ARG A 1064 6.87 -23.23 13.70
N LEU A 1065 6.41 -22.72 12.57
CA LEU A 1065 5.00 -22.81 12.21
C LEU A 1065 4.79 -23.81 11.08
N ASP A 1066 3.52 -24.24 10.94
CA ASP A 1066 3.03 -25.15 9.92
C ASP A 1066 2.72 -24.39 8.63
N PRO A 1067 2.70 -25.09 7.49
CA PRO A 1067 2.31 -24.44 6.21
C PRO A 1067 0.95 -23.76 6.21
N PRO A 1068 -0.09 -24.23 6.95
CA PRO A 1068 -1.29 -23.37 7.03
C PRO A 1068 -1.09 -22.16 7.92
N GLU A 1069 -0.22 -22.24 8.92
CA GLU A 1069 -0.10 -21.15 9.89
C GLU A 1069 1.00 -20.17 9.53
N ALA A 1070 1.94 -20.56 8.67
CA ALA A 1070 3.04 -19.68 8.33
C ALA A 1070 2.67 -18.67 7.25
N GLN A 1071 1.65 -18.98 6.44
CA GLN A 1071 1.29 -18.11 5.32
C GLN A 1071 0.76 -16.77 5.78
N VAL A 1072 0.08 -16.75 6.93
CA VAL A 1072 -0.47 -15.51 7.49
C VAL A 1072 0.65 -14.59 7.92
N GLN A 1073 1.78 -15.16 8.36
CA GLN A 1073 2.92 -14.34 8.76
C GLN A 1073 3.79 -13.95 7.57
N ILE A 1074 3.88 -14.82 6.57
CA ILE A 1074 4.68 -14.51 5.38
C ILE A 1074 4.01 -13.43 4.54
N ASP A 1075 2.68 -13.40 4.50
CA ASP A 1075 1.96 -12.43 3.68
C ASP A 1075 2.18 -11.00 4.14
N ARG A 1076 2.34 -10.78 5.44
CA ARG A 1076 2.57 -9.43 5.97
C ARG A 1076 3.95 -8.92 5.57
N LEU A 1077 4.97 -9.78 5.64
CA LEU A 1077 6.31 -9.40 5.20
C LEU A 1077 6.36 -9.16 3.70
N ILE A 1078 5.61 -9.94 2.92
CA ILE A 1078 5.53 -9.75 1.47
C ILE A 1078 4.90 -8.41 1.14
N ASN A 1079 3.80 -8.06 1.82
CA ASN A 1079 3.14 -6.78 1.61
C ASN A 1079 4.04 -5.60 1.97
N GLY A 1080 4.73 -5.68 3.11
CA GLY A 1080 5.62 -4.60 3.51
C GLY A 1080 6.79 -4.40 2.58
N ARG A 1081 7.41 -5.50 2.14
CA ARG A 1081 8.57 -5.39 1.26
C ARG A 1081 8.17 -4.91 -0.15
N LEU A 1082 7.00 -5.32 -0.63
CA LEU A 1082 6.52 -4.80 -1.92
C LEU A 1082 6.17 -3.32 -1.83
N THR A 1083 5.66 -2.87 -0.68
CA THR A 1083 5.37 -1.45 -0.49
C THR A 1083 6.66 -0.62 -0.47
N ALA A 1084 7.70 -1.13 0.19
CA ALA A 1084 8.98 -0.43 0.22
C ALA A 1084 9.62 -0.37 -1.16
N LEU A 1085 9.49 -1.45 -1.95
CA LEU A 1085 10.01 -1.43 -3.32
C LEU A 1085 9.25 -0.44 -4.20
N ASN A 1086 7.93 -0.33 -4.02
CA ASN A 1086 7.15 0.66 -4.76
C ASN A 1086 7.58 2.08 -4.42
N ALA A 1087 7.83 2.36 -3.15
CA ALA A 1087 8.26 3.70 -2.74
C ALA A 1087 9.63 4.05 -3.30
N TYR A 1088 10.56 3.08 -3.29
CA TYR A 1088 11.89 3.33 -3.84
C TYR A 1088 11.84 3.57 -5.35
N VAL A 1089 11.01 2.82 -6.05
CA VAL A 1089 10.92 2.95 -7.50
C VAL A 1089 10.26 4.29 -7.87
N SER A 1090 9.32 4.76 -7.05
CA SER A 1090 8.72 6.07 -7.27
C SER A 1090 9.72 7.19 -7.06
N GLN A 1091 10.56 7.09 -6.02
CA GLN A 1091 11.56 8.14 -5.77
C GLN A 1091 12.63 8.18 -6.87
N GLN A 1092 13.02 7.02 -7.39
CA GLN A 1092 13.98 7.01 -8.50
C GLN A 1092 13.39 7.62 -9.77
N LEU A 1093 12.13 7.29 -10.05
CA LEU A 1093 11.44 7.86 -11.21
C LEU A 1093 11.25 9.36 -11.08
N SER A 1094 11.19 9.88 -9.85
CA SER A 1094 11.10 11.32 -9.70
C SER A 1094 12.46 12.02 -9.68
N ASP A 1095 13.55 11.31 -9.39
CA ASP A 1095 14.87 11.96 -9.42
C ASP A 1095 15.48 11.99 -10.81
N ILE A 1096 15.04 11.08 -11.69
CA ILE A 1096 15.56 11.06 -13.06
C ILE A 1096 15.19 12.33 -13.84
N THR A 1097 14.13 13.04 -13.45
CA THR A 1097 13.73 14.26 -14.16
C THR A 1097 14.69 15.41 -13.85
N LEU A 1098 15.11 15.54 -12.59
CA LEU A 1098 16.13 16.53 -12.23
C LEU A 1098 17.46 16.22 -12.90
N ILE A 1099 17.81 14.94 -13.00
CA ILE A 1099 19.05 14.57 -13.68
C ILE A 1099 18.99 14.92 -15.17
N LYS A 1100 17.84 14.69 -15.81
CA LYS A 1100 17.71 15.03 -17.23
C LYS A 1100 17.73 16.53 -17.49
N ALA A 1101 17.14 17.33 -16.59
CA ALA A 1101 17.21 18.77 -16.73
C ALA A 1101 18.63 19.29 -16.59
N GLY A 1102 19.40 18.75 -15.62
CA GLY A 1102 20.79 19.14 -15.51
C GLY A 1102 21.65 18.73 -16.70
N ALA A 1103 21.33 17.58 -17.30
CA ALA A 1103 22.06 17.14 -18.47
C ALA A 1103 21.76 18.02 -19.69
N SER A 1104 20.51 18.48 -19.82
CA SER A 1104 20.17 19.39 -20.91
C SER A 1104 20.87 20.74 -20.74
N ARG A 1105 21.00 21.21 -19.49
CA ARG A 1105 21.75 22.45 -19.26
C ARG A 1105 23.23 22.29 -19.58
N ALA A 1106 23.81 21.13 -19.26
CA ALA A 1106 25.22 20.89 -19.58
C ALA A 1106 25.44 20.80 -21.10
N ILE A 1107 24.50 20.20 -21.82
CA ILE A 1107 24.59 20.12 -23.28
C ILE A 1107 24.52 21.51 -23.90
N GLU A 1108 23.63 22.37 -23.37
CA GLU A 1108 23.53 23.74 -23.86
C GLU A 1108 24.80 24.54 -23.59
N LYS A 1109 25.41 24.36 -22.42
CA LYS A 1109 26.65 25.07 -22.11
C LYS A 1109 27.82 24.56 -22.93
N VAL A 1110 27.85 23.27 -23.27
CA VAL A 1110 28.88 22.75 -24.17
C VAL A 1110 28.71 23.35 -25.56
N ASN A 1111 27.47 23.44 -26.04
CA ASN A 1111 27.24 23.96 -27.38
C ASN A 1111 27.49 25.46 -27.49
N GLU A 1112 27.27 26.22 -26.42
CA GLU A 1112 27.28 27.68 -26.54
C GLU A 1112 28.30 28.40 -25.68
N CYS A 1113 29.14 27.70 -24.92
CA CYS A 1113 30.20 28.34 -24.17
C CYS A 1113 31.57 27.74 -24.44
N VAL A 1114 31.65 26.49 -24.88
CA VAL A 1114 32.91 25.82 -25.15
C VAL A 1114 33.18 25.71 -26.64
N LYS A 1115 32.19 25.23 -27.39
CA LYS A 1115 32.36 25.04 -28.83
C LYS A 1115 32.30 26.37 -29.57
N SER A 1116 31.52 27.32 -29.07
CA SER A 1116 31.47 28.67 -29.59
C SER A 1116 31.20 29.60 -28.43
N GLN A 1117 31.15 30.90 -28.71
CA GLN A 1117 30.83 31.89 -27.69
C GLN A 1117 29.64 32.72 -28.16
N SER A 1118 28.50 32.54 -27.52
CA SER A 1118 27.27 33.21 -27.90
C SER A 1118 27.29 34.66 -27.46
N PRO A 1119 26.52 35.52 -28.12
CA PRO A 1119 26.31 36.89 -27.61
C PRO A 1119 25.36 36.99 -26.43
N ARG A 1120 24.88 35.89 -25.87
CA ARG A 1120 24.09 35.92 -24.65
C ARG A 1120 24.98 36.28 -23.46
N ILE A 1121 24.63 37.35 -22.78
CA ILE A 1121 25.35 37.79 -21.59
C ILE A 1121 24.71 37.14 -20.37
N ASN A 1122 25.54 36.82 -19.37
CA ASN A 1122 25.18 36.20 -18.10
C ASN A 1122 24.67 34.77 -18.24
N PHE A 1123 24.93 34.11 -19.37
CA PHE A 1123 24.56 32.70 -19.47
C PHE A 1123 25.65 31.81 -18.87
N CYS A 1124 26.85 31.84 -19.44
CA CYS A 1124 28.01 31.24 -18.79
C CYS A 1124 28.77 32.32 -18.04
N GLY A 1125 29.15 32.01 -16.81
CA GLY A 1125 29.93 32.96 -16.05
C GLY A 1125 29.06 34.05 -15.45
N ASN A 1126 29.57 35.28 -15.46
CA ASN A 1126 29.00 36.35 -14.66
C ASN A 1126 29.00 37.71 -15.37
N GLY A 1127 29.19 37.75 -16.66
CA GLY A 1127 29.62 39.02 -17.21
C GLY A 1127 31.12 39.16 -17.15
N ASN A 1128 31.66 39.92 -18.11
CA ASN A 1128 33.09 39.96 -18.45
C ASN A 1128 33.67 38.57 -18.71
N HIS A 1129 32.86 37.69 -19.30
CA HIS A 1129 33.25 36.31 -19.53
C HIS A 1129 33.97 36.17 -20.87
N ILE A 1130 35.00 35.33 -20.90
CA ILE A 1130 35.79 35.17 -22.12
C ILE A 1130 35.49 33.84 -22.80
N LEU A 1131 35.83 32.72 -22.18
CA LEU A 1131 35.60 31.41 -22.78
C LEU A 1131 35.54 30.35 -21.68
N SER A 1132 35.24 29.12 -22.10
CA SER A 1132 35.13 28.00 -21.19
C SER A 1132 35.86 26.79 -21.77
N LEU A 1133 36.38 25.96 -20.89
CA LEU A 1133 36.95 24.66 -21.23
C LEU A 1133 36.21 23.59 -20.44
N VAL A 1134 36.15 22.38 -21.00
CA VAL A 1134 35.36 21.30 -20.43
C VAL A 1134 36.29 20.16 -20.02
N GLN A 1135 35.93 19.45 -18.96
CA GLN A 1135 36.73 18.38 -18.41
C GLN A 1135 35.80 17.29 -17.90
N ASN A 1136 36.28 16.05 -17.93
CA ASN A 1136 35.48 14.91 -17.50
C ASN A 1136 35.52 14.76 -15.99
N ALA A 1137 34.36 14.51 -15.40
CA ALA A 1137 34.21 14.41 -13.95
C ALA A 1137 33.39 13.17 -13.66
N PRO A 1138 33.42 12.66 -12.42
CA PRO A 1138 32.50 11.58 -12.04
C PRO A 1138 31.05 12.03 -12.08
N TYR A 1139 30.25 11.32 -12.89
CA TYR A 1139 28.81 11.53 -13.07
C TYR A 1139 28.48 12.93 -13.59
N GLY A 1140 29.36 13.50 -14.42
CA GLY A 1140 29.08 14.81 -14.96
C GLY A 1140 30.26 15.37 -15.70
N LEU A 1141 30.28 16.70 -15.81
CA LEU A 1141 31.33 17.42 -16.50
C LEU A 1141 31.80 18.58 -15.64
N LEU A 1142 33.04 18.99 -15.83
CA LEU A 1142 33.63 20.11 -15.12
C LEU A 1142 33.95 21.21 -16.11
N PHE A 1143 33.32 22.37 -15.94
CA PHE A 1143 33.53 23.52 -16.79
C PHE A 1143 34.45 24.52 -16.11
N ILE A 1144 35.40 25.06 -16.85
CA ILE A 1144 36.36 26.03 -16.34
C ILE A 1144 36.13 27.35 -17.08
N HIS A 1145 35.55 28.32 -16.39
CA HIS A 1145 35.19 29.60 -16.98
C HIS A 1145 36.28 30.62 -16.73
N PHE A 1146 36.80 31.22 -17.80
CA PHE A 1146 37.77 32.31 -17.70
C PHE A 1146 37.06 33.63 -17.94
N SER A 1147 37.41 34.63 -17.14
CA SER A 1147 36.70 35.91 -17.20
C SER A 1147 37.66 37.07 -17.01
N TYR A 1148 37.26 38.22 -17.52
CA TYR A 1148 38.00 39.47 -17.35
C TYR A 1148 37.75 40.03 -15.97
N LYS A 1149 38.80 40.48 -15.30
CA LYS A 1149 38.71 40.99 -13.94
C LYS A 1149 39.53 42.26 -13.78
N PRO A 1150 38.93 43.40 -13.46
CA PRO A 1150 39.70 44.61 -13.20
C PRO A 1150 40.35 44.57 -11.82
N THR A 1151 41.47 45.28 -11.69
CA THR A 1151 42.18 45.36 -10.42
C THR A 1151 42.21 46.75 -9.81
N SER A 1152 42.45 47.79 -10.61
CA SER A 1152 42.49 49.15 -10.11
C SER A 1152 41.62 50.04 -11.00
N PHE A 1153 41.19 51.17 -10.44
CA PHE A 1153 40.16 51.99 -11.04
C PHE A 1153 40.60 53.44 -11.11
N LYS A 1154 39.70 54.28 -11.60
CA LYS A 1154 39.94 55.70 -11.82
C LYS A 1154 38.60 56.40 -11.98
N THR A 1155 38.46 57.56 -11.37
CA THR A 1155 37.21 58.32 -11.41
C THR A 1155 37.28 59.36 -12.52
N VAL A 1156 36.44 59.20 -13.54
CA VAL A 1156 36.46 60.05 -14.73
C VAL A 1156 35.09 60.72 -14.85
N LEU A 1157 35.09 61.92 -15.43
CA LEU A 1157 33.87 62.63 -15.79
C LEU A 1157 33.54 62.32 -17.24
N VAL A 1158 32.41 61.67 -17.49
CA VAL A 1158 32.06 61.18 -18.81
C VAL A 1158 30.79 61.83 -19.30
N SER A 1159 30.59 61.76 -20.61
CA SER A 1159 29.42 62.27 -21.30
C SER A 1159 28.83 61.21 -22.22
N PRO A 1160 27.51 61.11 -22.31
CA PRO A 1160 26.89 60.10 -23.19
C PRO A 1160 26.60 60.56 -24.61
N GLY A 1161 26.91 61.81 -24.96
CA GLY A 1161 26.65 62.28 -26.31
C GLY A 1161 27.11 63.70 -26.55
N LEU A 1162 27.50 64.01 -27.78
CA LEU A 1162 27.98 65.32 -28.15
C LEU A 1162 27.14 65.89 -29.27
N CYS A 1163 26.66 67.12 -29.09
CA CYS A 1163 25.84 67.80 -30.08
C CYS A 1163 26.76 68.75 -30.86
N LEU A 1164 27.12 68.35 -32.08
CA LEU A 1164 28.05 69.12 -32.90
C LEU A 1164 27.32 70.25 -33.62
N SER A 1165 28.05 70.92 -34.50
CA SER A 1165 27.45 71.96 -35.31
C SER A 1165 26.57 71.35 -36.39
N GLY A 1166 25.62 72.14 -36.89
CA GLY A 1166 24.63 71.62 -37.81
C GLY A 1166 23.55 70.79 -37.16
N ASP A 1167 23.45 70.83 -35.82
CA ASP A 1167 22.52 70.03 -35.02
C ASP A 1167 22.67 68.53 -35.28
N ARG A 1168 23.91 68.09 -35.41
CA ARG A 1168 24.24 66.69 -35.55
C ARG A 1168 24.75 66.16 -34.20
N GLY A 1169 24.52 64.88 -33.97
CA GLY A 1169 24.88 64.27 -32.70
C GLY A 1169 25.61 62.97 -32.90
N ILE A 1170 26.57 62.72 -32.02
CA ILE A 1170 27.31 61.46 -32.01
C ILE A 1170 27.16 60.83 -30.63
N ALA A 1171 27.07 59.51 -30.60
CA ALA A 1171 27.04 58.74 -29.38
C ALA A 1171 28.22 57.76 -29.37
N PRO A 1172 28.81 57.49 -28.22
CA PRO A 1172 29.96 56.58 -28.19
C PRO A 1172 29.55 55.12 -28.38
N LYS A 1173 30.38 54.38 -29.10
CA LYS A 1173 30.14 52.97 -29.37
C LYS A 1173 30.87 52.15 -28.32
N GLN A 1174 30.11 51.72 -27.29
CA GLN A 1174 30.60 50.93 -26.15
C GLN A 1174 31.74 51.66 -25.44
N GLY A 1175 31.50 52.91 -25.10
CA GLY A 1175 32.52 53.71 -24.47
C GLY A 1175 31.92 54.99 -23.95
N TYR A 1176 32.78 55.98 -23.72
CA TYR A 1176 32.37 57.26 -23.18
C TYR A 1176 33.17 58.38 -23.83
N PHE A 1177 32.60 59.58 -23.79
CA PHE A 1177 33.28 60.78 -24.23
C PHE A 1177 33.86 61.51 -23.03
N ILE A 1178 35.19 61.61 -22.99
CA ILE A 1178 35.90 62.28 -21.91
C ILE A 1178 36.58 63.52 -22.47
N LYS A 1179 36.86 64.46 -21.57
CA LYS A 1179 37.48 65.73 -21.92
C LYS A 1179 38.90 65.74 -21.40
N GLN A 1180 39.87 65.77 -22.31
CA GLN A 1180 41.29 65.76 -21.97
C GLN A 1180 41.95 66.97 -22.60
N ASN A 1181 42.62 67.78 -21.76
CA ASN A 1181 43.24 69.06 -22.14
C ASN A 1181 42.24 70.01 -22.77
N ASP A 1182 41.01 70.02 -22.22
CA ASP A 1182 39.85 70.75 -22.74
C ASP A 1182 39.58 70.39 -24.20
N SER A 1183 39.67 69.09 -24.51
CA SER A 1183 39.38 68.57 -25.83
C SER A 1183 38.72 67.21 -25.68
N TRP A 1184 37.65 66.98 -26.43
CA TRP A 1184 36.88 65.77 -26.31
C TRP A 1184 37.59 64.60 -26.97
N MET A 1185 37.74 63.50 -26.23
CA MET A 1185 38.33 62.28 -26.74
C MET A 1185 37.41 61.10 -26.41
N PHE A 1186 37.87 59.90 -26.72
CA PHE A 1186 37.11 58.68 -26.52
C PHE A 1186 37.91 57.69 -25.69
N THR A 1187 37.21 56.98 -24.80
CA THR A 1187 37.82 55.88 -24.06
C THR A 1187 36.84 54.72 -24.00
N GLY A 1188 37.39 53.52 -23.84
CA GLY A 1188 36.56 52.35 -23.70
C GLY A 1188 35.91 52.27 -22.33
N SER A 1189 34.82 51.51 -22.25
CA SER A 1189 34.06 51.46 -21.01
C SER A 1189 34.66 50.54 -19.97
N SER A 1190 35.57 49.65 -20.35
CA SER A 1190 36.16 48.70 -19.43
C SER A 1190 37.66 48.84 -19.29
N TYR A 1191 38.27 49.79 -19.99
CA TYR A 1191 39.68 50.11 -19.81
C TYR A 1191 39.89 51.56 -20.16
N TYR A 1192 40.60 52.29 -19.31
CA TYR A 1192 40.80 53.72 -19.51
C TYR A 1192 41.99 53.93 -20.46
N TYR A 1193 41.70 54.37 -21.66
CA TYR A 1193 42.72 54.64 -22.67
C TYR A 1193 42.19 55.71 -23.62
N PRO A 1194 42.58 56.98 -23.44
CA PRO A 1194 42.04 58.04 -24.29
C PRO A 1194 42.63 57.98 -25.70
N GLU A 1195 41.73 57.95 -26.68
CA GLU A 1195 42.09 57.91 -28.09
C GLU A 1195 41.27 58.96 -28.82
N PRO A 1196 41.70 59.41 -30.00
CA PRO A 1196 40.92 60.40 -30.74
C PRO A 1196 39.57 59.89 -31.19
N ILE A 1197 38.60 60.80 -31.26
CA ILE A 1197 37.27 60.47 -31.75
C ILE A 1197 37.32 60.30 -33.26
N SER A 1198 36.94 59.10 -33.73
CA SER A 1198 36.91 58.80 -35.15
C SER A 1198 35.55 58.22 -35.49
N ASP A 1199 35.40 57.79 -36.74
CA ASP A 1199 34.16 57.16 -37.18
C ASP A 1199 34.04 55.73 -36.68
N LYS A 1200 35.14 55.12 -36.24
CA LYS A 1200 35.11 53.78 -35.67
C LYS A 1200 34.79 53.78 -34.18
N ASN A 1201 34.67 54.96 -33.56
CA ASN A 1201 34.34 55.07 -32.15
C ASN A 1201 32.91 55.50 -31.90
N VAL A 1202 32.23 56.08 -32.90
CA VAL A 1202 30.95 56.75 -32.69
C VAL A 1202 29.88 56.11 -33.57
N VAL A 1203 28.64 56.53 -33.33
CA VAL A 1203 27.52 56.28 -34.22
C VAL A 1203 26.86 57.62 -34.52
N PHE A 1204 26.79 57.96 -35.81
CA PHE A 1204 26.30 59.28 -36.21
C PHE A 1204 24.79 59.34 -36.18
N MET A 1205 24.26 60.48 -35.75
CA MET A 1205 22.84 60.77 -35.77
C MET A 1205 22.62 62.07 -36.52
N ASN A 1206 21.50 62.18 -37.22
CA ASN A 1206 21.21 63.40 -37.96
C ASN A 1206 20.67 64.51 -37.07
N SER A 1207 20.17 64.15 -35.89
CA SER A 1207 19.73 65.11 -34.88
C SER A 1207 20.56 64.91 -33.61
N CYS A 1208 20.21 65.64 -32.57
CA CYS A 1208 20.84 65.47 -31.27
C CYS A 1208 19.81 65.71 -30.18
N SER A 1209 20.02 65.05 -29.05
CA SER A 1209 19.04 65.06 -27.97
C SER A 1209 19.05 66.39 -27.23
N VAL A 1210 18.08 66.55 -26.34
CA VAL A 1210 17.93 67.79 -25.59
C VAL A 1210 18.98 67.92 -24.49
N ASN A 1211 19.50 66.81 -23.97
CA ASN A 1211 20.48 66.84 -22.89
C ASN A 1211 21.86 66.37 -23.34
N PHE A 1212 22.16 66.45 -24.63
CA PHE A 1212 23.52 66.21 -25.08
C PHE A 1212 24.37 67.46 -24.87
N THR A 1213 25.68 67.25 -24.78
CA THR A 1213 26.61 68.35 -24.56
C THR A 1213 26.93 69.03 -25.88
N LYS A 1214 27.05 70.36 -25.84
CA LYS A 1214 27.39 71.10 -27.05
C LYS A 1214 28.88 71.08 -27.30
N ALA A 1215 29.26 70.94 -28.57
CA ALA A 1215 30.67 70.91 -28.98
C ALA A 1215 30.79 71.45 -30.38
N PRO A 1216 30.82 72.78 -30.54
CA PRO A 1216 30.88 73.36 -31.88
C PRO A 1216 32.27 73.40 -32.50
N PHE A 1217 33.27 72.85 -31.84
CA PHE A 1217 34.64 72.88 -32.31
C PHE A 1217 35.06 71.59 -33.02
N ILE A 1218 34.26 70.53 -32.93
CA ILE A 1218 34.67 69.20 -33.34
C ILE A 1218 34.24 68.98 -34.79
N TYR A 1219 35.23 68.79 -35.66
CA TYR A 1219 35.05 68.21 -36.98
C TYR A 1219 36.16 67.19 -37.21
N LEU A 1220 36.37 66.31 -36.24
CA LEU A 1220 37.59 65.53 -36.14
C LEU A 1220 37.55 64.34 -37.10
N ASN A 1221 38.54 63.46 -36.96
CA ASN A 1221 38.72 62.31 -37.85
C ASN A 1221 37.64 61.25 -37.64
N VAL B 14 -63.05 -8.40 4.88
CA VAL B 14 -62.66 -7.12 4.28
C VAL B 14 -61.54 -6.49 5.11
N ILE B 15 -61.89 -5.77 6.18
CA ILE B 15 -60.89 -5.29 7.12
C ILE B 15 -60.83 -6.25 8.28
N GLY B 16 -61.93 -6.38 9.01
CA GLY B 16 -62.08 -7.41 10.02
C GLY B 16 -62.93 -8.55 9.53
N ASP B 17 -63.47 -9.32 10.48
CA ASP B 17 -64.39 -10.41 10.15
C ASP B 17 -65.56 -10.52 11.13
N PHE B 18 -65.95 -9.42 11.76
CA PHE B 18 -67.07 -9.42 12.68
C PHE B 18 -68.25 -8.67 12.05
N ASN B 19 -69.43 -9.28 12.10
CA ASN B 19 -70.65 -8.68 11.57
C ASN B 19 -71.18 -7.68 12.59
N CYS B 20 -70.89 -6.40 12.37
CA CYS B 20 -71.34 -5.36 13.28
C CYS B 20 -72.61 -4.68 12.81
N THR B 21 -72.73 -4.39 11.51
CA THR B 21 -73.92 -3.75 10.99
C THR B 21 -74.20 -4.27 9.59
N ASN B 22 -75.46 -4.18 9.19
CA ASN B 22 -75.87 -4.45 7.82
C ASN B 22 -76.90 -3.44 7.32
N SER B 23 -77.07 -2.32 7.99
CA SER B 23 -77.98 -1.28 7.55
C SER B 23 -77.24 -0.27 6.69
N PHE B 24 -77.81 0.03 5.51
CA PHE B 24 -77.30 1.00 4.55
C PHE B 24 -75.89 0.63 4.07
N ILE B 25 -75.79 -0.52 3.41
CA ILE B 25 -74.55 -0.98 2.82
C ILE B 25 -74.76 -1.03 1.32
N ASN B 26 -73.99 -0.23 0.58
CA ASN B 26 -74.17 -0.08 -0.86
C ASN B 26 -73.22 -1.02 -1.60
N ASP B 27 -73.50 -2.31 -1.48
CA ASP B 27 -72.74 -3.32 -2.22
C ASP B 27 -73.42 -3.70 -3.53
N TYR B 28 -73.84 -2.71 -4.33
CA TYR B 28 -74.25 -2.96 -5.72
C TYR B 28 -73.57 -1.90 -6.58
N ASN B 29 -72.30 -2.13 -6.89
CA ASN B 29 -71.46 -1.23 -7.67
C ASN B 29 -70.14 -1.93 -8.01
N LYS B 30 -69.60 -1.66 -9.19
CA LYS B 30 -68.36 -2.29 -9.63
C LYS B 30 -67.26 -1.27 -9.95
N THR B 31 -67.62 -0.02 -10.22
CA THR B 31 -66.65 0.98 -10.65
C THR B 31 -66.01 1.63 -9.43
N ILE B 32 -64.70 1.47 -9.30
CA ILE B 32 -63.92 2.07 -8.22
C ILE B 32 -63.78 3.57 -8.48
N PRO B 33 -63.62 4.39 -7.45
CA PRO B 33 -63.36 5.82 -7.69
C PRO B 33 -61.88 6.07 -7.96
N ARG B 34 -61.62 7.14 -8.72
CA ARG B 34 -60.27 7.63 -8.89
C ARG B 34 -59.80 8.26 -7.59
N ILE B 35 -58.58 7.92 -7.15
CA ILE B 35 -58.20 8.30 -5.80
C ILE B 35 -57.68 9.73 -5.76
N SER B 36 -56.42 9.91 -6.16
CA SER B 36 -55.70 11.16 -6.44
C SER B 36 -54.24 10.84 -6.73
N GLU B 37 -53.49 11.81 -7.26
CA GLU B 37 -52.04 11.71 -7.33
C GLU B 37 -51.44 13.08 -7.02
N ASP B 38 -50.20 13.06 -6.53
CA ASP B 38 -49.46 14.28 -6.21
C ASP B 38 -47.99 13.92 -6.09
N VAL B 39 -47.11 14.78 -6.60
CA VAL B 39 -45.68 14.48 -6.64
C VAL B 39 -45.01 14.98 -5.37
N VAL B 40 -44.27 14.09 -4.71
CA VAL B 40 -43.54 14.42 -3.49
C VAL B 40 -42.29 15.20 -3.87
N ASP B 41 -42.13 16.38 -3.28
CA ASP B 41 -40.98 17.25 -3.49
C ASP B 41 -40.32 17.50 -2.15
N VAL B 42 -39.06 17.08 -2.01
CA VAL B 42 -38.35 17.13 -0.74
C VAL B 42 -37.42 18.32 -0.65
N SER B 43 -37.58 19.32 -1.53
CA SER B 43 -36.58 20.37 -1.67
C SER B 43 -36.61 21.38 -0.52
N LEU B 44 -37.73 21.48 0.19
CA LEU B 44 -37.85 22.41 1.30
C LEU B 44 -37.88 21.70 2.65
N GLY B 45 -37.51 20.43 2.70
CA GLY B 45 -37.46 19.70 3.94
C GLY B 45 -38.61 18.76 4.22
N LEU B 46 -39.53 18.60 3.27
CA LEU B 46 -40.65 17.69 3.47
C LEU B 46 -40.17 16.25 3.37
N GLY B 47 -40.49 15.45 4.38
CA GLY B 47 -40.09 14.06 4.40
C GLY B 47 -38.85 13.76 5.21
N THR B 48 -38.31 14.73 5.91
CA THR B 48 -37.12 14.55 6.74
C THR B 48 -37.53 14.50 8.21
N TYR B 49 -36.58 14.06 9.04
CA TYR B 49 -36.74 14.13 10.49
C TYR B 49 -35.40 14.50 11.10
N TYR B 50 -35.46 15.05 12.31
CA TYR B 50 -34.26 15.42 13.03
C TYR B 50 -33.59 14.18 13.61
N VAL B 51 -32.25 14.24 13.72
CA VAL B 51 -31.48 13.19 14.37
C VAL B 51 -31.76 13.26 15.86
N LEU B 52 -31.43 12.18 16.58
CA LEU B 52 -31.99 11.82 17.88
C LEU B 52 -31.90 12.89 18.96
N ASN B 53 -30.68 13.23 19.38
CA ASN B 53 -30.47 14.29 20.35
C ASN B 53 -29.36 15.24 19.91
N ARG B 54 -29.12 15.31 18.61
CA ARG B 54 -28.00 16.06 18.06
C ARG B 54 -28.49 17.36 17.43
N VAL B 55 -27.65 18.39 17.54
CA VAL B 55 -27.87 19.68 16.89
C VAL B 55 -26.78 19.87 15.86
N TYR B 56 -27.17 20.28 14.65
CA TYR B 56 -26.22 20.66 13.61
C TYR B 56 -26.48 22.11 13.23
N LEU B 57 -25.42 22.84 12.88
CA LEU B 57 -25.46 24.29 12.82
C LEU B 57 -24.61 24.80 11.66
N ASN B 58 -25.27 25.39 10.66
CA ASN B 58 -24.67 26.01 9.47
C ASN B 58 -23.73 25.06 8.74
N THR B 59 -24.29 23.94 8.30
CA THR B 59 -23.52 22.92 7.63
C THR B 59 -24.46 22.10 6.75
N THR B 60 -23.87 21.32 5.87
CA THR B 60 -24.58 20.28 5.14
C THR B 60 -24.19 18.93 5.71
N LEU B 61 -25.15 18.01 5.71
CA LEU B 61 -24.94 16.70 6.31
C LEU B 61 -25.39 15.63 5.34
N LEU B 62 -24.50 14.67 5.08
CA LEU B 62 -24.83 13.49 4.29
C LEU B 62 -25.36 12.43 5.23
N PHE B 63 -26.65 12.17 5.17
CA PHE B 63 -27.34 11.36 6.17
C PHE B 63 -28.26 10.36 5.49
N THR B 64 -28.22 9.12 5.95
CA THR B 64 -29.09 8.06 5.43
C THR B 64 -30.10 7.64 6.50
N GLY B 65 -31.37 7.65 6.13
CA GLY B 65 -32.42 7.21 7.02
C GLY B 65 -33.63 6.70 6.25
N TYR B 66 -34.79 6.70 6.88
CA TYR B 66 -36.03 6.21 6.26
C TYR B 66 -36.77 7.41 5.69
N PHE B 67 -36.59 7.65 4.40
CA PHE B 67 -37.05 8.84 3.71
C PHE B 67 -37.90 8.47 2.51
N PRO B 68 -38.81 9.34 2.09
CA PRO B 68 -39.55 9.10 0.85
C PRO B 68 -38.67 9.34 -0.37
N LYS B 69 -39.07 8.69 -1.47
CA LYS B 69 -38.36 8.78 -2.74
C LYS B 69 -38.85 10.02 -3.47
N SER B 70 -37.92 10.86 -3.90
CA SER B 70 -38.28 12.09 -4.59
C SER B 70 -38.77 11.78 -6.01
N GLY B 71 -39.82 12.47 -6.44
CA GLY B 71 -40.42 12.19 -7.72
C GLY B 71 -41.45 11.07 -7.72
N ALA B 72 -41.77 10.52 -6.55
CA ALA B 72 -42.79 9.49 -6.45
C ALA B 72 -44.17 10.14 -6.36
N ASN B 73 -45.18 9.35 -5.99
CA ASN B 73 -46.55 9.83 -5.98
C ASN B 73 -47.18 9.65 -4.60
N PHE B 74 -47.85 10.70 -4.12
CA PHE B 74 -48.74 10.61 -2.99
C PHE B 74 -50.07 10.02 -3.43
N ARG B 75 -50.86 9.57 -2.45
CA ARG B 75 -52.19 9.02 -2.68
C ARG B 75 -53.12 9.51 -1.59
N ASP B 76 -54.19 10.20 -1.98
CA ASP B 76 -55.15 10.78 -1.03
C ASP B 76 -56.18 9.72 -0.68
N LEU B 77 -55.92 8.98 0.38
CA LEU B 77 -56.76 7.85 0.77
C LEU B 77 -57.92 8.23 1.68
N ALA B 78 -58.23 9.52 1.82
CA ALA B 78 -59.33 9.95 2.67
C ALA B 78 -60.67 9.72 1.99
N LEU B 79 -61.64 9.26 2.76
CA LEU B 79 -62.98 8.97 2.27
C LEU B 79 -64.01 9.60 3.19
N LYS B 80 -65.06 10.16 2.61
CA LYS B 80 -66.17 10.72 3.36
C LYS B 80 -67.48 10.15 2.86
N GLY B 81 -68.35 9.75 3.78
CA GLY B 81 -69.68 9.31 3.45
C GLY B 81 -70.70 10.00 4.35
N SER B 82 -71.96 9.94 3.92
CA SER B 82 -73.04 10.55 4.69
C SER B 82 -74.01 9.50 5.23
N LYS B 83 -74.58 8.67 4.36
CA LYS B 83 -75.54 7.66 4.79
C LYS B 83 -75.05 6.24 4.53
N TYR B 84 -74.64 5.94 3.30
CA TYR B 84 -74.33 4.58 2.91
C TYR B 84 -72.83 4.34 2.94
N LEU B 85 -72.46 3.08 3.17
CA LEU B 85 -71.07 2.66 3.15
C LEU B 85 -70.87 1.70 1.99
N SER B 86 -70.03 2.09 1.03
CA SER B 86 -69.71 1.23 -0.08
C SER B 86 -68.73 0.15 0.35
N THR B 87 -68.88 -1.05 -0.20
CA THR B 87 -67.95 -2.13 0.11
C THR B 87 -66.66 -2.04 -0.70
N LEU B 88 -66.60 -1.14 -1.69
CA LEU B 88 -65.36 -0.94 -2.42
C LEU B 88 -64.35 -0.12 -1.63
N TRP B 89 -64.80 0.55 -0.56
CA TRP B 89 -63.88 1.30 0.30
C TRP B 89 -62.97 0.39 1.11
N TYR B 90 -63.37 -0.87 1.32
CA TYR B 90 -62.66 -1.80 2.18
C TYR B 90 -61.95 -2.87 1.36
N LYS B 91 -61.42 -2.47 0.21
CA LYS B 91 -60.83 -3.35 -0.80
C LYS B 91 -59.34 -3.04 -0.93
N PRO B 92 -58.55 -3.97 -1.45
CA PRO B 92 -57.09 -3.75 -1.54
C PRO B 92 -56.64 -2.68 -2.53
N PRO B 93 -57.53 -1.98 -3.25
CA PRO B 93 -57.14 -0.63 -3.67
C PRO B 93 -56.88 0.32 -2.52
N PHE B 94 -57.78 0.37 -1.53
CA PHE B 94 -57.60 1.26 -0.38
C PHE B 94 -56.89 0.60 0.78
N LEU B 95 -56.96 -0.72 0.90
CA LEU B 95 -56.18 -1.46 1.87
C LEU B 95 -54.81 -1.73 1.28
N SER B 96 -53.78 -1.03 1.76
CA SER B 96 -52.48 -1.02 1.13
C SER B 96 -51.48 -1.85 1.93
N ASP B 97 -50.22 -1.80 1.51
CA ASP B 97 -49.16 -2.64 2.04
C ASP B 97 -48.12 -1.82 2.79
N PHE B 98 -47.72 -2.30 3.94
CA PHE B 98 -46.76 -1.64 4.84
C PHE B 98 -45.47 -2.44 4.78
N ASN B 99 -44.55 -2.07 3.88
CA ASN B 99 -43.36 -2.89 3.66
C ASN B 99 -42.24 -2.49 4.63
N ASN B 100 -41.76 -1.26 4.50
CA ASN B 100 -40.85 -0.68 5.48
C ASN B 100 -41.52 0.39 6.31
N GLY B 101 -42.40 1.18 5.71
CA GLY B 101 -43.10 2.21 6.43
C GLY B 101 -43.69 3.22 5.47
N ILE B 102 -44.41 4.18 6.04
CA ILE B 102 -45.10 5.18 5.25
C ILE B 102 -44.82 6.57 5.79
N PHE B 103 -44.91 7.56 4.91
CA PHE B 103 -44.88 8.97 5.28
C PHE B 103 -46.23 9.57 4.91
N SER B 104 -46.94 10.10 5.90
CA SER B 104 -48.28 10.61 5.68
C SER B 104 -48.30 12.12 5.82
N LYS B 105 -49.26 12.76 5.14
CA LYS B 105 -49.42 14.19 5.13
C LYS B 105 -50.91 14.48 5.28
N VAL B 106 -51.32 14.94 6.46
CA VAL B 106 -52.72 15.02 6.86
C VAL B 106 -53.14 16.47 6.88
N LYS B 107 -54.35 16.74 6.40
CA LYS B 107 -54.94 18.08 6.46
C LYS B 107 -55.85 18.19 7.66
N ASN B 108 -55.64 19.22 8.48
CA ASN B 108 -56.46 19.48 9.65
C ASN B 108 -57.66 20.30 9.21
N THR B 109 -58.85 19.69 9.29
CA THR B 109 -60.07 20.36 8.86
C THR B 109 -60.71 21.06 10.05
N LYS B 110 -61.08 22.32 9.86
CA LYS B 110 -61.59 23.16 10.94
C LYS B 110 -63.04 23.53 10.68
N LEU B 111 -63.91 23.18 11.61
CA LEU B 111 -65.33 23.52 11.54
C LEU B 111 -65.66 24.52 12.64
N TYR B 112 -66.74 25.27 12.42
CA TYR B 112 -67.16 26.31 13.35
C TYR B 112 -68.58 26.06 13.79
N VAL B 113 -68.76 25.85 15.09
CA VAL B 113 -70.07 25.68 15.71
C VAL B 113 -70.19 26.71 16.83
N ASN B 114 -71.13 27.65 16.68
CA ASN B 114 -71.29 28.82 17.55
C ASN B 114 -70.01 29.64 17.65
N ASN B 115 -69.31 29.77 16.50
CA ASN B 115 -68.01 30.45 16.37
C ASN B 115 -66.97 29.87 17.33
N THR B 116 -66.83 28.56 17.31
CA THR B 116 -65.84 27.85 18.11
C THR B 116 -65.12 26.84 17.22
N LEU B 117 -63.83 26.63 17.49
CA LEU B 117 -63.01 25.80 16.63
C LEU B 117 -63.18 24.32 16.98
N TYR B 118 -63.17 23.48 15.95
CA TYR B 118 -63.21 22.03 16.09
C TYR B 118 -62.33 21.39 15.04
N SER B 119 -61.39 20.56 15.46
CA SER B 119 -60.44 19.91 14.57
C SER B 119 -60.88 18.48 14.28
N GLU B 120 -60.61 18.01 13.07
CA GLU B 120 -61.11 16.72 12.62
C GLU B 120 -60.29 16.24 11.43
N PHE B 121 -59.82 14.98 11.50
CA PHE B 121 -59.28 14.32 10.32
C PHE B 121 -59.50 12.82 10.46
N SER B 122 -59.07 12.07 9.46
CA SER B 122 -59.31 10.64 9.39
C SER B 122 -58.36 9.88 10.30
N THR B 123 -58.79 8.70 10.72
CA THR B 123 -57.96 7.82 11.54
C THR B 123 -57.39 6.70 10.68
N ILE B 124 -56.13 6.36 10.95
CA ILE B 124 -55.43 5.29 10.26
C ILE B 124 -55.31 4.12 11.23
N VAL B 125 -55.19 2.91 10.69
CA VAL B 125 -55.03 1.70 11.48
C VAL B 125 -54.01 0.80 10.79
N ILE B 126 -52.99 0.39 11.55
CA ILE B 126 -51.90 -0.41 11.03
C ILE B 126 -51.90 -1.76 11.74
N GLY B 127 -51.89 -2.84 10.97
CA GLY B 127 -51.89 -4.16 11.54
C GLY B 127 -51.42 -5.18 10.53
N SER B 128 -51.76 -6.44 10.79
CA SER B 128 -51.51 -7.51 9.83
C SER B 128 -52.78 -8.17 9.33
N VAL B 129 -53.59 -8.74 10.21
CA VAL B 129 -54.81 -9.46 9.81
C VAL B 129 -56.06 -8.89 10.45
N PHE B 130 -55.94 -8.01 11.45
CA PHE B 130 -57.03 -7.25 12.07
C PHE B 130 -58.06 -8.17 12.74
N VAL B 131 -57.59 -9.23 13.41
CA VAL B 131 -58.44 -10.07 14.24
C VAL B 131 -57.89 -10.04 15.66
N ASN B 132 -58.62 -10.65 16.58
CA ASN B 132 -58.27 -10.56 18.00
C ASN B 132 -57.23 -11.57 18.45
N THR B 133 -56.48 -12.16 17.52
CA THR B 133 -55.27 -12.92 17.86
C THR B 133 -54.01 -12.18 17.44
N SER B 134 -54.12 -10.93 17.01
CA SER B 134 -53.00 -10.12 16.61
C SER B 134 -53.21 -8.70 17.09
N TYR B 135 -52.12 -7.92 17.10
CA TYR B 135 -52.15 -6.54 17.58
C TYR B 135 -52.26 -5.58 16.39
N THR B 136 -53.14 -4.59 16.53
CA THR B 136 -53.28 -3.52 15.55
C THR B 136 -53.06 -2.18 16.24
N ILE B 137 -52.52 -1.22 15.48
CA ILE B 137 -52.19 0.10 16.00
C ILE B 137 -53.16 1.11 15.41
N VAL B 138 -53.89 1.83 16.26
CA VAL B 138 -54.91 2.77 15.83
C VAL B 138 -54.52 4.17 16.29
N VAL B 139 -54.54 5.12 15.37
CA VAL B 139 -54.18 6.52 15.65
C VAL B 139 -55.40 7.37 15.35
N GLN B 140 -56.03 7.91 16.40
CA GLN B 140 -57.32 8.59 16.27
C GLN B 140 -57.27 9.95 16.94
N PRO B 141 -57.79 11.00 16.30
CA PRO B 141 -57.86 12.32 16.93
C PRO B 141 -59.14 12.54 17.72
N HIS B 142 -59.02 13.36 18.77
CA HIS B 142 -60.15 13.69 19.65
C HIS B 142 -60.16 15.18 19.97
N ASN B 143 -60.07 16.01 18.94
CA ASN B 143 -60.13 17.48 19.01
C ASN B 143 -59.03 18.05 19.91
N GLY B 144 -57.79 17.86 19.44
CA GLY B 144 -56.63 18.29 20.16
C GLY B 144 -55.90 17.20 20.92
N ILE B 145 -56.54 16.05 21.10
CA ILE B 145 -55.93 14.89 21.73
C ILE B 145 -55.74 13.83 20.66
N LEU B 146 -54.56 13.21 20.65
CA LEU B 146 -54.23 12.18 19.69
C LEU B 146 -54.11 10.85 20.42
N GLU B 147 -55.16 10.04 20.36
CA GLU B 147 -55.21 8.78 21.07
C GLU B 147 -54.57 7.68 20.24
N ILE B 148 -53.49 7.10 20.75
CA ILE B 148 -52.75 6.05 20.06
C ILE B 148 -52.76 4.82 20.94
N THR B 149 -53.40 3.75 20.46
CA THR B 149 -53.49 2.49 21.19
C THR B 149 -52.99 1.36 20.31
N ALA B 150 -52.50 0.30 20.95
CA ALA B 150 -52.08 -0.92 20.27
C ALA B 150 -52.62 -2.09 21.06
N CYS B 151 -53.76 -2.64 20.64
CA CYS B 151 -54.45 -3.68 21.39
C CYS B 151 -54.79 -4.84 20.45
N GLN B 152 -55.33 -5.90 21.04
CA GLN B 152 -55.86 -7.03 20.28
C GLN B 152 -57.36 -6.83 20.06
N TYR B 153 -57.67 -5.90 19.16
CA TYR B 153 -59.03 -5.49 18.91
C TYR B 153 -59.79 -6.56 18.12
N THR B 154 -61.12 -6.55 18.29
CA THR B 154 -62.02 -7.31 17.44
C THR B 154 -62.61 -6.30 16.46
N MET B 155 -61.97 -6.17 15.30
CA MET B 155 -62.35 -5.14 14.34
C MET B 155 -63.60 -5.56 13.58
N CYS B 156 -64.44 -4.57 13.27
CA CYS B 156 -65.62 -4.79 12.46
C CYS B 156 -65.22 -5.03 11.01
N GLU B 157 -66.19 -5.53 10.23
CA GLU B 157 -65.94 -5.74 8.81
C GLU B 157 -65.83 -4.41 8.07
N TYR B 158 -66.76 -3.49 8.32
CA TYR B 158 -66.79 -2.18 7.69
C TYR B 158 -66.68 -1.11 8.76
N PRO B 159 -65.46 -0.76 9.18
CA PRO B 159 -65.30 0.25 10.22
C PRO B 159 -65.36 1.67 9.67
N HIS B 160 -65.84 2.58 10.51
CA HIS B 160 -65.90 3.99 10.18
C HIS B 160 -65.98 4.79 11.47
N THR B 161 -65.71 6.09 11.36
CA THR B 161 -65.83 7.02 12.47
C THR B 161 -66.82 8.12 12.11
N VAL B 162 -67.24 8.86 13.13
CA VAL B 162 -68.28 9.88 12.99
C VAL B 162 -67.77 11.18 13.60
N CYS B 163 -67.92 12.28 12.86
CA CYS B 163 -67.52 13.59 13.35
C CYS B 163 -68.35 14.00 14.55
N LYS B 164 -67.70 14.60 15.55
CA LYS B 164 -68.32 14.83 16.84
C LYS B 164 -69.02 16.18 16.97
N SER B 165 -68.67 17.15 16.12
CA SER B 165 -69.26 18.49 16.25
C SER B 165 -70.71 18.49 15.78
N LYS B 166 -70.97 17.86 14.64
CA LYS B 166 -72.32 17.71 14.09
C LYS B 166 -72.44 16.29 13.58
N GLY B 167 -72.90 15.38 14.45
CA GLY B 167 -72.87 13.97 14.13
C GLY B 167 -73.87 13.57 13.06
N SER B 168 -73.52 12.52 12.33
CA SER B 168 -74.28 12.05 11.20
C SER B 168 -75.39 11.11 11.67
N ILE B 169 -76.00 10.41 10.72
CA ILE B 169 -77.05 9.45 11.06
C ILE B 169 -76.46 8.22 11.74
N ARG B 170 -75.36 7.70 11.21
CA ARG B 170 -74.75 6.49 11.72
C ARG B 170 -74.03 6.75 13.04
N ASN B 171 -73.80 5.68 13.78
CA ASN B 171 -73.01 5.72 15.00
C ASN B 171 -71.57 5.32 14.69
N GLU B 172 -70.66 5.71 15.59
CA GLU B 172 -69.26 5.32 15.45
C GLU B 172 -69.09 3.86 15.81
N SER B 173 -68.50 3.10 14.89
CA SER B 173 -68.36 1.66 15.07
C SER B 173 -67.14 1.20 14.28
N TRP B 174 -66.04 0.91 14.99
CA TRP B 174 -64.89 0.30 14.36
C TRP B 174 -64.37 -0.92 15.10
N HIS B 175 -64.85 -1.20 16.30
CA HIS B 175 -64.50 -2.42 17.02
C HIS B 175 -65.61 -2.72 18.01
N ILE B 176 -65.75 -4.00 18.35
CA ILE B 176 -66.72 -4.45 19.33
C ILE B 176 -65.97 -5.29 20.36
N ASP B 177 -65.84 -4.76 21.57
CA ASP B 177 -64.99 -5.38 22.60
C ASP B 177 -65.60 -5.04 23.96
N SER B 178 -66.28 -6.01 24.56
CA SER B 178 -66.86 -5.86 25.89
C SER B 178 -66.05 -6.59 26.97
N SER B 179 -64.74 -6.75 26.76
CA SER B 179 -63.95 -7.55 27.69
C SER B 179 -62.57 -6.99 27.99
N GLU B 180 -62.29 -5.72 27.63
CA GLU B 180 -61.02 -5.02 27.85
C GLU B 180 -59.83 -5.81 27.27
N PRO B 181 -59.63 -5.78 25.96
CA PRO B 181 -58.62 -6.64 25.33
C PRO B 181 -57.20 -6.29 25.73
N LEU B 182 -56.30 -7.21 25.45
CA LEU B 182 -54.89 -7.05 25.79
C LEU B 182 -54.24 -5.96 24.96
N CYS B 183 -53.68 -4.97 25.64
CA CYS B 183 -53.04 -3.83 24.98
C CYS B 183 -51.56 -3.80 25.32
N LEU B 184 -50.73 -3.56 24.31
CA LEU B 184 -49.31 -3.33 24.53
C LEU B 184 -48.98 -1.87 24.75
N PHE B 185 -49.86 -0.96 24.33
CA PHE B 185 -49.54 0.46 24.34
C PHE B 185 -50.84 1.25 24.41
N LYS B 186 -50.81 2.36 25.14
CA LYS B 186 -51.96 3.24 25.28
C LYS B 186 -51.44 4.58 25.77
N LYS B 187 -51.59 5.63 24.96
CA LYS B 187 -51.02 6.93 25.29
C LYS B 187 -51.82 8.01 24.60
N ASN B 188 -51.80 9.20 25.18
CA ASN B 188 -52.44 10.38 24.61
C ASN B 188 -51.42 11.48 24.40
N PHE B 189 -51.53 12.16 23.26
CA PHE B 189 -50.63 13.25 22.90
C PHE B 189 -51.49 14.45 22.50
N THR B 190 -50.84 15.60 22.36
CA THR B 190 -51.53 16.83 22.02
C THR B 190 -50.93 17.44 20.76
N TYR B 191 -51.79 17.98 19.90
CA TYR B 191 -51.35 18.67 18.70
C TYR B 191 -51.94 20.07 18.67
N ASN B 192 -51.43 20.88 17.75
CA ASN B 192 -51.93 22.22 17.50
C ASN B 192 -53.31 22.13 16.86
N VAL B 193 -54.35 22.63 17.54
CA VAL B 193 -55.69 22.56 16.99
C VAL B 193 -55.89 23.52 15.84
N SER B 194 -55.05 24.56 15.73
CA SER B 194 -55.16 25.54 14.68
C SER B 194 -54.14 25.32 13.56
N ALA B 195 -53.52 24.15 13.52
CA ALA B 195 -52.54 23.84 12.48
C ALA B 195 -53.23 23.59 11.15
N ASP B 196 -52.47 23.72 10.07
CA ASP B 196 -52.99 23.45 8.73
C ASP B 196 -52.64 22.06 8.24
N TRP B 197 -51.42 21.62 8.47
CA TRP B 197 -50.97 20.30 8.02
C TRP B 197 -50.23 19.59 9.14
N LEU B 198 -50.44 18.29 9.23
CA LEU B 198 -49.70 17.41 10.11
C LEU B 198 -48.93 16.39 9.28
N TYR B 199 -47.76 16.03 9.75
CA TYR B 199 -46.89 15.08 9.05
C TYR B 199 -46.55 13.94 9.98
N PHE B 200 -46.40 12.74 9.44
CA PHE B 200 -46.13 11.54 10.23
C PHE B 200 -45.16 10.64 9.48
N HIS B 201 -44.16 10.12 10.19
CA HIS B 201 -43.38 8.99 9.74
C HIS B 201 -43.75 7.80 10.62
N PHE B 202 -44.22 6.72 10.00
CA PHE B 202 -44.41 5.44 10.69
C PHE B 202 -43.54 4.42 9.97
N TYR B 203 -42.68 3.71 10.70
CA TYR B 203 -41.92 2.64 10.08
C TYR B 203 -41.58 1.57 11.11
N GLN B 204 -40.96 0.50 10.63
CA GLN B 204 -40.61 -0.65 11.45
C GLN B 204 -39.20 -1.14 11.10
N GLU B 205 -38.52 -1.69 12.10
CA GLU B 205 -37.19 -2.27 11.90
C GLU B 205 -36.90 -3.22 13.04
N ARG B 206 -36.70 -4.51 12.71
CA ARG B 206 -36.27 -5.56 13.64
C ARG B 206 -37.23 -5.75 14.81
N GLY B 207 -38.53 -5.66 14.54
CA GLY B 207 -39.53 -5.91 15.55
C GLY B 207 -40.04 -4.69 16.27
N VAL B 208 -39.46 -3.52 16.03
CA VAL B 208 -39.82 -2.29 16.73
C VAL B 208 -40.53 -1.36 15.76
N PHE B 209 -41.68 -0.83 16.17
CA PHE B 209 -42.42 0.15 15.39
C PHE B 209 -42.01 1.55 15.82
N TYR B 210 -41.65 2.39 14.85
CA TYR B 210 -41.20 3.75 15.12
C TYR B 210 -42.20 4.75 14.58
N ALA B 211 -42.44 5.82 15.34
CA ALA B 211 -43.39 6.86 14.94
C ALA B 211 -42.78 8.24 15.12
N TYR B 212 -42.93 9.09 14.11
CA TYR B 212 -42.51 10.48 14.14
C TYR B 212 -43.70 11.36 13.79
N TYR B 213 -43.67 12.62 14.21
CA TYR B 213 -44.81 13.51 14.01
C TYR B 213 -44.36 14.96 14.08
N ALA B 214 -45.08 15.82 13.36
CA ALA B 214 -44.87 17.25 13.41
C ALA B 214 -46.17 17.97 13.11
N ASP B 215 -46.42 19.06 13.84
CA ASP B 215 -47.55 19.93 13.56
C ASP B 215 -47.14 21.35 13.20
N VAL B 216 -45.90 21.76 13.48
CA VAL B 216 -45.37 23.04 13.05
C VAL B 216 -44.15 22.76 12.18
N GLY B 217 -44.21 23.16 10.92
CA GLY B 217 -43.13 22.92 9.99
C GLY B 217 -43.15 21.52 9.41
N MET B 218 -42.30 21.31 8.42
CA MET B 218 -42.22 20.05 7.69
C MET B 218 -41.38 18.93 8.34
N PRO B 219 -40.18 19.14 8.91
CA PRO B 219 -39.47 18.00 9.51
C PRO B 219 -40.12 17.53 10.79
N THR B 220 -40.16 16.20 10.96
CA THR B 220 -40.82 15.57 12.10
C THR B 220 -39.82 15.27 13.21
N THR B 221 -40.36 15.11 14.42
CA THR B 221 -39.58 14.73 15.59
C THR B 221 -40.10 13.40 16.12
N PHE B 222 -39.29 12.75 16.95
CA PHE B 222 -39.60 11.44 17.49
C PHE B 222 -40.80 11.50 18.42
N LEU B 223 -41.77 10.62 18.20
CA LEU B 223 -42.97 10.55 19.03
C LEU B 223 -42.89 9.42 20.05
N PHE B 224 -42.79 8.17 19.58
CA PHE B 224 -42.66 7.02 20.46
C PHE B 224 -42.08 5.85 19.67
N SER B 225 -41.83 4.76 20.39
CA SER B 225 -41.44 3.50 19.79
C SER B 225 -42.14 2.39 20.54
N LEU B 226 -42.22 1.22 19.90
CA LEU B 226 -43.00 0.12 20.44
C LEU B 226 -42.46 -1.19 19.90
N TYR B 227 -41.96 -2.04 20.78
CA TYR B 227 -41.54 -3.38 20.38
C TYR B 227 -42.77 -4.26 20.20
N LEU B 228 -42.87 -4.88 19.04
CA LEU B 228 -43.97 -5.78 18.74
C LEU B 228 -43.55 -7.23 18.63
N GLY B 229 -42.38 -7.51 18.04
CA GLY B 229 -41.93 -8.86 17.84
C GLY B 229 -42.40 -9.50 16.55
N THR B 230 -43.34 -8.89 15.85
CA THR B 230 -43.90 -9.41 14.61
C THR B 230 -43.66 -8.40 13.50
N ILE B 231 -44.13 -8.72 12.31
CA ILE B 231 -44.01 -7.85 11.14
C ILE B 231 -45.39 -7.34 10.77
N LEU B 232 -45.55 -6.03 10.75
CA LEU B 232 -46.77 -5.42 10.24
C LEU B 232 -46.77 -5.47 8.73
N SER B 233 -47.95 -5.66 8.14
CA SER B 233 -48.03 -5.85 6.70
C SER B 233 -49.03 -4.96 5.98
N HIS B 234 -50.03 -4.40 6.66
CA HIS B 234 -51.04 -3.61 5.98
C HIS B 234 -51.40 -2.39 6.81
N TYR B 235 -51.84 -1.33 6.13
CA TYR B 235 -52.47 -0.19 6.77
C TYR B 235 -53.76 0.14 6.04
N TYR B 236 -54.58 0.97 6.67
CA TYR B 236 -55.86 1.38 6.09
C TYR B 236 -56.29 2.68 6.74
N VAL B 237 -56.84 3.59 5.94
CA VAL B 237 -57.32 4.87 6.44
C VAL B 237 -58.84 4.82 6.53
N MET B 238 -59.37 4.83 7.73
CA MET B 238 -60.76 4.62 8.06
C MET B 238 -61.63 5.77 7.54
N PRO B 239 -62.76 5.47 6.91
CA PRO B 239 -63.63 6.53 6.42
C PRO B 239 -64.35 7.25 7.55
N LEU B 240 -64.62 8.53 7.32
CA LEU B 240 -65.26 9.40 8.31
C LEU B 240 -66.66 9.75 7.82
N THR B 241 -67.66 9.42 8.62
CA THR B 241 -69.06 9.65 8.27
C THR B 241 -69.54 10.91 8.99
N CYS B 242 -69.74 11.99 8.23
CA CYS B 242 -70.09 13.26 8.81
C CYS B 242 -71.42 13.74 8.26
N LYS B 243 -72.03 14.71 8.96
CA LYS B 243 -73.33 15.22 8.53
C LYS B 243 -73.17 16.43 7.62
N ALA B 244 -72.28 17.35 7.96
CA ALA B 244 -72.13 18.59 7.20
C ALA B 244 -70.65 18.90 7.01
N ILE B 245 -70.06 18.37 5.94
CA ILE B 245 -68.73 18.77 5.51
C ILE B 245 -68.65 19.04 4.02
N SER B 246 -69.64 18.67 3.21
CA SER B 246 -69.54 18.64 1.77
C SER B 246 -69.67 20.05 1.17
N SER B 247 -69.79 20.12 -0.16
CA SER B 247 -69.73 21.39 -0.87
C SER B 247 -70.99 22.21 -0.69
N ASN B 248 -72.14 21.56 -0.46
CA ASN B 248 -73.35 22.31 -0.16
C ASN B 248 -73.31 22.94 1.22
N THR B 249 -72.47 22.42 2.11
CA THR B 249 -72.12 23.04 3.38
C THR B 249 -70.89 23.92 3.17
N ASP B 250 -70.16 24.22 4.24
CA ASP B 250 -69.08 25.19 4.39
C ASP B 250 -67.80 24.90 3.52
N ASN B 251 -67.83 23.95 2.57
CA ASN B 251 -66.75 23.74 1.59
C ASN B 251 -65.46 23.26 2.25
N GLU B 252 -65.56 22.18 3.01
CA GLU B 252 -64.40 21.54 3.61
C GLU B 252 -64.17 20.17 2.99
N THR B 253 -62.96 19.65 3.17
CA THR B 253 -62.56 18.40 2.55
C THR B 253 -61.60 17.66 3.47
N LEU B 254 -61.73 16.34 3.49
CA LEU B 254 -60.77 15.48 4.17
C LEU B 254 -59.67 15.06 3.21
N GLU B 255 -58.42 15.20 3.65
CA GLU B 255 -57.28 14.85 2.80
C GLU B 255 -56.27 14.08 3.63
N TYR B 256 -55.75 12.99 3.06
CA TYR B 256 -54.78 12.14 3.76
C TYR B 256 -53.86 11.54 2.70
N TRP B 257 -52.73 12.20 2.45
CA TRP B 257 -51.77 11.78 1.44
C TRP B 257 -50.74 10.85 2.05
N VAL B 258 -50.55 9.67 1.45
CA VAL B 258 -49.63 8.65 1.96
C VAL B 258 -48.64 8.27 0.85
N THR B 259 -47.36 8.18 1.21
CA THR B 259 -46.30 7.70 0.33
C THR B 259 -45.46 6.69 1.11
N PRO B 260 -44.82 5.74 0.44
CA PRO B 260 -44.00 4.76 1.15
C PRO B 260 -42.62 5.28 1.53
N LEU B 261 -41.96 4.53 2.40
CA LEU B 261 -40.62 4.85 2.90
C LEU B 261 -39.64 3.75 2.53
N SER B 262 -38.36 4.13 2.44
CA SER B 262 -37.27 3.20 2.20
C SER B 262 -35.99 3.82 2.73
N ARG B 263 -34.94 3.02 2.84
CA ARG B 263 -33.68 3.47 3.42
C ARG B 263 -32.78 4.00 2.31
N ARG B 264 -32.49 5.29 2.35
CA ARG B 264 -31.73 5.94 1.28
C ARG B 264 -30.99 7.13 1.89
N GLN B 265 -30.03 7.64 1.13
CA GLN B 265 -29.14 8.70 1.59
C GLN B 265 -29.62 10.06 1.10
N TYR B 266 -29.66 11.03 2.00
CA TYR B 266 -30.04 12.40 1.69
C TYR B 266 -28.86 13.33 1.94
N LEU B 267 -29.01 14.57 1.49
CA LEU B 267 -28.13 15.67 1.86
C LEU B 267 -28.98 16.76 2.49
N LEU B 268 -28.80 16.99 3.79
CA LEU B 268 -29.64 17.90 4.55
C LEU B 268 -28.91 19.22 4.76
N ASN B 269 -29.67 20.29 4.90
CA ASN B 269 -29.13 21.63 5.08
C ASN B 269 -29.66 22.21 6.39
N PHE B 270 -28.76 22.53 7.30
CA PHE B 270 -29.10 23.11 8.59
C PHE B 270 -28.69 24.57 8.60
N ASP B 271 -29.57 25.43 9.08
CA ASP B 271 -29.32 26.86 9.10
C ASP B 271 -28.68 27.28 10.42
N GLU B 272 -28.68 28.59 10.69
CA GLU B 272 -28.10 29.15 11.91
C GLU B 272 -28.78 28.62 13.18
N HIS B 273 -30.11 28.55 13.19
CA HIS B 273 -30.85 28.11 14.37
C HIS B 273 -30.96 26.59 14.48
N GLY B 274 -30.44 25.84 13.51
CA GLY B 274 -30.49 24.40 13.57
C GLY B 274 -31.74 23.77 13.01
N VAL B 275 -32.41 24.42 12.09
CA VAL B 275 -33.62 23.92 11.45
C VAL B 275 -33.25 23.34 10.09
N ILE B 276 -33.90 22.26 9.69
CA ILE B 276 -33.72 21.74 8.34
C ILE B 276 -34.50 22.62 7.38
N THR B 277 -33.79 23.28 6.47
CA THR B 277 -34.43 24.16 5.51
C THR B 277 -34.40 23.64 4.09
N ASN B 278 -33.49 22.73 3.76
CA ASN B 278 -33.38 22.17 2.42
C ASN B 278 -32.95 20.72 2.52
N ALA B 279 -33.36 19.92 1.53
CA ALA B 279 -32.96 18.53 1.44
C ALA B 279 -32.97 18.12 -0.02
N VAL B 280 -32.16 17.12 -0.35
CA VAL B 280 -32.05 16.62 -1.71
C VAL B 280 -31.77 15.12 -1.68
N ASP B 281 -32.60 14.35 -2.38
CA ASP B 281 -32.40 12.91 -2.51
C ASP B 281 -31.27 12.65 -3.50
N CYS B 282 -30.22 11.97 -3.06
CA CYS B 282 -28.98 11.90 -3.82
C CYS B 282 -29.06 11.01 -5.05
N SER B 283 -30.10 10.21 -5.21
CA SER B 283 -30.21 9.29 -6.34
C SER B 283 -31.48 9.54 -7.15
N SER B 284 -31.90 10.80 -7.26
CA SER B 284 -33.12 11.12 -7.97
C SER B 284 -32.89 11.68 -9.37
N SER B 285 -31.79 12.40 -9.59
CA SER B 285 -31.52 13.02 -10.87
C SER B 285 -30.02 13.21 -11.03
N PHE B 286 -29.63 14.01 -12.03
CA PHE B 286 -28.21 14.26 -12.27
C PHE B 286 -27.72 15.48 -11.49
N LEU B 287 -28.58 16.50 -11.37
CA LEU B 287 -28.24 17.66 -10.54
C LEU B 287 -28.10 17.27 -9.08
N SER B 288 -28.94 16.34 -8.62
CA SER B 288 -28.82 15.79 -7.28
C SER B 288 -27.52 15.02 -7.10
N GLU B 289 -27.06 14.34 -8.16
CA GLU B 289 -25.79 13.64 -8.12
C GLU B 289 -24.62 14.61 -7.99
N ILE B 290 -24.67 15.73 -8.72
CA ILE B 290 -23.64 16.76 -8.60
C ILE B 290 -23.68 17.41 -7.22
N GLN B 291 -24.88 17.66 -6.70
CA GLN B 291 -25.04 18.27 -5.38
C GLN B 291 -24.56 17.36 -4.26
N CYS B 292 -24.71 16.05 -4.42
CA CYS B 292 -24.23 15.15 -3.39
C CYS B 292 -22.77 14.75 -3.57
N LYS B 293 -22.20 14.91 -4.76
CA LYS B 293 -20.78 14.68 -4.90
C LYS B 293 -19.94 15.89 -4.52
N THR B 294 -20.49 17.10 -4.64
CA THR B 294 -19.79 18.29 -4.18
C THR B 294 -20.17 18.67 -2.75
N GLN B 295 -21.19 18.04 -2.18
CA GLN B 295 -21.76 18.33 -0.86
C GLN B 295 -22.15 19.80 -0.74
N SER B 296 -22.73 20.34 -1.81
CA SER B 296 -23.09 21.74 -1.88
C SER B 296 -24.45 21.87 -2.56
N PHE B 297 -25.24 22.84 -2.11
CA PHE B 297 -26.51 23.12 -2.72
C PHE B 297 -26.41 24.11 -3.87
N ALA B 298 -25.21 24.61 -4.17
CA ALA B 298 -24.95 25.42 -5.36
C ALA B 298 -23.54 25.14 -5.82
N PRO B 299 -23.34 24.08 -6.63
CA PRO B 299 -21.99 23.77 -7.09
C PRO B 299 -21.57 24.67 -8.24
N ASN B 300 -20.26 24.73 -8.46
CA ASN B 300 -19.68 25.64 -9.42
C ASN B 300 -19.88 25.15 -10.84
N THR B 301 -19.56 26.02 -11.80
CA THR B 301 -19.57 25.66 -13.21
C THR B 301 -18.45 24.66 -13.50
N GLY B 302 -18.78 23.58 -14.18
CA GLY B 302 -17.76 22.59 -14.49
C GLY B 302 -18.37 21.40 -15.20
N VAL B 303 -17.49 20.54 -15.68
CA VAL B 303 -17.86 19.28 -16.33
C VAL B 303 -17.67 18.17 -15.31
N TYR B 304 -18.75 17.47 -14.99
CA TYR B 304 -18.75 16.43 -13.97
C TYR B 304 -19.00 15.09 -14.62
N ASP B 305 -18.04 14.19 -14.47
CA ASP B 305 -18.21 12.81 -14.90
C ASP B 305 -18.85 12.04 -13.76
N LEU B 306 -20.09 11.61 -13.98
CA LEU B 306 -20.90 11.06 -12.91
C LEU B 306 -20.65 9.56 -12.77
N SER B 307 -21.47 8.91 -11.95
CA SER B 307 -21.24 7.52 -11.60
C SER B 307 -21.54 6.60 -12.78
N GLY B 308 -20.86 5.45 -12.81
CA GLY B 308 -20.99 4.55 -13.93
C GLY B 308 -22.30 3.77 -13.88
N PHE B 309 -22.78 3.39 -15.06
CA PHE B 309 -23.97 2.59 -15.20
C PHE B 309 -23.68 1.34 -16.03
N THR B 310 -24.67 0.45 -16.06
CA THR B 310 -24.62 -0.77 -16.86
C THR B 310 -26.00 -1.00 -17.45
N VAL B 311 -26.05 -1.47 -18.69
CA VAL B 311 -27.32 -1.77 -19.34
C VAL B 311 -27.96 -2.96 -18.65
N LYS B 312 -29.22 -2.80 -18.22
CA LYS B 312 -29.92 -3.77 -17.40
C LYS B 312 -30.26 -5.02 -18.22
N PRO B 313 -30.22 -6.20 -17.60
CA PRO B 313 -30.59 -7.42 -18.32
C PRO B 313 -32.09 -7.53 -18.52
N VAL B 314 -32.47 -8.01 -19.69
CA VAL B 314 -33.88 -8.08 -20.08
C VAL B 314 -34.51 -9.38 -19.63
N ALA B 315 -33.88 -10.52 -19.92
CA ALA B 315 -34.45 -11.82 -19.58
C ALA B 315 -33.46 -12.67 -18.80
N THR B 316 -33.78 -13.96 -18.64
CA THR B 316 -32.94 -14.89 -17.90
C THR B 316 -32.92 -16.22 -18.65
N VAL B 317 -31.73 -16.63 -19.09
CA VAL B 317 -31.55 -17.87 -19.84
C VAL B 317 -31.20 -18.98 -18.85
N TYR B 318 -32.00 -20.04 -18.85
CA TYR B 318 -31.83 -21.14 -17.91
C TYR B 318 -31.71 -22.44 -18.68
N ARG B 319 -30.65 -23.20 -18.40
CA ARG B 319 -30.35 -24.43 -19.12
C ARG B 319 -30.03 -25.53 -18.11
N ARG B 320 -30.74 -26.66 -18.22
CA ARG B 320 -30.50 -27.83 -17.38
C ARG B 320 -30.68 -29.09 -18.21
N ILE B 321 -30.03 -30.15 -17.77
CA ILE B 321 -30.15 -31.45 -18.42
C ILE B 321 -31.38 -32.16 -17.87
N PRO B 322 -32.38 -32.47 -18.68
CA PRO B 322 -33.59 -33.11 -18.17
C PRO B 322 -33.46 -34.63 -18.09
N ASN B 323 -34.29 -35.20 -17.21
CA ASN B 323 -34.47 -36.64 -17.04
C ASN B 323 -33.16 -37.34 -16.63
N LEU B 324 -32.54 -36.80 -15.60
CA LEU B 324 -31.42 -37.48 -14.97
C LEU B 324 -31.89 -38.28 -13.76
N PRO B 325 -31.22 -39.37 -13.39
CA PRO B 325 -31.65 -40.14 -12.23
C PRO B 325 -31.34 -39.42 -10.92
N ASP B 326 -31.81 -40.01 -9.83
CA ASP B 326 -31.56 -39.49 -8.51
C ASP B 326 -30.21 -39.95 -7.98
N CYS B 327 -29.57 -39.11 -7.18
CA CYS B 327 -28.25 -39.45 -6.65
C CYS B 327 -28.37 -40.53 -5.58
N ASP B 328 -29.45 -40.50 -4.80
CA ASP B 328 -29.80 -41.50 -3.79
C ASP B 328 -28.72 -41.60 -2.70
N ILE B 329 -28.44 -40.45 -2.09
CA ILE B 329 -27.42 -40.41 -1.04
C ILE B 329 -27.98 -40.93 0.28
N ASP B 330 -29.28 -40.76 0.51
CA ASP B 330 -29.87 -41.18 1.78
C ASP B 330 -30.00 -42.70 1.87
N ASN B 331 -30.06 -43.38 0.72
CA ASN B 331 -30.05 -44.84 0.76
C ASN B 331 -28.67 -45.38 1.12
N TRP B 332 -27.61 -44.65 0.75
CA TRP B 332 -26.27 -45.08 1.13
C TRP B 332 -25.93 -44.67 2.56
N LEU B 333 -26.49 -43.55 3.03
CA LEU B 333 -26.19 -43.12 4.39
C LEU B 333 -26.93 -43.96 5.43
N ASN B 334 -28.10 -44.48 5.09
CA ASN B 334 -28.88 -45.31 6.00
C ASN B 334 -28.65 -46.80 5.78
N ASN B 335 -27.52 -47.18 5.23
CA ASN B 335 -27.21 -48.59 5.02
C ASN B 335 -26.90 -49.27 6.35
N VAL B 336 -27.07 -50.58 6.40
CA VAL B 336 -26.92 -51.32 7.64
C VAL B 336 -25.45 -51.47 8.01
N SER B 337 -24.62 -51.87 7.06
CA SER B 337 -23.20 -52.06 7.30
C SER B 337 -22.51 -50.70 7.42
N VAL B 338 -21.96 -50.41 8.61
CA VAL B 338 -21.31 -49.14 8.90
C VAL B 338 -19.82 -49.42 9.09
N PRO B 339 -18.93 -48.70 8.42
CA PRO B 339 -17.50 -48.95 8.58
C PRO B 339 -16.92 -48.24 9.80
N SER B 340 -15.67 -48.58 10.09
CA SER B 340 -14.89 -47.96 11.15
C SER B 340 -14.02 -46.86 10.57
N PRO B 341 -13.37 -46.03 11.40
CA PRO B 341 -12.38 -45.08 10.85
C PRO B 341 -11.17 -45.74 10.21
N LEU B 342 -10.87 -47.00 10.53
CA LEU B 342 -9.71 -47.65 9.94
C LEU B 342 -9.96 -48.04 8.49
N ASN B 343 -11.20 -48.37 8.13
CA ASN B 343 -11.56 -48.77 6.78
C ASN B 343 -12.76 -47.96 6.28
N TRP B 344 -12.66 -46.63 6.38
CA TRP B 344 -13.72 -45.74 5.93
C TRP B 344 -13.95 -45.88 4.43
N GLU B 345 -15.22 -45.79 4.04
CA GLU B 345 -15.65 -46.05 2.68
C GLU B 345 -16.01 -44.73 1.99
N ARG B 346 -15.97 -44.76 0.66
CA ARG B 346 -16.24 -43.60 -0.17
C ARG B 346 -17.17 -43.99 -1.30
N ARG B 347 -18.16 -43.13 -1.58
CA ARG B 347 -18.97 -43.25 -2.77
C ARG B 347 -18.96 -41.92 -3.50
N ILE B 348 -18.84 -41.98 -4.83
CA ILE B 348 -18.80 -40.79 -5.69
C ILE B 348 -20.12 -40.71 -6.43
N PHE B 349 -20.74 -39.53 -6.40
CA PHE B 349 -22.02 -39.27 -7.05
C PHE B 349 -21.83 -38.25 -8.15
N SER B 350 -22.19 -38.63 -9.38
CA SER B 350 -22.13 -37.70 -10.49
C SER B 350 -23.22 -38.06 -11.49
N ASN B 351 -23.56 -37.07 -12.33
CA ASN B 351 -24.60 -37.16 -13.37
C ASN B 351 -25.96 -37.56 -12.80
N CYS B 352 -26.39 -36.82 -11.79
CA CYS B 352 -27.65 -37.13 -11.13
C CYS B 352 -28.24 -35.86 -10.54
N ASN B 353 -29.44 -36.00 -9.98
CA ASN B 353 -30.14 -34.91 -9.32
C ASN B 353 -30.31 -35.24 -7.84
N PHE B 354 -30.31 -34.19 -7.02
CA PHE B 354 -30.49 -34.34 -5.58
C PHE B 354 -31.04 -33.03 -5.04
N ASN B 355 -31.60 -33.09 -3.84
CA ASN B 355 -31.91 -31.87 -3.12
C ASN B 355 -31.64 -32.10 -1.64
N LEU B 356 -31.38 -31.01 -0.92
CA LEU B 356 -30.97 -31.12 0.47
C LEU B 356 -32.15 -31.23 1.42
N SER B 357 -33.36 -30.89 0.98
CA SER B 357 -34.52 -30.94 1.85
C SER B 357 -34.91 -32.39 2.18
N THR B 358 -35.06 -33.21 1.15
CA THR B 358 -35.39 -34.62 1.35
C THR B 358 -34.25 -35.37 2.02
N LEU B 359 -33.01 -34.99 1.70
CA LEU B 359 -31.85 -35.63 2.31
C LEU B 359 -31.76 -35.31 3.80
N LEU B 360 -32.00 -34.05 4.18
CA LEU B 360 -31.92 -33.69 5.58
C LEU B 360 -33.17 -34.07 6.36
N ARG B 361 -34.28 -34.38 5.71
CA ARG B 361 -35.43 -34.88 6.45
C ARG B 361 -35.51 -36.40 6.50
N LEU B 362 -34.79 -37.11 5.63
CA LEU B 362 -34.87 -38.57 5.63
C LEU B 362 -33.75 -39.22 6.45
N VAL B 363 -32.71 -38.50 6.81
CA VAL B 363 -31.75 -38.97 7.78
C VAL B 363 -31.92 -38.17 9.07
N HIS B 364 -31.53 -38.77 10.18
CA HIS B 364 -31.76 -38.18 11.50
C HIS B 364 -30.58 -37.29 11.84
N VAL B 365 -30.66 -36.03 11.44
CA VAL B 365 -29.53 -35.10 11.50
C VAL B 365 -29.33 -34.64 12.93
N ASP B 366 -28.10 -34.78 13.44
CA ASP B 366 -27.69 -34.11 14.65
C ASP B 366 -27.11 -32.73 14.36
N SER B 367 -26.25 -32.63 13.34
CA SER B 367 -25.63 -31.37 12.98
C SER B 367 -25.28 -31.41 11.50
N PHE B 368 -25.25 -30.22 10.88
CA PHE B 368 -24.88 -30.11 9.46
C PHE B 368 -24.21 -28.76 9.26
N SER B 369 -22.89 -28.76 9.16
CA SER B 369 -22.11 -27.54 8.99
C SER B 369 -21.23 -27.68 7.76
N CYS B 370 -20.91 -26.54 7.15
CA CYS B 370 -20.13 -26.52 5.92
C CYS B 370 -18.90 -25.65 6.11
N ASN B 371 -17.91 -25.84 5.24
CA ASN B 371 -16.64 -25.15 5.32
C ASN B 371 -16.21 -24.73 3.92
N ASN B 372 -15.83 -23.45 3.78
CA ASN B 372 -15.53 -22.79 2.49
C ASN B 372 -16.71 -22.87 1.52
N LEU B 373 -17.93 -22.88 2.05
CA LEU B 373 -19.16 -22.99 1.29
C LEU B 373 -20.27 -22.49 2.18
N ASP B 374 -21.51 -22.57 1.67
CA ASP B 374 -22.67 -22.18 2.45
C ASP B 374 -23.87 -23.00 2.03
N LYS B 375 -24.69 -23.35 3.03
CA LYS B 375 -25.89 -24.16 2.81
C LYS B 375 -26.90 -23.44 1.92
N SER B 376 -26.98 -22.11 2.04
CA SER B 376 -27.90 -21.33 1.21
C SER B 376 -27.46 -21.22 -0.24
N LYS B 377 -26.24 -21.64 -0.56
CA LYS B 377 -25.73 -21.57 -1.92
C LYS B 377 -25.82 -22.90 -2.67
N ILE B 378 -25.96 -24.01 -1.96
CA ILE B 378 -26.05 -25.32 -2.62
C ILE B 378 -27.39 -25.52 -3.33
N PHE B 379 -28.42 -24.73 -2.97
CA PHE B 379 -29.79 -25.05 -3.35
C PHE B 379 -30.06 -24.95 -4.85
N GLY B 380 -29.34 -24.09 -5.57
CA GLY B 380 -29.58 -24.01 -6.99
C GLY B 380 -28.37 -24.35 -7.85
N SER B 381 -27.32 -24.86 -7.22
CA SER B 381 -26.03 -25.00 -7.88
C SER B 381 -25.88 -26.34 -8.59
N CYS B 382 -24.96 -26.36 -9.54
CA CYS B 382 -24.55 -27.58 -10.22
C CYS B 382 -23.07 -27.84 -9.93
N PHE B 383 -22.69 -29.12 -9.90
CA PHE B 383 -21.35 -29.52 -9.53
C PHE B 383 -20.87 -30.61 -10.47
N ASN B 384 -19.55 -30.80 -10.49
CA ASN B 384 -18.98 -31.90 -11.27
C ASN B 384 -19.32 -33.26 -10.65
N SER B 385 -18.92 -33.46 -9.39
CA SER B 385 -19.22 -34.68 -8.68
C SER B 385 -19.22 -34.38 -7.18
N ILE B 386 -19.93 -35.19 -6.43
CA ILE B 386 -19.95 -35.12 -4.97
C ILE B 386 -19.35 -36.39 -4.42
N THR B 387 -18.40 -36.24 -3.51
CA THR B 387 -17.75 -37.36 -2.83
C THR B 387 -18.23 -37.39 -1.39
N VAL B 388 -18.76 -38.55 -0.97
CA VAL B 388 -19.26 -38.72 0.39
C VAL B 388 -18.48 -39.86 1.06
N ASP B 389 -17.85 -39.56 2.19
CA ASP B 389 -17.19 -40.55 3.02
C ASP B 389 -18.00 -40.75 4.29
N LYS B 390 -17.85 -41.91 4.92
CA LYS B 390 -18.60 -42.19 6.15
C LYS B 390 -17.87 -43.23 6.99
N PHE B 391 -18.03 -43.10 8.31
CA PHE B 391 -17.62 -44.10 9.29
C PHE B 391 -18.36 -43.84 10.59
N ALA B 392 -18.38 -44.85 11.45
CA ALA B 392 -18.93 -44.71 12.78
C ALA B 392 -17.93 -44.04 13.71
N ILE B 393 -18.45 -43.33 14.71
CA ILE B 393 -17.64 -42.51 15.60
C ILE B 393 -17.42 -43.25 16.91
N PRO B 394 -16.18 -43.37 17.39
CA PRO B 394 -15.97 -43.77 18.79
C PRO B 394 -16.45 -42.67 19.72
N ASN B 395 -16.96 -43.08 20.88
CA ASN B 395 -17.64 -42.14 21.77
C ASN B 395 -16.67 -41.18 22.44
N ARG B 396 -15.48 -41.65 22.79
CA ARG B 396 -14.51 -40.80 23.48
C ARG B 396 -13.58 -40.07 22.52
N ARG B 397 -13.72 -40.29 21.21
CA ARG B 397 -12.89 -39.64 20.22
C ARG B 397 -13.70 -38.76 19.27
N ARG B 398 -14.84 -38.23 19.71
CA ARG B 398 -15.68 -37.41 18.83
C ARG B 398 -15.04 -36.05 18.59
N ASP B 399 -14.26 -35.56 19.55
CA ASP B 399 -13.67 -34.24 19.45
C ASP B 399 -12.50 -34.17 18.47
N ASP B 400 -12.00 -35.31 17.99
CA ASP B 400 -10.92 -35.29 17.01
C ASP B 400 -11.41 -34.92 15.61
N LEU B 401 -12.72 -34.86 15.39
CA LEU B 401 -13.27 -34.60 14.09
C LEU B 401 -13.49 -33.11 13.82
N GLN B 402 -12.97 -32.24 14.67
CA GLN B 402 -13.00 -30.81 14.41
C GLN B 402 -12.02 -30.47 13.30
N LEU B 403 -12.32 -29.40 12.57
CA LEU B 403 -11.51 -29.02 11.42
C LEU B 403 -10.19 -28.41 11.90
N GLY B 404 -9.09 -28.87 11.31
CA GLY B 404 -7.78 -28.40 11.70
C GLY B 404 -7.24 -28.99 12.98
N SER B 405 -7.82 -30.08 13.46
CA SER B 405 -7.41 -30.68 14.72
C SER B 405 -6.43 -31.82 14.50
N SER B 406 -5.60 -32.05 15.50
CA SER B 406 -4.77 -33.24 15.56
C SER B 406 -5.57 -34.36 16.22
N GLY B 407 -4.90 -35.45 16.58
CA GLY B 407 -5.56 -36.56 17.21
C GLY B 407 -5.29 -37.86 16.48
N PHE B 408 -5.87 -38.93 17.02
CA PHE B 408 -5.66 -40.24 16.41
C PHE B 408 -6.47 -40.38 15.12
N LEU B 409 -7.70 -39.86 15.10
CA LEU B 409 -8.57 -40.03 13.95
C LEU B 409 -8.09 -39.28 12.73
N GLN B 410 -7.55 -38.07 12.91
CA GLN B 410 -7.14 -37.27 11.76
C GLN B 410 -5.66 -37.40 11.43
N SER B 411 -4.89 -38.19 12.18
CA SER B 411 -3.51 -38.45 11.82
C SER B 411 -3.23 -39.92 11.54
N SER B 412 -4.17 -40.81 11.82
CA SER B 412 -3.98 -42.22 11.52
C SER B 412 -5.14 -42.87 10.79
N ASN B 413 -6.31 -42.24 10.73
CA ASN B 413 -7.47 -42.85 10.10
C ASN B 413 -8.00 -42.05 8.93
N TYR B 414 -8.31 -40.76 9.10
CA TYR B 414 -8.98 -39.99 8.06
C TYR B 414 -8.69 -38.51 8.29
N LYS B 415 -7.87 -37.92 7.43
CA LYS B 415 -7.57 -36.49 7.50
C LYS B 415 -8.58 -35.71 6.69
N ILE B 416 -9.14 -34.67 7.29
CA ILE B 416 -10.11 -33.80 6.62
C ILE B 416 -9.35 -32.65 5.96
N ASP B 417 -9.58 -32.47 4.65
CA ASP B 417 -8.93 -31.39 3.92
C ASP B 417 -9.62 -30.07 4.23
N ILE B 418 -8.87 -29.10 4.76
CA ILE B 418 -9.42 -27.82 5.17
C ILE B 418 -9.39 -26.78 4.06
N SER B 419 -8.92 -27.15 2.87
CA SER B 419 -8.85 -26.22 1.75
C SER B 419 -9.85 -26.52 0.65
N SER B 420 -10.83 -27.39 0.92
CA SER B 420 -11.86 -27.72 -0.05
C SER B 420 -13.19 -27.11 0.36
N SER B 421 -14.14 -27.13 -0.57
CA SER B 421 -15.53 -26.80 -0.26
C SER B 421 -16.21 -28.08 0.22
N SER B 422 -16.48 -28.15 1.53
CA SER B 422 -16.96 -29.38 2.12
C SER B 422 -18.09 -29.07 3.10
N CYS B 423 -18.77 -30.13 3.52
CA CYS B 423 -19.82 -30.06 4.53
C CYS B 423 -19.75 -31.29 5.40
N GLN B 424 -19.74 -31.09 6.72
CA GLN B 424 -19.64 -32.18 7.69
C GLN B 424 -21.00 -32.44 8.30
N LEU B 425 -21.45 -33.70 8.20
CA LEU B 425 -22.79 -34.09 8.64
C LEU B 425 -22.66 -35.12 9.75
N TYR B 426 -23.41 -34.93 10.83
CA TYR B 426 -23.49 -35.89 11.92
C TYR B 426 -24.93 -36.41 11.97
N TYR B 427 -25.08 -37.73 11.99
CA TYR B 427 -26.40 -38.33 12.02
C TYR B 427 -26.33 -39.63 12.83
N SER B 428 -27.43 -40.39 12.81
CA SER B 428 -27.51 -41.58 13.64
C SER B 428 -28.51 -42.57 13.02
N LEU B 429 -28.43 -43.81 13.48
CA LEU B 429 -29.27 -44.90 13.03
C LEU B 429 -29.83 -45.66 14.23
N PRO B 430 -30.97 -46.32 14.08
CA PRO B 430 -31.46 -47.19 15.16
C PRO B 430 -30.59 -48.44 15.29
N LEU B 431 -30.53 -48.96 16.50
CA LEU B 431 -29.63 -50.08 16.83
C LEU B 431 -30.16 -51.43 16.39
N VAL B 432 -31.29 -51.50 15.69
CA VAL B 432 -31.87 -52.77 15.30
C VAL B 432 -31.03 -53.42 14.19
N ASN B 433 -30.91 -52.74 13.06
CA ASN B 433 -30.12 -53.24 11.93
C ASN B 433 -28.89 -52.35 11.78
N VAL B 434 -27.85 -52.67 12.56
CA VAL B 434 -26.56 -51.98 12.48
C VAL B 434 -25.48 -53.04 12.69
N THR B 435 -24.53 -53.10 11.78
CA THR B 435 -23.40 -54.01 11.88
C THR B 435 -22.13 -53.22 11.57
N ILE B 436 -21.21 -53.19 12.53
CA ILE B 436 -19.96 -52.46 12.34
C ILE B 436 -18.99 -53.33 11.55
N ASN B 437 -18.45 -52.78 10.47
CA ASN B 437 -17.55 -53.50 9.58
C ASN B 437 -16.11 -53.16 9.97
N ASN B 438 -15.54 -53.97 10.86
CA ASN B 438 -14.17 -53.78 11.33
C ASN B 438 -13.25 -54.62 10.47
N PHE B 439 -12.81 -54.03 9.35
CA PHE B 439 -11.93 -54.69 8.41
C PHE B 439 -10.58 -53.97 8.39
N ASN B 440 -9.51 -54.74 8.19
CA ASN B 440 -8.18 -54.16 8.08
C ASN B 440 -7.80 -54.09 6.62
N PRO B 441 -7.63 -52.90 6.03
CA PRO B 441 -7.36 -52.82 4.59
C PRO B 441 -5.88 -52.91 4.21
N SER B 442 -4.97 -53.11 5.16
CA SER B 442 -3.55 -53.09 4.86
C SER B 442 -3.14 -54.39 4.18
N SER B 443 -2.33 -54.26 3.13
CA SER B 443 -1.96 -55.43 2.33
C SER B 443 -0.85 -56.24 2.96
N TRP B 444 0.17 -55.58 3.52
CA TRP B 444 1.26 -56.33 4.12
C TRP B 444 0.91 -56.90 5.49
N ASN B 445 -0.10 -56.34 6.16
CA ASN B 445 -0.57 -56.97 7.39
C ASN B 445 -1.37 -58.23 7.10
N ARG B 446 -2.19 -58.21 6.06
CA ARG B 446 -2.95 -59.38 5.69
C ARG B 446 -2.12 -60.41 4.93
N ARG B 447 -0.96 -60.01 4.40
CA ARG B 447 -0.06 -60.96 3.77
C ARG B 447 0.56 -61.90 4.80
N TYR B 448 0.88 -61.39 5.99
CA TYR B 448 1.52 -62.17 7.03
C TYR B 448 0.55 -62.60 8.12
N GLY B 449 -0.71 -62.82 7.76
CA GLY B 449 -1.63 -63.54 8.62
C GLY B 449 -2.48 -62.74 9.59
N PHE B 450 -2.99 -61.59 9.16
CA PHE B 450 -4.00 -60.90 9.96
C PHE B 450 -5.36 -61.50 9.69
N GLY B 451 -6.01 -62.00 10.74
CA GLY B 451 -7.32 -62.57 10.56
C GLY B 451 -8.48 -61.62 10.83
N SER B 452 -8.55 -61.06 12.03
CA SER B 452 -9.70 -60.30 12.49
C SER B 452 -9.38 -59.61 13.80
N PHE B 453 -10.27 -58.72 14.21
CA PHE B 453 -10.31 -58.22 15.57
C PHE B 453 -11.37 -58.99 16.35
N ASN B 454 -11.20 -59.09 17.67
CA ASN B 454 -12.25 -59.62 18.53
C ASN B 454 -12.73 -58.47 19.42
N VAL B 455 -13.87 -57.90 19.05
CA VAL B 455 -14.53 -56.85 19.81
C VAL B 455 -16.01 -57.19 19.90
N SER B 456 -16.78 -56.27 20.49
CA SER B 456 -18.21 -56.47 20.68
C SER B 456 -18.97 -56.18 19.40
N SER B 457 -20.30 -56.11 19.48
CA SER B 457 -21.10 -55.92 18.28
C SER B 457 -21.24 -54.44 17.92
N TYR B 458 -21.02 -53.54 18.86
CA TYR B 458 -21.13 -52.11 18.61
C TYR B 458 -19.82 -51.39 18.91
N ASP B 459 -18.69 -52.08 18.78
CA ASP B 459 -17.39 -51.47 19.01
C ASP B 459 -16.77 -51.04 17.69
N VAL B 460 -16.23 -49.83 17.66
CA VAL B 460 -15.64 -49.24 16.48
C VAL B 460 -14.14 -49.16 16.67
N VAL B 461 -13.39 -49.81 15.79
CA VAL B 461 -11.94 -49.94 15.91
C VAL B 461 -11.27 -48.81 15.14
N TYR B 462 -10.35 -48.09 15.81
CA TYR B 462 -9.52 -47.10 15.16
C TYR B 462 -8.05 -47.41 15.46
N SER B 463 -7.17 -46.66 14.81
CA SER B 463 -5.74 -46.90 14.91
C SER B 463 -5.04 -45.73 15.60
N ASP B 464 -3.99 -46.06 16.35
CA ASP B 464 -3.18 -45.07 17.07
C ASP B 464 -1.89 -44.74 16.35
N HIS B 465 -1.20 -45.73 15.80
CA HIS B 465 0.02 -45.52 15.03
C HIS B 465 -0.10 -46.26 13.71
N CYS B 466 0.46 -45.67 12.66
CA CYS B 466 0.51 -46.28 11.34
C CYS B 466 1.95 -46.40 10.88
N PHE B 467 2.25 -47.50 10.19
CA PHE B 467 3.62 -47.82 9.78
C PHE B 467 3.65 -48.14 8.30
N SER B 468 4.77 -47.80 7.67
CA SER B 468 4.97 -48.03 6.25
C SER B 468 6.30 -48.75 6.02
N VAL B 469 6.22 -49.87 5.30
CA VAL B 469 7.39 -50.70 5.03
C VAL B 469 7.64 -50.71 3.53
N ASN B 470 8.77 -51.30 3.15
CA ASN B 470 9.10 -51.49 1.74
C ASN B 470 8.38 -52.71 1.19
N SER B 471 8.52 -52.92 -0.12
CA SER B 471 7.84 -54.03 -0.78
C SER B 471 8.51 -55.37 -0.56
N ASP B 472 9.72 -55.39 0.01
CA ASP B 472 10.42 -56.62 0.33
C ASP B 472 10.52 -56.86 1.83
N PHE B 473 9.48 -56.49 2.58
CA PHE B 473 9.48 -56.67 4.02
C PHE B 473 9.10 -58.09 4.39
N CYS B 474 9.80 -58.65 5.37
CA CYS B 474 9.45 -59.94 5.94
C CYS B 474 9.81 -59.87 7.43
N PRO B 475 8.89 -60.25 8.32
CA PRO B 475 9.17 -60.16 9.75
C PRO B 475 9.90 -61.37 10.35
N CYS B 476 10.06 -62.44 9.60
CA CYS B 476 10.71 -63.65 10.09
C CYS B 476 12.21 -63.60 9.81
N ALA B 477 12.97 -64.28 10.67
CA ALA B 477 14.42 -64.34 10.54
C ALA B 477 14.85 -65.59 9.80
N ASP B 478 16.09 -65.59 9.34
CA ASP B 478 16.63 -66.68 8.54
C ASP B 478 16.89 -67.90 9.42
N PRO B 479 16.22 -69.03 9.20
CA PRO B 479 16.40 -70.19 10.09
C PRO B 479 17.73 -70.92 9.92
N SER B 480 18.56 -70.53 8.96
CA SER B 480 19.90 -71.12 8.85
C SER B 480 20.94 -70.33 9.62
N VAL B 481 20.91 -69.00 9.55
CA VAL B 481 21.82 -68.16 10.31
C VAL B 481 21.51 -68.17 11.80
N VAL B 482 20.26 -68.45 12.19
CA VAL B 482 19.86 -68.30 13.58
C VAL B 482 20.15 -69.53 14.43
N ASN B 483 20.56 -70.64 13.81
CA ASN B 483 20.91 -71.84 14.56
C ASN B 483 22.20 -71.71 15.35
N SER B 484 23.05 -70.75 15.00
CA SER B 484 24.33 -70.56 15.66
C SER B 484 24.27 -69.69 16.91
N CYS B 485 23.07 -69.35 17.37
CA CYS B 485 22.91 -68.39 18.46
C CYS B 485 22.47 -69.08 19.75
N VAL B 486 22.84 -68.48 20.88
CA VAL B 486 22.49 -68.98 22.20
C VAL B 486 21.54 -68.04 22.92
N LYS B 487 22.00 -66.81 23.19
CA LYS B 487 21.16 -65.83 23.86
C LYS B 487 20.32 -65.07 22.84
N SER B 488 19.04 -64.92 23.15
CA SER B 488 18.04 -64.24 22.31
C SER B 488 17.94 -64.87 20.93
N LYS B 489 17.60 -66.16 20.92
CA LYS B 489 17.35 -66.88 19.68
C LYS B 489 15.86 -66.82 19.39
N PRO B 490 15.41 -66.06 18.41
CA PRO B 490 13.98 -65.90 18.18
C PRO B 490 13.43 -66.97 17.27
N LEU B 491 12.13 -66.85 16.99
CA LEU B 491 11.47 -67.74 16.05
C LEU B 491 11.93 -67.44 14.62
N SER B 492 11.70 -68.40 13.74
CA SER B 492 12.12 -68.27 12.36
C SER B 492 11.19 -69.05 11.45
N ALA B 493 11.14 -68.63 10.19
CA ALA B 493 10.35 -69.28 9.16
C ALA B 493 10.95 -68.91 7.81
N ILE B 494 10.26 -69.27 6.74
CA ILE B 494 10.77 -69.10 5.38
C ILE B 494 10.02 -67.95 4.72
N CYS B 495 10.74 -66.90 4.36
CA CYS B 495 10.15 -65.74 3.69
C CYS B 495 9.92 -66.05 2.21
N PRO B 496 8.91 -65.43 1.60
CA PRO B 496 8.66 -65.67 0.16
C PRO B 496 9.73 -65.04 -0.71
N ALA B 497 9.67 -65.36 -2.00
CA ALA B 497 10.67 -64.93 -2.94
C ALA B 497 10.56 -63.43 -3.22
N GLY B 498 11.71 -62.76 -3.29
CA GLY B 498 11.75 -61.33 -3.52
C GLY B 498 11.80 -60.49 -2.27
N THR B 499 11.88 -61.10 -1.10
CA THR B 499 11.91 -60.38 0.17
C THR B 499 13.22 -60.66 0.89
N LYS B 500 13.57 -59.77 1.81
CA LYS B 500 14.74 -59.94 2.65
C LYS B 500 14.34 -60.49 4.01
N TYR B 501 15.25 -61.23 4.63
CA TYR B 501 14.99 -61.74 5.96
C TYR B 501 15.17 -60.63 7.00
N ARG B 502 14.67 -60.90 8.20
CA ARG B 502 14.86 -59.99 9.33
C ARG B 502 16.33 -60.01 9.74
N HIS B 503 16.93 -58.82 9.79
CA HIS B 503 18.36 -58.70 10.02
C HIS B 503 18.70 -59.01 11.47
N CYS B 504 19.42 -60.10 11.70
CA CYS B 504 19.86 -60.49 13.03
C CYS B 504 21.36 -60.72 12.99
N ASP B 505 22.12 -59.85 13.67
CA ASP B 505 23.57 -60.00 13.70
C ASP B 505 23.96 -61.09 14.69
N LEU B 506 25.20 -61.57 14.56
CA LEU B 506 25.79 -62.56 15.45
C LEU B 506 26.92 -61.88 16.21
N ASP B 507 26.57 -61.27 17.34
CA ASP B 507 27.51 -60.50 18.15
C ASP B 507 28.35 -61.44 19.01
N THR B 508 29.59 -61.02 19.26
CA THR B 508 30.51 -61.77 20.12
C THR B 508 30.71 -60.99 21.40
N THR B 509 29.92 -61.33 22.42
CA THR B 509 30.07 -60.72 23.74
C THR B 509 31.17 -61.43 24.51
N LEU B 510 31.54 -60.85 25.66
CA LEU B 510 32.53 -61.46 26.54
C LEU B 510 31.97 -62.68 27.27
N TYR B 511 30.64 -62.81 27.33
CA TYR B 511 29.98 -63.97 27.93
C TYR B 511 29.56 -64.99 26.89
N VAL B 512 28.78 -64.57 25.89
CA VAL B 512 28.32 -65.44 24.81
C VAL B 512 29.03 -65.03 23.53
N ASN B 513 29.74 -65.98 22.92
CA ASN B 513 30.52 -65.69 21.72
C ASN B 513 29.66 -65.58 20.47
N ASN B 514 28.45 -66.14 20.48
CA ASN B 514 27.58 -66.09 19.31
C ASN B 514 26.14 -66.00 19.81
N TRP B 515 25.60 -64.79 19.87
CA TRP B 515 24.22 -64.57 20.28
C TRP B 515 23.55 -63.59 19.31
N CYS B 516 22.29 -63.86 19.00
CA CYS B 516 21.56 -63.09 18.01
C CYS B 516 20.94 -61.84 18.62
N ARG B 517 21.05 -60.74 17.90
CA ARG B 517 20.35 -59.50 18.23
C ARG B 517 19.71 -58.95 16.96
N CYS B 518 18.38 -58.93 16.92
CA CYS B 518 17.64 -58.53 15.74
C CYS B 518 17.18 -57.08 15.87
N SER B 519 16.41 -56.63 14.89
CA SER B 519 15.91 -55.26 14.83
C SER B 519 14.48 -55.19 15.38
N CYS B 520 14.03 -53.94 15.58
CA CYS B 520 12.71 -53.60 16.15
C CYS B 520 12.49 -54.26 17.49
N LEU B 521 13.38 -53.97 18.44
CA LEU B 521 13.26 -54.51 19.79
C LEU B 521 12.89 -53.40 20.76
N PRO B 522 11.91 -53.60 21.65
CA PRO B 522 11.06 -54.79 21.79
C PRO B 522 9.90 -54.81 20.80
N ASP B 523 9.53 -53.63 20.30
CA ASP B 523 8.44 -53.46 19.36
C ASP B 523 8.71 -52.20 18.55
N PRO B 524 8.14 -52.08 17.35
CA PRO B 524 8.41 -50.88 16.53
C PRO B 524 7.83 -49.60 17.10
N ILE B 525 6.83 -49.66 17.97
CA ILE B 525 6.31 -48.47 18.61
C ILE B 525 7.29 -47.93 19.64
N SER B 526 7.86 -48.80 20.46
CA SER B 526 8.75 -48.41 21.55
C SER B 526 10.15 -48.95 21.33
N THR B 527 10.66 -48.83 20.11
CA THR B 527 12.04 -49.21 19.83
C THR B 527 12.98 -48.09 20.26
N TYR B 528 14.25 -48.45 20.46
CA TYR B 528 15.25 -47.48 20.88
C TYR B 528 16.15 -47.02 19.75
N SER B 529 16.21 -47.77 18.65
CA SER B 529 16.98 -47.42 17.46
C SER B 529 16.06 -47.52 16.25
N PRO B 530 15.35 -46.44 15.91
CA PRO B 530 14.40 -46.52 14.79
C PRO B 530 15.05 -46.51 13.42
N ASN B 531 16.36 -46.29 13.32
CA ASN B 531 17.03 -46.30 12.03
C ASN B 531 17.29 -47.71 11.51
N THR B 532 17.33 -48.71 12.39
CA THR B 532 17.52 -50.09 11.97
C THR B 532 16.21 -50.82 11.73
N CYS B 533 15.12 -50.38 12.35
CA CYS B 533 13.82 -51.02 12.14
C CYS B 533 13.26 -50.63 10.78
N PRO B 534 12.85 -51.58 9.96
CA PRO B 534 12.28 -51.24 8.65
C PRO B 534 10.81 -50.83 8.67
N GLN B 535 10.23 -50.57 9.85
CA GLN B 535 8.87 -50.07 9.95
C GLN B 535 8.93 -48.60 10.35
N LYS B 536 8.51 -47.72 9.45
CA LYS B 536 8.64 -46.29 9.64
C LYS B 536 7.31 -45.68 10.04
N LYS B 537 7.33 -44.90 11.12
CA LYS B 537 6.13 -44.25 11.64
C LYS B 537 5.73 -43.10 10.71
N VAL B 538 4.54 -43.20 10.13
CA VAL B 538 4.07 -42.26 9.13
C VAL B 538 2.74 -41.65 9.57
N VAL B 539 2.36 -40.58 8.90
CA VAL B 539 1.08 -39.90 9.11
C VAL B 539 0.22 -40.17 7.89
N VAL B 540 -1.10 -40.22 8.09
CA VAL B 540 -2.02 -40.49 7.00
C VAL B 540 -2.19 -39.25 6.14
N GLY B 541 -2.27 -39.45 4.82
CA GLY B 541 -2.46 -38.37 3.89
C GLY B 541 -3.93 -38.20 3.51
N ILE B 542 -4.16 -37.20 2.64
CA ILE B 542 -5.51 -36.90 2.21
C ILE B 542 -5.94 -37.91 1.15
N GLY B 543 -7.04 -38.61 1.41
CA GLY B 543 -7.57 -39.58 0.48
C GLY B 543 -7.02 -40.97 0.62
N GLU B 544 -6.11 -41.20 1.56
CA GLU B 544 -5.48 -42.50 1.75
C GLU B 544 -5.85 -43.06 3.11
N HIS B 545 -5.72 -44.37 3.24
CA HIS B 545 -5.96 -45.07 4.49
C HIS B 545 -4.65 -45.26 5.26
N CYS B 546 -4.77 -45.90 6.42
CA CYS B 546 -3.60 -46.26 7.19
C CYS B 546 -2.82 -47.36 6.47
N PRO B 547 -1.51 -47.23 6.30
CA PRO B 547 -0.76 -48.25 5.56
C PRO B 547 -0.61 -49.55 6.33
N GLY B 548 -0.76 -49.54 7.65
CA GLY B 548 -0.71 -50.76 8.40
C GLY B 548 -0.42 -50.59 9.87
N LEU B 549 -0.82 -51.56 10.67
CA LEU B 549 -0.48 -51.59 12.08
C LEU B 549 0.93 -52.15 12.26
N GLY B 550 1.51 -51.87 13.42
CA GLY B 550 2.84 -52.36 13.71
C GLY B 550 2.84 -53.84 14.03
N ILE B 551 3.93 -54.51 13.66
CA ILE B 551 4.07 -55.95 13.84
C ILE B 551 5.13 -56.19 14.90
N ASN B 552 4.73 -56.86 15.98
CA ASN B 552 5.69 -57.38 16.95
C ASN B 552 6.38 -58.59 16.34
N GLU B 553 7.64 -58.41 15.92
CA GLU B 553 8.34 -59.42 15.14
C GLU B 553 8.74 -60.64 15.95
N GLU B 554 8.72 -60.55 17.29
CA GLU B 554 9.07 -61.69 18.12
C GLU B 554 8.01 -62.78 18.13
N LYS B 555 6.81 -62.51 17.64
CA LYS B 555 5.73 -63.48 17.59
C LYS B 555 5.43 -63.94 16.17
N CYS B 556 6.41 -63.82 15.27
CA CYS B 556 6.27 -64.25 13.88
C CYS B 556 7.27 -65.36 13.61
N GLY B 557 6.76 -66.49 13.16
CA GLY B 557 7.57 -67.68 12.94
C GLY B 557 7.24 -68.76 13.95
N THR B 558 7.86 -69.93 13.72
CA THR B 558 7.65 -71.09 14.58
C THR B 558 8.98 -71.53 15.17
N GLN B 559 8.91 -72.58 16.00
CA GLN B 559 10.06 -73.02 16.80
C GLN B 559 10.85 -74.12 16.11
N LEU B 560 10.21 -75.26 15.83
CA LEU B 560 10.91 -76.43 15.28
C LEU B 560 10.67 -76.58 13.78
N ASN B 561 9.42 -76.71 13.36
CA ASN B 561 9.10 -76.80 11.95
C ASN B 561 9.08 -75.41 11.33
N HIS B 562 9.58 -75.31 10.10
CA HIS B 562 9.74 -74.03 9.41
C HIS B 562 8.87 -74.03 8.15
N SER B 563 7.64 -73.52 8.30
CA SER B 563 6.74 -73.29 7.18
C SER B 563 6.94 -71.85 6.69
N SER B 564 6.00 -71.35 5.89
CA SER B 564 6.06 -69.96 5.45
C SER B 564 5.75 -69.03 6.63
N CYS B 565 6.17 -67.77 6.48
CA CYS B 565 6.13 -66.83 7.59
C CYS B 565 4.71 -66.37 7.88
N SER B 566 4.35 -66.35 9.16
CA SER B 566 3.06 -65.87 9.62
C SER B 566 3.21 -65.38 11.04
N CYS B 567 2.28 -64.54 11.48
CA CYS B 567 2.36 -63.88 12.77
C CYS B 567 1.14 -64.23 13.62
N SER B 568 1.33 -64.12 14.93
CA SER B 568 0.27 -64.39 15.89
C SER B 568 -0.77 -63.27 15.87
N PRO B 569 -1.99 -63.55 16.35
CA PRO B 569 -2.98 -62.47 16.47
C PRO B 569 -2.60 -61.36 17.45
N ASP B 570 -1.82 -61.66 18.48
CA ASP B 570 -1.38 -60.65 19.43
C ASP B 570 -0.07 -59.99 19.02
N ALA B 571 0.31 -60.09 17.75
CA ALA B 571 1.52 -59.45 17.27
C ALA B 571 1.27 -58.10 16.62
N PHE B 572 0.00 -57.73 16.43
CA PHE B 572 -0.35 -56.48 15.75
C PHE B 572 -0.72 -55.43 16.80
N LEU B 573 -0.01 -54.31 16.76
CA LEU B 573 -0.05 -53.31 17.82
C LEU B 573 -0.53 -51.97 17.29
N GLY B 574 -1.04 -51.14 18.21
CA GLY B 574 -1.40 -49.79 17.86
C GLY B 574 -2.83 -49.57 17.46
N TRP B 575 -3.78 -50.26 18.08
CA TRP B 575 -5.19 -50.11 17.78
C TRP B 575 -6.01 -50.16 19.04
N SER B 576 -7.09 -49.39 19.06
CA SER B 576 -8.01 -49.33 20.20
C SER B 576 -9.44 -49.37 19.67
N PHE B 577 -10.40 -49.35 20.59
CA PHE B 577 -11.80 -49.43 20.20
C PHE B 577 -12.65 -48.71 21.23
N ASP B 578 -13.89 -48.42 20.82
CA ASP B 578 -14.88 -47.76 21.67
C ASP B 578 -16.25 -47.99 21.05
N SER B 579 -17.29 -47.78 21.85
CA SER B 579 -18.66 -47.94 21.39
C SER B 579 -19.14 -46.70 20.66
N CYS B 580 -20.23 -46.85 19.90
CA CYS B 580 -20.88 -45.74 19.23
C CYS B 580 -22.26 -45.43 19.80
N ILE B 581 -22.70 -46.16 20.82
CA ILE B 581 -24.07 -46.05 21.32
C ILE B 581 -24.19 -44.82 22.22
N SER B 582 -25.13 -43.94 21.88
CA SER B 582 -25.49 -42.82 22.73
C SER B 582 -26.95 -42.51 22.48
N ASN B 583 -27.74 -42.47 23.56
CA ASN B 583 -29.21 -42.32 23.53
C ASN B 583 -29.86 -43.39 22.64
N ASN B 584 -29.38 -44.62 22.78
CA ASN B 584 -29.87 -45.81 22.07
C ASN B 584 -29.77 -45.68 20.55
N ARG B 585 -28.75 -44.95 20.08
CA ARG B 585 -28.47 -44.81 18.65
C ARG B 585 -26.97 -44.79 18.43
N CYS B 586 -26.55 -45.27 17.27
CA CYS B 586 -25.14 -45.29 16.89
C CYS B 586 -24.83 -44.07 16.03
N ASN B 587 -23.82 -43.30 16.43
CA ASN B 587 -23.50 -42.03 15.80
C ASN B 587 -22.54 -42.23 14.64
N ILE B 588 -22.85 -41.60 13.51
CA ILE B 588 -22.10 -41.76 12.27
C ILE B 588 -21.62 -40.38 11.81
N PHE B 589 -20.39 -40.31 11.32
CA PHE B 589 -19.83 -39.10 10.73
C PHE B 589 -19.87 -39.21 9.21
N SER B 590 -20.07 -38.08 8.54
CA SER B 590 -20.12 -38.06 7.09
C SER B 590 -19.52 -36.77 6.56
N ASN B 591 -18.71 -36.88 5.51
CA ASN B 591 -18.02 -35.75 4.92
C ASN B 591 -18.42 -35.63 3.46
N PHE B 592 -19.15 -34.58 3.13
CA PHE B 592 -19.53 -34.25 1.76
C PHE B 592 -18.43 -33.39 1.17
N ILE B 593 -17.98 -33.71 -0.04
CA ILE B 593 -16.95 -32.93 -0.72
C ILE B 593 -17.50 -32.55 -2.09
N PHE B 594 -17.58 -31.25 -2.34
CA PHE B 594 -18.15 -30.71 -3.57
C PHE B 594 -17.01 -30.33 -4.52
N ASN B 595 -16.88 -31.06 -5.61
CA ASN B 595 -15.79 -30.88 -6.57
C ASN B 595 -16.31 -30.12 -7.78
N GLY B 596 -15.59 -29.07 -8.17
CA GLY B 596 -15.91 -28.33 -9.38
C GLY B 596 -17.21 -27.56 -9.29
N ILE B 597 -17.24 -26.51 -8.47
CA ILE B 597 -18.47 -25.78 -8.24
C ILE B 597 -18.85 -24.97 -9.47
N ASN B 598 -20.16 -24.84 -9.70
CA ASN B 598 -20.75 -24.03 -10.78
C ASN B 598 -20.36 -24.55 -12.17
N SER B 599 -20.16 -25.86 -12.29
CA SER B 599 -19.88 -26.50 -13.56
C SER B 599 -20.09 -28.00 -13.40
N GLY B 600 -20.92 -28.58 -14.24
CA GLY B 600 -21.10 -30.01 -14.23
C GLY B 600 -22.58 -30.37 -14.33
N THR B 601 -22.88 -31.63 -14.05
CA THR B 601 -24.23 -32.16 -14.21
C THR B 601 -24.78 -32.76 -12.92
N THR B 602 -24.17 -32.48 -11.78
CA THR B 602 -24.72 -32.90 -10.49
C THR B 602 -25.44 -31.68 -9.92
N CYS B 603 -26.66 -31.45 -10.39
CA CYS B 603 -27.40 -30.23 -10.11
C CYS B 603 -28.40 -30.45 -8.99
N SER B 604 -28.69 -29.37 -8.27
CA SER B 604 -29.62 -29.40 -7.15
C SER B 604 -30.98 -28.86 -7.59
N ASN B 605 -32.02 -29.67 -7.44
CA ASN B 605 -33.38 -29.26 -7.80
C ASN B 605 -34.16 -28.83 -6.55
N ASP B 606 -33.66 -27.79 -5.89
CA ASP B 606 -34.40 -27.10 -4.85
C ASP B 606 -35.08 -25.84 -5.35
N LEU B 607 -34.31 -24.95 -5.98
CA LEU B 607 -34.85 -23.85 -6.76
C LEU B 607 -34.93 -24.33 -8.21
N LEU B 608 -36.13 -24.71 -8.63
CA LEU B 608 -36.32 -25.33 -9.94
C LEU B 608 -37.06 -24.37 -10.87
N TYR B 609 -36.46 -24.13 -12.04
CA TYR B 609 -37.05 -23.32 -13.08
C TYR B 609 -37.22 -24.17 -14.33
N SER B 610 -37.78 -23.56 -15.37
CA SER B 610 -37.92 -24.26 -16.64
C SER B 610 -36.90 -23.72 -17.65
N ASN B 611 -36.58 -24.56 -18.64
CA ASN B 611 -35.61 -24.18 -19.66
C ASN B 611 -36.21 -23.14 -20.60
N THR B 612 -35.51 -22.02 -20.76
CA THR B 612 -35.84 -21.00 -21.72
C THR B 612 -34.87 -21.09 -22.90
N GLU B 613 -35.23 -20.43 -23.99
CA GLU B 613 -34.37 -20.44 -25.17
C GLU B 613 -33.23 -19.44 -25.01
N VAL B 614 -32.11 -19.76 -25.65
CA VAL B 614 -30.93 -18.88 -25.63
C VAL B 614 -31.23 -17.71 -26.55
N SER B 615 -31.62 -16.57 -25.96
CA SER B 615 -31.97 -15.39 -26.72
C SER B 615 -30.73 -14.54 -26.95
N THR B 616 -30.40 -14.30 -28.21
CA THR B 616 -29.21 -13.59 -28.60
C THR B 616 -29.56 -12.15 -28.97
N GLY B 617 -28.56 -11.28 -28.92
CA GLY B 617 -28.72 -9.89 -29.28
C GLY B 617 -29.07 -8.96 -28.15
N VAL B 618 -29.54 -9.48 -27.02
CA VAL B 618 -29.90 -8.65 -25.87
C VAL B 618 -29.03 -9.04 -24.69
N CYS B 619 -28.94 -8.13 -23.72
CA CYS B 619 -28.24 -8.41 -22.47
C CYS B 619 -29.18 -9.19 -21.56
N VAL B 620 -28.71 -10.34 -21.06
CA VAL B 620 -29.52 -11.20 -20.21
C VAL B 620 -28.65 -11.72 -19.07
N ASN B 621 -29.32 -12.24 -18.03
CA ASN B 621 -28.67 -13.13 -17.09
C ASN B 621 -28.71 -14.54 -17.65
N TYR B 622 -27.69 -15.33 -17.34
CA TYR B 622 -27.71 -16.72 -17.79
C TYR B 622 -27.29 -17.65 -16.66
N ASP B 623 -27.80 -18.88 -16.71
CA ASP B 623 -27.36 -19.98 -15.87
C ASP B 623 -27.20 -21.16 -16.83
N LEU B 624 -26.04 -21.26 -17.45
CA LEU B 624 -25.79 -22.25 -18.50
C LEU B 624 -25.11 -23.46 -17.86
N TYR B 625 -25.93 -24.38 -17.36
CA TYR B 625 -25.51 -25.65 -16.75
C TYR B 625 -24.56 -25.45 -15.58
N GLY B 626 -24.75 -24.37 -14.82
CA GLY B 626 -23.89 -24.02 -13.71
C GLY B 626 -23.11 -22.74 -13.93
N ILE B 627 -22.78 -22.41 -15.18
CA ILE B 627 -22.06 -21.18 -15.49
C ILE B 627 -23.03 -20.01 -15.41
N THR B 628 -22.74 -19.06 -14.53
CA THR B 628 -23.61 -17.93 -14.27
C THR B 628 -22.92 -16.63 -14.63
N GLY B 629 -23.71 -15.62 -14.97
CA GLY B 629 -23.18 -14.32 -15.31
C GLY B 629 -24.18 -13.50 -16.08
N GLN B 630 -23.70 -12.40 -16.66
CA GLN B 630 -24.48 -11.52 -17.51
C GLN B 630 -23.71 -11.25 -18.79
N GLY B 631 -24.41 -11.25 -19.92
CA GLY B 631 -23.73 -11.05 -21.18
C GLY B 631 -24.70 -11.02 -22.35
N ILE B 632 -24.12 -10.97 -23.54
CA ILE B 632 -24.85 -10.89 -24.79
C ILE B 632 -24.39 -12.05 -25.67
N PHE B 633 -25.33 -12.89 -26.08
CA PHE B 633 -25.01 -14.08 -26.87
C PHE B 633 -25.05 -13.78 -28.36
N LYS B 634 -24.41 -14.65 -29.12
CA LYS B 634 -24.37 -14.55 -30.59
C LYS B 634 -24.03 -15.92 -31.14
N GLU B 635 -24.95 -16.48 -31.95
CA GLU B 635 -24.76 -17.80 -32.50
C GLU B 635 -23.69 -17.78 -33.60
N VAL B 636 -22.76 -18.72 -33.52
CA VAL B 636 -21.64 -18.81 -34.45
C VAL B 636 -21.50 -20.26 -34.90
N SER B 637 -20.80 -20.46 -36.00
CA SER B 637 -20.56 -21.79 -36.55
C SER B 637 -19.11 -22.17 -36.22
N ALA B 638 -18.94 -22.99 -35.20
CA ALA B 638 -17.63 -23.39 -34.70
C ALA B 638 -17.25 -24.75 -35.24
N ALA B 639 -15.94 -25.03 -35.27
CA ALA B 639 -15.43 -26.31 -35.74
C ALA B 639 -14.37 -26.87 -34.80
N TYR B 640 -14.14 -26.22 -33.66
CA TYR B 640 -13.04 -26.56 -32.78
C TYR B 640 -13.46 -27.35 -31.55
N TYR B 641 -14.71 -27.79 -31.48
CA TYR B 641 -15.21 -28.57 -30.37
C TYR B 641 -15.08 -30.06 -30.69
N ASN B 642 -14.59 -30.83 -29.72
CA ASN B 642 -14.61 -32.28 -29.81
C ASN B 642 -15.81 -32.80 -29.04
N ASN B 643 -15.87 -34.12 -28.83
CA ASN B 643 -16.98 -34.74 -28.13
C ASN B 643 -16.84 -34.66 -26.61
N TRP B 644 -15.79 -34.01 -26.11
CA TRP B 644 -15.53 -33.90 -24.69
C TRP B 644 -15.25 -32.47 -24.26
N GLN B 645 -15.44 -31.51 -25.16
CA GLN B 645 -15.22 -30.09 -24.90
C GLN B 645 -16.51 -29.33 -25.15
N ASN B 646 -16.87 -28.44 -24.23
CA ASN B 646 -18.05 -27.62 -24.42
C ASN B 646 -17.90 -26.18 -23.96
N LEU B 647 -16.72 -25.75 -23.53
CA LEU B 647 -16.50 -24.37 -23.09
C LEU B 647 -15.26 -23.81 -23.76
N LEU B 648 -15.32 -22.53 -24.14
CA LEU B 648 -14.22 -21.85 -24.79
C LEU B 648 -13.65 -20.78 -23.86
N TYR B 649 -12.38 -20.94 -23.48
CA TYR B 649 -11.73 -20.07 -22.52
C TYR B 649 -10.63 -19.25 -23.21
N ASP B 650 -10.38 -18.06 -22.68
CA ASP B 650 -9.22 -17.29 -23.05
C ASP B 650 -8.12 -17.50 -22.01
N SER B 651 -6.98 -16.86 -22.23
CA SER B 651 -5.80 -17.09 -21.40
C SER B 651 -5.94 -16.54 -19.98
N ASN B 652 -6.85 -15.60 -19.74
CA ASN B 652 -7.05 -15.07 -18.40
C ASN B 652 -8.01 -15.90 -17.56
N GLY B 653 -8.80 -16.77 -18.18
CA GLY B 653 -9.70 -17.63 -17.45
C GLY B 653 -11.17 -17.28 -17.53
N ASN B 654 -11.57 -16.42 -18.46
CA ASN B 654 -12.98 -16.14 -18.68
C ASN B 654 -13.51 -17.03 -19.78
N ILE B 655 -14.78 -17.42 -19.64
CA ILE B 655 -15.45 -18.19 -20.68
C ILE B 655 -16.01 -17.23 -21.71
N ILE B 656 -15.58 -17.41 -22.96
CA ILE B 656 -15.97 -16.53 -24.06
C ILE B 656 -16.81 -17.25 -25.11
N GLY B 657 -17.42 -18.38 -24.76
CA GLY B 657 -18.20 -19.14 -25.71
C GLY B 657 -18.48 -20.51 -25.15
N PHE B 658 -19.50 -21.16 -25.72
CA PHE B 658 -19.92 -22.47 -25.24
C PHE B 658 -20.72 -23.18 -26.32
N LYS B 659 -20.70 -24.51 -26.25
CA LYS B 659 -21.51 -25.37 -27.10
C LYS B 659 -22.63 -25.97 -26.25
N ASP B 660 -23.86 -25.80 -26.70
CA ASP B 660 -25.01 -26.24 -25.94
C ASP B 660 -25.14 -27.76 -25.96
N PHE B 661 -25.56 -28.33 -24.83
CA PHE B 661 -25.68 -29.78 -24.75
C PHE B 661 -26.92 -30.29 -25.48
N LEU B 662 -28.04 -29.59 -25.33
CA LEU B 662 -29.33 -30.07 -25.82
C LEU B 662 -29.49 -29.91 -27.33
N THR B 663 -28.90 -28.87 -27.93
CA THR B 663 -29.13 -28.57 -29.33
C THR B 663 -27.86 -28.60 -30.19
N ASN B 664 -26.68 -28.76 -29.56
CA ASN B 664 -25.36 -28.77 -30.23
C ASN B 664 -25.09 -27.48 -31.00
N LYS B 665 -25.65 -26.37 -30.53
CA LYS B 665 -25.41 -25.06 -31.12
C LYS B 665 -24.30 -24.34 -30.36
N THR B 666 -23.46 -23.64 -31.10
CA THR B 666 -22.31 -22.94 -30.54
C THR B 666 -22.57 -21.45 -30.52
N TYR B 667 -22.12 -20.78 -29.46
CA TYR B 667 -22.36 -19.36 -29.25
C TYR B 667 -21.08 -18.68 -28.80
N THR B 668 -21.11 -17.36 -28.80
CA THR B 668 -20.08 -16.55 -28.18
C THR B 668 -20.73 -15.65 -27.14
N ILE B 669 -19.97 -15.31 -26.10
CA ILE B 669 -20.45 -14.47 -25.02
C ILE B 669 -19.65 -13.18 -25.00
N LEU B 670 -20.36 -12.05 -25.02
CA LEU B 670 -19.77 -10.73 -24.92
C LEU B 670 -20.38 -9.99 -23.75
N PRO B 671 -19.60 -9.17 -23.03
CA PRO B 671 -20.15 -8.47 -21.87
C PRO B 671 -21.07 -7.33 -22.27
N CYS B 672 -21.98 -7.00 -21.37
CA CYS B 672 -22.93 -5.93 -21.62
C CYS B 672 -22.24 -4.57 -21.50
N TYR B 673 -22.91 -3.54 -21.99
CA TYR B 673 -22.30 -2.21 -22.06
C TYR B 673 -22.19 -1.58 -20.68
N SER B 674 -21.09 -0.87 -20.46
CA SER B 674 -20.86 -0.14 -19.23
C SER B 674 -20.18 1.19 -19.56
N GLY B 675 -20.60 2.25 -18.89
CA GLY B 675 -20.04 3.55 -19.17
C GLY B 675 -20.51 4.57 -18.16
N ARG B 676 -20.14 5.82 -18.42
CA ARG B 676 -20.53 6.94 -17.57
C ARG B 676 -21.06 8.07 -18.44
N VAL B 677 -21.58 9.10 -17.79
CA VAL B 677 -22.13 10.26 -18.47
C VAL B 677 -21.31 11.48 -18.05
N SER B 678 -21.17 12.44 -18.97
CA SER B 678 -20.51 13.71 -18.69
C SER B 678 -21.60 14.78 -18.56
N ALA B 679 -21.59 15.50 -17.46
CA ALA B 679 -22.58 16.53 -17.20
C ALA B 679 -21.91 17.90 -17.18
N ALA B 680 -22.20 18.70 -18.19
CA ALA B 680 -21.75 20.08 -18.22
C ALA B 680 -22.76 20.94 -17.50
N PHE B 681 -22.38 21.46 -16.34
CA PHE B 681 -23.29 22.17 -15.45
C PHE B 681 -22.89 23.63 -15.34
N TYR B 682 -23.86 24.52 -15.46
CA TYR B 682 -23.67 25.94 -15.25
C TYR B 682 -24.38 26.35 -13.96
N GLN B 683 -23.78 27.29 -13.24
CA GLN B 683 -24.26 27.65 -11.91
C GLN B 683 -25.61 28.35 -11.98
N ASN B 684 -26.40 28.15 -10.91
CA ASN B 684 -27.76 28.66 -10.72
C ASN B 684 -28.75 28.15 -11.76
N SER B 685 -28.48 26.99 -12.38
CA SER B 685 -29.44 26.40 -13.31
C SER B 685 -30.09 25.18 -12.68
N SER B 686 -31.09 24.64 -13.38
CA SER B 686 -31.91 23.57 -12.84
C SER B 686 -31.57 22.20 -13.39
N SER B 687 -30.75 22.11 -14.45
CA SER B 687 -30.33 20.84 -15.01
C SER B 687 -29.04 21.07 -15.77
N PRO B 688 -28.18 20.07 -15.87
CA PRO B 688 -27.00 20.17 -16.74
C PRO B 688 -27.31 19.66 -18.14
N ALA B 689 -26.32 19.81 -19.01
CA ALA B 689 -26.34 19.20 -20.33
C ALA B 689 -25.52 17.92 -20.31
N LEU B 690 -26.06 16.86 -20.89
CA LEU B 690 -25.49 15.53 -20.79
C LEU B 690 -24.80 15.16 -22.09
N LEU B 691 -23.68 14.45 -21.98
CA LEU B 691 -22.96 13.93 -23.13
C LEU B 691 -22.66 12.45 -22.89
N TYR B 692 -23.23 11.60 -23.71
CA TYR B 692 -22.93 10.17 -23.71
C TYR B 692 -21.86 9.93 -24.76
N ARG B 693 -20.61 9.80 -24.32
CA ARG B 693 -19.48 9.75 -25.23
C ARG B 693 -19.49 8.48 -26.05
N ASN B 694 -19.30 8.63 -27.37
CA ASN B 694 -19.17 7.55 -28.34
C ASN B 694 -20.41 6.66 -28.39
N LEU B 695 -21.59 7.25 -28.23
CA LEU B 695 -22.85 6.54 -28.30
C LEU B 695 -23.79 7.25 -29.26
N LYS B 696 -24.59 6.48 -29.98
CA LYS B 696 -25.63 7.06 -30.82
C LYS B 696 -26.86 7.38 -29.98
N CYS B 697 -27.62 8.38 -30.42
CA CYS B 697 -28.79 8.80 -29.66
C CYS B 697 -29.91 7.79 -29.70
N SER B 698 -30.01 6.99 -30.76
CA SER B 698 -30.98 5.91 -30.80
C SER B 698 -30.68 4.85 -29.75
N TYR B 699 -29.39 4.56 -29.54
CA TYR B 699 -29.00 3.60 -28.51
C TYR B 699 -29.30 4.14 -27.11
N VAL B 700 -29.15 5.45 -26.91
CA VAL B 700 -29.45 6.04 -25.61
C VAL B 700 -30.95 6.03 -25.35
N LEU B 701 -31.75 6.37 -26.36
CA LEU B 701 -33.19 6.40 -26.17
C LEU B 701 -33.80 5.00 -26.10
N ASN B 702 -33.14 3.99 -26.67
CA ASN B 702 -33.74 2.66 -26.69
C ASN B 702 -33.18 1.71 -25.64
N ASN B 703 -31.95 1.90 -25.18
CA ASN B 703 -31.31 0.90 -24.33
C ASN B 703 -30.79 1.43 -23.01
N ILE B 704 -30.78 2.74 -22.79
CA ILE B 704 -30.22 3.27 -21.54
C ILE B 704 -31.29 4.00 -20.75
N SER B 705 -31.86 5.06 -21.32
CA SER B 705 -32.79 5.92 -20.61
C SER B 705 -34.15 5.87 -21.29
N PHE B 706 -35.20 5.87 -20.47
CA PHE B 706 -36.58 5.91 -20.96
C PHE B 706 -37.35 7.08 -20.38
N ILE B 707 -36.68 7.99 -19.68
CA ILE B 707 -37.30 9.20 -19.16
C ILE B 707 -37.44 10.20 -20.29
N SER B 708 -38.21 11.26 -20.07
CA SER B 708 -38.52 12.23 -21.11
C SER B 708 -37.32 13.12 -21.37
N GLN B 709 -36.85 13.13 -22.62
CA GLN B 709 -35.80 14.02 -23.08
C GLN B 709 -36.20 14.57 -24.45
N PRO B 710 -36.77 15.78 -24.50
CA PRO B 710 -37.19 16.32 -25.80
C PRO B 710 -36.04 16.82 -26.66
N PHE B 711 -35.00 17.39 -26.07
CA PHE B 711 -33.89 17.97 -26.81
C PHE B 711 -32.74 16.98 -26.85
N TYR B 712 -32.38 16.55 -28.06
CA TYR B 712 -31.24 15.66 -28.25
C TYR B 712 -30.76 15.76 -29.70
N PHE B 713 -29.46 15.57 -29.89
CA PHE B 713 -28.88 15.50 -31.22
C PHE B 713 -27.58 14.72 -31.15
N ASP B 714 -27.17 14.21 -32.30
CA ASP B 714 -25.94 13.43 -32.41
C ASP B 714 -24.79 14.32 -32.84
N SER B 715 -23.64 14.15 -32.20
CA SER B 715 -22.48 14.99 -32.46
C SER B 715 -21.27 14.12 -32.75
N TYR B 716 -20.12 14.78 -32.91
CA TYR B 716 -18.87 14.07 -33.14
C TYR B 716 -18.42 13.32 -31.89
N LEU B 717 -18.69 13.89 -30.72
CA LEU B 717 -18.27 13.30 -29.45
C LEU B 717 -19.23 12.23 -28.93
N GLY B 718 -20.50 12.34 -29.23
CA GLY B 718 -21.51 11.41 -28.80
C GLY B 718 -22.87 12.05 -28.82
N CYS B 719 -23.81 11.46 -28.08
CA CYS B 719 -25.17 11.98 -27.99
C CYS B 719 -25.23 13.08 -26.94
N VAL B 720 -25.74 14.25 -27.34
CA VAL B 720 -25.81 15.41 -26.48
C VAL B 720 -27.29 15.68 -26.17
N LEU B 721 -27.64 15.61 -24.89
CA LEU B 721 -29.00 15.88 -24.43
C LEU B 721 -29.06 17.27 -23.81
N ASN B 722 -30.23 17.90 -23.93
CA ASN B 722 -30.59 19.16 -23.27
C ASN B 722 -29.69 20.32 -23.72
N ALA B 723 -29.33 20.32 -25.00
CA ALA B 723 -28.55 21.42 -25.54
C ALA B 723 -28.97 21.66 -26.99
N VAL B 724 -28.55 22.80 -27.51
CA VAL B 724 -28.93 23.24 -28.85
C VAL B 724 -27.70 23.15 -29.76
N ASN B 725 -27.85 22.48 -30.89
CA ASN B 725 -26.78 22.36 -31.88
C ASN B 725 -26.55 23.70 -32.55
N LEU B 726 -25.44 24.35 -32.23
CA LEU B 726 -25.11 25.66 -32.78
C LEU B 726 -23.65 25.71 -33.17
N THR B 727 -23.18 24.66 -33.86
CA THR B 727 -21.76 24.55 -34.17
C THR B 727 -21.32 25.44 -35.33
N SER B 728 -22.22 26.19 -35.94
CA SER B 728 -21.80 27.23 -36.88
C SER B 728 -21.32 28.47 -36.16
N TYR B 729 -21.74 28.67 -34.91
CA TYR B 729 -21.31 29.80 -34.10
C TYR B 729 -20.04 29.44 -33.34
N SER B 730 -19.10 30.38 -33.32
CA SER B 730 -17.78 30.15 -32.76
C SER B 730 -17.53 31.09 -31.60
N VAL B 731 -16.82 30.58 -30.59
CA VAL B 731 -16.51 31.34 -29.38
C VAL B 731 -14.99 31.29 -29.18
N SER B 732 -14.47 32.22 -28.40
CA SER B 732 -13.03 32.33 -28.18
C SER B 732 -12.59 31.95 -26.78
N SER B 733 -13.47 32.04 -25.80
CA SER B 733 -13.18 31.59 -24.44
C SER B 733 -14.35 30.79 -23.93
N CYS B 734 -14.06 29.70 -23.23
CA CYS B 734 -15.11 28.80 -22.78
C CYS B 734 -14.64 28.06 -21.54
N ASP B 735 -15.52 27.93 -20.56
CA ASP B 735 -15.23 27.23 -19.32
C ASP B 735 -15.81 25.82 -19.29
N LEU B 736 -16.59 25.44 -20.29
CA LEU B 736 -17.10 24.07 -20.43
C LEU B 736 -16.56 23.52 -21.73
N ARG B 737 -15.33 23.00 -21.68
CA ARG B 737 -14.65 22.50 -22.87
C ARG B 737 -14.80 21.00 -22.96
N MET B 738 -15.46 20.54 -24.01
CA MET B 738 -15.83 19.15 -24.16
C MET B 738 -14.78 18.29 -24.87
N GLY B 739 -13.93 18.89 -25.67
CA GLY B 739 -12.91 18.13 -26.35
C GLY B 739 -13.06 18.23 -27.85
N SER B 740 -11.91 18.15 -28.54
CA SER B 740 -11.81 18.15 -30.00
C SER B 740 -12.40 19.40 -30.64
N GLY B 741 -12.29 20.54 -29.97
CA GLY B 741 -12.69 21.81 -30.54
C GLY B 741 -14.11 22.23 -30.29
N PHE B 742 -14.82 21.59 -29.38
CA PHE B 742 -16.19 21.92 -29.07
C PHE B 742 -16.31 22.42 -27.64
N CYS B 743 -17.41 23.12 -27.37
CA CYS B 743 -17.61 23.79 -26.09
C CYS B 743 -19.10 23.96 -25.85
N ILE B 744 -19.46 24.16 -24.59
CA ILE B 744 -20.86 24.36 -24.19
C ILE B 744 -21.00 25.78 -23.66
N ASP B 745 -21.91 26.53 -24.25
CA ASP B 745 -22.20 27.89 -23.84
C ASP B 745 -23.58 27.97 -23.21
N TYR B 746 -23.78 28.97 -22.36
CA TYR B 746 -25.03 29.13 -21.63
C TYR B 746 -25.59 30.52 -21.90
N ALA B 747 -26.83 30.57 -22.39
CA ALA B 747 -27.51 31.85 -22.64
C ALA B 747 -28.93 31.72 -22.11
N LEU B 748 -29.19 32.37 -20.98
CA LEU B 748 -30.49 32.32 -20.35
C LEU B 748 -31.50 33.16 -21.12
N PRO B 749 -32.78 32.80 -21.09
CA PRO B 749 -33.80 33.65 -21.72
C PRO B 749 -34.00 34.93 -20.92
N SER B 750 -33.77 36.07 -21.57
CA SER B 750 -33.83 37.37 -20.92
C SER B 750 -35.26 37.90 -20.96
N SER B 751 -35.46 39.13 -20.46
CA SER B 751 -36.76 39.77 -20.57
C SER B 751 -37.05 40.17 -22.02
N GLY B 752 -36.04 40.64 -22.74
CA GLY B 752 -36.20 40.86 -24.17
C GLY B 752 -36.06 39.57 -24.96
N SER B 753 -35.29 38.63 -24.45
CA SER B 753 -35.12 37.31 -25.08
C SER B 753 -36.07 36.30 -24.45
N ALA B 754 -37.35 36.65 -24.42
CA ALA B 754 -38.39 35.80 -23.85
C ALA B 754 -39.08 35.05 -24.98
N SER B 755 -38.65 33.82 -25.23
CA SER B 755 -39.19 32.99 -26.30
C SER B 755 -40.46 32.30 -25.81
N ARG B 756 -41.52 32.35 -26.62
CA ARG B 756 -42.73 31.60 -26.30
C ARG B 756 -42.51 30.11 -26.45
N GLY B 757 -41.85 29.71 -27.54
CA GLY B 757 -41.48 28.31 -27.71
C GLY B 757 -40.37 27.93 -26.75
N ILE B 758 -40.56 26.82 -26.03
CA ILE B 758 -39.60 26.40 -25.03
C ILE B 758 -38.37 25.82 -25.72
N SER B 759 -37.21 26.04 -25.12
CA SER B 759 -35.94 25.56 -25.65
C SER B 759 -34.97 25.41 -24.49
N SER B 760 -33.78 24.94 -24.79
CA SER B 760 -32.77 24.75 -23.76
C SER B 760 -31.82 25.94 -23.72
N PRO B 761 -31.44 26.41 -22.53
CA PRO B 761 -30.51 27.55 -22.45
C PRO B 761 -29.07 27.19 -22.76
N TYR B 762 -28.72 25.91 -22.75
CA TYR B 762 -27.38 25.48 -23.13
C TYR B 762 -27.25 25.44 -24.64
N ARG B 763 -26.07 25.81 -25.13
CA ARG B 763 -25.78 25.78 -26.56
C ARG B 763 -24.50 25.01 -26.79
N PHE B 764 -24.46 24.25 -27.86
CA PHE B 764 -23.30 23.45 -28.25
C PHE B 764 -22.60 24.17 -29.39
N VAL B 765 -21.49 24.86 -29.09
CA VAL B 765 -20.84 25.74 -30.05
C VAL B 765 -19.42 25.28 -30.32
N THR B 766 -18.70 26.03 -31.16
CA THR B 766 -17.33 25.69 -31.56
C THR B 766 -16.35 26.50 -30.74
N PHE B 767 -15.18 25.92 -30.48
CA PHE B 767 -14.15 26.54 -29.67
C PHE B 767 -12.96 26.89 -30.57
N GLU B 768 -12.59 28.16 -30.59
CA GLU B 768 -11.49 28.65 -31.42
C GLU B 768 -10.79 29.77 -30.67
N PRO B 769 -9.67 29.49 -30.00
CA PRO B 769 -9.07 30.50 -29.12
C PRO B 769 -8.13 31.50 -29.79
N PHE B 770 -7.59 31.21 -30.97
CA PHE B 770 -6.58 32.06 -31.58
C PHE B 770 -6.95 32.39 -33.02
N ASN B 771 -6.44 33.53 -33.49
CA ASN B 771 -6.64 34.00 -34.86
C ASN B 771 -5.40 34.72 -35.33
N VAL B 772 -5.44 35.15 -36.59
CA VAL B 772 -4.39 35.97 -37.17
C VAL B 772 -4.95 37.35 -37.47
N SER B 773 -4.05 38.31 -37.69
CA SER B 773 -4.47 39.61 -38.16
C SER B 773 -4.49 39.64 -39.68
N PHE B 774 -5.51 40.28 -40.23
CA PHE B 774 -5.72 40.30 -41.67
C PHE B 774 -5.56 41.72 -42.20
N VAL B 775 -4.93 41.82 -43.37
CA VAL B 775 -4.76 43.08 -44.07
C VAL B 775 -5.39 42.95 -45.46
N ASN B 776 -5.48 44.08 -46.15
CA ASN B 776 -6.18 44.19 -47.42
C ASN B 776 -5.22 44.50 -48.57
N ASP B 777 -4.06 43.85 -48.59
CA ASP B 777 -3.03 44.14 -49.56
C ASP B 777 -2.84 42.97 -50.52
N SER B 778 -2.14 43.25 -51.62
CA SER B 778 -1.89 42.26 -52.65
C SER B 778 -0.76 41.33 -52.24
N VAL B 779 -0.81 40.10 -52.73
CA VAL B 779 0.16 39.08 -52.36
C VAL B 779 1.29 38.96 -53.39
N GLU B 780 1.18 39.61 -54.54
CA GLU B 780 2.21 39.61 -55.55
C GLU B 780 2.78 41.01 -55.72
N THR B 781 3.68 41.17 -56.68
CA THR B 781 4.28 42.47 -56.96
C THR B 781 3.34 43.32 -57.81
N VAL B 782 3.40 44.62 -57.59
CA VAL B 782 2.65 45.59 -58.40
C VAL B 782 3.69 46.40 -59.16
N GLY B 783 4.02 45.93 -60.35
CA GLY B 783 5.05 46.59 -61.15
C GLY B 783 6.46 46.39 -60.62
N GLY B 784 6.68 45.33 -59.86
CA GLY B 784 7.97 45.07 -59.26
C GLY B 784 8.11 45.50 -57.82
N LEU B 785 7.09 46.10 -57.24
CA LEU B 785 7.11 46.56 -55.85
C LEU B 785 6.03 45.86 -55.05
N PHE B 786 6.30 45.70 -53.75
CA PHE B 786 5.39 45.03 -52.84
C PHE B 786 4.60 46.06 -52.05
N GLU B 787 3.35 45.72 -51.74
CA GLU B 787 2.46 46.60 -51.00
C GLU B 787 2.46 46.16 -49.54
N ILE B 788 2.89 47.05 -48.64
CA ILE B 788 3.11 46.69 -47.25
C ILE B 788 2.60 47.81 -46.35
N GLN B 789 2.39 47.47 -45.08
CA GLN B 789 1.83 48.37 -44.08
C GLN B 789 2.95 48.83 -43.15
N ILE B 790 3.19 50.13 -43.09
CA ILE B 790 4.21 50.72 -42.24
C ILE B 790 3.53 51.69 -41.29
N PRO B 791 3.80 51.64 -39.98
CA PRO B 791 3.12 52.54 -39.04
C PRO B 791 3.55 53.99 -39.18
N THR B 792 2.65 54.89 -38.79
CA THR B 792 2.91 56.31 -38.76
C THR B 792 2.83 56.91 -37.37
N ASN B 793 2.39 56.15 -36.37
CA ASN B 793 2.18 56.66 -35.02
C ASN B 793 2.26 55.47 -34.08
N PHE B 794 2.81 55.71 -32.89
CA PHE B 794 3.06 54.61 -31.97
C PHE B 794 2.79 55.05 -30.54
N THR B 795 2.75 54.06 -29.65
CA THR B 795 2.65 54.26 -28.22
C THR B 795 3.46 53.16 -27.55
N ILE B 796 3.39 53.09 -26.22
CA ILE B 796 4.10 52.07 -25.45
C ILE B 796 3.10 51.34 -24.58
N ALA B 797 2.99 50.04 -24.78
CA ALA B 797 2.09 49.19 -24.00
C ALA B 797 2.87 48.41 -22.95
N GLY B 798 2.20 48.04 -21.88
CA GLY B 798 2.83 47.31 -20.80
C GLY B 798 1.92 46.25 -20.22
N HIS B 799 2.45 45.04 -20.06
CA HIS B 799 1.70 43.95 -19.46
C HIS B 799 2.57 43.27 -18.42
N GLU B 800 1.93 42.59 -17.48
CA GLU B 800 2.62 41.92 -16.40
C GLU B 800 2.51 40.41 -16.55
N GLU B 801 3.36 39.69 -15.81
CA GLU B 801 3.46 38.24 -15.94
C GLU B 801 4.03 37.66 -14.65
N PHE B 802 3.32 36.70 -14.08
CA PHE B 802 3.74 36.03 -12.85
C PHE B 802 4.42 34.71 -13.18
N ILE B 803 5.60 34.49 -12.62
CA ILE B 803 6.31 33.23 -12.71
C ILE B 803 6.53 32.72 -11.29
N GLN B 804 6.08 31.50 -11.02
CA GLN B 804 6.15 30.93 -9.69
C GLN B 804 7.50 30.27 -9.46
N THR B 805 8.16 30.63 -8.36
CA THR B 805 9.46 30.09 -8.03
C THR B 805 9.50 29.28 -6.74
N SER B 806 8.41 29.25 -5.97
CA SER B 806 8.41 28.50 -4.71
C SER B 806 6.98 28.09 -4.38
N SER B 807 6.84 27.44 -3.22
CA SER B 807 5.57 26.92 -2.75
C SER B 807 5.64 26.86 -1.23
N PRO B 808 4.50 26.70 -0.55
CA PRO B 808 4.57 26.51 0.92
C PRO B 808 5.28 25.23 1.31
N LYS B 809 6.12 25.33 2.33
CA LYS B 809 6.95 24.22 2.80
C LYS B 809 6.20 23.46 3.88
N VAL B 810 5.65 22.31 3.52
CA VAL B 810 4.83 21.52 4.43
C VAL B 810 5.71 20.53 5.16
N THR B 811 5.62 20.52 6.49
CA THR B 811 6.27 19.51 7.31
C THR B 811 5.21 18.68 8.01
N ILE B 812 5.49 17.39 8.18
CA ILE B 812 4.53 16.44 8.71
C ILE B 812 5.18 15.65 9.82
N ASP B 813 4.56 15.65 11.01
CA ASP B 813 4.90 14.73 12.08
C ASP B 813 4.08 13.46 11.85
N CYS B 814 4.78 12.34 11.61
CA CYS B 814 4.14 11.12 11.14
C CYS B 814 3.39 10.41 12.26
N SER B 815 4.00 10.29 13.43
CA SER B 815 3.36 9.59 14.53
C SER B 815 2.29 10.45 15.20
N ALA B 816 2.37 11.78 15.04
CA ALA B 816 1.29 12.63 15.50
C ALA B 816 0.09 12.55 14.58
N PHE B 817 0.32 12.31 13.30
CA PHE B 817 -0.79 12.15 12.36
C PHE B 817 -1.46 10.80 12.52
N VAL B 818 -0.67 9.73 12.60
CA VAL B 818 -1.24 8.38 12.59
C VAL B 818 -1.80 8.03 13.97
N CYS B 819 -1.00 8.21 15.00
CA CYS B 819 -1.27 7.63 16.31
C CYS B 819 -1.25 8.63 17.45
N SER B 820 -1.99 9.74 17.33
CA SER B 820 -1.79 11.07 17.94
C SER B 820 -1.39 11.01 19.41
N ASN B 821 -2.20 10.47 20.31
CA ASN B 821 -1.91 10.62 21.73
C ASN B 821 -1.96 9.29 22.47
N TYR B 822 -2.33 8.22 21.77
CA TYR B 822 -2.63 6.95 22.42
C TYR B 822 -1.42 6.03 22.39
N ALA B 823 -1.12 5.42 23.54
CA ALA B 823 0.13 4.68 23.69
C ALA B 823 0.08 3.32 23.03
N ALA B 824 -1.12 2.74 22.93
CA ALA B 824 -1.26 1.45 22.24
C ALA B 824 -0.99 1.59 20.75
N CYS B 825 -1.42 2.71 20.16
CA CYS B 825 -1.13 2.97 18.76
C CYS B 825 0.35 3.21 18.54
N HIS B 826 1.02 3.90 19.46
CA HIS B 826 2.46 4.13 19.32
C HIS B 826 3.24 2.82 19.46
N ASP B 827 2.81 1.96 20.37
CA ASP B 827 3.45 0.65 20.52
C ASP B 827 3.25 -0.22 19.29
N LEU B 828 2.10 -0.11 18.64
CA LEU B 828 1.90 -0.86 17.40
C LEU B 828 2.67 -0.24 16.23
N LEU B 829 2.84 1.08 16.24
CA LEU B 829 3.54 1.74 15.16
C LEU B 829 5.04 1.54 15.26
N SER B 830 5.53 1.24 16.47
CA SER B 830 6.96 1.00 16.64
C SER B 830 7.41 -0.31 15.98
N GLU B 831 6.48 -1.25 15.80
CA GLU B 831 6.82 -2.51 15.15
C GLU B 831 6.95 -2.38 13.64
N TYR B 832 6.44 -1.30 13.05
CA TYR B 832 6.63 -1.06 11.61
C TYR B 832 8.01 -0.52 11.28
N GLY B 833 8.79 -0.12 12.28
CA GLY B 833 10.17 0.24 12.08
C GLY B 833 10.41 1.58 11.44
N THR B 834 10.98 1.55 10.24
CA THR B 834 11.56 2.73 9.58
C THR B 834 10.61 3.34 8.57
N PHE B 835 9.33 3.37 8.87
CA PHE B 835 8.35 3.84 7.89
C PHE B 835 8.18 5.35 7.94
N CYS B 836 8.15 5.94 9.14
CA CYS B 836 7.98 7.39 9.25
C CYS B 836 9.25 8.13 8.89
N ASP B 837 10.41 7.48 9.05
CA ASP B 837 11.69 8.12 8.79
C ASP B 837 11.87 8.45 7.31
N ASN B 838 11.36 7.57 6.44
CA ASN B 838 11.47 7.82 5.01
C ASN B 838 10.59 8.97 4.57
N ILE B 839 9.40 9.07 5.17
CA ILE B 839 8.48 10.18 4.88
C ILE B 839 9.10 11.51 5.32
N ASN B 840 9.67 11.54 6.52
CA ASN B 840 10.33 12.75 7.02
C ASN B 840 11.54 13.12 6.18
N SER B 841 12.31 12.11 5.74
CA SER B 841 13.51 12.39 4.95
C SER B 841 13.16 12.92 3.56
N ILE B 842 12.10 12.39 2.94
CA ILE B 842 11.68 12.88 1.63
C ILE B 842 11.18 14.32 1.73
N LEU B 843 10.39 14.63 2.77
CA LEU B 843 9.90 16.00 2.89
C LEU B 843 11.02 16.99 3.24
N ASN B 844 12.02 16.55 4.00
CA ASN B 844 13.17 17.40 4.26
C ASN B 844 14.01 17.64 3.01
N GLU B 845 14.12 16.63 2.14
CA GLU B 845 14.81 16.80 0.87
C GLU B 845 14.08 17.79 -0.04
N VAL B 846 12.75 17.73 -0.06
CA VAL B 846 11.95 18.68 -0.83
C VAL B 846 12.14 20.11 -0.32
N ASN B 847 12.13 20.29 1.00
CA ASN B 847 12.30 21.62 1.57
C ASN B 847 13.71 22.17 1.35
N ASP B 848 14.73 21.30 1.33
CA ASP B 848 16.09 21.74 1.01
C ASP B 848 16.21 22.16 -0.44
N LEU B 849 15.53 21.47 -1.35
CA LEU B 849 15.50 21.89 -2.76
C LEU B 849 14.83 23.24 -2.93
N LEU B 850 13.76 23.49 -2.17
CA LEU B 850 13.09 24.79 -2.20
C LEU B 850 14.01 25.92 -1.71
N ASP B 851 14.78 25.65 -0.65
CA ASP B 851 15.72 26.64 -0.15
C ASP B 851 16.84 26.93 -1.16
N ILE B 852 17.33 25.89 -1.84
CA ILE B 852 18.39 26.06 -2.84
C ILE B 852 17.89 26.90 -4.01
N THR B 853 16.64 26.67 -4.44
CA THR B 853 16.09 27.48 -5.53
C THR B 853 15.88 28.94 -5.14
N GLN B 854 15.46 29.19 -3.89
CA GLN B 854 15.29 30.57 -3.44
C GLN B 854 16.62 31.31 -3.38
N LEU B 855 17.68 30.63 -2.92
CA LEU B 855 19.01 31.24 -2.94
C LEU B 855 19.53 31.48 -4.35
N GLN B 856 19.21 30.60 -5.29
CA GLN B 856 19.62 30.80 -6.68
C GLN B 856 18.93 32.01 -7.30
N VAL B 857 17.63 32.20 -7.00
CA VAL B 857 16.90 33.35 -7.51
C VAL B 857 17.46 34.65 -6.93
N ALA B 858 17.78 34.65 -5.63
CA ALA B 858 18.35 35.85 -5.03
C ALA B 858 19.75 36.17 -5.56
N ASN B 859 20.55 35.14 -5.84
CA ASN B 859 21.88 35.37 -6.40
C ASN B 859 21.80 35.88 -7.83
N ALA B 860 20.81 35.41 -8.60
CA ALA B 860 20.63 35.96 -9.94
C ALA B 860 20.12 37.40 -9.89
N LEU B 861 19.37 37.76 -8.85
CA LEU B 861 18.91 39.13 -8.72
C LEU B 861 20.02 40.08 -8.31
N MET B 862 20.97 39.64 -7.49
CA MET B 862 21.99 40.54 -6.96
C MET B 862 23.34 40.41 -7.66
N GLN B 863 23.40 39.79 -8.82
CA GLN B 863 24.68 39.48 -9.46
C GLN B 863 25.24 40.71 -10.18
N GLY B 864 26.37 41.21 -9.68
CA GLY B 864 27.13 42.23 -10.39
C GLY B 864 26.52 43.61 -10.44
N VAL B 865 25.76 43.99 -9.42
CA VAL B 865 25.12 45.31 -9.35
C VAL B 865 25.97 46.20 -8.45
N THR B 866 26.32 47.38 -8.96
CA THR B 866 27.12 48.35 -8.24
C THR B 866 26.34 49.65 -8.12
N LEU B 867 26.08 50.08 -6.89
CA LEU B 867 25.28 51.26 -6.63
C LEU B 867 26.12 52.35 -5.99
N SER B 868 25.54 53.54 -5.88
CA SER B 868 26.19 54.64 -5.20
C SER B 868 25.78 54.66 -3.73
N SER B 869 26.67 55.16 -2.88
CA SER B 869 26.35 55.30 -1.47
C SER B 869 25.48 56.52 -1.18
N ASN B 870 25.42 57.47 -2.11
CA ASN B 870 24.59 58.66 -1.97
C ASN B 870 23.17 58.44 -2.50
N LEU B 871 22.80 57.19 -2.79
CA LEU B 871 21.46 56.92 -3.28
C LEU B 871 20.45 56.96 -2.14
N ASN B 872 19.33 57.63 -2.38
CA ASN B 872 18.29 57.77 -1.37
C ASN B 872 16.97 57.94 -2.08
N THR B 873 16.06 56.96 -1.92
CA THR B 873 14.82 56.95 -2.69
C THR B 873 13.81 57.98 -2.23
N ASN B 874 14.07 58.69 -1.12
CA ASN B 874 13.22 59.81 -0.75
C ASN B 874 13.51 61.02 -1.61
N LEU B 875 14.67 61.07 -2.25
CA LEU B 875 15.06 62.15 -3.14
C LEU B 875 15.29 61.70 -4.57
N HIS B 876 15.55 60.41 -4.78
CA HIS B 876 15.91 59.86 -6.08
C HIS B 876 14.90 58.81 -6.48
N SER B 877 13.81 59.25 -7.13
CA SER B 877 12.83 58.29 -7.65
C SER B 877 12.24 58.75 -8.98
N ASP B 878 12.97 59.53 -9.77
CA ASP B 878 12.44 60.08 -11.01
C ASP B 878 13.60 60.44 -11.92
N VAL B 879 13.76 59.70 -13.01
CA VAL B 879 14.80 59.98 -14.00
C VAL B 879 14.16 60.20 -15.35
N ASP B 880 14.45 61.36 -15.96
CA ASP B 880 14.02 61.72 -17.32
C ASP B 880 12.52 61.65 -17.50
N ASN B 881 11.79 62.30 -16.57
CA ASN B 881 10.34 62.46 -16.59
C ASN B 881 9.59 61.12 -16.50
N ILE B 882 10.25 60.09 -15.99
CA ILE B 882 9.61 58.80 -15.73
C ILE B 882 9.62 58.57 -14.24
N ASP B 883 8.43 58.38 -13.67
CA ASP B 883 8.28 58.25 -12.23
C ASP B 883 8.37 56.78 -11.82
N PHE B 884 9.40 56.45 -11.06
CA PHE B 884 9.62 55.09 -10.56
C PHE B 884 9.26 54.94 -9.09
N LYS B 885 8.32 55.76 -8.59
CA LYS B 885 8.05 55.78 -7.16
C LYS B 885 7.29 54.54 -6.71
N SER B 886 6.42 54.00 -7.57
CA SER B 886 5.61 52.85 -7.21
C SER B 886 6.36 51.52 -7.33
N LEU B 887 7.59 51.53 -7.82
CA LEU B 887 8.36 50.31 -7.97
C LEU B 887 9.48 50.18 -6.95
N LEU B 888 9.83 51.25 -6.25
CA LEU B 888 10.93 51.24 -5.30
C LEU B 888 10.41 51.08 -3.88
N GLY B 889 11.17 50.37 -3.06
CA GLY B 889 10.88 50.26 -1.65
C GLY B 889 11.58 51.34 -0.87
N CYS B 890 12.56 50.97 -0.05
CA CYS B 890 13.39 51.95 0.65
C CYS B 890 14.85 51.56 0.47
N LEU B 891 15.67 52.52 0.03
CA LEU B 891 17.10 52.32 -0.09
C LEU B 891 17.81 53.55 0.46
N GLY B 892 18.94 53.32 1.10
CA GLY B 892 19.72 54.38 1.69
C GLY B 892 20.20 53.98 3.06
N SER B 893 20.92 54.89 3.71
CA SER B 893 21.48 54.65 5.03
C SER B 893 20.69 55.34 6.14
N GLN B 894 19.40 55.59 5.94
CA GLN B 894 18.61 56.30 6.95
C GLN B 894 17.17 55.80 7.03
N CYS B 895 16.85 54.66 6.40
CA CYS B 895 15.47 54.20 6.39
C CYS B 895 15.22 53.00 7.30
N GLY B 896 15.98 51.92 7.09
CA GLY B 896 15.70 50.68 7.78
C GLY B 896 14.81 49.78 6.94
N SER B 897 15.37 48.73 6.35
CA SER B 897 14.68 47.93 5.34
C SER B 897 13.62 47.04 6.00
N SER B 898 12.42 47.60 6.09
CA SER B 898 11.25 46.86 6.52
C SER B 898 10.04 47.26 5.68
N SER B 899 10.23 47.41 4.38
CA SER B 899 9.20 48.01 3.53
C SER B 899 9.17 47.34 2.18
N ARG B 900 8.01 47.45 1.52
CA ARG B 900 7.81 47.06 0.14
C ARG B 900 7.45 48.28 -0.69
N SER B 901 7.40 48.10 -2.01
CA SER B 901 6.83 49.12 -2.86
C SER B 901 5.30 49.05 -2.80
N LEU B 902 4.65 50.06 -3.34
CA LEU B 902 3.20 50.10 -3.25
C LEU B 902 2.52 49.17 -4.25
N LEU B 903 3.24 48.77 -5.31
CA LEU B 903 2.75 47.70 -6.17
C LEU B 903 2.77 46.37 -5.43
N GLU B 904 3.85 46.08 -4.72
CA GLU B 904 3.91 44.89 -3.87
C GLU B 904 2.95 44.99 -2.70
N ASP B 905 2.67 46.21 -2.23
CA ASP B 905 1.67 46.37 -1.18
C ASP B 905 0.27 46.06 -1.69
N LEU B 906 -0.02 46.44 -2.94
CA LEU B 906 -1.31 46.09 -3.54
C LEU B 906 -1.39 44.59 -3.80
N LEU B 907 -0.27 43.96 -4.14
CA LEU B 907 -0.31 42.53 -4.44
C LEU B 907 -0.43 41.69 -3.17
N PHE B 908 0.30 42.03 -2.11
CA PHE B 908 0.30 41.24 -0.90
C PHE B 908 -0.91 41.48 -0.01
N ASN B 909 -1.73 42.48 -0.31
CA ASN B 909 -2.93 42.73 0.49
C ASN B 909 -4.17 42.09 -0.11
N LYS B 910 -4.02 41.31 -1.18
CA LYS B 910 -5.13 40.55 -1.74
C LYS B 910 -4.93 39.06 -1.62
N VAL B 911 -3.78 38.62 -1.09
CA VAL B 911 -3.50 37.22 -0.80
C VAL B 911 -3.29 37.14 0.71
N LYS B 912 -4.17 36.43 1.40
CA LYS B 912 -4.11 36.39 2.86
C LYS B 912 -3.01 35.44 3.33
N LEU B 913 -2.99 34.22 2.81
CA LEU B 913 -2.04 33.20 3.27
C LEU B 913 -0.74 33.30 2.49
N SER B 914 -0.03 34.41 2.74
CA SER B 914 1.32 34.60 2.27
C SER B 914 2.30 34.03 3.29
N ASP B 915 3.58 34.40 3.19
CA ASP B 915 4.58 33.91 4.13
C ASP B 915 4.36 34.48 5.53
N VAL B 916 3.81 35.68 5.64
CA VAL B 916 3.56 36.28 6.95
C VAL B 916 2.14 35.97 7.41
N GLY B 917 1.25 35.66 6.47
CA GLY B 917 -0.11 35.29 6.83
C GLY B 917 -0.18 33.94 7.52
N PHE B 918 0.69 33.02 7.14
CA PHE B 918 0.76 31.73 7.81
C PHE B 918 1.26 31.88 9.24
N VAL B 919 2.24 32.75 9.47
CA VAL B 919 2.77 32.97 10.81
C VAL B 919 1.73 33.63 11.70
N GLU B 920 1.06 34.67 11.19
CA GLU B 920 0.04 35.33 12.00
C GLU B 920 -1.22 34.50 12.15
N ALA B 921 -1.46 33.51 11.28
CA ALA B 921 -2.56 32.59 11.51
C ALA B 921 -2.21 31.52 12.52
N TYR B 922 -0.96 31.06 12.53
CA TYR B 922 -0.53 30.08 13.52
C TYR B 922 -0.34 30.69 14.89
N ASN B 923 -0.15 32.01 14.98
CA ASN B 923 -0.07 32.67 16.28
C ASN B 923 -1.39 32.65 17.05
N ASN B 924 -2.52 32.50 16.36
CA ASN B 924 -3.83 32.56 16.97
C ASN B 924 -4.35 31.20 17.42
N CYS B 925 -3.54 30.15 17.32
CA CYS B 925 -4.05 28.81 17.58
C CYS B 925 -4.21 28.50 19.07
N THR B 926 -3.66 29.33 19.95
CA THR B 926 -3.89 29.18 21.38
C THR B 926 -5.17 29.96 21.74
N GLY B 927 -6.30 29.37 21.37
CA GLY B 927 -7.59 30.00 21.58
C GLY B 927 -8.49 29.92 20.36
N GLY B 928 -7.89 29.90 19.17
CA GLY B 928 -8.62 29.87 17.90
C GLY B 928 -8.96 31.24 17.35
N SER B 929 -9.31 32.17 18.25
CA SER B 929 -9.46 33.61 18.05
C SER B 929 -10.69 34.02 17.26
N GLU B 930 -11.42 33.07 16.66
CA GLU B 930 -12.81 33.33 16.30
C GLU B 930 -13.74 32.35 17.02
N ILE B 931 -13.73 31.07 16.68
CA ILE B 931 -14.13 29.99 17.58
C ILE B 931 -13.16 28.84 17.38
N ARG B 932 -12.63 28.74 16.16
CA ARG B 932 -11.95 27.55 15.65
C ARG B 932 -11.45 27.88 14.25
N ASP B 933 -10.40 27.18 13.83
CA ASP B 933 -9.82 27.44 12.52
C ASP B 933 -9.31 26.12 11.93
N LEU B 934 -9.25 26.08 10.59
CA LEU B 934 -8.82 24.85 9.92
C LEU B 934 -7.32 24.64 10.04
N LEU B 935 -6.54 25.73 10.03
CA LEU B 935 -5.09 25.61 10.16
C LEU B 935 -4.69 25.12 11.55
N CYS B 936 -5.46 25.47 12.57
CA CYS B 936 -5.14 24.99 13.91
C CYS B 936 -5.53 23.53 14.10
N VAL B 937 -6.62 23.09 13.47
CA VAL B 937 -6.97 21.67 13.47
C VAL B 937 -5.93 20.86 12.71
N GLN B 938 -5.38 21.42 11.62
CA GLN B 938 -4.32 20.74 10.90
C GLN B 938 -3.03 20.69 11.71
N SER B 939 -2.67 21.79 12.37
CA SER B 939 -1.42 21.83 13.13
C SER B 939 -1.50 21.02 14.41
N PHE B 940 -2.69 20.76 14.95
CA PHE B 940 -2.81 19.89 16.10
C PHE B 940 -2.70 18.42 15.71
N ASN B 941 -2.82 18.10 14.42
CA ASN B 941 -2.64 16.75 13.92
C ASN B 941 -1.32 16.57 13.17
N GLY B 942 -0.35 17.45 13.41
CA GLY B 942 0.98 17.26 12.87
C GLY B 942 1.19 17.75 11.46
N ILE B 943 0.42 18.73 11.00
CA ILE B 943 0.53 19.26 9.63
C ILE B 943 0.76 20.76 9.74
N LYS B 944 1.98 21.20 9.46
CA LYS B 944 2.31 22.62 9.58
C LYS B 944 3.07 23.09 8.36
N VAL B 945 3.01 24.39 8.11
CA VAL B 945 3.75 25.04 7.02
C VAL B 945 4.82 25.93 7.62
N LEU B 946 6.09 25.73 7.19
CA LEU B 946 7.26 26.44 7.70
C LEU B 946 7.58 27.66 6.83
N PRO B 947 8.16 28.71 7.42
CA PRO B 947 8.51 29.89 6.62
C PRO B 947 9.73 29.62 5.76
N PRO B 948 9.91 30.36 4.67
CA PRO B 948 11.13 30.23 3.89
C PRO B 948 12.33 30.84 4.62
N ILE B 949 13.52 30.49 4.12
CA ILE B 949 14.75 30.91 4.81
C ILE B 949 15.04 32.38 4.60
N LEU B 950 14.44 32.99 3.57
CA LEU B 950 14.58 34.41 3.31
C LEU B 950 13.22 35.07 3.43
N SER B 951 13.16 36.20 4.13
CA SER B 951 11.90 36.90 4.27
C SER B 951 11.58 37.63 2.97
N GLU B 952 10.32 38.05 2.84
CA GLU B 952 9.89 38.69 1.62
C GLU B 952 10.35 40.14 1.52
N THR B 953 10.69 40.77 2.64
CA THR B 953 11.26 42.10 2.58
C THR B 953 12.69 42.07 2.07
N GLN B 954 13.41 40.96 2.28
CA GLN B 954 14.73 40.80 1.69
C GLN B 954 14.65 40.68 0.17
N ILE B 955 13.68 39.91 -0.32
CA ILE B 955 13.49 39.78 -1.77
C ILE B 955 12.99 41.10 -2.35
N SER B 956 12.21 41.87 -1.58
CA SER B 956 11.80 43.19 -2.03
C SER B 956 12.98 44.15 -2.11
N GLY B 957 13.93 44.04 -1.17
CA GLY B 957 15.13 44.84 -1.26
C GLY B 957 16.02 44.44 -2.42
N TYR B 958 16.04 43.14 -2.74
CA TYR B 958 16.79 42.67 -3.89
C TYR B 958 16.21 43.20 -5.19
N THR B 959 14.88 43.18 -5.32
CA THR B 959 14.25 43.72 -6.53
C THR B 959 14.36 45.24 -6.59
N THR B 960 14.37 45.92 -5.44
CA THR B 960 14.58 47.36 -5.42
C THR B 960 16.00 47.72 -5.87
N ALA B 961 16.99 46.93 -5.45
CA ALA B 961 18.36 47.16 -5.91
C ALA B 961 18.50 46.88 -7.40
N ALA B 962 17.86 45.81 -7.89
CA ALA B 962 17.93 45.50 -9.31
C ALA B 962 17.19 46.53 -10.17
N THR B 963 16.11 47.11 -9.66
CA THR B 963 15.42 48.18 -10.38
C THR B 963 16.24 49.46 -10.39
N VAL B 964 16.79 49.83 -9.23
CA VAL B 964 17.51 51.09 -9.11
C VAL B 964 18.89 51.02 -9.76
N ALA B 965 19.37 49.83 -10.10
CA ALA B 965 20.65 49.69 -10.80
C ALA B 965 20.58 50.12 -12.27
N ALA B 966 19.39 50.38 -12.80
CA ALA B 966 19.23 50.75 -14.19
C ALA B 966 19.04 52.24 -14.42
N MET B 967 18.90 53.03 -13.35
CA MET B 967 18.47 54.42 -13.46
C MET B 967 19.55 55.45 -13.15
N PHE B 968 20.69 55.04 -12.63
CA PHE B 968 21.59 55.94 -11.92
C PHE B 968 23.02 55.67 -12.37
N PRO B 969 23.92 56.66 -12.25
CA PRO B 969 25.07 56.73 -13.19
C PRO B 969 26.24 55.78 -12.91
N PRO B 970 26.11 54.70 -12.14
CA PRO B 970 26.90 53.52 -12.52
C PRO B 970 26.30 52.78 -13.71
N TRP B 971 24.95 52.71 -13.76
CA TRP B 971 24.18 52.02 -14.79
C TRP B 971 24.60 50.56 -14.94
N SER B 972 24.38 49.78 -13.87
CA SER B 972 24.83 48.39 -13.87
C SER B 972 23.92 47.51 -14.73
N ALA B 973 22.61 47.72 -14.66
CA ALA B 973 21.66 46.89 -15.38
C ALA B 973 21.05 47.59 -16.59
N ALA B 974 21.74 48.57 -17.16
CA ALA B 974 21.26 49.29 -18.33
C ALA B 974 22.35 49.44 -19.39
N ALA B 975 23.41 48.63 -19.27
CA ALA B 975 24.54 48.57 -20.21
C ALA B 975 25.25 49.92 -20.36
N GLY B 976 25.57 50.54 -19.22
CA GLY B 976 26.47 51.69 -19.19
C GLY B 976 25.92 52.98 -19.76
N VAL B 977 24.67 53.04 -20.15
CA VAL B 977 24.08 54.24 -20.74
C VAL B 977 22.87 54.63 -19.90
N PRO B 978 22.43 55.89 -19.97
CA PRO B 978 21.19 56.28 -19.28
C PRO B 978 19.97 55.52 -19.76
N PHE B 979 18.93 55.53 -18.92
CA PHE B 979 17.73 54.73 -19.15
C PHE B 979 16.99 55.19 -20.39
N SER B 980 16.86 56.50 -20.59
CA SER B 980 16.16 57.01 -21.75
C SER B 980 16.96 56.78 -23.03
N LEU B 981 18.30 56.86 -22.94
CA LEU B 981 19.13 56.57 -24.09
C LEU B 981 19.09 55.08 -24.43
N ASN B 982 19.01 54.22 -23.42
CA ASN B 982 18.87 52.79 -23.67
C ASN B 982 17.53 52.47 -24.31
N VAL B 983 16.46 53.15 -23.86
CA VAL B 983 15.14 52.99 -24.48
C VAL B 983 15.17 53.45 -25.93
N GLN B 984 15.87 54.55 -26.20
CA GLN B 984 15.98 55.07 -27.56
C GLN B 984 16.76 54.12 -28.46
N TYR B 985 17.85 53.53 -27.96
CA TYR B 985 18.61 52.57 -28.77
C TYR B 985 17.81 51.29 -29.01
N ARG B 986 17.05 50.84 -28.01
CA ARG B 986 16.28 49.62 -28.19
C ARG B 986 15.08 49.81 -29.11
N ILE B 987 14.51 51.01 -29.16
CA ILE B 987 13.44 51.26 -30.12
C ILE B 987 14.03 51.46 -31.52
N ASN B 988 15.19 52.11 -31.62
CA ASN B 988 15.86 52.28 -32.91
C ASN B 988 16.32 50.95 -33.49
N GLY B 989 16.64 49.98 -32.64
CA GLY B 989 16.98 48.64 -33.12
C GLY B 989 15.84 47.87 -33.75
N LEU B 990 14.60 48.36 -33.64
CA LEU B 990 13.47 47.71 -34.29
C LEU B 990 13.24 48.23 -35.70
N GLY B 991 13.85 49.34 -36.08
CA GLY B 991 13.64 49.90 -37.39
C GLY B 991 12.99 51.27 -37.36
N VAL B 992 13.23 52.04 -36.29
CA VAL B 992 12.71 53.38 -36.14
C VAL B 992 13.89 54.35 -36.17
N THR B 993 13.76 55.43 -36.95
CA THR B 993 14.86 56.36 -37.10
C THR B 993 15.05 57.19 -35.84
N MET B 994 16.22 57.79 -35.71
CA MET B 994 16.58 58.50 -34.49
C MET B 994 16.00 59.91 -34.43
N ASP B 995 15.56 60.47 -35.56
CA ASP B 995 14.95 61.79 -35.56
C ASP B 995 13.60 61.77 -34.85
N VAL B 996 12.80 60.73 -35.10
CA VAL B 996 11.50 60.59 -34.45
C VAL B 996 11.68 60.37 -32.95
N LEU B 997 12.71 59.61 -32.57
CA LEU B 997 12.95 59.34 -31.16
C LEU B 997 13.49 60.56 -30.43
N ASN B 998 14.29 61.39 -31.11
CA ASN B 998 14.77 62.61 -30.48
C ASN B 998 13.68 63.66 -30.38
N LYS B 999 12.74 63.68 -31.33
CA LYS B 999 11.65 64.65 -31.28
C LYS B 999 10.54 64.24 -30.33
N ASN B 1000 10.36 62.95 -30.05
CA ASN B 1000 9.22 62.50 -29.26
C ASN B 1000 9.63 61.85 -27.94
N GLN B 1001 10.55 62.46 -27.21
CA GLN B 1001 11.04 61.86 -25.98
C GLN B 1001 10.02 62.02 -24.84
N LYS B 1002 9.38 63.20 -24.77
CA LYS B 1002 8.40 63.46 -23.71
C LYS B 1002 7.16 62.61 -23.86
N LEU B 1003 6.74 62.34 -25.11
CA LEU B 1003 5.62 61.43 -25.34
C LEU B 1003 5.96 60.00 -24.94
N ILE B 1004 7.22 59.60 -25.11
CA ILE B 1004 7.66 58.27 -24.67
C ILE B 1004 7.63 58.18 -23.15
N ALA B 1005 8.07 59.24 -22.47
CA ALA B 1005 8.02 59.25 -20.99
C ALA B 1005 6.59 59.25 -20.48
N ASN B 1006 5.69 59.98 -21.15
CA ASN B 1006 4.28 59.97 -20.75
C ASN B 1006 3.63 58.62 -21.02
N ALA B 1007 4.03 57.95 -22.10
CA ALA B 1007 3.50 56.62 -22.36
C ALA B 1007 3.98 55.60 -21.33
N PHE B 1008 5.23 55.74 -20.87
CA PHE B 1008 5.73 54.91 -19.78
C PHE B 1008 4.94 55.15 -18.49
N ASN B 1009 4.69 56.41 -18.15
CA ASN B 1009 3.93 56.75 -16.95
C ASN B 1009 2.49 56.23 -17.04
N LYS B 1010 1.88 56.34 -18.21
CA LYS B 1010 0.52 55.84 -18.41
C LYS B 1010 0.46 54.33 -18.33
N ALA B 1011 1.49 53.64 -18.84
CA ALA B 1011 1.52 52.18 -18.76
C ALA B 1011 1.70 51.70 -17.32
N LEU B 1012 2.53 52.40 -16.55
CA LEU B 1012 2.68 52.04 -15.13
C LEU B 1012 1.42 52.32 -14.34
N LEU B 1013 0.75 53.45 -14.62
CA LEU B 1013 -0.49 53.75 -13.92
C LEU B 1013 -1.63 52.83 -14.32
N SER B 1014 -1.58 52.27 -15.54
CA SER B 1014 -2.58 51.29 -15.93
C SER B 1014 -2.30 49.92 -15.36
N ILE B 1015 -1.02 49.56 -15.18
CA ILE B 1015 -0.66 48.32 -14.51
C ILE B 1015 -1.07 48.38 -13.04
N GLN B 1016 -0.89 49.56 -12.41
CA GLN B 1016 -1.14 49.70 -10.98
C GLN B 1016 -2.61 49.56 -10.62
N ASN B 1017 -3.52 49.95 -11.50
CA ASN B 1017 -4.96 49.90 -11.24
C ASN B 1017 -5.63 48.73 -11.97
N GLY B 1018 -4.98 47.58 -12.02
CA GLY B 1018 -5.52 46.47 -12.79
C GLY B 1018 -5.69 45.18 -12.01
N PHE B 1019 -5.40 45.21 -10.71
CA PHE B 1019 -5.52 44.03 -9.86
C PHE B 1019 -6.96 43.92 -9.31
N THR B 1020 -7.93 43.79 -10.22
CA THR B 1020 -9.35 43.83 -9.85
C THR B 1020 -10.05 42.58 -10.38
N ALA B 1021 -9.93 41.48 -9.64
CA ALA B 1021 -10.85 40.33 -9.65
C ALA B 1021 -10.90 39.51 -10.94
N THR B 1022 -10.22 39.96 -11.99
CA THR B 1022 -10.21 39.25 -13.26
C THR B 1022 -8.82 39.19 -13.87
N ASN B 1023 -7.80 39.67 -13.17
CA ASN B 1023 -6.43 39.61 -13.67
C ASN B 1023 -5.94 38.17 -13.68
N SER B 1024 -5.26 37.79 -14.76
CA SER B 1024 -4.73 36.44 -14.86
C SER B 1024 -3.56 36.22 -13.91
N ALA B 1025 -2.85 37.30 -13.58
CA ALA B 1025 -1.74 37.19 -12.63
C ALA B 1025 -2.25 36.91 -11.22
N LEU B 1026 -3.33 37.58 -10.83
CA LEU B 1026 -3.89 37.35 -9.50
C LEU B 1026 -4.52 35.97 -9.38
N ALA B 1027 -5.16 35.49 -10.45
CA ALA B 1027 -5.71 34.14 -10.44
C ALA B 1027 -4.59 33.10 -10.41
N LYS B 1028 -3.50 33.36 -11.13
CA LYS B 1028 -2.35 32.46 -11.11
C LYS B 1028 -1.67 32.44 -9.74
N ILE B 1029 -1.67 33.57 -9.04
CA ILE B 1029 -1.14 33.59 -7.67
C ILE B 1029 -2.06 32.83 -6.72
N GLN B 1030 -3.37 33.07 -6.82
CA GLN B 1030 -4.32 32.46 -5.89
C GLN B 1030 -4.50 30.96 -6.10
N SER B 1031 -4.19 30.45 -7.30
CA SER B 1031 -4.31 29.01 -7.53
C SER B 1031 -3.31 28.22 -6.71
N VAL B 1032 -2.15 28.79 -6.42
CA VAL B 1032 -1.15 28.12 -5.58
C VAL B 1032 -1.67 27.94 -4.15
N VAL B 1033 -2.25 29.00 -3.59
CA VAL B 1033 -2.79 28.96 -2.23
C VAL B 1033 -3.98 28.03 -2.15
N ASN B 1034 -4.86 28.06 -3.15
CA ASN B 1034 -6.03 27.20 -3.14
C ASN B 1034 -5.66 25.73 -3.31
N ALA B 1035 -4.65 25.44 -4.14
CA ALA B 1035 -4.21 24.06 -4.33
C ALA B 1035 -3.55 23.51 -3.06
N ASN B 1036 -2.74 24.33 -2.39
CA ASN B 1036 -2.12 23.91 -1.13
C ASN B 1036 -3.16 23.66 -0.05
N ALA B 1037 -4.15 24.56 0.06
CA ALA B 1037 -5.20 24.39 1.07
C ALA B 1037 -6.06 23.17 0.78
N GLN B 1038 -6.35 22.89 -0.50
CA GLN B 1038 -7.15 21.71 -0.83
C GLN B 1038 -6.39 20.42 -0.57
N ALA B 1039 -5.08 20.40 -0.85
CA ALA B 1039 -4.28 19.22 -0.57
C ALA B 1039 -4.18 18.94 0.93
N LEU B 1040 -4.01 20.00 1.73
CA LEU B 1040 -3.93 19.80 3.18
C LEU B 1040 -5.28 19.42 3.77
N ASN B 1041 -6.38 19.93 3.22
CA ASN B 1041 -7.70 19.54 3.70
C ASN B 1041 -8.03 18.10 3.34
N SER B 1042 -7.66 17.66 2.13
CA SER B 1042 -7.89 16.28 1.75
C SER B 1042 -6.99 15.33 2.52
N LEU B 1043 -5.82 15.79 2.97
CA LEU B 1043 -5.00 14.97 3.85
C LEU B 1043 -5.59 14.90 5.25
N LEU B 1044 -6.20 16.00 5.71
CA LEU B 1044 -6.85 16.01 7.02
C LEU B 1044 -8.10 15.13 7.05
N GLN B 1045 -8.80 15.03 5.92
CA GLN B 1045 -10.03 14.23 5.88
C GLN B 1045 -9.77 12.73 5.88
N GLN B 1046 -8.52 12.28 5.82
CA GLN B 1046 -8.23 10.85 5.87
C GLN B 1046 -8.29 10.29 7.28
N LEU B 1047 -8.47 11.14 8.28
CA LEU B 1047 -8.56 10.67 9.66
C LEU B 1047 -9.99 10.30 10.05
N PHE B 1048 -10.94 10.36 9.13
CA PHE B 1048 -12.31 9.98 9.40
C PHE B 1048 -12.77 8.81 8.53
N ASN B 1049 -11.84 8.13 7.87
CA ASN B 1049 -12.16 6.90 7.18
C ASN B 1049 -12.00 5.72 8.13
N LYS B 1050 -12.81 4.68 7.90
CA LYS B 1050 -12.76 3.51 8.78
C LYS B 1050 -11.71 2.51 8.35
N PHE B 1051 -11.41 2.44 7.05
CA PHE B 1051 -10.46 1.51 6.45
C PHE B 1051 -10.80 0.05 6.77
N GLY B 1052 -12.09 -0.28 6.82
CA GLY B 1052 -12.53 -1.61 7.13
C GLY B 1052 -12.67 -1.92 8.61
N ALA B 1053 -12.33 -0.99 9.49
CA ALA B 1053 -12.45 -1.22 10.92
C ALA B 1053 -13.85 -0.85 11.39
N ILE B 1054 -14.07 -0.89 12.71
CA ILE B 1054 -15.38 -0.59 13.26
C ILE B 1054 -15.59 0.89 13.50
N SER B 1055 -14.52 1.68 13.53
CA SER B 1055 -14.63 3.10 13.78
C SER B 1055 -13.38 3.79 13.24
N SER B 1056 -13.49 5.09 13.02
CA SER B 1056 -12.36 5.92 12.63
C SER B 1056 -11.67 6.56 13.83
N SER B 1057 -12.25 6.43 15.01
CA SER B 1057 -11.76 7.09 16.22
C SER B 1057 -11.10 6.06 17.12
N LEU B 1058 -9.87 6.36 17.54
CA LEU B 1058 -9.16 5.48 18.46
C LEU B 1058 -9.75 5.57 19.86
N GLN B 1059 -10.37 6.70 20.20
CA GLN B 1059 -11.04 6.86 21.49
C GLN B 1059 -12.23 5.91 21.62
N GLU B 1060 -12.95 5.67 20.52
CA GLU B 1060 -14.09 4.76 20.57
C GLU B 1060 -13.65 3.31 20.55
N ILE B 1061 -12.57 2.98 19.85
CA ILE B 1061 -12.08 1.61 19.82
C ILE B 1061 -11.46 1.22 21.15
N LEU B 1062 -10.65 2.09 21.73
CA LEU B 1062 -9.95 1.78 22.96
C LEU B 1062 -10.84 1.85 24.20
N SER B 1063 -12.09 2.27 24.08
CA SER B 1063 -13.02 2.28 25.19
C SER B 1063 -14.08 1.18 25.06
N ARG B 1064 -13.89 0.23 24.15
CA ARG B 1064 -14.83 -0.87 24.00
C ARG B 1064 -14.14 -2.23 24.01
N LEU B 1065 -12.90 -2.28 23.54
CA LEU B 1065 -12.23 -3.54 23.29
C LEU B 1065 -11.01 -3.72 24.20
N ASP B 1066 -10.51 -4.96 24.22
CA ASP B 1066 -9.35 -5.43 24.97
C ASP B 1066 -8.13 -5.49 24.06
N PRO B 1067 -6.92 -5.41 24.64
CA PRO B 1067 -5.67 -5.46 23.84
C PRO B 1067 -5.50 -6.69 22.96
N PRO B 1068 -6.14 -7.84 23.22
CA PRO B 1068 -6.20 -8.84 22.15
C PRO B 1068 -6.98 -8.38 20.92
N GLU B 1069 -8.16 -7.80 21.09
CA GLU B 1069 -9.05 -7.56 19.97
C GLU B 1069 -9.01 -6.11 19.48
N ALA B 1070 -8.44 -5.19 20.27
CA ALA B 1070 -8.38 -3.81 19.82
C ALA B 1070 -7.27 -3.61 18.78
N GLN B 1071 -6.19 -4.38 18.86
CA GLN B 1071 -5.06 -4.18 17.96
C GLN B 1071 -5.38 -4.60 16.54
N VAL B 1072 -6.31 -5.55 16.37
CA VAL B 1072 -6.74 -5.96 15.04
C VAL B 1072 -7.52 -4.84 14.37
N GLN B 1073 -8.17 -3.98 15.16
CA GLN B 1073 -8.85 -2.82 14.60
C GLN B 1073 -7.89 -1.66 14.39
N ILE B 1074 -6.91 -1.50 15.29
CA ILE B 1074 -5.98 -0.37 15.21
C ILE B 1074 -5.02 -0.53 14.02
N ASP B 1075 -4.67 -1.77 13.67
CA ASP B 1075 -3.69 -2.00 12.61
C ASP B 1075 -4.21 -1.60 11.24
N ARG B 1076 -5.52 -1.70 11.02
CA ARG B 1076 -6.11 -1.29 9.75
C ARG B 1076 -6.06 0.23 9.58
N LEU B 1077 -6.34 0.97 10.66
CA LEU B 1077 -6.21 2.42 10.65
C LEU B 1077 -4.78 2.84 10.43
N ILE B 1078 -3.83 2.13 11.04
CA ILE B 1078 -2.40 2.41 10.86
C ILE B 1078 -1.99 2.24 9.40
N ASN B 1079 -2.42 1.13 8.78
CA ASN B 1079 -2.08 0.86 7.38
C ASN B 1079 -2.69 1.89 6.45
N GLY B 1080 -3.95 2.27 6.69
CA GLY B 1080 -4.59 3.25 5.82
C GLY B 1080 -3.98 4.62 5.92
N ARG B 1081 -3.63 5.07 7.14
CA ARG B 1081 -3.04 6.39 7.29
C ARG B 1081 -1.60 6.44 6.77
N LEU B 1082 -0.85 5.33 6.88
CA LEU B 1082 0.48 5.29 6.30
C LEU B 1082 0.43 5.29 4.77
N THR B 1083 -0.57 4.61 4.19
CA THR B 1083 -0.77 4.66 2.74
C THR B 1083 -1.10 6.08 2.26
N ALA B 1084 -1.96 6.78 3.01
CA ALA B 1084 -2.32 8.16 2.66
C ALA B 1084 -1.11 9.10 2.73
N LEU B 1085 -0.25 8.91 3.74
CA LEU B 1085 0.95 9.73 3.85
C LEU B 1085 1.93 9.45 2.72
N ASN B 1086 2.05 8.17 2.31
CA ASN B 1086 2.91 7.83 1.18
C ASN B 1086 2.44 8.48 -0.11
N ALA B 1087 1.12 8.51 -0.33
CA ALA B 1087 0.58 9.13 -1.53
C ALA B 1087 0.82 10.63 -1.55
N TYR B 1088 0.65 11.30 -0.40
CA TYR B 1088 0.91 12.73 -0.31
C TYR B 1088 2.39 13.05 -0.57
N VAL B 1089 3.28 12.23 -0.02
CA VAL B 1089 4.72 12.46 -0.15
C VAL B 1089 5.16 12.29 -1.60
N SER B 1090 4.59 11.30 -2.30
CA SER B 1090 4.88 11.11 -3.72
C SER B 1090 4.40 12.30 -4.56
N GLN B 1091 3.21 12.84 -4.26
CA GLN B 1091 2.70 13.95 -5.04
C GLN B 1091 3.52 15.23 -4.82
N GLN B 1092 3.99 15.47 -3.59
CA GLN B 1092 4.85 16.64 -3.35
C GLN B 1092 6.20 16.51 -4.05
N LEU B 1093 6.77 15.29 -4.01
CA LEU B 1093 8.04 15.04 -4.69
C LEU B 1093 7.91 15.19 -6.20
N SER B 1094 6.72 14.95 -6.76
CA SER B 1094 6.55 15.18 -8.19
C SER B 1094 6.25 16.65 -8.53
N ASP B 1095 5.66 17.42 -7.61
CA ASP B 1095 5.37 18.82 -7.91
C ASP B 1095 6.60 19.72 -7.81
N ILE B 1096 7.59 19.31 -6.99
CA ILE B 1096 8.78 20.15 -6.82
C ILE B 1096 9.61 20.28 -8.11
N THR B 1097 9.46 19.36 -9.08
CA THR B 1097 10.21 19.47 -10.32
C THR B 1097 9.64 20.54 -11.23
N LEU B 1098 8.31 20.65 -11.28
CA LEU B 1098 7.67 21.74 -12.00
C LEU B 1098 8.03 23.09 -11.39
N ILE B 1099 8.11 23.13 -10.05
CA ILE B 1099 8.51 24.38 -9.39
C ILE B 1099 9.95 24.76 -9.74
N LYS B 1100 10.84 23.77 -9.81
CA LYS B 1100 12.23 24.06 -10.17
C LYS B 1100 12.39 24.49 -11.62
N ALA B 1101 11.60 23.92 -12.54
CA ALA B 1101 11.65 24.36 -13.93
C ALA B 1101 11.16 25.79 -14.09
N GLY B 1102 10.09 26.16 -13.38
CA GLY B 1102 9.64 27.55 -13.40
C GLY B 1102 10.64 28.51 -12.79
N ALA B 1103 11.35 28.06 -11.74
CA ALA B 1103 12.36 28.91 -11.12
C ALA B 1103 13.56 29.13 -12.04
N SER B 1104 13.95 28.10 -12.80
CA SER B 1104 15.04 28.28 -13.75
C SER B 1104 14.66 29.21 -14.89
N ARG B 1105 13.39 29.14 -15.33
CA ARG B 1105 12.90 30.09 -16.34
C ARG B 1105 12.91 31.52 -15.82
N ALA B 1106 12.54 31.71 -14.55
CA ALA B 1106 12.56 33.05 -13.96
C ALA B 1106 13.98 33.58 -13.80
N ILE B 1107 14.94 32.71 -13.46
CA ILE B 1107 16.34 33.11 -13.37
C ILE B 1107 16.87 33.54 -14.73
N GLU B 1108 16.48 32.81 -15.80
CA GLU B 1108 16.90 33.18 -17.15
C GLU B 1108 16.32 34.52 -17.57
N LYS B 1109 15.04 34.77 -17.25
CA LYS B 1109 14.43 36.05 -17.58
C LYS B 1109 15.05 37.21 -16.79
N VAL B 1110 15.44 36.98 -15.53
CA VAL B 1110 16.13 38.00 -14.75
C VAL B 1110 17.49 38.32 -15.37
N ASN B 1111 18.23 37.29 -15.78
CA ASN B 1111 19.57 37.52 -16.32
C ASN B 1111 19.54 38.14 -17.70
N GLU B 1112 18.56 37.80 -18.55
CA GLU B 1112 18.64 38.19 -19.95
C GLU B 1112 17.47 39.04 -20.44
N CYS B 1113 16.61 39.53 -19.56
CA CYS B 1113 15.60 40.51 -19.95
C CYS B 1113 15.61 41.75 -19.07
N VAL B 1114 16.07 41.63 -17.83
CA VAL B 1114 16.09 42.73 -16.88
C VAL B 1114 17.50 43.28 -16.69
N LYS B 1115 18.45 42.39 -16.40
CA LYS B 1115 19.82 42.82 -16.16
C LYS B 1115 20.50 43.26 -17.44
N SER B 1116 20.15 42.63 -18.56
CA SER B 1116 20.61 43.05 -19.87
C SER B 1116 19.55 42.64 -20.88
N GLN B 1117 19.72 43.05 -22.12
CA GLN B 1117 18.77 42.71 -23.18
C GLN B 1117 19.47 41.84 -24.20
N SER B 1118 18.99 40.62 -24.38
CA SER B 1118 19.57 39.68 -25.30
C SER B 1118 19.21 40.04 -26.74
N PRO B 1119 20.02 39.60 -27.71
CA PRO B 1119 19.60 39.66 -29.11
C PRO B 1119 18.59 38.60 -29.52
N ARG B 1120 18.12 37.77 -28.58
CA ARG B 1120 17.05 36.84 -28.85
C ARG B 1120 15.73 37.58 -29.02
N ILE B 1121 14.94 37.13 -29.99
CA ILE B 1121 13.63 37.70 -30.25
C ILE B 1121 12.59 36.68 -29.82
N ASN B 1122 11.46 37.17 -29.30
CA ASN B 1122 10.32 36.40 -28.77
C ASN B 1122 10.67 35.59 -27.53
N PHE B 1123 11.79 35.88 -26.87
CA PHE B 1123 12.07 35.23 -25.59
C PHE B 1123 11.25 35.86 -24.47
N CYS B 1124 11.50 37.13 -24.19
CA CYS B 1124 10.60 37.90 -23.33
C CYS B 1124 9.70 38.77 -24.20
N GLY B 1125 8.45 38.90 -23.79
CA GLY B 1125 7.55 39.76 -24.52
C GLY B 1125 6.99 39.08 -25.76
N ASN B 1126 6.84 39.85 -26.83
CA ASN B 1126 6.10 39.40 -28.00
C ASN B 1126 6.70 39.84 -29.33
N GLY B 1127 7.94 40.30 -29.34
CA GLY B 1127 8.33 41.10 -30.49
C GLY B 1127 7.96 42.55 -30.30
N ASN B 1128 8.84 43.43 -30.79
CA ASN B 1128 8.90 44.85 -30.40
C ASN B 1128 9.01 45.03 -28.89
N HIS B 1129 9.70 44.11 -28.22
CA HIS B 1129 9.92 44.18 -26.79
C HIS B 1129 11.10 45.10 -26.49
N ILE B 1130 10.87 46.07 -25.60
CA ILE B 1130 11.90 47.06 -25.30
C ILE B 1130 12.72 46.61 -24.10
N LEU B 1131 12.10 46.55 -22.93
CA LEU B 1131 12.78 46.12 -21.72
C LEU B 1131 11.75 45.62 -20.72
N SER B 1132 12.25 45.00 -19.66
CA SER B 1132 11.41 44.43 -18.60
C SER B 1132 11.91 44.90 -17.26
N LEU B 1133 10.99 44.98 -16.30
CA LEU B 1133 11.30 45.24 -14.90
C LEU B 1133 10.70 44.12 -14.07
N VAL B 1134 11.26 43.91 -12.87
CA VAL B 1134 10.85 42.80 -12.03
C VAL B 1134 10.35 43.36 -10.70
N GLN B 1135 9.36 42.69 -10.12
CA GLN B 1135 8.81 43.03 -8.81
C GLN B 1135 8.68 41.76 -8.00
N ASN B 1136 8.46 41.93 -6.70
CA ASN B 1136 8.30 40.78 -5.83
C ASN B 1136 6.82 40.42 -5.68
N ALA B 1137 6.53 39.13 -5.80
CA ALA B 1137 5.17 38.61 -5.74
C ALA B 1137 5.14 37.50 -4.71
N PRO B 1138 3.96 37.13 -4.22
CA PRO B 1138 3.89 35.93 -3.35
C PRO B 1138 4.22 34.66 -4.12
N TYR B 1139 5.22 33.93 -3.60
CA TYR B 1139 5.71 32.66 -4.14
C TYR B 1139 6.23 32.79 -5.57
N GLY B 1140 6.82 33.92 -5.91
CA GLY B 1140 7.33 34.11 -7.26
C GLY B 1140 7.77 35.52 -7.51
N LEU B 1141 7.94 35.85 -8.78
CA LEU B 1141 8.32 37.18 -9.22
C LEU B 1141 7.32 37.68 -10.25
N LEU B 1142 7.21 39.01 -10.36
CA LEU B 1142 6.30 39.64 -11.30
C LEU B 1142 7.11 40.46 -12.29
N PHE B 1143 7.08 40.06 -13.55
CA PHE B 1143 7.82 40.73 -14.61
C PHE B 1143 6.89 41.67 -15.36
N ILE B 1144 7.33 42.91 -15.56
CA ILE B 1144 6.56 43.92 -16.26
C ILE B 1144 7.28 44.24 -17.57
N HIS B 1145 6.73 43.78 -18.67
CA HIS B 1145 7.33 43.97 -19.98
C HIS B 1145 6.75 45.20 -20.66
N PHE B 1146 7.61 46.04 -21.22
CA PHE B 1146 7.20 47.19 -22.01
C PHE B 1146 7.50 46.92 -23.47
N SER B 1147 6.60 47.35 -24.35
CA SER B 1147 6.71 47.01 -25.76
C SER B 1147 6.32 48.19 -26.64
N TYR B 1148 6.86 48.18 -27.86
CA TYR B 1148 6.53 49.16 -28.87
C TYR B 1148 5.23 48.76 -29.55
N LYS B 1149 4.26 49.67 -29.55
CA LYS B 1149 2.93 49.39 -30.08
C LYS B 1149 2.51 50.43 -31.10
N PRO B 1150 2.30 50.06 -32.37
CA PRO B 1150 1.81 51.03 -33.35
C PRO B 1150 0.31 51.25 -33.21
N THR B 1151 -0.13 52.46 -33.56
CA THR B 1151 -1.54 52.82 -33.51
C THR B 1151 -2.17 53.04 -34.88
N SER B 1152 -1.52 53.81 -35.76
CA SER B 1152 -2.05 54.07 -37.09
C SER B 1152 -1.04 53.63 -38.13
N PHE B 1153 -1.53 53.32 -39.32
CA PHE B 1153 -0.72 52.69 -40.35
C PHE B 1153 -0.84 53.45 -41.66
N LYS B 1154 -0.11 52.96 -42.67
CA LYS B 1154 -0.08 53.54 -44.00
C LYS B 1154 0.35 52.47 -45.00
N THR B 1155 -0.24 52.49 -46.19
CA THR B 1155 0.03 51.51 -47.22
C THR B 1155 1.06 52.05 -48.19
N VAL B 1156 2.26 51.47 -48.21
CA VAL B 1156 3.39 51.94 -48.99
C VAL B 1156 3.77 50.87 -50.01
N LEU B 1157 4.40 51.30 -51.10
CA LEU B 1157 4.99 50.40 -52.08
C LEU B 1157 6.50 50.40 -51.89
N VAL B 1158 7.05 49.22 -51.62
CA VAL B 1158 8.44 49.10 -51.15
C VAL B 1158 9.22 48.20 -52.10
N SER B 1159 10.55 48.33 -52.03
CA SER B 1159 11.49 47.52 -52.77
C SER B 1159 12.55 46.94 -51.84
N PRO B 1160 12.97 45.68 -52.06
CA PRO B 1160 13.98 45.07 -51.21
C PRO B 1160 15.42 45.17 -51.73
N GLY B 1161 15.67 45.91 -52.79
CA GLY B 1161 17.02 46.04 -53.32
C GLY B 1161 17.10 46.74 -54.66
N LEU B 1162 18.20 47.43 -54.91
CA LEU B 1162 18.39 48.21 -56.13
C LEU B 1162 19.68 47.83 -56.80
N CYS B 1163 19.62 47.53 -58.10
CA CYS B 1163 20.80 47.23 -58.91
C CYS B 1163 21.28 48.55 -59.51
N LEU B 1164 22.49 48.97 -59.14
CA LEU B 1164 23.06 50.22 -59.60
C LEU B 1164 23.83 50.01 -60.90
N SER B 1165 24.50 51.08 -61.34
CA SER B 1165 25.30 51.01 -62.55
C SER B 1165 26.59 50.24 -62.31
N GLY B 1166 27.07 49.58 -63.35
CA GLY B 1166 28.24 48.74 -63.23
C GLY B 1166 27.98 47.40 -62.60
N ASP B 1167 26.71 46.96 -62.55
CA ASP B 1167 26.26 45.70 -61.97
C ASP B 1167 26.66 45.59 -60.50
N ARG B 1168 26.39 46.66 -59.75
CA ARG B 1168 26.52 46.66 -58.30
C ARG B 1168 25.15 46.80 -57.67
N GLY B 1169 25.00 46.23 -56.49
CA GLY B 1169 23.71 46.17 -55.83
C GLY B 1169 23.79 46.58 -54.38
N ILE B 1170 22.66 47.01 -53.85
CA ILE B 1170 22.52 47.40 -52.46
C ILE B 1170 21.22 46.81 -51.91
N ALA B 1171 21.22 46.50 -50.62
CA ALA B 1171 20.06 46.02 -49.91
C ALA B 1171 19.85 46.85 -48.65
N PRO B 1172 18.62 47.15 -48.28
CA PRO B 1172 18.41 48.02 -47.11
C PRO B 1172 18.64 47.28 -45.80
N LYS B 1173 19.31 47.97 -44.87
CA LYS B 1173 19.57 47.43 -43.55
C LYS B 1173 18.39 47.77 -42.66
N GLN B 1174 17.52 46.78 -42.44
CA GLN B 1174 16.34 46.87 -41.57
C GLN B 1174 15.39 47.97 -42.01
N GLY B 1175 15.01 47.93 -43.28
CA GLY B 1175 14.12 48.93 -43.81
C GLY B 1175 13.76 48.60 -45.24
N TYR B 1176 13.31 49.62 -45.97
CA TYR B 1176 12.90 49.43 -47.35
C TYR B 1176 13.37 50.59 -48.20
N PHE B 1177 13.26 50.42 -49.51
CA PHE B 1177 13.49 51.48 -50.48
C PHE B 1177 12.15 51.93 -51.03
N ILE B 1178 11.88 53.24 -50.95
CA ILE B 1178 10.62 53.80 -51.39
C ILE B 1178 10.91 54.94 -52.36
N LYS B 1179 9.90 55.28 -53.16
CA LYS B 1179 9.99 56.36 -54.14
C LYS B 1179 9.20 57.56 -53.65
N GLN B 1180 9.88 58.70 -53.52
CA GLN B 1180 9.23 59.95 -53.13
C GLN B 1180 9.64 61.02 -54.14
N ASN B 1181 8.64 61.61 -54.81
CA ASN B 1181 8.80 62.52 -55.95
C ASN B 1181 9.65 61.88 -57.06
N ASP B 1182 9.40 60.58 -57.30
CA ASP B 1182 10.15 59.75 -58.24
C ASP B 1182 11.65 59.77 -57.96
N SER B 1183 12.01 59.61 -56.70
CA SER B 1183 13.40 59.49 -56.27
C SER B 1183 13.47 58.42 -55.19
N TRP B 1184 14.45 57.53 -55.30
CA TRP B 1184 14.59 56.43 -54.36
C TRP B 1184 15.12 56.94 -53.02
N MET B 1185 14.35 56.71 -51.97
CA MET B 1185 14.73 57.06 -50.62
C MET B 1185 14.69 55.83 -49.73
N PHE B 1186 14.99 56.02 -48.45
CA PHE B 1186 15.00 54.96 -47.46
C PHE B 1186 13.97 55.24 -46.38
N THR B 1187 13.35 54.18 -45.87
CA THR B 1187 12.48 54.30 -44.70
C THR B 1187 12.74 53.15 -43.76
N GLY B 1188 12.49 53.38 -42.48
CA GLY B 1188 12.56 52.30 -41.51
C GLY B 1188 11.36 51.38 -41.64
N SER B 1189 11.53 50.16 -41.13
CA SER B 1189 10.47 49.16 -41.27
C SER B 1189 9.40 49.27 -40.20
N SER B 1190 9.65 49.99 -39.11
CA SER B 1190 8.68 50.13 -38.04
C SER B 1190 8.16 51.55 -37.88
N TYR B 1191 8.60 52.48 -38.72
CA TYR B 1191 8.07 53.83 -38.72
C TYR B 1191 8.28 54.42 -40.10
N TYR B 1192 7.27 55.09 -40.64
CA TYR B 1192 7.35 55.67 -41.97
C TYR B 1192 7.98 57.05 -41.88
N TYR B 1193 9.23 57.16 -42.32
CA TYR B 1193 9.96 58.42 -42.34
C TYR B 1193 10.99 58.40 -43.46
N PRO B 1194 10.71 59.03 -44.60
CA PRO B 1194 11.63 58.97 -45.74
C PRO B 1194 12.89 59.78 -45.50
N GLU B 1195 14.03 59.22 -45.90
CA GLU B 1195 15.33 59.83 -45.67
C GLU B 1195 16.25 59.36 -46.79
N PRO B 1196 17.32 60.11 -47.09
CA PRO B 1196 18.20 59.74 -48.21
C PRO B 1196 18.96 58.45 -47.98
N ILE B 1197 19.33 57.82 -49.10
CA ILE B 1197 20.10 56.59 -49.06
C ILE B 1197 21.57 56.93 -48.86
N SER B 1198 22.20 56.32 -47.87
CA SER B 1198 23.61 56.55 -47.59
C SER B 1198 24.26 55.22 -47.26
N ASP B 1199 25.51 55.28 -46.79
CA ASP B 1199 26.26 54.07 -46.50
C ASP B 1199 25.89 53.47 -45.15
N LYS B 1200 25.07 54.15 -44.35
CA LYS B 1200 24.61 53.62 -43.08
C LYS B 1200 23.30 52.86 -43.20
N ASN B 1201 22.55 53.07 -44.28
CA ASN B 1201 21.28 52.40 -44.49
C ASN B 1201 21.39 51.12 -45.29
N VAL B 1202 22.48 50.92 -46.03
CA VAL B 1202 22.56 49.86 -47.01
C VAL B 1202 23.72 48.94 -46.68
N VAL B 1203 23.76 47.81 -47.39
CA VAL B 1203 24.91 46.91 -47.40
C VAL B 1203 25.29 46.68 -48.86
N PHE B 1204 26.54 47.02 -49.21
CA PHE B 1204 26.98 46.99 -50.59
C PHE B 1204 27.31 45.57 -51.03
N MET B 1205 27.12 45.32 -52.32
CA MET B 1205 27.51 44.07 -52.96
C MET B 1205 28.21 44.41 -54.27
N ASN B 1206 28.99 43.48 -54.79
CA ASN B 1206 29.65 43.73 -56.07
C ASN B 1206 28.89 43.12 -57.25
N SER B 1207 27.84 42.36 -56.98
CA SER B 1207 26.89 41.91 -57.97
C SER B 1207 25.48 42.10 -57.42
N CYS B 1208 24.49 42.03 -58.29
CA CYS B 1208 23.12 42.30 -57.86
C CYS B 1208 22.24 41.11 -58.25
N SER B 1209 21.11 41.01 -57.56
CA SER B 1209 20.22 39.87 -57.73
C SER B 1209 19.42 39.98 -59.03
N VAL B 1210 18.65 38.93 -59.30
CA VAL B 1210 17.91 38.86 -60.55
C VAL B 1210 16.67 39.74 -60.57
N ASN B 1211 16.11 40.07 -59.41
CA ASN B 1211 14.87 40.86 -59.35
C ASN B 1211 15.04 42.14 -58.54
N PHE B 1212 16.25 42.67 -58.42
CA PHE B 1212 16.43 43.99 -57.86
C PHE B 1212 16.03 45.05 -58.89
N THR B 1213 15.49 46.15 -58.40
CA THR B 1213 14.94 47.18 -59.27
C THR B 1213 16.06 48.01 -59.90
N LYS B 1214 15.93 48.29 -61.19
CA LYS B 1214 16.96 49.02 -61.90
C LYS B 1214 16.91 50.51 -61.55
N ALA B 1215 18.08 51.07 -61.25
CA ALA B 1215 18.18 52.49 -60.89
C ALA B 1215 19.54 53.01 -61.36
N PRO B 1216 19.60 53.55 -62.57
CA PRO B 1216 20.87 54.05 -63.11
C PRO B 1216 21.22 55.47 -62.69
N PHE B 1217 20.41 56.09 -61.86
CA PHE B 1217 20.57 57.50 -61.51
C PHE B 1217 21.14 57.70 -60.11
N ILE B 1218 21.40 56.64 -59.36
CA ILE B 1218 21.78 56.76 -57.95
C ILE B 1218 23.30 56.74 -57.86
N TYR B 1219 23.88 57.92 -57.85
CA TYR B 1219 25.23 58.17 -57.37
C TYR B 1219 25.15 59.03 -56.11
N LEU B 1220 24.14 58.75 -55.30
CA LEU B 1220 23.72 59.63 -54.22
C LEU B 1220 24.62 59.43 -52.99
N ASN B 1221 24.19 60.00 -51.87
CA ASN B 1221 24.93 60.00 -50.61
C ASN B 1221 25.17 58.59 -50.08
N VAL C 14 9.70 -62.63 -7.30
CA VAL C 14 10.59 -61.63 -7.89
C VAL C 14 9.75 -60.48 -8.43
N ILE C 15 8.67 -60.80 -9.11
CA ILE C 15 7.61 -59.84 -9.38
C ILE C 15 6.48 -60.16 -8.43
N GLY C 16 5.93 -61.37 -8.56
CA GLY C 16 5.05 -61.94 -7.57
C GLY C 16 5.77 -63.01 -6.78
N ASP C 17 5.00 -63.72 -5.93
CA ASP C 17 5.59 -64.76 -5.10
C ASP C 17 4.93 -66.11 -5.31
N PHE C 18 4.28 -66.32 -6.45
CA PHE C 18 3.71 -67.62 -6.78
C PHE C 18 4.59 -68.30 -7.81
N ASN C 19 4.82 -69.59 -7.60
CA ASN C 19 5.67 -70.39 -8.48
C ASN C 19 4.78 -71.01 -9.57
N CYS C 20 4.77 -70.40 -10.74
CA CYS C 20 3.92 -70.86 -11.84
C CYS C 20 4.66 -71.78 -12.80
N THR C 21 5.92 -71.47 -13.12
CA THR C 21 6.66 -72.28 -14.07
C THR C 21 8.10 -72.40 -13.62
N ASN C 22 8.76 -73.46 -14.09
CA ASN C 22 10.19 -73.65 -13.90
C ASN C 22 10.89 -74.17 -15.14
N SER C 23 10.15 -74.47 -16.20
CA SER C 23 10.72 -75.06 -17.40
C SER C 23 11.47 -73.99 -18.20
N PHE C 24 12.73 -74.30 -18.52
CA PHE C 24 13.61 -73.49 -19.37
C PHE C 24 13.83 -72.10 -18.77
N ILE C 25 14.33 -72.08 -17.55
CA ILE C 25 14.70 -70.84 -16.86
C ILE C 25 16.22 -70.78 -16.86
N ASN C 26 16.76 -69.77 -17.51
CA ASN C 26 18.20 -69.66 -17.72
C ASN C 26 18.83 -68.83 -16.60
N ASP C 27 18.88 -69.43 -15.42
CA ASP C 27 19.47 -68.78 -14.24
C ASP C 27 20.93 -69.16 -14.05
N TYR C 28 21.74 -69.11 -15.11
CA TYR C 28 23.21 -69.09 -14.98
C TYR C 28 23.73 -67.99 -15.90
N ASN C 29 23.68 -66.75 -15.40
CA ASN C 29 24.12 -65.55 -16.12
C ASN C 29 24.23 -64.41 -15.13
N LYS C 30 25.34 -63.66 -15.19
CA LYS C 30 25.54 -62.52 -14.31
C LYS C 30 25.76 -61.22 -15.08
N THR C 31 25.45 -61.20 -16.38
CA THR C 31 25.64 -60.02 -17.21
C THR C 31 24.28 -59.43 -17.57
N ILE C 32 23.99 -58.24 -17.05
CA ILE C 32 22.76 -57.53 -17.38
C ILE C 32 22.99 -56.75 -18.67
N PRO C 33 22.00 -56.65 -19.56
CA PRO C 33 22.21 -55.94 -20.81
C PRO C 33 22.13 -54.43 -20.63
N ARG C 34 22.90 -53.72 -21.44
CA ARG C 34 22.78 -52.27 -21.53
C ARG C 34 21.43 -51.93 -22.16
N ILE C 35 20.66 -51.06 -21.51
CA ILE C 35 19.24 -50.99 -21.83
C ILE C 35 19.00 -50.11 -23.05
N SER C 36 19.03 -48.78 -22.85
CA SER C 36 19.05 -47.71 -23.85
C SER C 36 19.01 -46.36 -23.15
N GLU C 37 19.29 -45.28 -23.88
CA GLU C 37 18.97 -43.93 -23.44
C GLU C 37 18.45 -43.14 -24.63
N ASP C 38 17.67 -42.10 -24.34
CA ASP C 38 17.10 -41.23 -25.36
C ASP C 38 16.64 -39.94 -24.72
N VAL C 39 17.08 -38.81 -25.26
CA VAL C 39 16.74 -37.52 -24.69
C VAL C 39 15.30 -37.16 -25.04
N VAL C 40 14.58 -36.62 -24.07
CA VAL C 40 13.18 -36.23 -24.26
C VAL C 40 13.15 -34.79 -24.74
N ASP C 41 12.44 -34.54 -25.84
CA ASP C 41 12.33 -33.23 -26.45
C ASP C 41 10.86 -32.84 -26.51
N VAL C 42 10.47 -31.87 -25.67
CA VAL C 42 9.08 -31.45 -25.54
C VAL C 42 8.76 -30.28 -26.46
N SER C 43 9.61 -30.01 -27.45
CA SER C 43 9.50 -28.78 -28.22
C SER C 43 8.35 -28.82 -29.22
N LEU C 44 7.84 -30.00 -29.54
CA LEU C 44 6.77 -30.13 -30.52
C LEU C 44 5.48 -30.68 -29.93
N GLY C 45 5.34 -30.68 -28.61
CA GLY C 45 4.14 -31.15 -27.97
C GLY C 45 4.23 -32.51 -27.32
N LEU C 46 5.41 -33.13 -27.29
CA LEU C 46 5.57 -34.42 -26.65
C LEU C 46 5.54 -34.26 -25.13
N GLY C 47 4.71 -35.07 -24.48
CA GLY C 47 4.60 -35.04 -23.04
C GLY C 47 3.54 -34.14 -22.47
N THR C 48 2.75 -33.48 -23.31
CA THR C 48 1.68 -32.60 -22.87
C THR C 48 0.33 -33.30 -23.00
N TYR C 49 -0.69 -32.71 -22.38
CA TYR C 49 -2.05 -33.20 -22.53
C TYR C 49 -3.01 -32.02 -22.59
N TYR C 50 -4.28 -32.33 -22.86
CA TYR C 50 -5.31 -31.31 -22.98
C TYR C 50 -6.01 -31.08 -21.65
N VAL C 51 -6.50 -29.86 -21.46
CA VAL C 51 -7.24 -29.48 -20.25
C VAL C 51 -8.64 -30.08 -20.36
N LEU C 52 -9.39 -30.02 -19.25
CA LEU C 52 -10.55 -30.87 -18.97
C LEU C 52 -11.65 -30.83 -20.02
N ASN C 53 -12.32 -29.68 -20.17
CA ASN C 53 -13.32 -29.51 -21.22
C ASN C 53 -13.16 -28.18 -21.92
N ARG C 54 -12.00 -27.55 -21.78
CA ARG C 54 -11.75 -26.21 -22.29
C ARG C 54 -11.09 -26.27 -23.65
N VAL C 55 -11.40 -25.27 -24.47
CA VAL C 55 -10.75 -25.08 -25.77
C VAL C 55 -9.99 -23.75 -25.71
N TYR C 56 -8.77 -23.75 -26.21
CA TYR C 56 -7.97 -22.53 -26.33
C TYR C 56 -7.59 -22.34 -27.79
N LEU C 57 -7.66 -21.09 -28.25
CA LEU C 57 -7.56 -20.77 -29.68
C LEU C 57 -6.57 -19.65 -29.90
N ASN C 58 -5.48 -19.95 -30.62
CA ASN C 58 -4.45 -19.02 -31.08
C ASN C 58 -3.87 -18.19 -29.93
N THR C 59 -3.28 -18.89 -28.97
CA THR C 59 -2.76 -18.22 -27.79
C THR C 59 -1.64 -19.06 -27.19
N THR C 60 -0.93 -18.46 -26.26
CA THR C 60 0.01 -19.16 -25.40
C THR C 60 -0.57 -19.25 -24.00
N LEU C 61 -0.36 -20.40 -23.36
CA LEU C 61 -0.94 -20.65 -22.05
C LEU C 61 0.15 -21.11 -21.10
N LEU C 62 0.16 -20.55 -19.90
CA LEU C 62 1.08 -20.98 -18.86
C LEU C 62 0.32 -21.96 -17.96
N PHE C 63 0.75 -23.21 -17.93
CA PHE C 63 -0.03 -24.29 -17.34
C PHE C 63 0.89 -25.21 -16.56
N THR C 64 0.51 -25.52 -15.33
CA THR C 64 1.26 -26.47 -14.51
C THR C 64 0.48 -27.77 -14.38
N GLY C 65 1.08 -28.86 -14.84
CA GLY C 65 0.49 -30.17 -14.72
C GLY C 65 1.55 -31.21 -14.45
N TYR C 66 1.27 -32.47 -14.76
CA TYR C 66 2.22 -33.56 -14.57
C TYR C 66 2.91 -33.82 -15.90
N PHE C 67 4.12 -33.29 -16.06
CA PHE C 67 4.85 -33.27 -17.32
C PHE C 67 6.21 -33.93 -17.15
N PRO C 68 6.78 -34.47 -18.22
CA PRO C 68 8.15 -34.95 -18.15
C PRO C 68 9.13 -33.80 -18.15
N LYS C 69 10.34 -34.09 -17.66
CA LYS C 69 11.39 -33.10 -17.53
C LYS C 69 12.22 -33.09 -18.81
N SER C 70 12.31 -31.95 -19.47
CA SER C 70 13.02 -31.85 -20.73
C SER C 70 14.53 -31.95 -20.49
N GLY C 71 15.20 -32.76 -21.30
CA GLY C 71 16.62 -33.01 -21.14
C GLY C 71 16.95 -34.28 -20.39
N ALA C 72 15.95 -34.97 -19.83
CA ALA C 72 16.19 -36.21 -19.12
C ALA C 72 16.25 -37.36 -20.13
N ASN C 73 16.20 -38.60 -19.64
CA ASN C 73 16.41 -39.76 -20.49
C ASN C 73 15.20 -40.68 -20.49
N PHE C 74 14.81 -41.13 -21.67
CA PHE C 74 13.95 -42.28 -21.82
C PHE C 74 14.74 -43.56 -21.56
N ARG C 75 14.02 -44.66 -21.41
CA ARG C 75 14.63 -45.97 -21.18
C ARG C 75 13.79 -47.03 -21.87
N ASP C 76 14.40 -47.76 -22.80
CA ASP C 76 13.70 -48.76 -23.60
C ASP C 76 13.63 -50.07 -22.82
N LEU C 77 12.57 -50.26 -22.05
CA LEU C 77 12.46 -51.37 -21.12
C LEU C 77 11.78 -52.59 -21.72
N ALA C 78 11.61 -52.65 -23.04
CA ALA C 78 10.94 -53.79 -23.66
C ALA C 78 11.92 -54.95 -23.83
N LEU C 79 11.45 -56.15 -23.50
CA LEU C 79 12.27 -57.35 -23.56
C LEU C 79 11.58 -58.38 -24.44
N LYS C 80 12.35 -59.02 -25.32
CA LYS C 80 11.84 -60.06 -26.21
C LYS C 80 12.63 -61.34 -25.98
N GLY C 81 11.93 -62.47 -26.03
CA GLY C 81 12.57 -63.77 -25.89
C GLY C 81 11.92 -64.79 -26.79
N SER C 82 12.59 -65.93 -26.94
CA SER C 82 12.08 -67.04 -27.72
C SER C 82 11.79 -68.27 -26.89
N LYS C 83 12.78 -68.78 -26.15
CA LYS C 83 12.62 -69.97 -25.33
C LYS C 83 12.90 -69.71 -23.85
N TYR C 84 14.07 -69.17 -23.53
CA TYR C 84 14.54 -69.12 -22.16
C TYR C 84 14.31 -67.74 -21.55
N LEU C 85 13.91 -67.74 -20.30
CA LEU C 85 13.70 -66.52 -19.52
C LEU C 85 14.81 -66.40 -18.50
N SER C 86 15.56 -65.30 -18.56
CA SER C 86 16.57 -65.02 -17.56
C SER C 86 15.90 -64.54 -16.27
N THR C 87 16.56 -64.77 -15.15
CA THR C 87 16.07 -64.24 -13.88
C THR C 87 16.51 -62.81 -13.65
N LEU C 88 17.42 -62.29 -14.47
CA LEU C 88 17.86 -60.91 -14.33
C LEU C 88 16.88 -59.92 -14.95
N TRP C 89 15.89 -60.41 -15.70
CA TRP C 89 14.90 -59.54 -16.32
C TRP C 89 13.89 -59.02 -15.32
N TYR C 90 13.82 -59.61 -14.13
CA TYR C 90 12.82 -59.29 -13.13
C TYR C 90 13.44 -58.63 -11.91
N LYS C 91 14.65 -58.11 -12.07
CA LYS C 91 15.47 -57.51 -11.04
C LYS C 91 15.22 -56.01 -11.02
N PRO C 92 15.54 -55.32 -9.92
CA PRO C 92 15.25 -53.88 -9.82
C PRO C 92 16.15 -52.98 -10.68
N PRO C 93 17.00 -53.49 -11.57
CA PRO C 93 17.25 -52.69 -12.78
C PRO C 93 15.99 -52.45 -13.61
N PHE C 94 15.23 -53.50 -13.92
CA PHE C 94 14.03 -53.36 -14.73
C PHE C 94 12.79 -53.03 -13.91
N LEU C 95 12.62 -53.64 -12.75
CA LEU C 95 11.54 -53.29 -11.83
C LEU C 95 11.82 -51.90 -11.27
N SER C 96 11.02 -50.92 -11.68
CA SER C 96 11.31 -49.52 -11.40
C SER C 96 10.31 -48.94 -10.41
N ASP C 97 10.44 -47.65 -10.17
CA ASP C 97 9.68 -46.95 -9.15
C ASP C 97 8.64 -46.03 -9.77
N PHE C 98 7.45 -46.00 -9.17
CA PHE C 98 6.33 -45.18 -9.60
C PHE C 98 6.13 -44.11 -8.52
N ASN C 99 6.87 -43.01 -8.62
CA ASN C 99 6.87 -42.02 -7.53
C ASN C 99 5.65 -41.10 -7.63
N ASN C 100 5.58 -40.30 -8.69
CA ASN C 100 4.40 -39.52 -9.01
C ASN C 100 3.70 -40.00 -10.26
N GLY C 101 4.45 -40.51 -11.22
CA GLY C 101 3.87 -41.02 -12.44
C GLY C 101 4.95 -41.25 -13.47
N ILE C 102 4.52 -41.75 -14.62
CA ILE C 102 5.41 -42.02 -15.75
C ILE C 102 4.76 -41.55 -17.03
N PHE C 103 5.59 -41.20 -18.00
CA PHE C 103 5.18 -40.94 -19.37
C PHE C 103 5.84 -41.97 -20.26
N SER C 104 5.02 -42.75 -20.98
CA SER C 104 5.54 -43.85 -21.77
C SER C 104 5.31 -43.58 -23.25
N LYS C 105 6.31 -43.90 -24.06
CA LYS C 105 6.28 -43.75 -25.51
C LYS C 105 6.39 -45.14 -26.12
N VAL C 106 5.26 -45.71 -26.53
CA VAL C 106 5.17 -47.11 -26.92
C VAL C 106 5.11 -47.21 -28.43
N LYS C 107 5.93 -48.08 -29.00
CA LYS C 107 5.92 -48.35 -30.43
C LYS C 107 4.90 -49.44 -30.73
N ASN C 108 4.13 -49.24 -31.79
CA ASN C 108 3.16 -50.23 -32.24
C ASN C 108 3.85 -51.11 -33.28
N THR C 109 4.16 -52.35 -32.90
CA THR C 109 4.80 -53.27 -33.82
C THR C 109 3.75 -54.02 -34.62
N LYS C 110 3.88 -53.99 -35.94
CA LYS C 110 2.87 -54.53 -36.84
C LYS C 110 3.41 -55.78 -37.53
N LEU C 111 2.78 -56.92 -37.28
CA LEU C 111 3.09 -58.16 -37.94
C LEU C 111 2.03 -58.47 -38.99
N TYR C 112 2.44 -59.17 -40.04
CA TYR C 112 1.57 -59.46 -41.18
C TYR C 112 1.46 -60.97 -41.35
N VAL C 113 0.29 -61.52 -41.02
CA VAL C 113 -0.05 -62.90 -41.29
C VAL C 113 -1.16 -62.90 -42.32
N ASN C 114 -0.87 -63.44 -43.52
CA ASN C 114 -1.74 -63.38 -44.70
C ASN C 114 -2.10 -61.93 -45.06
N ASN C 115 -1.11 -61.03 -44.92
CA ASN C 115 -1.22 -59.59 -45.20
C ASN C 115 -2.33 -58.94 -44.38
N THR C 116 -2.52 -59.41 -43.15
CA THR C 116 -3.52 -58.89 -42.24
C THR C 116 -2.82 -58.30 -41.02
N LEU C 117 -3.18 -57.08 -40.67
CA LEU C 117 -2.47 -56.31 -39.66
C LEU C 117 -2.69 -56.89 -38.27
N TYR C 118 -1.59 -57.10 -37.55
CA TYR C 118 -1.62 -57.52 -36.16
C TYR C 118 -0.83 -56.51 -35.34
N SER C 119 -1.49 -55.85 -34.40
CA SER C 119 -0.84 -54.90 -33.52
C SER C 119 -0.35 -55.63 -32.27
N GLU C 120 0.83 -55.24 -31.81
CA GLU C 120 1.44 -55.90 -30.66
C GLU C 120 2.42 -54.96 -29.99
N PHE C 121 2.31 -54.84 -28.68
CA PHE C 121 3.36 -54.22 -27.87
C PHE C 121 3.28 -54.83 -26.47
N SER C 122 4.21 -54.41 -25.62
CA SER C 122 4.32 -54.99 -24.29
C SER C 122 3.24 -54.44 -23.36
N THR C 123 2.92 -55.23 -22.34
CA THR C 123 1.96 -54.83 -21.32
C THR C 123 2.70 -54.38 -20.07
N ILE C 124 2.18 -53.32 -19.45
CA ILE C 124 2.76 -52.75 -18.24
C ILE C 124 1.82 -53.04 -17.08
N VAL C 125 2.39 -53.34 -15.92
CA VAL C 125 1.62 -53.64 -14.73
C VAL C 125 2.09 -52.75 -13.59
N ILE C 126 1.13 -52.04 -12.97
CA ILE C 126 1.42 -51.06 -11.95
C ILE C 126 0.79 -51.52 -10.64
N GLY C 127 1.59 -51.62 -9.60
CA GLY C 127 1.10 -52.06 -8.31
C GLY C 127 2.09 -51.73 -7.22
N SER C 128 1.93 -52.42 -6.08
CA SER C 128 2.85 -52.24 -4.96
C SER C 128 3.61 -53.52 -4.62
N VAL C 129 2.91 -54.60 -4.32
CA VAL C 129 3.55 -55.86 -3.90
C VAL C 129 3.24 -57.02 -4.84
N PHE C 130 2.23 -56.87 -5.72
CA PHE C 130 1.85 -57.87 -6.72
C PHE C 130 1.43 -59.20 -6.09
N VAL C 131 0.77 -59.12 -4.94
CA VAL C 131 0.16 -60.28 -4.29
C VAL C 131 -1.34 -60.10 -4.32
N ASN C 132 -2.06 -61.13 -3.87
CA ASN C 132 -3.52 -61.11 -3.96
C ASN C 132 -4.18 -60.38 -2.81
N THR C 133 -3.43 -59.73 -1.93
CA THR C 133 -4.00 -58.88 -0.90
C THR C 133 -3.97 -57.41 -1.25
N SER C 134 -3.63 -57.08 -2.50
CA SER C 134 -3.59 -55.71 -2.98
C SER C 134 -3.97 -55.68 -4.45
N TYR C 135 -4.43 -54.53 -4.90
CA TYR C 135 -4.87 -54.34 -6.27
C TYR C 135 -3.70 -53.93 -7.16
N THR C 136 -3.57 -54.60 -8.30
CA THR C 136 -2.59 -54.24 -9.31
C THR C 136 -3.32 -53.89 -10.60
N ILE C 137 -2.85 -52.84 -11.25
CA ILE C 137 -3.44 -52.34 -12.50
C ILE C 137 -2.63 -52.92 -13.65
N VAL C 138 -3.32 -53.52 -14.62
CA VAL C 138 -2.69 -54.11 -15.80
C VAL C 138 -3.27 -53.46 -17.03
N VAL C 139 -2.42 -52.95 -17.91
CA VAL C 139 -2.83 -52.37 -19.18
C VAL C 139 -2.28 -53.27 -20.29
N GLN C 140 -3.18 -53.96 -20.99
CA GLN C 140 -2.76 -55.01 -21.91
C GLN C 140 -3.47 -54.85 -23.25
N PRO C 141 -2.72 -54.84 -24.37
CA PRO C 141 -3.36 -54.80 -25.69
C PRO C 141 -3.88 -56.16 -26.14
N HIS C 142 -4.97 -56.11 -26.90
CA HIS C 142 -5.59 -57.31 -27.45
C HIS C 142 -5.94 -57.09 -28.92
N ASN C 143 -4.98 -56.55 -29.68
CA ASN C 143 -5.07 -56.31 -31.13
C ASN C 143 -6.24 -55.40 -31.48
N GLY C 144 -6.13 -54.15 -31.04
CA GLY C 144 -7.15 -53.15 -31.25
C GLY C 144 -8.00 -52.85 -30.04
N ILE C 145 -8.02 -53.76 -29.06
CA ILE C 145 -8.77 -53.59 -27.82
C ILE C 145 -7.77 -53.45 -26.69
N LEU C 146 -7.87 -52.36 -25.94
CA LEU C 146 -7.00 -52.10 -24.80
C LEU C 146 -7.77 -52.45 -23.54
N GLU C 147 -7.40 -53.55 -22.91
CA GLU C 147 -8.11 -54.04 -21.73
C GLU C 147 -7.35 -53.61 -20.48
N ILE C 148 -8.01 -52.84 -19.62
CA ILE C 148 -7.41 -52.31 -18.40
C ILE C 148 -8.24 -52.77 -17.22
N THR C 149 -7.63 -53.56 -16.34
CA THR C 149 -8.30 -54.09 -15.16
C THR C 149 -7.50 -53.74 -13.91
N ALA C 150 -8.21 -53.64 -12.78
CA ALA C 150 -7.58 -53.42 -11.48
C ALA C 150 -8.17 -54.45 -10.51
N CYS C 151 -7.54 -55.61 -10.43
CA CYS C 151 -8.04 -56.70 -9.63
C CYS C 151 -6.99 -57.12 -8.62
N GLN C 152 -7.35 -58.08 -7.77
CA GLN C 152 -6.42 -58.66 -6.80
C GLN C 152 -5.83 -59.96 -7.37
N TYR C 153 -4.89 -59.77 -8.30
CA TYR C 153 -4.28 -60.88 -9.00
C TYR C 153 -3.26 -61.60 -8.12
N THR C 154 -3.12 -62.90 -8.35
CA THR C 154 -2.04 -63.69 -7.78
C THR C 154 -0.97 -63.80 -8.86
N MET C 155 -0.07 -62.83 -8.88
CA MET C 155 0.90 -62.73 -9.96
C MET C 155 1.99 -63.78 -9.83
N CYS C 156 2.55 -64.19 -10.97
CA CYS C 156 3.60 -65.19 -10.98
C CYS C 156 4.95 -64.57 -10.66
N GLU C 157 5.95 -65.44 -10.44
CA GLU C 157 7.29 -64.96 -10.18
C GLU C 157 7.96 -64.43 -11.43
N TYR C 158 7.78 -65.11 -12.56
CA TYR C 158 8.34 -64.71 -13.85
C TYR C 158 7.21 -64.55 -14.84
N PRO C 159 6.53 -63.41 -14.86
CA PRO C 159 5.41 -63.22 -15.79
C PRO C 159 5.88 -62.85 -17.19
N HIS C 160 5.16 -63.38 -18.18
CA HIS C 160 5.40 -63.04 -19.57
C HIS C 160 4.12 -63.23 -20.36
N THR C 161 4.07 -62.64 -21.54
CA THR C 161 2.96 -62.81 -22.46
C THR C 161 3.46 -63.40 -23.77
N VAL C 162 2.52 -63.90 -24.56
CA VAL C 162 2.80 -64.52 -25.85
C VAL C 162 2.05 -63.73 -26.92
N CYS C 163 2.71 -63.51 -28.06
CA CYS C 163 2.04 -62.90 -29.20
C CYS C 163 0.99 -63.86 -29.76
N LYS C 164 -0.21 -63.34 -30.00
CA LYS C 164 -1.33 -64.19 -30.41
C LYS C 164 -1.29 -64.56 -31.88
N SER C 165 -0.52 -63.83 -32.70
CA SER C 165 -0.51 -64.08 -34.14
C SER C 165 0.26 -65.35 -34.48
N LYS C 166 1.56 -65.36 -34.19
CA LYS C 166 2.43 -66.50 -34.43
C LYS C 166 3.03 -66.88 -33.08
N GLY C 167 2.31 -67.71 -32.32
CA GLY C 167 2.65 -67.95 -30.93
C GLY C 167 3.96 -68.71 -30.76
N SER C 168 4.58 -68.47 -29.61
CA SER C 168 5.90 -68.97 -29.32
C SER C 168 5.83 -70.35 -28.66
N ILE C 169 6.94 -70.79 -28.11
CA ILE C 169 7.03 -72.12 -27.50
C ILE C 169 6.30 -72.14 -26.16
N ARG C 170 6.38 -71.05 -25.40
CA ARG C 170 5.79 -71.03 -24.06
C ARG C 170 4.33 -70.63 -24.13
N ASN C 171 3.64 -70.82 -23.00
CA ASN C 171 2.28 -70.39 -22.83
C ASN C 171 2.23 -69.12 -21.97
N GLU C 172 1.16 -68.34 -22.16
CA GLU C 172 1.04 -67.07 -21.46
C GLU C 172 0.75 -67.29 -19.98
N SER C 173 1.61 -66.76 -19.12
CA SER C 173 1.49 -66.97 -17.69
C SER C 173 1.92 -65.67 -16.99
N TRP C 174 0.96 -64.93 -16.47
CA TRP C 174 1.26 -63.81 -15.60
C TRP C 174 0.42 -63.75 -14.34
N HIS C 175 -0.68 -64.51 -14.26
CA HIS C 175 -1.43 -64.66 -13.03
C HIS C 175 -2.14 -66.00 -13.05
N ILE C 176 -2.31 -66.57 -11.86
CA ILE C 176 -3.09 -67.79 -11.68
C ILE C 176 -4.25 -67.44 -10.76
N ASP C 177 -5.46 -67.58 -11.28
CA ASP C 177 -6.67 -67.19 -10.53
C ASP C 177 -7.80 -68.10 -10.98
N SER C 178 -8.08 -69.13 -10.20
CA SER C 178 -9.19 -70.04 -10.45
C SER C 178 -10.46 -69.62 -9.74
N SER C 179 -10.57 -68.35 -9.33
CA SER C 179 -11.69 -67.95 -8.49
C SER C 179 -12.28 -66.59 -8.82
N GLU C 180 -11.80 -65.91 -9.89
CA GLU C 180 -12.25 -64.59 -10.35
C GLU C 180 -12.20 -63.54 -9.23
N PRO C 181 -11.02 -63.01 -8.91
CA PRO C 181 -10.87 -62.18 -7.70
C PRO C 181 -11.58 -60.83 -7.80
N LEU C 182 -11.51 -60.10 -6.68
CA LEU C 182 -12.20 -58.83 -6.55
C LEU C 182 -11.57 -57.76 -7.43
N CYS C 183 -12.39 -57.04 -8.18
CA CYS C 183 -11.94 -56.02 -9.10
C CYS C 183 -12.62 -54.70 -8.79
N LEU C 184 -11.87 -53.61 -8.90
CA LEU C 184 -12.41 -52.26 -8.75
C LEU C 184 -12.77 -51.62 -10.08
N PHE C 185 -12.11 -52.00 -11.16
CA PHE C 185 -12.29 -51.38 -12.46
C PHE C 185 -12.10 -52.44 -13.53
N LYS C 186 -12.97 -52.44 -14.52
CA LYS C 186 -12.92 -53.42 -15.60
C LYS C 186 -13.60 -52.81 -16.81
N LYS C 187 -12.82 -52.43 -17.82
CA LYS C 187 -13.33 -51.70 -18.96
C LYS C 187 -12.39 -51.91 -20.14
N ASN C 188 -12.95 -51.98 -21.32
CA ASN C 188 -12.18 -52.14 -22.56
C ASN C 188 -12.22 -50.83 -23.35
N PHE C 189 -11.08 -50.49 -23.96
CA PHE C 189 -10.96 -49.31 -24.78
C PHE C 189 -10.38 -49.71 -26.13
N THR C 190 -10.54 -48.85 -27.12
CA THR C 190 -10.14 -49.13 -28.49
C THR C 190 -9.13 -48.10 -28.98
N TYR C 191 -8.17 -48.56 -29.77
CA TYR C 191 -7.12 -47.68 -30.28
C TYR C 191 -6.91 -47.92 -31.77
N ASN C 192 -6.15 -47.03 -32.39
CA ASN C 192 -5.81 -47.11 -33.80
C ASN C 192 -4.78 -48.21 -34.02
N VAL C 193 -5.14 -49.22 -34.82
CA VAL C 193 -4.19 -50.28 -35.12
C VAL C 193 -3.16 -49.85 -36.15
N SER C 194 -3.47 -48.84 -36.96
CA SER C 194 -2.57 -48.36 -38.00
C SER C 194 -1.65 -47.24 -37.51
N ALA C 195 -1.66 -46.94 -36.22
CA ALA C 195 -0.81 -45.91 -35.67
C ALA C 195 0.62 -46.41 -35.49
N ASP C 196 1.57 -45.49 -35.54
CA ASP C 196 2.97 -45.84 -35.34
C ASP C 196 3.36 -45.87 -33.86
N TRP C 197 3.15 -44.77 -33.15
CA TRP C 197 3.49 -44.67 -31.75
C TRP C 197 2.24 -44.38 -30.93
N LEU C 198 2.26 -44.83 -29.68
CA LEU C 198 1.23 -44.52 -28.71
C LEU C 198 1.87 -43.82 -27.53
N TYR C 199 1.08 -42.99 -26.84
CA TYR C 199 1.57 -42.19 -25.73
C TYR C 199 0.63 -42.34 -24.54
N PHE C 200 1.21 -42.38 -23.33
CA PHE C 200 0.44 -42.63 -22.12
C PHE C 200 0.92 -41.74 -20.99
N HIS C 201 -0.03 -41.18 -20.25
CA HIS C 201 0.24 -40.53 -18.96
C HIS C 201 -0.46 -41.32 -17.87
N PHE C 202 0.32 -42.00 -17.02
CA PHE C 202 -0.22 -42.65 -15.82
C PHE C 202 0.34 -41.91 -14.62
N TYR C 203 -0.54 -41.40 -13.75
CA TYR C 203 -0.07 -40.75 -12.54
C TYR C 203 -1.12 -40.90 -11.43
N GLN C 204 -0.68 -40.61 -10.20
CA GLN C 204 -1.53 -40.71 -9.02
C GLN C 204 -1.54 -39.41 -8.25
N GLU C 205 -2.64 -39.14 -7.56
CA GLU C 205 -2.78 -37.95 -6.73
C GLU C 205 -3.90 -38.17 -5.73
N ARG C 206 -3.55 -38.16 -4.43
CA ARG C 206 -4.51 -38.19 -3.31
C ARG C 206 -5.40 -39.43 -3.33
N GLY C 207 -4.84 -40.57 -3.72
CA GLY C 207 -5.56 -41.82 -3.71
C GLY C 207 -6.27 -42.18 -5.00
N VAL C 208 -6.14 -41.37 -6.04
CA VAL C 208 -6.83 -41.57 -7.31
C VAL C 208 -5.79 -41.81 -8.39
N PHE C 209 -6.02 -42.82 -9.24
CA PHE C 209 -5.14 -43.11 -10.37
C PHE C 209 -5.71 -42.51 -11.65
N TYR C 210 -4.92 -41.66 -12.30
CA TYR C 210 -5.34 -40.98 -13.52
C TYR C 210 -4.59 -41.55 -14.71
N ALA C 211 -5.30 -41.74 -15.81
CA ALA C 211 -4.71 -42.28 -17.03
C ALA C 211 -5.11 -41.41 -18.22
N TYR C 212 -4.11 -41.01 -19.00
CA TYR C 212 -4.31 -40.29 -20.26
C TYR C 212 -3.67 -41.11 -21.38
N TYR C 213 -4.17 -40.92 -22.59
CA TYR C 213 -3.68 -41.72 -23.71
C TYR C 213 -3.94 -40.97 -25.02
N ALA C 214 -3.14 -41.31 -26.04
CA ALA C 214 -3.34 -40.81 -27.39
C ALA C 214 -2.74 -41.80 -28.39
N ASP C 215 -3.42 -41.95 -29.52
CA ASP C 215 -2.90 -42.73 -30.63
C ASP C 215 -2.74 -41.92 -31.91
N VAL C 216 -3.29 -40.71 -31.97
CA VAL C 216 -3.08 -39.80 -33.08
C VAL C 216 -2.47 -38.52 -32.52
N GLY C 217 -1.26 -38.21 -32.93
CA GLY C 217 -0.56 -37.05 -32.43
C GLY C 217 0.07 -37.28 -31.07
N MET C 218 0.90 -36.34 -30.67
CA MET C 218 1.62 -36.41 -29.40
C MET C 218 0.85 -35.99 -28.13
N PRO C 219 0.04 -34.92 -28.10
CA PRO C 219 -0.69 -34.62 -26.86
C PRO C 219 -1.82 -35.61 -26.58
N THR C 220 -1.98 -35.95 -25.31
CA THR C 220 -2.88 -37.00 -24.86
C THR C 220 -4.16 -36.44 -24.27
N THR C 221 -5.19 -37.28 -24.23
CA THR C 221 -6.49 -36.92 -23.68
C THR C 221 -6.87 -37.89 -22.57
N PHE C 222 -7.80 -37.44 -21.73
CA PHE C 222 -8.21 -38.17 -20.53
C PHE C 222 -8.92 -39.47 -20.88
N LEU C 223 -8.48 -40.56 -20.27
CA LEU C 223 -9.05 -41.88 -20.52
C LEU C 223 -10.01 -42.31 -19.41
N PHE C 224 -9.53 -42.41 -18.17
CA PHE C 224 -10.36 -42.76 -17.02
C PHE C 224 -9.64 -42.32 -15.76
N SER C 225 -10.36 -42.42 -14.64
CA SER C 225 -9.81 -42.20 -13.31
C SER C 225 -10.41 -43.23 -12.38
N LEU C 226 -9.66 -43.57 -11.32
CA LEU C 226 -10.03 -44.67 -10.46
C LEU C 226 -9.55 -44.39 -9.04
N TYR C 227 -10.49 -44.36 -8.10
CA TYR C 227 -10.14 -44.18 -6.70
C TYR C 227 -9.60 -45.48 -6.13
N LEU C 228 -8.45 -45.40 -5.47
CA LEU C 228 -7.82 -46.56 -4.86
C LEU C 228 -7.75 -46.48 -3.35
N GLY C 229 -7.38 -45.33 -2.80
CA GLY C 229 -7.18 -45.18 -1.37
C GLY C 229 -5.83 -45.67 -0.87
N THR C 230 -4.96 -46.16 -1.76
CA THR C 230 -3.63 -46.62 -1.41
C THR C 230 -2.62 -45.93 -2.31
N ILE C 231 -1.36 -46.30 -2.16
CA ILE C 231 -0.26 -45.68 -2.91
C ILE C 231 0.44 -46.76 -3.72
N LEU C 232 0.48 -46.56 -5.04
CA LEU C 232 1.25 -47.42 -5.92
C LEU C 232 2.71 -47.01 -5.93
N SER C 233 3.60 -48.00 -5.99
CA SER C 233 5.03 -47.74 -5.82
C SER C 233 5.93 -48.34 -6.88
N HIS C 234 5.47 -49.31 -7.67
CA HIS C 234 6.32 -49.94 -8.66
C HIS C 234 5.55 -50.20 -9.95
N TYR C 235 6.27 -50.18 -11.06
CA TYR C 235 5.75 -50.63 -12.33
C TYR C 235 6.75 -51.60 -12.94
N TYR C 236 6.29 -52.35 -13.95
CA TYR C 236 7.15 -53.32 -14.62
C TYR C 236 6.61 -53.57 -16.02
N VAL C 237 7.47 -53.43 -17.03
CA VAL C 237 7.11 -53.72 -18.40
C VAL C 237 7.40 -55.18 -18.68
N MET C 238 6.36 -55.96 -18.92
CA MET C 238 6.41 -57.42 -19.00
C MET C 238 7.10 -57.87 -20.28
N PRO C 239 8.00 -58.85 -20.19
CA PRO C 239 8.64 -59.36 -21.41
C PRO C 239 7.70 -60.20 -22.25
N LEU C 240 7.80 -60.02 -23.56
CA LEU C 240 6.96 -60.70 -24.53
C LEU C 240 7.76 -61.81 -25.21
N THR C 241 7.20 -63.00 -25.25
CA THR C 241 7.82 -64.16 -25.88
C THR C 241 7.10 -64.45 -27.19
N CYS C 242 7.76 -64.14 -28.30
CA CYS C 242 7.16 -64.32 -29.61
C CYS C 242 8.02 -65.27 -30.43
N LYS C 243 7.50 -65.68 -31.59
CA LYS C 243 8.20 -66.67 -32.40
C LYS C 243 8.98 -66.01 -33.54
N ALA C 244 8.51 -64.86 -34.03
CA ALA C 244 9.15 -64.21 -35.18
C ALA C 244 9.14 -62.70 -34.98
N ILE C 245 10.19 -62.18 -34.35
CA ILE C 245 10.43 -60.74 -34.33
C ILE C 245 11.87 -60.35 -34.68
N SER C 246 12.84 -61.23 -34.48
CA SER C 246 14.26 -60.87 -34.48
C SER C 246 14.81 -60.73 -35.90
N SER C 247 16.14 -60.69 -36.00
CA SER C 247 16.82 -60.28 -37.23
C SER C 247 16.69 -61.31 -38.35
N ASN C 248 16.61 -62.60 -38.02
CA ASN C 248 16.37 -63.60 -39.05
C ASN C 248 14.95 -63.54 -39.60
N THR C 249 14.04 -62.92 -38.86
CA THR C 249 12.67 -62.68 -39.28
C THR C 249 12.60 -61.32 -39.98
N ASP C 250 11.40 -60.76 -40.12
CA ASP C 250 11.09 -59.52 -40.87
C ASP C 250 11.68 -58.21 -40.24
N ASN C 251 12.57 -58.30 -39.25
CA ASN C 251 13.31 -57.15 -38.70
C ASN C 251 12.37 -56.15 -38.02
N GLU C 252 11.63 -56.63 -37.04
CA GLU C 252 10.82 -55.79 -36.17
C GLU C 252 11.46 -55.72 -34.79
N THR C 253 11.05 -54.72 -34.01
CA THR C 253 11.59 -54.53 -32.67
C THR C 253 10.50 -54.04 -31.73
N LEU C 254 10.53 -54.56 -30.51
CA LEU C 254 9.70 -54.04 -29.44
C LEU C 254 10.38 -52.81 -28.85
N GLU C 255 9.57 -51.81 -28.51
CA GLU C 255 10.10 -50.59 -27.93
C GLU C 255 9.11 -50.03 -26.93
N TYR C 256 9.61 -49.68 -25.73
CA TYR C 256 8.78 -49.15 -24.66
C TYR C 256 9.63 -48.15 -23.89
N TRP C 257 9.54 -46.88 -24.24
CA TRP C 257 10.39 -45.83 -23.67
C TRP C 257 9.64 -45.13 -22.54
N VAL C 258 10.19 -45.20 -21.32
CA VAL C 258 9.52 -44.70 -20.13
C VAL C 258 10.39 -43.65 -19.46
N THR C 259 9.79 -42.50 -19.15
CA THR C 259 10.40 -41.44 -18.35
C THR C 259 9.45 -41.07 -17.23
N PRO C 260 9.96 -40.65 -16.08
CA PRO C 260 9.06 -40.28 -14.97
C PRO C 260 8.41 -38.91 -15.16
N LEU C 261 7.46 -38.64 -14.27
CA LEU C 261 6.71 -37.40 -14.27
C LEU C 261 6.88 -36.66 -12.95
N SER C 262 6.69 -35.35 -13.00
CA SER C 262 6.60 -34.52 -11.82
C SER C 262 5.74 -33.31 -12.16
N ARG C 263 5.40 -32.53 -11.14
CA ARG C 263 4.54 -31.37 -11.32
C ARG C 263 5.40 -30.14 -11.62
N ARG C 264 5.28 -29.62 -12.84
CA ARG C 264 6.10 -28.50 -13.29
C ARG C 264 5.26 -27.67 -14.25
N GLN C 265 5.79 -26.50 -14.61
CA GLN C 265 5.07 -25.53 -15.42
C GLN C 265 5.60 -25.56 -16.86
N TYR C 266 4.68 -25.54 -17.81
CA TYR C 266 5.00 -25.47 -19.23
C TYR C 266 4.37 -24.22 -19.83
N LEU C 267 4.82 -23.87 -21.03
CA LEU C 267 4.17 -22.87 -21.86
C LEU C 267 3.73 -23.52 -23.16
N LEU C 268 2.42 -23.69 -23.32
CA LEU C 268 1.84 -24.40 -24.45
C LEU C 268 1.44 -23.41 -25.54
N ASN C 269 1.43 -23.89 -26.78
CA ASN C 269 1.06 -23.08 -27.93
C ASN C 269 -0.11 -23.74 -28.65
N PHE C 270 -1.24 -23.05 -28.69
CA PHE C 270 -2.44 -23.52 -29.37
C PHE C 270 -2.56 -22.81 -30.71
N ASP C 271 -2.90 -23.56 -31.75
CA ASP C 271 -3.09 -22.99 -33.08
C ASP C 271 -4.56 -22.62 -33.27
N GLU C 272 -4.94 -22.38 -34.53
CA GLU C 272 -6.30 -21.93 -34.86
C GLU C 272 -7.35 -23.00 -34.56
N HIS C 273 -6.98 -24.27 -34.61
CA HIS C 273 -7.92 -25.36 -34.40
C HIS C 273 -7.92 -25.88 -32.96
N GLY C 274 -7.07 -25.34 -32.10
CA GLY C 274 -7.03 -25.76 -30.72
C GLY C 274 -6.05 -26.87 -30.40
N VAL C 275 -5.10 -27.12 -31.26
CA VAL C 275 -4.16 -28.23 -31.10
C VAL C 275 -2.85 -27.69 -30.52
N ILE C 276 -2.32 -28.40 -29.53
CA ILE C 276 -1.02 -28.03 -28.96
C ILE C 276 0.06 -28.38 -29.98
N THR C 277 0.70 -27.35 -30.55
CA THR C 277 1.75 -27.55 -31.54
C THR C 277 3.15 -27.35 -31.01
N ASN C 278 3.31 -26.62 -29.90
CA ASN C 278 4.62 -26.35 -29.33
C ASN C 278 4.51 -26.32 -27.82
N ALA C 279 5.61 -26.64 -27.15
CA ALA C 279 5.69 -26.56 -25.71
C ALA C 279 7.13 -26.28 -25.31
N VAL C 280 7.31 -25.68 -24.14
CA VAL C 280 8.64 -25.39 -23.62
C VAL C 280 8.63 -25.56 -22.11
N ASP C 281 9.51 -26.39 -21.60
CA ASP C 281 9.71 -26.56 -20.16
C ASP C 281 10.44 -25.34 -19.63
N CYS C 282 9.83 -24.62 -18.69
CA CYS C 282 10.32 -23.30 -18.30
C CYS C 282 11.56 -23.34 -17.42
N SER C 283 12.10 -24.52 -17.11
CA SER C 283 13.27 -24.63 -16.23
C SER C 283 14.33 -25.54 -16.82
N SER C 284 14.38 -25.65 -18.15
CA SER C 284 15.30 -26.57 -18.79
C SER C 284 16.56 -25.91 -19.33
N SER C 285 16.52 -24.62 -19.63
CA SER C 285 17.66 -23.90 -20.17
C SER C 285 17.51 -22.41 -19.86
N PHE C 286 18.37 -21.60 -20.48
CA PHE C 286 18.26 -20.16 -20.33
C PHE C 286 17.32 -19.56 -21.37
N LEU C 287 17.34 -20.12 -22.59
CA LEU C 287 16.41 -19.69 -23.64
C LEU C 287 14.97 -20.01 -23.24
N SER C 288 14.78 -21.12 -22.53
CA SER C 288 13.45 -21.47 -22.04
C SER C 288 12.98 -20.50 -20.95
N GLU C 289 13.91 -19.99 -20.15
CA GLU C 289 13.58 -18.99 -19.15
C GLU C 289 13.18 -17.68 -19.82
N ILE C 290 13.89 -17.28 -20.87
CA ILE C 290 13.53 -16.08 -21.64
C ILE C 290 12.15 -16.26 -22.29
N GLN C 291 11.91 -17.44 -22.86
CA GLN C 291 10.66 -17.71 -23.56
C GLN C 291 9.48 -17.75 -22.60
N CYS C 292 9.68 -18.22 -21.37
CA CYS C 292 8.59 -18.25 -20.42
C CYS C 292 8.40 -16.93 -19.69
N LYS C 293 9.44 -16.11 -19.54
CA LYS C 293 9.25 -14.81 -18.93
C LYS C 293 8.70 -13.78 -19.93
N THR C 294 8.89 -13.99 -21.23
CA THR C 294 8.26 -13.13 -22.22
C THR C 294 6.95 -13.70 -22.74
N GLN C 295 6.65 -14.97 -22.42
CA GLN C 295 5.46 -15.71 -22.89
C GLN C 295 5.37 -15.71 -24.41
N SER C 296 6.51 -15.93 -25.05
CA SER C 296 6.60 -15.94 -26.50
C SER C 296 7.60 -17.02 -26.92
N PHE C 297 7.38 -17.58 -28.09
CA PHE C 297 8.28 -18.62 -28.60
C PHE C 297 9.38 -18.06 -29.47
N ALA C 298 9.25 -16.82 -29.93
CA ALA C 298 10.33 -16.12 -30.61
C ALA C 298 10.46 -14.75 -29.98
N PRO C 299 11.17 -14.64 -28.87
CA PRO C 299 11.31 -13.35 -28.19
C PRO C 299 12.26 -12.43 -28.94
N ASN C 300 12.20 -11.15 -28.60
CA ASN C 300 12.93 -10.12 -29.31
C ASN C 300 14.41 -10.11 -28.90
N THR C 301 15.20 -9.35 -29.67
CA THR C 301 16.60 -9.17 -29.34
C THR C 301 16.75 -8.22 -28.16
N GLY C 302 17.43 -8.67 -27.12
CA GLY C 302 17.63 -7.83 -25.95
C GLY C 302 18.58 -8.49 -24.99
N VAL C 303 18.91 -7.75 -23.94
CA VAL C 303 19.69 -8.27 -22.83
C VAL C 303 18.73 -8.56 -21.69
N TYR C 304 18.72 -9.82 -21.24
CA TYR C 304 17.78 -10.28 -20.23
C TYR C 304 18.52 -10.61 -18.95
N ASP C 305 17.99 -10.15 -17.82
CA ASP C 305 18.49 -10.51 -16.51
C ASP C 305 17.59 -11.60 -15.96
N LEU C 306 18.18 -12.76 -15.64
CA LEU C 306 17.41 -13.93 -15.30
C LEU C 306 17.25 -14.03 -13.79
N SER C 307 16.55 -15.08 -13.35
CA SER C 307 16.26 -15.27 -11.94
C SER C 307 17.53 -15.63 -11.18
N GLY C 308 17.54 -15.30 -9.88
CA GLY C 308 18.74 -15.42 -9.10
C GLY C 308 19.06 -16.86 -8.76
N PHE C 309 20.36 -17.18 -8.71
CA PHE C 309 20.85 -18.46 -8.26
C PHE C 309 21.55 -18.30 -6.92
N THR C 310 21.77 -19.44 -6.25
CA THR C 310 22.58 -19.51 -5.06
C THR C 310 23.45 -20.75 -5.16
N VAL C 311 24.68 -20.66 -4.66
CA VAL C 311 25.58 -21.80 -4.69
C VAL C 311 25.09 -22.86 -3.72
N LYS C 312 24.83 -24.06 -4.24
CA LYS C 312 24.23 -25.16 -3.49
C LYS C 312 25.22 -25.67 -2.44
N PRO C 313 24.73 -26.03 -1.25
CA PRO C 313 25.64 -26.44 -0.18
C PRO C 313 26.22 -27.82 -0.42
N VAL C 314 27.51 -27.95 -0.12
CA VAL C 314 28.23 -29.19 -0.42
C VAL C 314 28.02 -30.22 0.68
N ALA C 315 28.28 -29.84 1.93
CA ALA C 315 28.20 -30.77 3.05
C ALA C 315 27.27 -30.25 4.13
N THR C 316 27.27 -30.89 5.29
CA THR C 316 26.41 -30.52 6.41
C THR C 316 27.22 -30.59 7.69
N VAL C 317 27.21 -29.50 8.46
CA VAL C 317 27.85 -29.45 9.76
C VAL C 317 26.79 -29.65 10.83
N TYR C 318 26.99 -30.65 11.69
CA TYR C 318 26.04 -30.97 12.75
C TYR C 318 26.80 -31.05 14.06
N ARG C 319 26.37 -30.27 15.04
CA ARG C 319 27.04 -30.21 16.34
C ARG C 319 26.00 -30.38 17.45
N ARG C 320 26.33 -31.22 18.42
CA ARG C 320 25.51 -31.44 19.60
C ARG C 320 26.43 -31.71 20.79
N ILE C 321 25.89 -31.56 21.99
CA ILE C 321 26.64 -31.89 23.19
C ILE C 321 26.42 -33.35 23.53
N PRO C 322 27.47 -34.15 23.71
CA PRO C 322 27.28 -35.57 24.01
C PRO C 322 27.22 -35.87 25.49
N ASN C 323 26.58 -37.01 25.79
CA ASN C 323 26.48 -37.58 27.14
C ASN C 323 25.80 -36.64 28.13
N LEU C 324 24.61 -36.20 27.77
CA LEU C 324 23.75 -35.42 28.63
C LEU C 324 22.66 -36.30 29.25
N PRO C 325 22.20 -35.98 30.45
CA PRO C 325 21.15 -36.81 31.06
C PRO C 325 19.79 -36.57 30.41
N ASP C 326 18.81 -37.34 30.88
CA ASP C 326 17.45 -37.22 30.38
C ASP C 326 16.67 -36.20 31.21
N CYS C 327 15.64 -35.61 30.59
CA CYS C 327 14.84 -34.62 31.29
C CYS C 327 13.88 -35.28 32.27
N ASP C 328 13.31 -36.42 31.88
CA ASP C 328 12.40 -37.24 32.68
C ASP C 328 11.15 -36.45 33.09
N ILE C 329 10.37 -36.05 32.08
CA ILE C 329 9.14 -35.31 32.33
C ILE C 329 7.99 -36.28 32.66
N ASP C 330 8.06 -37.51 32.17
CA ASP C 330 7.00 -38.49 32.39
C ASP C 330 6.95 -38.93 33.85
N ASN C 331 8.07 -38.87 34.57
CA ASN C 331 8.02 -39.15 36.00
C ASN C 331 7.32 -38.05 36.77
N TRP C 332 7.50 -36.79 36.37
CA TRP C 332 6.83 -35.69 37.05
C TRP C 332 5.35 -35.65 36.71
N LEU C 333 4.97 -36.00 35.48
CA LEU C 333 3.56 -35.95 35.11
C LEU C 333 2.77 -37.11 35.73
N ASN C 334 3.44 -38.23 35.98
CA ASN C 334 2.80 -39.40 36.58
C ASN C 334 2.98 -39.46 38.09
N ASN C 335 3.23 -38.32 38.73
CA ASN C 335 3.40 -38.31 40.18
C ASN C 335 2.06 -38.51 40.86
N VAL C 336 2.10 -39.09 42.06
CA VAL C 336 0.88 -39.44 42.77
C VAL C 336 0.19 -38.21 43.34
N SER C 337 0.97 -37.30 43.95
CA SER C 337 0.41 -36.08 44.52
C SER C 337 0.06 -35.10 43.40
N VAL C 338 -1.23 -34.84 43.24
CA VAL C 338 -1.74 -34.01 42.15
C VAL C 338 -2.28 -32.73 42.75
N PRO C 339 -1.89 -31.55 42.26
CA PRO C 339 -2.38 -30.30 42.83
C PRO C 339 -3.70 -29.84 42.23
N SER C 340 -4.27 -28.83 42.88
CA SER C 340 -5.51 -28.20 42.44
C SER C 340 -5.19 -26.95 41.63
N PRO C 341 -6.18 -26.34 40.96
CA PRO C 341 -5.92 -25.04 40.31
C PRO C 341 -5.56 -23.92 41.26
N LEU C 342 -5.89 -24.03 42.55
CA LEU C 342 -5.52 -22.99 43.50
C LEU C 342 -4.03 -23.02 43.81
N ASN C 343 -3.41 -24.19 43.81
CA ASN C 343 -2.00 -24.36 44.15
C ASN C 343 -1.28 -25.18 43.08
N TRP C 344 -1.42 -24.76 41.82
CA TRP C 344 -0.75 -25.44 40.71
C TRP C 344 0.76 -25.36 40.84
N GLU C 345 1.44 -26.39 40.33
CA GLU C 345 2.88 -26.55 40.50
C GLU C 345 3.60 -26.50 39.17
N ARG C 346 4.86 -26.08 39.22
CA ARG C 346 5.69 -25.85 38.04
C ARG C 346 7.04 -26.53 38.23
N ARG C 347 7.55 -27.15 37.16
CA ARG C 347 8.92 -27.65 37.12
C ARG C 347 9.58 -27.18 35.83
N ILE C 348 10.85 -26.81 35.92
CA ILE C 348 11.64 -26.32 34.79
C ILE C 348 12.68 -27.37 34.42
N PHE C 349 12.75 -27.70 33.13
CA PHE C 349 13.70 -28.68 32.62
C PHE C 349 14.69 -27.99 31.69
N SER C 350 15.98 -28.22 31.91
CA SER C 350 17.02 -27.65 31.05
C SER C 350 18.24 -28.54 31.09
N ASN C 351 19.08 -28.39 30.05
CA ASN C 351 20.37 -29.05 29.90
C ASN C 351 20.24 -30.57 29.87
N CYS C 352 19.19 -31.05 29.21
CA CYS C 352 18.90 -32.48 29.19
C CYS C 352 18.29 -32.85 27.85
N ASN C 353 18.23 -34.15 27.59
CA ASN C 353 17.64 -34.69 26.37
C ASN C 353 16.25 -35.22 26.67
N PHE C 354 15.36 -35.11 25.68
CA PHE C 354 14.01 -35.64 25.79
C PHE C 354 13.52 -36.00 24.39
N ASN C 355 12.41 -36.72 24.34
CA ASN C 355 11.71 -36.91 23.08
C ASN C 355 10.23 -37.10 23.36
N LEU C 356 9.40 -36.63 22.43
CA LEU C 356 7.96 -36.62 22.64
C LEU C 356 7.33 -37.99 22.44
N SER C 357 8.03 -38.93 21.83
CA SER C 357 7.46 -40.26 21.61
C SER C 357 7.31 -41.03 22.92
N THR C 358 8.37 -41.08 23.72
CA THR C 358 8.32 -41.76 25.00
C THR C 358 7.40 -41.04 25.98
N LEU C 359 7.36 -39.70 25.91
CA LEU C 359 6.48 -38.92 26.78
C LEU C 359 5.02 -39.17 26.43
N LEU C 360 4.69 -39.22 25.15
CA LEU C 360 3.30 -39.44 24.76
C LEU C 360 2.87 -40.90 24.85
N ARG C 361 3.82 -41.85 24.88
CA ARG C 361 3.42 -43.24 25.07
C ARG C 361 3.49 -43.71 26.52
N LEU C 362 4.16 -42.95 27.41
CA LEU C 362 4.20 -43.34 28.82
C LEU C 362 3.13 -42.67 29.66
N VAL C 363 2.47 -41.64 29.16
CA VAL C 363 1.32 -41.06 29.83
C VAL C 363 0.07 -41.38 29.01
N HIS C 364 -1.08 -41.22 29.64
CA HIS C 364 -2.36 -41.63 29.04
C HIS C 364 -3.02 -40.40 28.45
N VAL C 365 -2.69 -40.11 27.19
CA VAL C 365 -3.05 -38.84 26.57
C VAL C 365 -4.53 -38.84 26.18
N ASP C 366 -5.22 -37.73 26.45
CA ASP C 366 -6.54 -37.47 25.89
C ASP C 366 -6.47 -36.48 24.73
N SER C 367 -5.52 -35.55 24.79
CA SER C 367 -5.37 -34.49 23.80
C SER C 367 -3.98 -33.91 23.94
N PHE C 368 -3.45 -33.40 22.83
CA PHE C 368 -2.15 -32.73 22.85
C PHE C 368 -2.16 -31.68 21.74
N SER C 369 -2.44 -30.43 22.11
CA SER C 369 -2.59 -29.34 21.16
C SER C 369 -1.56 -28.26 21.46
N CYS C 370 -1.01 -27.68 20.40
CA CYS C 370 0.05 -26.68 20.53
C CYS C 370 -0.44 -25.34 20.01
N ASN C 371 0.15 -24.27 20.54
CA ASN C 371 -0.24 -22.91 20.19
C ASN C 371 1.02 -22.12 19.92
N ASN C 372 1.06 -21.42 18.78
CA ASN C 372 2.21 -20.66 18.27
C ASN C 372 3.45 -21.56 18.09
N LEU C 373 3.22 -22.84 17.81
CA LEU C 373 4.27 -23.82 17.60
C LEU C 373 3.63 -24.97 16.84
N ASP C 374 4.42 -25.98 16.54
CA ASP C 374 3.92 -27.16 15.84
C ASP C 374 4.63 -28.40 16.34
N LYS C 375 3.86 -29.50 16.42
CA LYS C 375 4.36 -30.76 16.95
C LYS C 375 5.48 -31.33 16.09
N SER C 376 5.42 -31.12 14.77
CA SER C 376 6.45 -31.62 13.89
C SER C 376 7.73 -30.78 13.94
N LYS C 377 7.70 -29.62 14.59
CA LYS C 377 8.87 -28.76 14.67
C LYS C 377 9.64 -28.92 15.98
N ILE C 378 9.13 -29.71 16.93
CA ILE C 378 9.82 -29.93 18.19
C ILE C 378 10.89 -31.00 18.05
N PHE C 379 10.79 -31.87 17.03
CA PHE C 379 11.49 -33.15 17.02
C PHE C 379 13.01 -33.00 16.89
N GLY C 380 13.49 -32.05 16.11
CA GLY C 380 14.93 -31.91 15.97
C GLY C 380 15.49 -30.66 16.60
N SER C 381 14.65 -29.93 17.34
CA SER C 381 15.01 -28.61 17.82
C SER C 381 15.72 -28.67 19.16
N CYS C 382 16.31 -27.54 19.53
CA CYS C 382 16.87 -27.32 20.86
C CYS C 382 16.21 -26.08 21.45
N PHE C 383 16.23 -25.98 22.78
CA PHE C 383 15.60 -24.87 23.49
C PHE C 383 16.49 -24.45 24.64
N ASN C 384 16.18 -23.29 25.20
CA ASN C 384 16.85 -22.87 26.43
C ASN C 384 16.37 -23.69 27.62
N SER C 385 15.05 -23.67 27.87
CA SER C 385 14.46 -24.47 28.91
C SER C 385 13.02 -24.79 28.52
N ILE C 386 12.43 -25.74 29.21
CA ILE C 386 11.02 -26.08 29.06
C ILE C 386 10.36 -25.97 30.43
N THR C 387 9.24 -25.27 30.50
CA THR C 387 8.51 -25.04 31.73
C THR C 387 7.16 -25.76 31.67
N VAL C 388 6.93 -26.70 32.58
CA VAL C 388 5.73 -27.51 32.60
C VAL C 388 4.95 -27.19 33.87
N ASP C 389 3.66 -26.89 33.73
CA ASP C 389 2.75 -26.68 34.85
C ASP C 389 1.68 -27.77 34.84
N LYS C 390 1.08 -28.04 36.00
CA LYS C 390 0.03 -29.04 36.09
C LYS C 390 -0.91 -28.77 37.25
N PHE C 391 -2.17 -29.16 37.05
CA PHE C 391 -3.18 -29.22 38.11
C PHE C 391 -4.31 -30.15 37.66
N ALA C 392 -5.12 -30.57 38.62
CA ALA C 392 -6.29 -31.39 38.32
C ALA C 392 -7.44 -30.53 37.85
N ILE C 393 -8.39 -31.15 37.16
CA ILE C 393 -9.49 -30.44 36.50
C ILE C 393 -10.79 -30.74 37.24
N PRO C 394 -11.54 -29.73 37.67
CA PRO C 394 -12.91 -29.97 38.11
C PRO C 394 -13.81 -30.31 36.94
N ASN C 395 -14.86 -31.08 37.23
CA ASN C 395 -15.67 -31.66 36.16
C ASN C 395 -16.53 -30.61 35.45
N ARG C 396 -17.13 -29.69 36.19
CA ARG C 396 -18.00 -28.70 35.59
C ARG C 396 -17.26 -27.44 35.15
N ARG C 397 -15.93 -27.43 35.23
CA ARG C 397 -15.14 -26.25 34.87
C ARG C 397 -14.17 -26.52 33.73
N ARG C 398 -14.37 -27.60 32.97
CA ARG C 398 -13.39 -27.97 31.94
C ARG C 398 -13.44 -27.01 30.76
N ASP C 399 -14.58 -26.34 30.55
CA ASP C 399 -14.70 -25.39 29.45
C ASP C 399 -13.96 -24.08 29.70
N ASP C 400 -13.49 -23.83 30.92
CA ASP C 400 -12.75 -22.61 31.20
C ASP C 400 -11.29 -22.69 30.74
N LEU C 401 -10.82 -23.87 30.34
CA LEU C 401 -9.43 -24.07 29.98
C LEU C 401 -9.15 -23.86 28.51
N GLN C 402 -10.09 -23.32 27.76
CA GLN C 402 -9.84 -22.98 26.37
C GLN C 402 -9.02 -21.69 26.29
N LEU C 403 -8.27 -21.55 25.21
CA LEU C 403 -7.39 -20.40 25.04
C LEU C 403 -8.19 -19.12 24.82
N GLY C 404 -7.79 -18.06 25.50
CA GLY C 404 -8.48 -16.79 25.39
C GLY C 404 -9.83 -16.73 26.06
N SER C 405 -10.16 -17.70 26.91
CA SER C 405 -11.47 -17.77 27.54
C SER C 405 -11.47 -17.00 28.86
N SER C 406 -12.66 -16.56 29.23
CA SER C 406 -12.92 -16.06 30.58
C SER C 406 -13.39 -17.24 31.43
N GLY C 407 -13.91 -16.95 32.61
CA GLY C 407 -14.36 -17.98 33.52
C GLY C 407 -13.63 -17.88 34.85
N PHE C 408 -13.90 -18.86 35.71
CA PHE C 408 -13.31 -18.83 37.03
C PHE C 408 -11.86 -19.29 37.02
N LEU C 409 -11.55 -20.34 36.25
CA LEU C 409 -10.23 -20.94 36.32
C LEU C 409 -9.14 -20.06 35.70
N GLN C 410 -9.49 -19.21 34.74
CA GLN C 410 -8.49 -18.36 34.11
C GLN C 410 -8.48 -16.94 34.63
N SER C 411 -9.53 -16.50 35.32
CA SER C 411 -9.50 -15.18 35.95
C SER C 411 -9.13 -15.22 37.42
N SER C 412 -9.23 -16.38 38.07
CA SER C 412 -8.90 -16.47 39.48
C SER C 412 -7.81 -17.48 39.79
N ASN C 413 -7.60 -18.50 38.98
CA ASN C 413 -6.71 -19.60 39.36
C ASN C 413 -5.45 -19.66 38.51
N TYR C 414 -5.58 -19.78 37.19
CA TYR C 414 -4.42 -19.98 36.32
C TYR C 414 -4.72 -19.39 34.97
N LYS C 415 -4.01 -18.32 34.60
CA LYS C 415 -4.17 -17.72 33.29
C LYS C 415 -3.16 -18.30 32.30
N ILE C 416 -3.66 -18.72 31.15
CA ILE C 416 -2.81 -19.31 30.12
C ILE C 416 -2.41 -18.20 29.14
N ASP C 417 -1.10 -18.04 28.95
CA ASP C 417 -0.58 -17.03 28.03
C ASP C 417 -0.84 -17.44 26.59
N ILE C 418 -1.46 -16.55 25.82
CA ILE C 418 -1.81 -16.83 24.43
C ILE C 418 -0.73 -16.45 23.45
N SER C 419 0.25 -15.64 23.85
CA SER C 419 1.27 -15.16 22.93
C SER C 419 2.57 -15.95 23.01
N SER C 420 2.61 -17.04 23.78
CA SER C 420 3.83 -17.82 23.92
C SER C 420 3.75 -19.09 23.09
N SER C 421 4.92 -19.65 22.79
CA SER C 421 5.00 -20.94 22.13
C SER C 421 4.73 -22.01 23.18
N SER C 422 3.52 -22.57 23.17
CA SER C 422 3.09 -23.47 24.22
C SER C 422 2.33 -24.64 23.63
N CYS C 423 2.25 -25.72 24.41
CA CYS C 423 1.50 -26.90 24.05
C CYS C 423 0.71 -27.37 25.27
N GLN C 424 -0.60 -27.56 25.11
CA GLN C 424 -1.48 -27.97 26.19
C GLN C 424 -1.72 -29.47 26.11
N LEU C 425 -1.72 -30.12 27.26
CA LEU C 425 -1.81 -31.57 27.35
C LEU C 425 -2.92 -31.94 28.33
N TYR C 426 -3.82 -32.82 27.90
CA TYR C 426 -4.86 -33.37 28.76
C TYR C 426 -4.59 -34.86 28.92
N TYR C 427 -4.43 -35.31 30.16
CA TYR C 427 -4.13 -36.71 30.42
C TYR C 427 -4.84 -37.13 31.68
N SER C 428 -4.67 -38.39 32.08
CA SER C 428 -5.37 -38.92 33.24
C SER C 428 -4.55 -40.01 33.89
N LEU C 429 -4.89 -40.31 35.14
CA LEU C 429 -4.21 -41.30 35.97
C LEU C 429 -5.25 -42.19 36.65
N PRO C 430 -4.90 -43.46 36.93
CA PRO C 430 -5.85 -44.34 37.61
C PRO C 430 -6.05 -43.95 39.06
N LEU C 431 -7.25 -44.22 39.57
CA LEU C 431 -7.66 -43.79 40.90
C LEU C 431 -7.09 -44.61 42.04
N VAL C 432 -6.09 -45.47 41.79
CA VAL C 432 -5.48 -46.26 42.86
C VAL C 432 -4.66 -45.35 43.77
N ASN C 433 -3.67 -44.67 43.20
CA ASN C 433 -2.80 -43.77 43.95
C ASN C 433 -2.92 -42.37 43.36
N VAL C 434 -3.95 -41.65 43.80
CA VAL C 434 -4.16 -40.25 43.43
C VAL C 434 -4.57 -39.50 44.69
N THR C 435 -3.82 -38.46 45.04
CA THR C 435 -4.08 -37.66 46.22
C THR C 435 -4.14 -36.20 45.81
N ILE C 436 -5.33 -35.62 45.85
CA ILE C 436 -5.51 -34.22 45.46
C ILE C 436 -4.98 -33.33 46.58
N ASN C 437 -4.09 -32.42 46.23
CA ASN C 437 -3.44 -31.53 47.19
C ASN C 437 -4.14 -30.17 47.15
N ASN C 438 -5.14 -29.99 48.00
CA ASN C 438 -5.90 -28.74 48.10
C ASN C 438 -5.24 -27.89 49.18
N PHE C 439 -4.10 -27.29 48.84
CA PHE C 439 -3.36 -26.42 49.73
C PHE C 439 -3.66 -24.97 49.39
N ASN C 440 -3.70 -24.11 50.41
CA ASN C 440 -3.96 -22.70 50.19
C ASN C 440 -2.63 -21.96 50.14
N PRO C 441 -2.22 -21.41 49.01
CA PRO C 441 -0.90 -20.78 48.91
C PRO C 441 -0.85 -19.31 49.29
N SER C 442 -1.97 -18.72 49.71
CA SER C 442 -1.98 -17.32 50.09
C SER C 442 -1.34 -17.14 51.46
N SER C 443 -0.52 -16.11 51.61
CA SER C 443 0.21 -15.94 52.86
C SER C 443 -0.60 -15.16 53.89
N TRP C 444 -1.36 -14.15 53.47
CA TRP C 444 -2.16 -13.39 54.42
C TRP C 444 -3.44 -14.11 54.80
N ASN C 445 -3.93 -15.02 53.97
CA ASN C 445 -5.01 -15.91 54.39
C ASN C 445 -4.53 -16.90 55.43
N ARG C 446 -3.30 -17.40 55.27
CA ARG C 446 -2.79 -18.47 56.11
C ARG C 446 -2.22 -17.96 57.42
N ARG C 447 -1.74 -16.71 57.47
CA ARG C 447 -1.19 -16.21 58.72
C ARG C 447 -2.29 -15.77 59.68
N TYR C 448 -3.52 -15.63 59.19
CA TYR C 448 -4.66 -15.28 60.02
C TYR C 448 -5.57 -16.48 60.29
N GLY C 449 -5.01 -17.68 60.24
CA GLY C 449 -5.69 -18.85 60.78
C GLY C 449 -6.42 -19.74 59.80
N PHE C 450 -5.93 -19.88 58.58
CA PHE C 450 -6.53 -20.83 57.65
C PHE C 450 -6.01 -22.24 57.94
N GLY C 451 -6.94 -23.16 58.18
CA GLY C 451 -6.52 -24.53 58.47
C GLY C 451 -6.47 -25.45 57.28
N SER C 452 -7.59 -25.60 56.58
CA SER C 452 -7.76 -26.61 55.54
C SER C 452 -9.10 -26.42 54.85
N PHE C 453 -9.31 -27.20 53.80
CA PHE C 453 -10.63 -27.41 53.22
C PHE C 453 -11.11 -28.80 53.62
N ASN C 454 -12.31 -28.88 54.19
CA ASN C 454 -12.91 -30.18 54.49
C ASN C 454 -13.79 -30.57 53.31
N VAL C 455 -13.24 -31.40 52.42
CA VAL C 455 -13.93 -31.92 51.26
C VAL C 455 -13.68 -33.42 51.19
N SER C 456 -14.16 -34.05 50.11
CA SER C 456 -14.03 -35.49 49.94
C SER C 456 -12.61 -35.83 49.44
N SER C 457 -12.41 -37.10 49.08
CA SER C 457 -11.08 -37.58 48.76
C SER C 457 -10.61 -37.14 47.38
N TYR C 458 -11.53 -37.09 46.41
CA TYR C 458 -11.19 -36.71 45.04
C TYR C 458 -11.87 -35.40 44.63
N ASP C 459 -12.12 -34.52 45.60
CA ASP C 459 -12.71 -33.22 45.30
C ASP C 459 -11.60 -32.21 45.04
N VAL C 460 -11.85 -31.31 44.08
CA VAL C 460 -10.86 -30.38 43.58
C VAL C 460 -11.33 -28.96 43.87
N VAL C 461 -10.59 -28.27 44.73
CA VAL C 461 -10.94 -26.92 45.17
C VAL C 461 -10.41 -25.92 44.15
N TYR C 462 -11.25 -24.99 43.74
CA TYR C 462 -10.84 -23.83 42.96
C TYR C 462 -11.39 -22.58 43.61
N SER C 463 -11.09 -21.43 43.00
CA SER C 463 -11.49 -20.15 43.55
C SER C 463 -12.45 -19.42 42.61
N ASP C 464 -13.39 -18.68 43.20
CA ASP C 464 -14.33 -17.85 42.46
C ASP C 464 -13.95 -16.38 42.46
N HIS C 465 -13.41 -15.88 43.57
CA HIS C 465 -12.97 -14.51 43.70
C HIS C 465 -11.60 -14.48 44.35
N CYS C 466 -10.74 -13.56 43.91
CA CYS C 466 -9.43 -13.37 44.50
C CYS C 466 -9.28 -11.92 44.95
N PHE C 467 -8.73 -11.74 46.15
CA PHE C 467 -8.64 -10.44 46.78
C PHE C 467 -7.19 -10.11 47.07
N SER C 468 -6.86 -8.82 46.98
CA SER C 468 -5.51 -8.34 47.21
C SER C 468 -5.52 -7.30 48.32
N VAL C 469 -4.65 -7.48 49.30
CA VAL C 469 -4.51 -6.55 50.42
C VAL C 469 -3.07 -6.08 50.48
N ASN C 470 -2.82 -5.09 51.33
CA ASN C 470 -1.47 -4.62 51.58
C ASN C 470 -0.84 -5.43 52.71
N SER C 471 0.35 -5.01 53.12
CA SER C 471 1.10 -5.73 54.14
C SER C 471 0.67 -5.38 55.55
N ASP C 472 -0.11 -4.31 55.74
CA ASP C 472 -0.59 -3.91 57.05
C ASP C 472 -2.03 -4.30 57.29
N PHE C 473 -2.51 -5.33 56.61
CA PHE C 473 -3.89 -5.77 56.75
C PHE C 473 -4.07 -6.58 58.03
N CYS C 474 -5.19 -6.36 58.71
CA CYS C 474 -5.60 -7.15 59.86
C CYS C 474 -7.12 -7.11 59.86
N PRO C 475 -7.79 -8.26 60.00
CA PRO C 475 -9.25 -8.27 59.92
C PRO C 475 -9.97 -8.07 61.24
N CYS C 476 -9.26 -8.05 62.36
CA CYS C 476 -9.90 -7.90 63.67
C CYS C 476 -10.11 -6.42 64.00
N ALA C 477 -11.21 -6.15 64.70
CA ALA C 477 -11.54 -4.81 65.13
C ALA C 477 -10.74 -4.42 66.37
N ASP C 478 -10.65 -3.11 66.59
CA ASP C 478 -9.87 -2.57 67.69
C ASP C 478 -10.62 -2.75 69.01
N PRO C 479 -10.11 -3.57 69.94
CA PRO C 479 -10.88 -3.84 71.18
C PRO C 479 -10.86 -2.70 72.18
N SER C 480 -9.98 -1.70 72.01
CA SER C 480 -9.98 -0.54 72.88
C SER C 480 -11.02 0.50 72.49
N VAL C 481 -11.46 0.49 71.23
CA VAL C 481 -12.50 1.41 70.77
C VAL C 481 -13.87 0.76 70.70
N VAL C 482 -13.93 -0.57 70.70
CA VAL C 482 -15.20 -1.28 70.53
C VAL C 482 -16.01 -1.36 71.82
N ASN C 483 -15.45 -0.93 72.95
CA ASN C 483 -16.12 -1.07 74.24
C ASN C 483 -17.31 -0.13 74.40
N SER C 484 -17.27 1.05 73.80
CA SER C 484 -18.37 2.01 73.92
C SER C 484 -19.47 1.78 72.90
N CYS C 485 -19.36 0.76 72.05
CA CYS C 485 -20.38 0.46 71.06
C CYS C 485 -21.43 -0.44 71.67
N VAL C 486 -22.70 -0.11 71.42
CA VAL C 486 -23.84 -0.86 71.95
C VAL C 486 -24.52 -1.66 70.85
N LYS C 487 -24.95 -1.00 69.78
CA LYS C 487 -25.57 -1.69 68.66
C LYS C 487 -24.51 -2.01 67.60
N SER C 488 -24.65 -3.20 67.01
CA SER C 488 -23.74 -3.75 65.99
C SER C 488 -22.30 -3.82 66.50
N LYS C 489 -22.15 -4.51 67.63
CA LYS C 489 -20.84 -4.68 68.24
C LYS C 489 -20.17 -5.94 67.69
N PRO C 490 -19.06 -5.83 66.98
CA PRO C 490 -18.43 -7.02 66.40
C PRO C 490 -17.42 -7.65 67.35
N LEU C 491 -16.79 -8.70 66.87
CA LEU C 491 -15.71 -9.34 67.62
C LEU C 491 -14.44 -8.51 67.51
N SER C 492 -13.46 -8.86 68.34
CA SER C 492 -12.20 -8.11 68.38
C SER C 492 -11.10 -9.00 68.95
N ALA C 493 -9.88 -8.65 68.60
CA ALA C 493 -8.67 -9.32 69.08
C ALA C 493 -7.50 -8.37 68.89
N ILE C 494 -6.29 -8.89 69.07
CA ILE C 494 -5.06 -8.10 68.96
C ILE C 494 -4.43 -8.37 67.61
N CYS C 495 -4.06 -7.30 66.91
CA CYS C 495 -3.43 -7.41 65.60
C CYS C 495 -1.91 -7.50 65.73
N PRO C 496 -1.23 -8.07 64.74
CA PRO C 496 0.24 -8.13 64.79
C PRO C 496 0.88 -6.77 64.67
N ALA C 497 2.19 -6.73 64.96
CA ALA C 497 2.93 -5.49 64.96
C ALA C 497 3.21 -5.04 63.53
N GLY C 498 2.88 -3.78 63.23
CA GLY C 498 3.06 -3.24 61.91
C GLY C 498 1.83 -3.26 61.04
N THR C 499 0.67 -3.60 61.59
CA THR C 499 -0.57 -3.69 60.84
C THR C 499 -1.54 -2.61 61.30
N LYS C 500 -2.64 -2.50 60.57
CA LYS C 500 -3.70 -1.56 60.91
C LYS C 500 -4.95 -2.32 61.34
N TYR C 501 -5.61 -1.79 62.37
CA TYR C 501 -6.85 -2.38 62.85
C TYR C 501 -7.99 -2.11 61.88
N ARG C 502 -9.07 -2.87 62.05
CA ARG C 502 -10.26 -2.73 61.23
C ARG C 502 -10.95 -1.41 61.53
N HIS C 503 -11.23 -0.63 60.48
CA HIS C 503 -11.76 0.71 60.64
C HIS C 503 -13.24 0.64 61.04
N CYS C 504 -13.53 1.04 62.27
CA CYS C 504 -14.89 1.02 62.81
C CYS C 504 -15.16 2.37 63.45
N ASP C 505 -16.14 3.10 62.92
CA ASP C 505 -16.50 4.40 63.47
C ASP C 505 -17.48 4.25 64.63
N LEU C 506 -17.53 5.27 65.48
CA LEU C 506 -18.48 5.35 66.59
C LEU C 506 -19.40 6.53 66.30
N ASP C 507 -20.60 6.24 65.85
CA ASP C 507 -21.52 7.28 65.41
C ASP C 507 -22.55 7.59 66.48
N THR C 508 -22.96 8.86 66.52
CA THR C 508 -23.94 9.36 67.49
C THR C 508 -25.25 9.60 66.75
N THR C 509 -26.09 8.57 66.69
CA THR C 509 -27.36 8.65 65.98
C THR C 509 -28.44 9.25 66.89
N LEU C 510 -29.65 9.36 66.34
CA LEU C 510 -30.77 9.95 67.07
C LEU C 510 -31.29 9.04 68.17
N TYR C 511 -31.17 7.72 68.01
CA TYR C 511 -31.66 6.76 68.99
C TYR C 511 -30.59 6.34 69.99
N VAL C 512 -29.43 5.91 69.51
CA VAL C 512 -28.32 5.51 70.36
C VAL C 512 -27.19 6.52 70.19
N ASN C 513 -26.55 6.89 71.30
CA ASN C 513 -25.47 7.87 71.24
C ASN C 513 -24.14 7.26 70.78
N ASN C 514 -24.05 5.94 70.69
CA ASN C 514 -22.81 5.27 70.28
C ASN C 514 -23.15 3.91 69.71
N TRP C 515 -22.87 3.72 68.41
CA TRP C 515 -22.99 2.42 67.77
C TRP C 515 -21.91 2.29 66.71
N CYS C 516 -21.48 1.05 66.46
CA CYS C 516 -20.38 0.78 65.55
C CYS C 516 -20.88 0.59 64.12
N ARG C 517 -20.16 1.19 63.18
CA ARG C 517 -20.39 0.99 61.75
C ARG C 517 -19.04 0.75 61.07
N CYS C 518 -18.74 -0.51 60.80
CA CYS C 518 -17.44 -0.93 60.30
C CYS C 518 -17.46 -1.04 58.78
N SER C 519 -16.35 -1.50 58.21
CA SER C 519 -16.20 -1.71 56.78
C SER C 519 -16.35 -3.17 56.43
N CYS C 520 -16.51 -3.43 55.12
CA CYS C 520 -16.77 -4.75 54.54
C CYS C 520 -17.99 -5.41 55.17
N LEU C 521 -19.11 -4.69 55.14
CA LEU C 521 -20.37 -5.22 55.63
C LEU C 521 -21.31 -5.47 54.47
N PRO C 522 -21.92 -6.66 54.35
CA PRO C 522 -21.80 -7.82 55.25
C PRO C 522 -20.56 -8.66 55.02
N ASP C 523 -20.05 -8.64 53.78
CA ASP C 523 -18.89 -9.42 53.38
C ASP C 523 -18.28 -8.74 52.17
N PRO C 524 -16.95 -8.87 51.96
CA PRO C 524 -16.31 -8.13 50.87
C PRO C 524 -16.73 -8.53 49.47
N ILE C 525 -17.38 -9.68 49.31
CA ILE C 525 -17.91 -10.07 48.01
C ILE C 525 -19.18 -9.27 47.70
N SER C 526 -20.05 -9.10 48.69
CA SER C 526 -21.39 -8.56 48.49
C SER C 526 -21.58 -7.23 49.24
N THR C 527 -20.54 -6.45 49.37
CA THR C 527 -20.65 -5.16 50.04
C THR C 527 -20.94 -4.06 49.02
N TYR C 528 -21.61 -3.01 49.49
CA TYR C 528 -22.07 -1.93 48.60
C TYR C 528 -21.12 -0.76 48.56
N SER C 529 -20.13 -0.71 49.45
CA SER C 529 -19.14 0.38 49.49
C SER C 529 -17.77 -0.25 49.27
N PRO C 530 -17.38 -0.48 48.00
CA PRO C 530 -16.09 -1.12 47.75
C PRO C 530 -14.90 -0.18 47.81
N ASN C 531 -15.12 1.10 48.09
CA ASN C 531 -14.00 2.03 48.26
C ASN C 531 -13.52 2.12 49.70
N THR C 532 -14.26 1.55 50.65
CA THR C 532 -13.86 1.55 52.05
C THR C 532 -13.36 0.20 52.53
N CYS C 533 -13.77 -0.88 51.90
CA CYS C 533 -13.27 -2.21 52.24
C CYS C 533 -11.87 -2.37 51.68
N PRO C 534 -10.87 -2.68 52.52
CA PRO C 534 -9.48 -2.75 52.02
C PRO C 534 -9.16 -3.98 51.21
N GLN C 535 -10.07 -4.95 51.12
CA GLN C 535 -9.87 -6.14 50.29
C GLN C 535 -10.42 -5.85 48.90
N LYS C 536 -9.51 -5.64 47.94
CA LYS C 536 -9.88 -5.23 46.60
C LYS C 536 -9.96 -6.45 45.67
N LYS C 537 -10.95 -6.46 44.80
CA LYS C 537 -11.11 -7.56 43.85
C LYS C 537 -10.15 -7.39 42.69
N VAL C 538 -9.35 -8.43 42.42
CA VAL C 538 -8.37 -8.44 41.35
C VAL C 538 -8.55 -9.71 40.53
N VAL C 539 -7.80 -9.78 39.44
CA VAL C 539 -7.72 -10.98 38.61
C VAL C 539 -6.29 -11.51 38.68
N VAL C 540 -6.11 -12.77 38.29
CA VAL C 540 -4.79 -13.39 38.38
C VAL C 540 -3.93 -12.92 37.22
N GLY C 541 -2.61 -13.03 37.39
CA GLY C 541 -1.67 -12.69 36.34
C GLY C 541 -0.95 -13.91 35.80
N ILE C 542 -0.16 -13.68 34.76
CA ILE C 542 0.58 -14.76 34.12
C ILE C 542 1.76 -15.15 34.99
N GLY C 543 1.83 -16.43 35.36
CA GLY C 543 2.91 -16.94 36.18
C GLY C 543 2.68 -16.85 37.67
N GLU C 544 1.52 -16.38 38.11
CA GLU C 544 1.25 -16.14 39.52
C GLU C 544 0.03 -16.92 39.97
N HIS C 545 -0.13 -17.01 41.29
CA HIS C 545 -1.27 -17.67 41.91
C HIS C 545 -2.31 -16.64 42.33
N CYS C 546 -3.39 -17.15 42.91
CA CYS C 546 -4.41 -16.28 43.49
C CYS C 546 -3.88 -15.63 44.75
N PRO C 547 -4.04 -14.32 44.92
CA PRO C 547 -3.45 -13.65 46.09
C PRO C 547 -4.17 -13.99 47.39
N GLY C 548 -5.43 -14.38 47.35
CA GLY C 548 -6.13 -14.74 48.57
C GLY C 548 -7.63 -14.83 48.42
N LEU C 549 -8.27 -15.58 49.31
CA LEU C 549 -9.71 -15.64 49.35
C LEU C 549 -10.26 -14.51 50.21
N GLY C 550 -11.55 -14.24 50.06
CA GLY C 550 -12.17 -13.19 50.85
C GLY C 550 -12.41 -13.63 52.28
N ILE C 551 -12.23 -12.69 53.20
CA ILE C 551 -12.37 -12.95 54.63
C ILE C 551 -13.57 -12.16 55.13
N ASN C 552 -14.58 -12.86 55.64
CA ASN C 552 -15.71 -12.22 56.30
C ASN C 552 -15.27 -11.76 57.68
N GLU C 553 -15.10 -10.45 57.86
CA GLU C 553 -14.47 -9.92 59.06
C GLU C 553 -15.38 -9.93 60.28
N GLU C 554 -16.66 -10.30 60.13
CA GLU C 554 -17.56 -10.39 61.27
C GLU C 554 -17.34 -11.64 62.11
N LYS C 555 -16.61 -12.63 61.60
CA LYS C 555 -16.37 -13.88 62.32
C LYS C 555 -14.89 -14.07 62.65
N CYS C 556 -14.16 -12.98 62.83
CA CYS C 556 -12.73 -13.02 63.15
C CYS C 556 -12.50 -12.41 64.52
N GLY C 557 -12.09 -13.24 65.46
CA GLY C 557 -11.78 -12.80 66.81
C GLY C 557 -12.62 -13.54 67.84
N THR C 558 -12.48 -13.06 69.08
CA THR C 558 -13.23 -13.59 70.22
C THR C 558 -14.09 -12.48 70.79
N GLN C 559 -14.75 -12.76 71.91
CA GLN C 559 -15.66 -11.80 72.52
C GLN C 559 -15.10 -11.21 73.82
N LEU C 560 -14.79 -12.07 74.80
CA LEU C 560 -14.35 -11.60 76.11
C LEU C 560 -12.82 -11.55 76.23
N ASN C 561 -12.16 -12.69 76.08
CA ASN C 561 -10.71 -12.71 76.12
C ASN C 561 -10.15 -12.25 74.78
N HIS C 562 -8.94 -11.73 74.80
CA HIS C 562 -8.32 -11.14 73.62
C HIS C 562 -6.93 -11.74 73.40
N SER C 563 -6.86 -12.77 72.57
CA SER C 563 -5.61 -13.34 72.10
C SER C 563 -5.23 -12.68 70.78
N SER C 564 -4.33 -13.29 70.02
CA SER C 564 -3.98 -12.78 68.71
C SER C 564 -5.14 -12.93 67.73
N CYS C 565 -5.08 -12.18 66.64
CA CYS C 565 -6.17 -12.15 65.67
C CYS C 565 -6.21 -13.45 64.88
N SER C 566 -7.36 -14.12 64.92
CA SER C 566 -7.57 -15.34 64.17
C SER C 566 -8.98 -15.33 63.62
N CYS C 567 -9.22 -16.16 62.61
CA CYS C 567 -10.49 -16.18 61.92
C CYS C 567 -11.08 -17.58 61.93
N SER C 568 -12.40 -17.63 61.80
CA SER C 568 -13.13 -18.88 61.79
C SER C 568 -12.94 -19.58 60.44
N PRO C 569 -13.10 -20.91 60.39
CA PRO C 569 -13.01 -21.61 59.10
C PRO C 569 -14.12 -21.25 58.12
N ASP C 570 -15.27 -20.81 58.59
CA ASP C 570 -16.35 -20.36 57.71
C ASP C 570 -16.24 -18.89 57.36
N ALA C 571 -15.22 -18.20 57.85
CA ALA C 571 -15.02 -16.80 57.50
C ALA C 571 -14.36 -16.61 56.14
N PHE C 572 -13.85 -17.68 55.52
CA PHE C 572 -13.18 -17.61 54.24
C PHE C 572 -14.19 -17.93 53.13
N LEU C 573 -14.27 -17.06 52.13
CA LEU C 573 -15.34 -17.09 51.16
C LEU C 573 -14.79 -17.14 49.74
N GLY C 574 -15.66 -17.55 48.82
CA GLY C 574 -15.36 -17.45 47.40
C GLY C 574 -14.67 -18.65 46.79
N TRP C 575 -14.97 -19.85 47.25
CA TRP C 575 -14.35 -21.06 46.72
C TRP C 575 -15.38 -22.17 46.61
N SER C 576 -15.29 -22.93 45.52
CA SER C 576 -16.15 -24.08 45.28
C SER C 576 -15.29 -25.32 45.07
N PHE C 577 -15.95 -26.46 44.86
CA PHE C 577 -15.24 -27.71 44.68
C PHE C 577 -16.03 -28.64 43.78
N ASP C 578 -15.32 -29.60 43.18
CA ASP C 578 -15.91 -30.59 42.30
C ASP C 578 -14.95 -31.76 42.19
N SER C 579 -15.47 -32.90 41.74
CA SER C 579 -14.66 -34.08 41.57
C SER C 579 -13.94 -34.07 40.22
N CYS C 580 -12.86 -34.86 40.14
CA CYS C 580 -12.11 -35.03 38.91
C CYS C 580 -12.36 -36.37 38.24
N ILE C 581 -13.25 -37.19 38.79
CA ILE C 581 -13.39 -38.58 38.35
C ILE C 581 -14.29 -38.62 37.13
N SER C 582 -13.80 -39.26 36.06
CA SER C 582 -14.60 -39.57 34.89
C SER C 582 -14.03 -40.85 34.28
N ASN C 583 -14.91 -41.85 34.12
CA ASN C 583 -14.55 -43.21 33.66
C ASN C 583 -13.46 -43.83 34.53
N ASN C 584 -13.66 -43.75 35.86
CA ASN C 584 -12.79 -44.35 36.87
C ASN C 584 -11.35 -43.82 36.82
N ARG C 585 -11.17 -42.59 36.38
CA ARG C 585 -9.86 -41.95 36.31
C ARG C 585 -10.00 -40.47 36.63
N CYS C 586 -8.92 -39.88 37.12
CA CYS C 586 -8.89 -38.46 37.47
C CYS C 586 -8.23 -37.67 36.34
N ASN C 587 -8.88 -36.56 35.94
CA ASN C 587 -8.47 -35.81 34.77
C ASN C 587 -7.55 -34.66 35.16
N ILE C 588 -6.37 -34.61 34.52
CA ILE C 588 -5.32 -33.67 34.86
C ILE C 588 -5.01 -32.79 33.66
N PHE C 589 -4.74 -31.52 33.90
CA PHE C 589 -4.33 -30.57 32.87
C PHE C 589 -2.83 -30.34 32.97
N SER C 590 -2.18 -30.11 31.82
CA SER C 590 -0.77 -29.79 31.79
C SER C 590 -0.49 -28.76 30.71
N ASN C 591 0.46 -27.87 30.97
CA ASN C 591 0.79 -26.80 30.06
C ASN C 591 2.30 -26.72 29.89
N PHE C 592 2.78 -27.03 28.70
CA PHE C 592 4.20 -26.99 28.36
C PHE C 592 4.50 -25.61 27.79
N ILE C 593 5.63 -25.03 28.19
CA ILE C 593 6.07 -23.74 27.69
C ILE C 593 7.51 -23.87 27.22
N PHE C 594 7.73 -23.59 25.94
CA PHE C 594 9.04 -23.75 25.30
C PHE C 594 9.69 -22.37 25.19
N ASN C 595 10.76 -22.16 25.94
CA ASN C 595 11.42 -20.87 26.02
C ASN C 595 12.71 -20.90 25.22
N GLY C 596 12.88 -19.92 24.33
CA GLY C 596 14.11 -19.79 23.56
C GLY C 596 14.25 -20.84 22.47
N ILE C 597 13.40 -20.73 21.45
CA ILE C 597 13.36 -21.73 20.37
C ILE C 597 14.63 -21.64 19.54
N ASN C 598 15.20 -22.82 19.23
CA ASN C 598 16.35 -23.00 18.33
C ASN C 598 17.63 -22.38 18.88
N SER C 599 17.79 -22.42 20.20
CA SER C 599 19.01 -21.95 20.85
C SER C 599 19.04 -22.52 22.27
N GLY C 600 20.07 -23.28 22.60
CA GLY C 600 20.25 -23.77 23.94
C GLY C 600 20.67 -25.22 23.95
N THR C 601 20.53 -25.86 25.12
CA THR C 601 21.01 -27.23 25.31
C THR C 601 19.90 -28.20 25.68
N THR C 602 18.64 -27.78 25.64
CA THR C 602 17.50 -28.68 25.87
C THR C 602 17.07 -29.19 24.51
N CYS C 603 17.73 -30.25 24.05
CA CYS C 603 17.59 -30.74 22.69
C CYS C 603 16.76 -32.01 22.65
N SER C 604 15.99 -32.16 21.57
CA SER C 604 15.13 -33.32 21.37
C SER C 604 15.82 -34.32 20.44
N ASN C 605 16.11 -35.51 20.95
CA ASN C 605 16.78 -36.54 20.15
C ASN C 605 15.75 -37.48 19.51
N ASP C 606 14.77 -36.87 18.84
CA ASP C 606 13.86 -37.62 17.99
C ASP C 606 14.50 -37.97 16.66
N LEU C 607 15.32 -37.06 16.12
CA LEU C 607 16.12 -37.30 14.93
C LEU C 607 17.57 -37.11 15.33
N LEU C 608 18.34 -38.19 15.30
CA LEU C 608 19.72 -38.17 15.78
C LEU C 608 20.69 -38.32 14.62
N TYR C 609 21.74 -37.51 14.63
CA TYR C 609 22.79 -37.54 13.63
C TYR C 609 24.14 -37.53 14.34
N SER C 610 25.17 -37.94 13.61
CA SER C 610 26.50 -37.98 14.19
C SER C 610 27.17 -36.61 14.08
N ASN C 611 28.08 -36.36 15.01
CA ASN C 611 28.80 -35.09 15.03
C ASN C 611 29.86 -35.07 13.93
N THR C 612 29.79 -34.06 13.06
CA THR C 612 30.76 -33.86 12.01
C THR C 612 31.72 -32.76 12.42
N GLU C 613 32.78 -32.60 11.63
CA GLU C 613 33.77 -31.55 11.89
C GLU C 613 33.39 -30.29 11.13
N VAL C 614 33.71 -29.15 11.74
CA VAL C 614 33.45 -27.85 11.13
C VAL C 614 34.44 -27.68 9.98
N SER C 615 33.95 -27.83 8.75
CA SER C 615 34.79 -27.73 7.57
C SER C 615 34.77 -26.32 7.03
N THR C 616 35.95 -25.72 6.90
CA THR C 616 36.10 -24.34 6.49
C THR C 616 36.38 -24.25 5.00
N GLY C 617 35.77 -23.25 4.35
CA GLY C 617 36.04 -22.95 2.97
C GLY C 617 34.91 -23.26 1.99
N VAL C 618 33.96 -24.11 2.36
CA VAL C 618 32.91 -24.53 1.46
C VAL C 618 31.56 -24.07 2.00
N CYS C 619 30.60 -23.92 1.10
CA CYS C 619 29.24 -23.60 1.49
C CYS C 619 28.56 -24.85 2.02
N VAL C 620 28.04 -24.78 3.24
CA VAL C 620 27.43 -25.93 3.90
C VAL C 620 26.13 -25.48 4.57
N ASN C 621 25.27 -26.46 4.84
CA ASN C 621 24.23 -26.30 5.84
C ASN C 621 24.83 -26.54 7.21
N TYR C 622 24.43 -25.74 8.19
CA TYR C 622 24.94 -25.95 9.53
C TYR C 622 23.80 -26.04 10.53
N ASP C 623 24.02 -26.85 11.57
CA ASP C 623 23.12 -26.97 12.72
C ASP C 623 24.04 -26.94 13.93
N LEU C 624 24.30 -25.75 14.45
CA LEU C 624 25.29 -25.54 15.49
C LEU C 624 24.57 -25.37 16.82
N TYR C 625 24.28 -26.50 17.47
CA TYR C 625 23.60 -26.57 18.77
C TYR C 625 22.24 -25.86 18.76
N GLY C 626 21.51 -25.97 17.66
CA GLY C 626 20.22 -25.35 17.50
C GLY C 626 20.14 -24.30 16.42
N ILE C 627 21.24 -23.58 16.20
CA ILE C 627 21.28 -22.51 15.20
C ILE C 627 21.40 -23.13 13.82
N THR C 628 20.42 -22.85 12.95
CA THR C 628 20.39 -23.43 11.62
C THR C 628 20.57 -22.34 10.56
N GLY C 629 21.17 -22.72 9.44
CA GLY C 629 21.40 -21.78 8.36
C GLY C 629 22.31 -22.38 7.30
N GLN C 630 22.72 -21.51 6.38
CA GLN C 630 23.67 -21.84 5.31
C GLN C 630 24.71 -20.74 5.20
N GLY C 631 25.98 -21.12 5.15
CA GLY C 631 27.02 -20.13 5.09
C GLY C 631 28.38 -20.77 4.88
N ILE C 632 29.42 -19.93 4.98
CA ILE C 632 30.81 -20.33 4.76
C ILE C 632 31.59 -20.05 6.03
N PHE C 633 32.35 -21.04 6.49
CA PHE C 633 33.12 -20.90 7.72
C PHE C 633 34.57 -20.53 7.44
N LYS C 634 35.20 -19.90 8.42
CA LYS C 634 36.59 -19.49 8.33
C LYS C 634 37.14 -19.43 9.75
N GLU C 635 38.15 -20.24 10.04
CA GLU C 635 38.73 -20.28 11.37
C GLU C 635 39.55 -19.04 11.64
N VAL C 636 39.33 -18.42 12.79
CA VAL C 636 39.99 -17.19 13.18
C VAL C 636 40.45 -17.32 14.62
N SER C 637 41.36 -16.44 15.02
CA SER C 637 41.86 -16.38 16.40
C SER C 637 41.14 -15.23 17.09
N ALA C 638 40.15 -15.56 17.91
CA ALA C 638 39.29 -14.57 18.56
C ALA C 638 39.53 -14.57 20.06
N ALA C 639 39.51 -13.37 20.66
CA ALA C 639 39.75 -13.22 22.08
C ALA C 639 38.66 -12.41 22.76
N TYR C 640 37.47 -12.33 22.18
CA TYR C 640 36.38 -11.54 22.73
C TYR C 640 35.26 -12.40 23.31
N TYR C 641 35.52 -13.68 23.54
CA TYR C 641 34.54 -14.57 24.16
C TYR C 641 34.88 -14.75 25.63
N ASN C 642 33.88 -14.63 26.49
CA ASN C 642 34.02 -14.92 27.91
C ASN C 642 33.62 -16.37 28.15
N ASN C 643 33.48 -16.75 29.42
CA ASN C 643 33.04 -18.09 29.77
C ASN C 643 31.54 -18.29 29.58
N TRP C 644 30.79 -17.21 29.39
CA TRP C 644 29.34 -17.24 29.27
C TRP C 644 28.87 -16.76 27.90
N GLN C 645 29.79 -16.56 26.96
CA GLN C 645 29.49 -16.02 25.65
C GLN C 645 29.99 -16.99 24.58
N ASN C 646 29.11 -17.32 23.63
CA ASN C 646 29.49 -18.21 22.55
C ASN C 646 28.93 -17.82 21.18
N LEU C 647 28.25 -16.68 21.07
CA LEU C 647 27.69 -16.23 19.80
C LEU C 647 28.08 -14.79 19.55
N LEU C 648 28.29 -14.45 18.29
CA LEU C 648 28.68 -13.10 17.87
C LEU C 648 27.64 -12.55 16.92
N TYR C 649 27.03 -11.43 17.29
CA TYR C 649 25.95 -10.81 16.55
C TYR C 649 26.38 -9.45 16.00
N ASP C 650 25.56 -8.90 15.13
CA ASP C 650 25.65 -7.50 14.73
C ASP C 650 24.39 -6.77 15.18
N SER C 651 24.29 -5.49 14.81
CA SER C 651 23.21 -4.65 15.30
C SER C 651 21.86 -4.95 14.66
N ASN C 652 21.80 -5.80 13.63
CA ASN C 652 20.55 -6.15 13.00
C ASN C 652 19.97 -7.47 13.49
N GLY C 653 20.72 -8.22 14.29
CA GLY C 653 20.22 -9.44 14.88
C GLY C 653 20.73 -10.73 14.28
N ASN C 654 21.58 -10.67 13.26
CA ASN C 654 22.10 -11.87 12.61
C ASN C 654 23.35 -12.35 13.32
N ILE C 655 23.48 -13.67 13.40
CA ILE C 655 24.67 -14.28 14.01
C ILE C 655 25.77 -14.38 12.94
N ILE C 656 26.93 -13.81 13.24
CA ILE C 656 28.03 -13.74 12.29
C ILE C 656 29.27 -14.46 12.79
N GLY C 657 29.17 -15.26 13.84
CA GLY C 657 30.31 -16.00 14.34
C GLY C 657 29.93 -16.74 15.61
N PHE C 658 30.77 -17.71 15.96
CA PHE C 658 30.48 -18.53 17.13
C PHE C 658 31.76 -19.17 17.63
N LYS C 659 31.76 -19.50 18.93
CA LYS C 659 32.81 -20.27 19.56
C LYS C 659 32.28 -21.67 19.81
N ASP C 660 32.99 -22.67 19.31
CA ASP C 660 32.53 -24.05 19.40
C ASP C 660 32.67 -24.58 20.82
N PHE C 661 31.65 -25.31 21.27
CA PHE C 661 31.61 -25.78 22.65
C PHE C 661 32.61 -26.91 22.89
N LEU C 662 32.79 -27.80 21.92
CA LEU C 662 33.55 -29.02 22.14
C LEU C 662 35.05 -28.86 21.90
N THR C 663 35.45 -28.07 20.90
CA THR C 663 36.86 -27.94 20.56
C THR C 663 37.45 -26.57 20.90
N ASN C 664 36.62 -25.63 21.38
CA ASN C 664 37.01 -24.27 21.76
C ASN C 664 37.64 -23.50 20.63
N LYS C 665 37.24 -23.77 19.39
CA LYS C 665 37.71 -23.02 18.24
C LYS C 665 36.67 -21.97 17.84
N THR C 666 37.17 -20.86 17.30
CA THR C 666 36.34 -19.71 16.99
C THR C 666 36.29 -19.50 15.48
N TYR C 667 35.09 -19.36 14.95
CA TYR C 667 34.88 -19.22 13.52
C TYR C 667 34.02 -18.00 13.25
N THR C 668 34.11 -17.48 12.02
CA THR C 668 33.20 -16.47 11.53
C THR C 668 32.39 -17.05 10.37
N ILE C 669 31.14 -16.62 10.26
CA ILE C 669 30.22 -17.14 9.26
C ILE C 669 29.95 -16.05 8.24
N LEU C 670 30.09 -16.39 6.96
CA LEU C 670 29.80 -15.54 5.83
C LEU C 670 28.77 -16.22 4.93
N PRO C 671 27.86 -15.47 4.33
CA PRO C 671 26.84 -16.11 3.48
C PRO C 671 27.42 -16.58 2.16
N CYS C 672 26.75 -17.56 1.57
CA CYS C 672 27.18 -18.12 0.30
C CYS C 672 26.82 -17.16 -0.84
N TYR C 673 27.42 -17.40 -2.00
CA TYR C 673 27.27 -16.48 -3.12
C TYR C 673 25.87 -16.55 -3.72
N SER C 674 25.37 -15.40 -4.15
CA SER C 674 24.07 -15.28 -4.79
C SER C 674 24.14 -14.17 -5.83
N GLY C 675 23.58 -14.44 -7.00
CA GLY C 675 23.61 -13.46 -8.07
C GLY C 675 22.73 -13.90 -9.22
N ARG C 676 22.85 -13.20 -10.34
CA ARG C 676 22.10 -13.53 -11.54
C ARG C 676 23.04 -13.54 -12.74
N VAL C 677 22.54 -14.04 -13.85
CA VAL C 677 23.30 -14.13 -15.09
C VAL C 677 22.61 -13.25 -16.13
N SER C 678 23.42 -12.50 -16.90
CA SER C 678 22.94 -11.62 -17.95
C SER C 678 23.04 -12.35 -19.28
N ALA C 679 21.93 -12.43 -20.00
CA ALA C 679 21.85 -13.16 -21.26
C ALA C 679 21.66 -12.19 -22.41
N ALA C 680 22.63 -12.14 -23.31
CA ALA C 680 22.53 -11.35 -24.53
C ALA C 680 21.98 -12.23 -25.63
N PHE C 681 20.69 -12.10 -25.91
CA PHE C 681 20.00 -12.99 -26.83
C PHE C 681 19.68 -12.25 -28.12
N TYR C 682 20.10 -12.81 -29.24
CA TYR C 682 19.76 -12.31 -30.56
C TYR C 682 18.62 -13.16 -31.12
N GLN C 683 17.75 -12.53 -31.90
CA GLN C 683 16.55 -13.18 -32.40
C GLN C 683 16.89 -14.28 -33.40
N ASN C 684 16.02 -15.29 -33.46
CA ASN C 684 16.15 -16.49 -34.30
C ASN C 684 17.42 -17.28 -34.04
N SER C 685 17.98 -17.23 -32.84
CA SER C 685 19.13 -18.05 -32.50
C SER C 685 18.71 -19.16 -31.54
N SER C 686 19.66 -20.07 -31.29
CA SER C 686 19.35 -21.27 -30.53
C SER C 686 19.80 -21.21 -29.08
N SER C 687 20.69 -20.29 -28.73
CA SER C 687 21.19 -20.15 -27.36
C SER C 687 21.76 -18.75 -27.21
N PRO C 688 21.61 -18.14 -26.04
CA PRO C 688 22.18 -16.80 -25.84
C PRO C 688 23.64 -16.88 -25.41
N ALA C 689 24.26 -15.71 -25.35
CA ALA C 689 25.58 -15.57 -24.75
C ALA C 689 25.43 -15.08 -23.32
N LEU C 690 26.14 -15.73 -22.41
CA LEU C 690 25.96 -15.51 -20.98
C LEU C 690 27.08 -14.64 -20.44
N LEU C 691 26.75 -13.80 -19.47
CA LEU C 691 27.71 -12.98 -18.76
C LEU C 691 27.50 -13.15 -17.27
N TYR C 692 28.52 -13.64 -16.57
CA TYR C 692 28.52 -13.69 -15.12
C TYR C 692 29.34 -12.51 -14.64
N ARG C 693 28.66 -11.46 -14.19
CA ARG C 693 29.33 -10.21 -13.88
C ARG C 693 30.18 -10.34 -12.64
N ASN C 694 31.41 -9.82 -12.72
CA ASN C 694 32.38 -9.75 -11.62
C ASN C 694 32.79 -11.12 -11.10
N LEU C 695 32.85 -12.12 -11.98
CA LEU C 695 33.23 -13.47 -11.60
C LEU C 695 34.35 -13.97 -12.51
N LYS C 696 35.23 -14.78 -11.94
CA LYS C 696 36.24 -15.46 -12.74
C LYS C 696 35.63 -16.71 -13.36
N CYS C 697 36.22 -17.15 -14.48
CA CYS C 697 35.70 -18.35 -15.14
C CYS C 697 36.03 -19.62 -14.38
N SER C 698 37.08 -19.61 -13.56
CA SER C 698 37.38 -20.75 -12.72
C SER C 698 36.31 -20.97 -11.66
N TYR C 699 35.84 -19.88 -11.05
CA TYR C 699 34.77 -19.97 -10.06
C TYR C 699 33.46 -20.43 -10.69
N VAL C 700 33.17 -19.96 -11.91
CA VAL C 700 31.95 -20.36 -12.60
C VAL C 700 32.01 -21.84 -12.99
N LEU C 701 33.17 -22.30 -13.47
CA LEU C 701 33.28 -23.69 -13.89
C LEU C 701 33.35 -24.66 -12.71
N ASN C 702 33.91 -24.24 -11.57
CA ASN C 702 34.08 -25.17 -10.47
C ASN C 702 32.99 -25.08 -9.40
N ASN C 703 32.25 -23.97 -9.32
CA ASN C 703 31.34 -23.77 -8.20
C ASN C 703 29.91 -23.47 -8.58
N ILE C 704 29.65 -23.01 -9.81
CA ILE C 704 28.30 -22.62 -10.18
C ILE C 704 27.73 -23.58 -11.22
N SER C 705 28.36 -23.64 -12.39
CA SER C 705 27.86 -24.43 -13.49
C SER C 705 28.76 -25.64 -13.71
N PHE C 706 28.14 -26.83 -13.75
CA PHE C 706 28.86 -28.06 -14.04
C PHE C 706 28.42 -28.67 -15.36
N ILE C 707 27.76 -27.89 -16.21
CA ILE C 707 27.41 -28.33 -17.56
C ILE C 707 28.63 -28.12 -18.45
N SER C 708 28.60 -28.70 -19.65
CA SER C 708 29.71 -28.59 -20.59
C SER C 708 29.68 -27.22 -21.24
N GLN C 709 30.81 -26.52 -21.19
CA GLN C 709 30.98 -25.24 -21.87
C GLN C 709 32.32 -25.20 -22.57
N PRO C 710 32.34 -25.30 -23.91
CA PRO C 710 33.63 -25.26 -24.62
C PRO C 710 34.21 -23.87 -24.78
N PHE C 711 33.39 -22.83 -24.75
CA PHE C 711 33.84 -21.47 -25.00
C PHE C 711 33.69 -20.64 -23.72
N TYR C 712 34.80 -20.11 -23.23
CA TYR C 712 34.81 -19.26 -22.05
C TYR C 712 36.10 -18.45 -22.03
N PHE C 713 35.99 -17.19 -21.64
CA PHE C 713 37.16 -16.36 -21.42
C PHE C 713 36.82 -15.30 -20.37
N ASP C 714 37.86 -14.77 -19.73
CA ASP C 714 37.71 -13.75 -18.70
C ASP C 714 37.80 -12.38 -19.34
N SER C 715 36.79 -11.55 -19.07
CA SER C 715 36.73 -10.21 -19.63
C SER C 715 36.81 -9.19 -18.51
N TYR C 716 36.69 -7.92 -18.89
CA TYR C 716 36.67 -6.84 -17.89
C TYR C 716 35.41 -6.88 -17.05
N LEU C 717 34.30 -7.34 -17.63
CA LEU C 717 33.02 -7.37 -16.93
C LEU C 717 32.79 -8.64 -16.13
N GLY C 718 33.47 -9.73 -16.47
CA GLY C 718 33.29 -11.01 -15.81
C GLY C 718 33.64 -12.12 -16.75
N CYS C 719 32.98 -13.28 -16.56
CA CYS C 719 33.21 -14.45 -17.39
C CYS C 719 32.14 -14.53 -18.48
N VAL C 720 32.58 -14.54 -19.74
CA VAL C 720 31.68 -14.56 -20.89
C VAL C 720 31.67 -15.97 -21.47
N LEU C 721 30.49 -16.59 -21.47
CA LEU C 721 30.29 -17.90 -22.07
C LEU C 721 29.66 -17.73 -23.45
N ASN C 722 30.05 -18.63 -24.37
CA ASN C 722 29.45 -18.77 -25.71
C ASN C 722 29.67 -17.51 -26.55
N ALA C 723 30.88 -16.95 -26.48
CA ALA C 723 31.24 -15.81 -27.30
C ALA C 723 32.73 -15.82 -27.53
N VAL C 724 33.16 -15.12 -28.57
CA VAL C 724 34.56 -15.10 -29.02
C VAL C 724 35.18 -13.77 -28.63
N ASN C 725 36.41 -13.82 -28.13
CA ASN C 725 37.14 -12.61 -27.77
C ASN C 725 37.64 -11.91 -29.04
N LEU C 726 37.03 -10.79 -29.37
CA LEU C 726 37.41 -10.02 -30.55
C LEU C 726 37.40 -8.53 -30.22
N THR C 727 38.02 -8.16 -29.09
CA THR C 727 37.96 -6.79 -28.60
C THR C 727 38.81 -5.82 -29.42
N SER C 728 39.64 -6.30 -30.35
CA SER C 728 40.38 -5.40 -31.22
C SER C 728 39.48 -4.79 -32.29
N TYR C 729 38.51 -5.54 -32.78
CA TYR C 729 37.54 -5.04 -33.74
C TYR C 729 36.52 -4.16 -33.04
N SER C 730 36.10 -3.10 -33.72
CA SER C 730 35.25 -2.08 -33.13
C SER C 730 34.01 -1.87 -33.99
N VAL C 731 32.88 -1.64 -33.32
CA VAL C 731 31.62 -1.38 -33.99
C VAL C 731 31.08 -0.05 -33.47
N SER C 732 30.23 0.60 -34.27
CA SER C 732 29.70 1.90 -33.92
C SER C 732 28.20 1.91 -33.63
N SER C 733 27.51 0.82 -33.91
CA SER C 733 26.08 0.72 -33.63
C SER C 733 25.79 -0.67 -33.12
N CYS C 734 25.25 -0.75 -31.90
CA CYS C 734 25.08 -2.04 -31.24
C CYS C 734 23.78 -2.01 -30.44
N ASP C 735 23.02 -3.09 -30.54
CA ASP C 735 21.77 -3.24 -29.80
C ASP C 735 21.91 -4.16 -28.59
N LEU C 736 23.06 -4.77 -28.39
CA LEU C 736 23.33 -5.60 -27.21
C LEU C 736 24.52 -4.96 -26.48
N ARG C 737 24.23 -3.95 -25.68
CA ARG C 737 25.26 -3.18 -24.99
C ARG C 737 25.45 -3.74 -23.58
N MET C 738 26.68 -4.15 -23.27
CA MET C 738 26.96 -4.83 -22.02
C MET C 738 27.53 -3.92 -20.95
N GLY C 739 28.01 -2.74 -21.30
CA GLY C 739 28.53 -1.84 -20.30
C GLY C 739 30.01 -1.59 -20.48
N SER C 740 30.43 -0.38 -20.14
CA SER C 740 31.84 0.07 -20.12
C SER C 740 32.51 -0.03 -21.48
N GLY C 741 31.76 0.21 -22.55
CA GLY C 741 32.36 0.29 -23.87
C GLY C 741 32.50 -1.02 -24.60
N PHE C 742 31.77 -2.05 -24.19
CA PHE C 742 31.80 -3.34 -24.85
C PHE C 742 30.42 -3.69 -25.36
N CYS C 743 30.38 -4.60 -26.33
CA CYS C 743 29.15 -4.93 -27.03
C CYS C 743 29.21 -6.39 -27.50
N ILE C 744 28.05 -6.96 -27.76
CA ILE C 744 27.94 -8.31 -28.29
C ILE C 744 27.37 -8.22 -29.69
N ASP C 745 28.12 -8.70 -30.67
CA ASP C 745 27.71 -8.71 -32.06
C ASP C 745 27.36 -10.13 -32.48
N TYR C 746 26.38 -10.26 -33.36
CA TYR C 746 25.96 -11.54 -33.89
C TYR C 746 26.33 -11.63 -35.36
N ALA C 747 26.91 -12.76 -35.75
CA ALA C 747 27.34 -12.95 -37.14
C ALA C 747 27.28 -14.44 -37.44
N LEU C 748 26.30 -14.83 -38.24
CA LEU C 748 26.15 -16.24 -38.56
C LEU C 748 27.18 -16.67 -39.60
N PRO C 749 27.64 -17.92 -39.56
CA PRO C 749 28.47 -18.43 -40.66
C PRO C 749 27.65 -18.58 -41.93
N SER C 750 28.09 -17.90 -42.99
CA SER C 750 27.30 -17.78 -44.20
C SER C 750 27.45 -19.03 -45.07
N SER C 751 27.00 -18.94 -46.33
CA SER C 751 27.09 -20.08 -47.24
C SER C 751 28.52 -20.33 -47.67
N GLY C 752 29.19 -19.31 -48.21
CA GLY C 752 30.60 -19.47 -48.53
C GLY C 752 31.48 -19.42 -47.30
N SER C 753 31.11 -18.59 -46.33
CA SER C 753 31.86 -18.47 -45.08
C SER C 753 31.27 -19.39 -44.01
N ALA C 754 31.15 -20.66 -44.35
CA ALA C 754 30.61 -21.67 -43.46
C ALA C 754 31.72 -22.17 -42.55
N SER C 755 31.48 -22.13 -41.24
CA SER C 755 32.50 -22.50 -40.25
C SER C 755 32.55 -24.01 -40.11
N ARG C 756 33.55 -24.63 -40.73
CA ARG C 756 33.77 -26.06 -40.50
C ARG C 756 34.34 -26.30 -39.11
N GLY C 757 35.35 -25.51 -38.73
CA GLY C 757 35.75 -25.46 -37.34
C GLY C 757 34.69 -24.73 -36.54
N ILE C 758 34.18 -25.38 -35.48
CA ILE C 758 33.04 -24.83 -34.75
C ILE C 758 33.49 -23.69 -33.85
N SER C 759 32.69 -22.63 -33.83
CA SER C 759 32.90 -21.50 -32.93
C SER C 759 31.52 -20.92 -32.60
N SER C 760 31.51 -19.78 -31.99
CA SER C 760 30.22 -19.20 -31.63
C SER C 760 29.86 -18.05 -32.57
N PRO C 761 28.58 -17.86 -32.88
CA PRO C 761 28.18 -16.69 -33.68
C PRO C 761 28.24 -15.38 -32.93
N TYR C 762 28.32 -15.41 -31.59
CA TYR C 762 28.44 -14.19 -30.80
C TYR C 762 29.90 -13.78 -30.69
N ARG C 763 30.14 -12.48 -30.79
CA ARG C 763 31.49 -11.93 -30.67
C ARG C 763 31.48 -10.82 -29.63
N PHE C 764 32.55 -10.75 -28.85
CA PHE C 764 32.71 -9.75 -27.80
C PHE C 764 33.60 -8.63 -28.35
N VAL C 765 32.98 -7.51 -28.73
CA VAL C 765 33.67 -6.45 -29.45
C VAL C 765 33.61 -5.14 -28.66
N THR C 766 34.17 -4.08 -29.24
CA THR C 766 34.23 -2.77 -28.60
C THR C 766 33.18 -1.86 -29.21
N PHE C 767 32.55 -1.03 -28.37
CA PHE C 767 31.51 -0.10 -28.78
C PHE C 767 32.08 1.31 -28.78
N GLU C 768 32.18 1.92 -29.95
CA GLU C 768 32.70 3.29 -30.10
C GLU C 768 31.80 4.05 -31.06
N PRO C 769 30.84 4.82 -30.54
CA PRO C 769 29.82 5.42 -31.42
C PRO C 769 30.24 6.68 -32.15
N PHE C 770 31.21 7.45 -31.65
CA PHE C 770 31.52 8.75 -32.23
C PHE C 770 32.99 8.83 -32.62
N ASN C 771 33.25 9.54 -33.71
CA ASN C 771 34.60 9.76 -34.22
C ASN C 771 34.78 11.23 -34.61
N VAL C 772 36.01 11.56 -34.98
CA VAL C 772 36.32 12.88 -35.50
C VAL C 772 36.71 12.74 -36.96
N SER C 773 36.57 13.83 -37.71
CA SER C 773 37.12 13.92 -39.04
C SER C 773 38.63 14.18 -38.94
N PHE C 774 39.36 13.68 -39.94
CA PHE C 774 40.81 13.82 -39.96
C PHE C 774 41.25 14.47 -41.27
N VAL C 775 42.30 15.28 -41.19
CA VAL C 775 42.92 15.89 -42.36
C VAL C 775 44.40 15.60 -42.34
N ASN C 776 45.05 15.88 -43.47
CA ASN C 776 46.46 15.55 -43.68
C ASN C 776 47.34 16.80 -43.69
N ASP C 777 46.92 17.82 -42.95
CA ASP C 777 47.66 19.07 -42.89
C ASP C 777 48.61 19.07 -41.70
N SER C 778 49.45 20.10 -41.65
CA SER C 778 50.39 20.24 -40.55
C SER C 778 49.79 21.07 -39.42
N VAL C 779 50.40 20.96 -38.25
CA VAL C 779 49.95 21.70 -37.07
C VAL C 779 50.85 22.88 -36.73
N GLU C 780 51.88 23.15 -37.52
CA GLU C 780 52.75 24.29 -37.31
C GLU C 780 52.77 25.15 -38.57
N THR C 781 53.44 26.30 -38.46
CA THR C 781 53.51 27.24 -39.57
C THR C 781 54.58 26.83 -40.56
N VAL C 782 54.21 26.76 -41.83
CA VAL C 782 55.15 26.48 -42.91
C VAL C 782 55.48 27.82 -43.55
N GLY C 783 56.57 28.43 -43.10
CA GLY C 783 56.93 29.76 -43.55
C GLY C 783 56.03 30.84 -42.99
N GLY C 784 55.58 30.69 -41.74
CA GLY C 784 54.71 31.64 -41.11
C GLY C 784 53.23 31.46 -41.41
N LEU C 785 52.88 30.64 -42.39
CA LEU C 785 51.50 30.46 -42.82
C LEU C 785 50.99 29.09 -42.39
N PHE C 786 49.69 29.02 -42.15
CA PHE C 786 49.03 27.81 -41.71
C PHE C 786 48.38 27.11 -42.90
N GLU C 787 48.34 25.79 -42.85
CA GLU C 787 47.73 24.97 -43.88
C GLU C 787 46.32 24.63 -43.44
N ILE C 788 45.34 24.86 -44.31
CA ILE C 788 43.93 24.72 -43.96
C ILE C 788 43.14 24.34 -45.20
N GLN C 789 41.92 23.83 -44.96
CA GLN C 789 41.04 23.30 -46.01
C GLN C 789 39.81 24.18 -46.14
N ILE C 790 39.64 24.80 -47.30
CA ILE C 790 38.54 25.74 -47.56
C ILE C 790 37.68 25.15 -48.66
N PRO C 791 36.35 25.10 -48.50
CA PRO C 791 35.51 24.47 -49.52
C PRO C 791 35.45 25.23 -50.83
N THR C 792 35.25 24.47 -51.91
CA THR C 792 35.09 25.04 -53.24
C THR C 792 33.71 24.79 -53.84
N ASN C 793 32.89 23.93 -53.24
CA ASN C 793 31.57 23.64 -53.74
C ASN C 793 30.68 23.26 -52.58
N PHE C 794 29.37 23.39 -52.76
CA PHE C 794 28.44 23.16 -51.66
C PHE C 794 27.07 22.72 -52.19
N THR C 795 26.28 22.20 -51.28
CA THR C 795 24.87 21.88 -51.52
C THR C 795 24.11 22.15 -50.22
N ILE C 796 22.82 21.84 -50.21
CA ILE C 796 21.96 22.11 -49.07
C ILE C 796 21.37 20.80 -48.58
N ALA C 797 21.62 20.47 -47.32
CA ALA C 797 21.13 19.26 -46.68
C ALA C 797 19.87 19.56 -45.89
N GLY C 798 19.14 18.51 -45.54
CA GLY C 798 17.97 18.64 -44.70
C GLY C 798 17.81 17.41 -43.81
N HIS C 799 17.32 17.64 -42.60
CA HIS C 799 17.04 16.55 -41.69
C HIS C 799 15.89 16.93 -40.77
N GLU C 800 15.10 15.94 -40.37
CA GLU C 800 13.90 16.17 -39.59
C GLU C 800 14.12 15.76 -38.14
N GLU C 801 13.27 16.30 -37.27
CA GLU C 801 13.39 16.08 -35.83
C GLU C 801 12.01 16.16 -35.20
N PHE C 802 11.70 15.20 -34.34
CA PHE C 802 10.42 15.14 -33.64
C PHE C 802 10.62 15.52 -32.18
N ILE C 803 9.80 16.45 -31.69
CA ILE C 803 9.76 16.81 -30.28
C ILE C 803 8.34 16.59 -29.79
N GLN C 804 8.19 15.81 -28.71
CA GLN C 804 6.88 15.44 -28.21
C GLN C 804 6.33 16.51 -27.28
N THR C 805 5.10 16.95 -27.54
CA THR C 805 4.48 17.97 -26.72
C THR C 805 3.24 17.51 -25.97
N SER C 806 2.73 16.30 -26.19
CA SER C 806 1.54 15.85 -25.50
C SER C 806 1.54 14.33 -25.41
N SER C 807 0.45 13.77 -24.89
CA SER C 807 0.30 12.34 -24.64
C SER C 807 -1.19 12.05 -24.56
N PRO C 808 -1.59 10.77 -24.62
CA PRO C 808 -3.01 10.44 -24.42
C PRO C 808 -3.49 10.78 -23.01
N LYS C 809 -4.75 11.21 -22.93
CA LYS C 809 -5.36 11.68 -21.68
C LYS C 809 -6.21 10.58 -21.10
N VAL C 810 -5.68 9.86 -20.13
CA VAL C 810 -6.36 8.72 -19.52
C VAL C 810 -7.24 9.20 -18.38
N THR C 811 -8.51 8.80 -18.40
CA THR C 811 -9.40 8.97 -17.26
C THR C 811 -9.80 7.60 -16.74
N ILE C 812 -9.95 7.50 -15.42
CA ILE C 812 -10.22 6.23 -14.75
C ILE C 812 -11.44 6.41 -13.85
N ASP C 813 -12.44 5.54 -14.01
CA ASP C 813 -13.53 5.43 -13.05
C ASP C 813 -13.11 4.42 -11.99
N CYS C 814 -12.97 4.88 -10.74
CA CYS C 814 -12.31 4.08 -9.72
C CYS C 814 -13.21 2.99 -9.18
N SER C 815 -14.47 3.31 -8.90
CA SER C 815 -15.36 2.30 -8.32
C SER C 815 -15.84 1.31 -9.37
N ALA C 816 -15.86 1.70 -10.64
CA ALA C 816 -16.17 0.76 -11.70
C ALA C 816 -14.98 -0.17 -11.99
N PHE C 817 -13.77 0.28 -11.67
CA PHE C 817 -12.59 -0.57 -11.83
C PHE C 817 -12.47 -1.55 -10.67
N VAL C 818 -12.68 -1.08 -9.44
CA VAL C 818 -12.47 -1.95 -8.29
C VAL C 818 -13.64 -2.88 -8.09
N CYS C 819 -14.86 -2.34 -8.11
CA CYS C 819 -16.05 -3.04 -7.66
C CYS C 819 -17.19 -3.01 -8.67
N SER C 820 -16.94 -3.45 -9.91
CA SER C 820 -17.61 -3.09 -11.18
C SER C 820 -19.14 -3.04 -11.08
N ASN C 821 -19.82 -4.13 -10.75
CA ASN C 821 -21.28 -4.12 -10.84
C ASN C 821 -21.93 -4.64 -9.57
N TYR C 822 -21.14 -5.11 -8.61
CA TYR C 822 -21.67 -5.85 -7.48
C TYR C 822 -21.91 -4.95 -6.29
N ALA C 823 -23.09 -5.07 -5.67
CA ALA C 823 -23.51 -4.11 -4.65
C ALA C 823 -22.80 -4.35 -3.32
N ALA C 824 -22.42 -5.60 -3.05
CA ALA C 824 -21.68 -5.90 -1.82
C ALA C 824 -20.30 -5.27 -1.84
N CYS C 825 -19.65 -5.30 -3.01
CA CYS C 825 -18.36 -4.66 -3.17
C CYS C 825 -18.47 -3.15 -3.03
N HIS C 826 -19.55 -2.56 -3.56
CA HIS C 826 -19.75 -1.11 -3.43
C HIS C 826 -20.02 -0.70 -2.00
N ASP C 827 -20.76 -1.54 -1.25
CA ASP C 827 -20.98 -1.27 0.16
C ASP C 827 -19.70 -1.39 0.98
N LEU C 828 -18.82 -2.31 0.58
CA LEU C 828 -17.53 -2.40 1.27
C LEU C 828 -16.59 -1.28 0.84
N LEU C 829 -16.78 -0.72 -0.36
CA LEU C 829 -15.87 0.32 -0.83
C LEU C 829 -16.29 1.68 -0.32
N SER C 830 -17.56 1.84 0.05
CA SER C 830 -18.03 3.12 0.58
C SER C 830 -17.46 3.40 1.96
N GLU C 831 -17.01 2.37 2.68
CA GLU C 831 -16.42 2.58 3.99
C GLU C 831 -14.94 2.97 3.91
N TYR C 832 -14.32 2.89 2.74
CA TYR C 832 -12.98 3.42 2.55
C TYR C 832 -12.97 4.93 2.32
N GLY C 833 -14.13 5.54 2.12
CA GLY C 833 -14.27 6.98 2.07
C GLY C 833 -13.69 7.65 0.84
N THR C 834 -12.67 8.46 1.05
CA THR C 834 -12.16 9.40 0.05
C THR C 834 -10.97 8.84 -0.72
N PHE C 835 -10.96 7.54 -0.99
CA PHE C 835 -9.84 6.94 -1.69
C PHE C 835 -9.91 7.15 -3.20
N CYS C 836 -11.10 7.03 -3.78
CA CYS C 836 -11.24 7.17 -5.22
C CYS C 836 -11.21 8.62 -5.66
N ASP C 837 -11.64 9.53 -4.79
CA ASP C 837 -11.72 10.95 -5.13
C ASP C 837 -10.33 11.55 -5.32
N ASN C 838 -9.35 11.08 -4.55
CA ASN C 838 -7.98 11.57 -4.71
C ASN C 838 -7.39 11.12 -6.04
N ILE C 839 -7.71 9.89 -6.47
CA ILE C 839 -7.23 9.37 -7.74
C ILE C 839 -7.83 10.17 -8.91
N ASN C 840 -9.14 10.42 -8.83
CA ASN C 840 -9.80 11.22 -9.86
C ASN C 840 -9.29 12.66 -9.87
N SER C 841 -8.96 13.21 -8.70
CA SER C 841 -8.46 14.57 -8.62
C SER C 841 -7.06 14.69 -9.23
N ILE C 842 -6.19 13.72 -8.96
CA ILE C 842 -4.85 13.75 -9.54
C ILE C 842 -4.89 13.59 -11.05
N LEU C 843 -5.77 12.71 -11.56
CA LEU C 843 -5.88 12.54 -13.00
C LEU C 843 -6.48 13.77 -13.68
N ASN C 844 -7.41 14.44 -13.03
CA ASN C 844 -7.96 15.68 -13.60
C ASN C 844 -6.92 16.80 -13.59
N GLU C 845 -6.07 16.84 -12.57
CA GLU C 845 -4.97 17.81 -12.57
C GLU C 845 -3.97 17.55 -13.68
N VAL C 846 -3.67 16.28 -13.95
CA VAL C 846 -2.76 15.93 -15.05
C VAL C 846 -3.35 16.33 -16.40
N ASN C 847 -4.65 16.08 -16.60
CA ASN C 847 -5.28 16.44 -17.86
C ASN C 847 -5.40 17.96 -18.03
N ASP C 848 -5.56 18.70 -16.92
CA ASP C 848 -5.57 20.16 -17.00
C ASP C 848 -4.20 20.71 -17.37
N LEU C 849 -3.13 20.09 -16.86
CA LEU C 849 -1.79 20.47 -17.26
C LEU C 849 -1.54 20.21 -18.74
N LEU C 850 -2.05 19.08 -19.24
CA LEU C 850 -1.95 18.78 -20.68
C LEU C 850 -2.67 19.82 -21.53
N ASP C 851 -3.88 20.22 -21.11
CA ASP C 851 -4.62 21.26 -21.82
C ASP C 851 -3.89 22.59 -21.83
N ILE C 852 -3.28 22.96 -20.69
CA ILE C 852 -2.54 24.21 -20.57
C ILE C 852 -1.34 24.23 -21.52
N THR C 853 -0.60 23.12 -21.59
CA THR C 853 0.58 23.09 -22.46
C THR C 853 0.19 23.08 -23.94
N GLN C 854 -0.94 22.47 -24.28
CA GLN C 854 -1.39 22.50 -25.67
C GLN C 854 -1.78 23.92 -26.09
N LEU C 855 -2.47 24.65 -25.20
CA LEU C 855 -2.79 26.03 -25.49
C LEU C 855 -1.55 26.91 -25.60
N GLN C 856 -0.52 26.62 -24.80
CA GLN C 856 0.74 27.36 -24.89
C GLN C 856 1.43 27.15 -26.24
N VAL C 857 1.44 25.90 -26.72
CA VAL C 857 2.08 25.60 -28.00
C VAL C 857 1.34 26.27 -29.15
N ALA C 858 0.00 26.24 -29.12
CA ALA C 858 -0.78 26.90 -30.17
C ALA C 858 -0.61 28.41 -30.14
N ASN C 859 -0.54 29.02 -28.95
CA ASN C 859 -0.30 30.45 -28.84
C ASN C 859 1.07 30.84 -29.36
N ALA C 860 2.09 30.00 -29.10
CA ALA C 860 3.42 30.27 -29.63
C ALA C 860 3.46 30.16 -31.14
N LEU C 861 2.69 29.22 -31.71
CA LEU C 861 2.63 29.11 -33.17
C LEU C 861 1.91 30.29 -33.80
N MET C 862 0.92 30.87 -33.13
CA MET C 862 0.09 31.89 -33.75
C MET C 862 0.36 33.31 -33.24
N GLN C 863 1.46 33.55 -32.56
CA GLN C 863 1.72 34.85 -31.95
C GLN C 863 2.27 35.83 -32.99
N GLY C 864 1.58 36.94 -33.18
CA GLY C 864 2.12 38.06 -33.93
C GLY C 864 2.22 37.88 -35.42
N VAL C 865 1.49 36.93 -35.99
CA VAL C 865 1.51 36.66 -37.42
C VAL C 865 0.37 37.44 -38.07
N THR C 866 0.71 38.20 -39.11
CA THR C 866 -0.26 38.99 -39.87
C THR C 866 -0.27 38.50 -41.31
N LEU C 867 -1.43 38.10 -41.80
CA LEU C 867 -1.56 37.56 -43.14
C LEU C 867 -2.41 38.46 -44.01
N SER C 868 -2.33 38.23 -45.31
CA SER C 868 -3.18 38.93 -46.26
C SER C 868 -4.52 38.22 -46.38
N SER C 869 -5.59 39.01 -46.52
CA SER C 869 -6.91 38.42 -46.71
C SER C 869 -7.12 37.91 -48.13
N ASN C 870 -6.29 38.33 -49.08
CA ASN C 870 -6.37 37.85 -50.46
C ASN C 870 -5.50 36.63 -50.70
N LEU C 871 -4.95 36.04 -49.63
CA LEU C 871 -4.09 34.88 -49.78
C LEU C 871 -4.94 33.63 -49.99
N ASN C 872 -4.50 32.76 -50.90
CA ASN C 872 -5.26 31.56 -51.23
C ASN C 872 -4.24 30.48 -51.61
N THR C 873 -4.23 29.39 -50.84
CA THR C 873 -3.22 28.34 -51.04
C THR C 873 -3.49 27.49 -52.28
N ASN C 874 -4.66 27.63 -52.91
CA ASN C 874 -4.90 26.95 -54.18
C ASN C 874 -4.08 27.58 -55.31
N LEU C 875 -3.75 28.87 -55.18
CA LEU C 875 -2.99 29.58 -56.19
C LEU C 875 -1.61 30.01 -55.71
N HIS C 876 -1.45 30.27 -54.42
CA HIS C 876 -0.22 30.83 -53.86
C HIS C 876 0.47 29.75 -53.03
N SER C 877 1.30 28.94 -53.68
CA SER C 877 2.08 27.92 -52.98
C SER C 877 3.48 27.75 -53.57
N ASP C 878 4.03 28.78 -54.19
CA ASP C 878 5.33 28.68 -54.85
C ASP C 878 5.93 30.07 -54.94
N VAL C 879 7.13 30.23 -54.39
CA VAL C 879 7.84 31.50 -54.43
C VAL C 879 9.31 31.23 -54.68
N ASP C 880 9.89 31.97 -55.63
CA ASP C 880 11.32 31.95 -55.96
C ASP C 880 11.79 30.55 -56.37
N ASN C 881 10.97 29.87 -57.18
CA ASN C 881 11.22 28.53 -57.71
C ASN C 881 11.37 27.47 -56.62
N ILE C 882 10.81 27.71 -55.44
CA ILE C 882 10.81 26.76 -54.34
C ILE C 882 9.36 26.39 -54.06
N ASP C 883 9.07 25.10 -54.08
CA ASP C 883 7.70 24.61 -53.99
C ASP C 883 7.40 24.19 -52.55
N PHE C 884 6.43 24.88 -51.92
CA PHE C 884 6.00 24.60 -50.56
C PHE C 884 4.66 23.88 -50.53
N LYS C 885 4.35 23.07 -51.54
CA LYS C 885 3.03 22.47 -51.65
C LYS C 885 2.82 21.36 -50.63
N SER C 886 3.88 20.63 -50.30
CA SER C 886 3.75 19.53 -49.35
C SER C 886 3.65 19.99 -47.90
N LEU C 887 3.91 21.26 -47.62
CA LEU C 887 3.88 21.77 -46.26
C LEU C 887 2.63 22.59 -45.95
N LEU C 888 1.84 22.94 -46.95
CA LEU C 888 0.67 23.78 -46.75
C LEU C 888 -0.60 22.93 -46.72
N GLY C 889 -1.49 23.27 -45.80
CA GLY C 889 -2.79 22.65 -45.75
C GLY C 889 -3.79 23.45 -46.55
N CYS C 890 -4.80 24.01 -45.88
CA CYS C 890 -5.78 24.86 -46.55
C CYS C 890 -5.88 26.17 -45.78
N LEU C 891 -5.60 27.27 -46.45
CA LEU C 891 -5.80 28.60 -45.89
C LEU C 891 -6.40 29.49 -46.97
N GLY C 892 -7.33 30.33 -46.54
CA GLY C 892 -8.07 31.18 -47.44
C GLY C 892 -9.48 31.38 -46.94
N SER C 893 -10.38 31.66 -47.87
CA SER C 893 -11.78 31.88 -47.56
C SER C 893 -12.72 30.99 -48.36
N GLN C 894 -12.20 30.00 -49.09
CA GLN C 894 -13.05 29.17 -49.95
C GLN C 894 -12.65 27.71 -49.94
N CYS C 895 -12.07 27.21 -48.84
CA CYS C 895 -11.72 25.80 -48.76
C CYS C 895 -12.59 25.03 -47.76
N GLY C 896 -12.67 25.51 -46.53
CA GLY C 896 -13.26 24.75 -45.45
C GLY C 896 -12.19 24.05 -44.66
N SER C 897 -11.91 24.54 -43.45
CA SER C 897 -10.73 24.15 -42.69
C SER C 897 -10.95 22.79 -42.05
N SER C 898 -10.83 21.75 -42.87
CA SER C 898 -10.92 20.37 -42.41
C SER C 898 -9.88 19.50 -43.13
N SER C 899 -8.66 20.00 -43.25
CA SER C 899 -7.63 19.26 -43.97
C SER C 899 -6.25 19.56 -43.40
N ARG C 900 -5.31 18.68 -43.72
CA ARG C 900 -3.91 18.82 -43.37
C ARG C 900 -3.09 19.00 -44.65
N SER C 901 -1.77 19.08 -44.47
CA SER C 901 -0.87 19.00 -45.61
C SER C 901 -0.57 17.54 -45.91
N LEU C 902 0.09 17.30 -47.05
CA LEU C 902 0.30 15.91 -47.45
C LEU C 902 1.47 15.27 -46.74
N LEU C 903 2.42 16.06 -46.23
CA LEU C 903 3.43 15.51 -45.34
C LEU C 903 2.83 15.11 -44.00
N GLU C 904 1.88 15.90 -43.51
CA GLU C 904 1.15 15.53 -42.30
C GLU C 904 0.24 14.33 -42.55
N ASP C 905 -0.32 14.21 -43.75
CA ASP C 905 -1.11 13.03 -44.08
C ASP C 905 -0.23 11.79 -44.21
N LEU C 906 1.02 11.98 -44.65
CA LEU C 906 1.97 10.88 -44.67
C LEU C 906 2.34 10.45 -43.27
N LEU C 907 2.41 11.41 -42.34
CA LEU C 907 2.77 11.08 -40.96
C LEU C 907 1.63 10.41 -40.22
N PHE C 908 0.41 10.96 -40.34
CA PHE C 908 -0.72 10.52 -39.53
C PHE C 908 -1.28 9.18 -39.95
N ASN C 909 -1.09 8.77 -41.21
CA ASN C 909 -1.62 7.49 -41.67
C ASN C 909 -0.78 6.31 -41.26
N LYS C 910 0.42 6.53 -40.72
CA LYS C 910 1.26 5.45 -40.23
C LYS C 910 1.11 5.22 -38.75
N VAL C 911 0.33 6.05 -38.06
CA VAL C 911 0.03 5.90 -36.64
C VAL C 911 -1.48 5.77 -36.54
N LYS C 912 -1.96 4.61 -36.11
CA LYS C 912 -3.40 4.37 -36.12
C LYS C 912 -4.08 4.99 -34.91
N LEU C 913 -3.44 4.94 -33.75
CA LEU C 913 -4.05 5.42 -32.52
C LEU C 913 -3.61 6.86 -32.25
N SER C 914 -4.07 7.75 -33.13
CA SER C 914 -3.96 9.19 -32.93
C SER C 914 -5.19 9.65 -32.15
N ASP C 915 -5.45 10.96 -32.12
CA ASP C 915 -6.59 11.46 -31.36
C ASP C 915 -7.92 11.12 -32.04
N VAL C 916 -7.91 10.90 -33.35
CA VAL C 916 -9.15 10.54 -34.04
C VAL C 916 -9.30 9.02 -34.09
N GLY C 917 -8.19 8.29 -33.99
CA GLY C 917 -8.26 6.84 -33.97
C GLY C 917 -8.88 6.30 -32.70
N PHE C 918 -8.64 6.96 -31.57
CA PHE C 918 -9.28 6.59 -30.32
C PHE C 918 -10.80 6.82 -30.38
N VAL C 919 -11.23 7.92 -30.98
CA VAL C 919 -12.65 8.22 -31.07
C VAL C 919 -13.36 7.22 -31.98
N GLU C 920 -12.76 6.93 -33.14
CA GLU C 920 -13.39 5.96 -34.03
C GLU C 920 -13.25 4.52 -33.53
N ALA C 921 -12.32 4.25 -32.61
CA ALA C 921 -12.26 2.92 -32.01
C ALA C 921 -13.25 2.76 -30.87
N TYR C 922 -13.50 3.83 -30.12
CA TYR C 922 -14.51 3.78 -29.08
C TYR C 922 -15.92 3.86 -29.64
N ASN C 923 -16.09 4.35 -30.86
CA ASN C 923 -17.40 4.32 -31.51
C ASN C 923 -17.84 2.90 -31.85
N ASN C 924 -16.91 1.95 -31.95
CA ASN C 924 -17.19 0.60 -32.36
C ASN C 924 -17.42 -0.35 -31.19
N CYS C 925 -17.40 0.15 -29.95
CA CYS C 925 -17.51 -0.74 -28.79
C CYS C 925 -18.91 -1.27 -28.55
N THR C 926 -19.93 -0.71 -29.21
CA THR C 926 -21.27 -1.27 -29.15
C THR C 926 -21.39 -2.32 -30.26
N GLY C 927 -20.76 -3.46 -30.00
CA GLY C 927 -20.66 -4.54 -30.98
C GLY C 927 -19.28 -5.14 -31.06
N GLY C 928 -18.25 -4.33 -30.81
CA GLY C 928 -16.85 -4.75 -30.85
C GLY C 928 -16.22 -4.74 -32.24
N SER C 929 -17.03 -5.05 -33.26
CA SER C 929 -16.80 -4.92 -34.70
C SER C 929 -15.82 -5.95 -35.28
N GLU C 930 -15.11 -6.72 -34.44
CA GLU C 930 -14.52 -7.97 -34.91
C GLU C 930 -15.09 -9.14 -34.14
N ILE C 931 -14.73 -9.31 -32.87
CA ILE C 931 -15.54 -9.97 -31.87
C ILE C 931 -15.31 -9.25 -30.54
N ARG C 932 -14.20 -8.51 -30.47
CA ARG C 932 -13.62 -8.05 -29.22
C ARG C 932 -12.41 -7.18 -29.55
N ASP C 933 -12.07 -6.31 -28.61
CA ASP C 933 -10.91 -5.44 -28.75
C ASP C 933 -10.42 -5.09 -27.36
N LEU C 934 -9.12 -4.74 -27.27
CA LEU C 934 -8.55 -4.40 -25.98
C LEU C 934 -9.07 -3.07 -25.45
N LEU C 935 -9.37 -2.13 -26.34
CA LEU C 935 -9.86 -0.83 -25.92
C LEU C 935 -11.26 -0.91 -25.32
N CYS C 936 -12.10 -1.80 -25.84
CA CYS C 936 -13.46 -1.93 -25.30
C CYS C 936 -13.45 -2.67 -23.96
N VAL C 937 -12.55 -3.64 -23.80
CA VAL C 937 -12.40 -4.30 -22.50
C VAL C 937 -11.84 -3.34 -21.46
N GLN C 938 -10.94 -2.45 -21.89
CA GLN C 938 -10.44 -1.41 -20.99
C GLN C 938 -11.55 -0.42 -20.63
N SER C 939 -12.35 0.01 -21.61
CA SER C 939 -13.37 1.01 -21.35
C SER C 939 -14.54 0.48 -20.56
N PHE C 940 -14.87 -0.80 -20.68
CA PHE C 940 -15.95 -1.36 -19.88
C PHE C 940 -15.56 -1.53 -18.42
N ASN C 941 -14.26 -1.60 -18.13
CA ASN C 941 -13.76 -1.60 -16.76
C ASN C 941 -13.35 -0.20 -16.30
N GLY C 942 -13.75 0.82 -17.04
CA GLY C 942 -13.56 2.20 -16.59
C GLY C 942 -12.24 2.83 -16.93
N ILE C 943 -11.61 2.47 -18.04
CA ILE C 943 -10.34 3.04 -18.46
C ILE C 943 -10.52 3.56 -19.87
N LYS C 944 -10.63 4.88 -20.01
CA LYS C 944 -10.92 5.50 -21.30
C LYS C 944 -9.93 6.62 -21.57
N VAL C 945 -9.65 6.86 -22.85
CA VAL C 945 -8.80 7.96 -23.27
C VAL C 945 -9.67 9.06 -23.86
N LEU C 946 -9.53 10.29 -23.33
CA LEU C 946 -10.31 11.45 -23.73
C LEU C 946 -9.64 12.21 -24.87
N PRO C 947 -10.40 12.88 -25.72
CA PRO C 947 -9.78 13.69 -26.78
C PRO C 947 -9.18 14.95 -26.19
N PRO C 948 -8.19 15.54 -26.86
CA PRO C 948 -7.70 16.86 -26.44
C PRO C 948 -8.72 17.95 -26.72
N ILE C 949 -8.49 19.11 -26.11
CA ILE C 949 -9.49 20.17 -26.21
C ILE C 949 -9.40 20.89 -27.55
N LEU C 950 -8.28 20.75 -28.25
CA LEU C 950 -8.12 21.27 -29.60
C LEU C 950 -7.92 20.11 -30.56
N SER C 951 -8.67 20.11 -31.65
CA SER C 951 -8.52 19.06 -32.65
C SER C 951 -7.22 19.26 -33.44
N GLU C 952 -6.87 18.24 -34.21
CA GLU C 952 -5.61 18.28 -34.94
C GLU C 952 -5.70 19.10 -36.22
N THR C 953 -6.90 19.33 -36.75
CA THR C 953 -7.03 20.20 -37.90
C THR C 953 -6.80 21.66 -37.51
N GLN C 954 -7.09 22.02 -36.26
CA GLN C 954 -6.78 23.36 -35.78
C GLN C 954 -5.28 23.56 -35.67
N ILE C 955 -4.55 22.56 -35.16
CA ILE C 955 -3.10 22.66 -35.07
C ILE C 955 -2.47 22.65 -36.46
N SER C 956 -3.08 21.92 -37.40
CA SER C 956 -2.61 21.97 -38.78
C SER C 956 -2.83 23.34 -39.41
N GLY C 957 -3.95 23.99 -39.09
CA GLY C 957 -4.15 25.34 -39.57
C GLY C 957 -3.20 26.34 -38.94
N TYR C 958 -2.81 26.10 -37.69
CA TYR C 958 -1.84 26.98 -37.03
C TYR C 958 -0.45 26.83 -37.63
N THR C 959 -0.04 25.60 -37.92
CA THR C 959 1.25 25.39 -38.58
C THR C 959 1.23 25.86 -40.02
N THR C 960 0.07 25.81 -40.68
CA THR C 960 -0.05 26.34 -42.04
C THR C 960 0.06 27.86 -42.04
N ALA C 961 -0.52 28.52 -41.04
CA ALA C 961 -0.36 29.98 -40.92
C ALA C 961 1.08 30.36 -40.61
N ALA C 962 1.74 29.59 -39.73
CA ALA C 962 3.15 29.87 -39.42
C ALA C 962 4.07 29.60 -40.60
N THR C 963 3.72 28.65 -41.47
CA THR C 963 4.53 28.39 -42.65
C THR C 963 4.28 29.43 -43.73
N VAL C 964 3.03 29.87 -43.88
CA VAL C 964 2.69 30.83 -44.92
C VAL C 964 3.08 32.25 -44.52
N ALA C 965 3.41 32.48 -43.24
CA ALA C 965 3.89 33.80 -42.84
C ALA C 965 5.35 34.06 -43.17
N ALA C 966 6.00 33.19 -43.93
CA ALA C 966 7.39 33.36 -44.31
C ALA C 966 7.59 33.61 -45.80
N MET C 967 6.52 33.54 -46.60
CA MET C 967 6.65 33.49 -48.04
C MET C 967 6.02 34.68 -48.76
N PHE C 968 5.29 35.54 -48.07
CA PHE C 968 4.35 36.45 -48.70
C PHE C 968 4.50 37.82 -48.07
N PRO C 969 4.11 38.90 -48.77
CA PRO C 969 4.70 40.22 -48.51
C PRO C 969 4.17 40.98 -47.30
N PRO C 970 3.50 40.35 -46.31
CA PRO C 970 3.73 40.85 -44.95
C PRO C 970 5.11 40.46 -44.42
N TRP C 971 5.52 39.21 -44.69
CA TRP C 971 6.77 38.60 -44.18
C TRP C 971 6.88 38.70 -42.67
N SER C 972 5.92 38.09 -41.97
CA SER C 972 5.91 38.18 -40.52
C SER C 972 6.95 37.28 -39.87
N ALA C 973 7.26 36.14 -40.50
CA ALA C 973 8.19 35.17 -39.94
C ALA C 973 9.49 35.07 -40.72
N ALA C 974 9.74 35.98 -41.66
CA ALA C 974 10.96 35.95 -42.45
C ALA C 974 11.74 37.25 -42.32
N ALA C 975 11.55 37.94 -41.19
CA ALA C 975 12.28 39.16 -40.80
C ALA C 975 12.10 40.29 -41.81
N GLY C 976 10.87 40.45 -42.31
CA GLY C 976 10.51 41.57 -43.17
C GLY C 976 11.08 41.56 -44.56
N VAL C 977 11.85 40.54 -44.94
CA VAL C 977 12.46 40.47 -46.26
C VAL C 977 11.89 39.24 -46.95
N PRO C 978 12.03 39.13 -48.28
CA PRO C 978 11.63 37.89 -48.97
C PRO C 978 12.43 36.68 -48.53
N PHE C 979 11.93 35.50 -48.92
CA PHE C 979 12.48 34.24 -48.45
C PHE C 979 13.86 33.97 -49.01
N SER C 980 14.04 34.17 -50.31
CA SER C 980 15.33 33.88 -50.95
C SER C 980 16.41 34.85 -50.50
N LEU C 981 16.03 36.10 -50.24
CA LEU C 981 16.98 37.08 -49.70
C LEU C 981 17.38 36.72 -48.28
N ASN C 982 16.45 36.20 -47.50
CA ASN C 982 16.76 35.75 -46.14
C ASN C 982 17.70 34.57 -46.16
N VAL C 983 17.47 33.61 -47.08
CA VAL C 983 18.37 32.47 -47.24
C VAL C 983 19.76 32.95 -47.66
N GLN C 984 19.81 33.93 -48.55
CA GLN C 984 21.08 34.46 -49.04
C GLN C 984 21.87 35.16 -47.94
N TYR C 985 21.18 35.95 -47.09
CA TYR C 985 21.89 36.63 -46.00
C TYR C 985 22.32 35.64 -44.92
N ARG C 986 21.53 34.60 -44.66
CA ARG C 986 21.92 33.63 -43.65
C ARG C 986 23.07 32.75 -44.12
N ILE C 987 23.18 32.48 -45.41
CA ILE C 987 24.34 31.76 -45.91
C ILE C 987 25.57 32.68 -45.93
N ASN C 988 25.37 33.95 -46.29
CA ASN C 988 26.47 34.92 -46.29
C ASN C 988 27.02 35.17 -44.90
N GLY C 989 26.19 35.03 -43.86
CA GLY C 989 26.68 35.15 -42.49
C GLY C 989 27.60 34.03 -42.04
N LEU C 990 27.70 32.94 -42.81
CA LEU C 990 28.61 31.85 -42.46
C LEU C 990 30.02 32.05 -42.98
N GLY C 991 30.23 32.98 -43.91
CA GLY C 991 31.54 33.22 -44.47
C GLY C 991 31.62 32.92 -45.95
N VAL C 992 30.50 33.10 -46.64
CA VAL C 992 30.42 32.89 -48.09
C VAL C 992 30.18 34.25 -48.72
N THR C 993 30.85 34.52 -49.83
CA THR C 993 30.70 35.81 -50.50
C THR C 993 29.36 35.91 -51.19
N MET C 994 28.92 37.15 -51.41
CA MET C 994 27.62 37.38 -52.01
C MET C 994 27.62 37.20 -53.52
N ASP C 995 28.80 37.23 -54.15
CA ASP C 995 28.86 37.04 -55.60
C ASP C 995 28.52 35.61 -55.99
N VAL C 996 28.99 34.63 -55.21
CA VAL C 996 28.65 33.23 -55.45
C VAL C 996 27.17 33.00 -55.19
N LEU C 997 26.61 33.68 -54.20
CA LEU C 997 25.20 33.53 -53.88
C LEU C 997 24.32 34.20 -54.93
N ASN C 998 24.81 35.23 -55.61
CA ASN C 998 24.07 35.82 -56.70
C ASN C 998 24.19 35.00 -57.98
N LYS C 999 25.33 34.34 -58.20
CA LYS C 999 25.49 33.48 -59.36
C LYS C 999 24.75 32.16 -59.23
N ASN C 1000 24.53 31.66 -58.02
CA ASN C 1000 24.03 30.30 -57.83
C ASN C 1000 22.69 30.26 -57.10
N GLN C 1001 21.74 31.08 -57.53
CA GLN C 1001 20.45 31.12 -56.84
C GLN C 1001 19.57 29.93 -57.22
N LYS C 1002 19.56 29.56 -58.50
CA LYS C 1002 18.75 28.43 -58.95
C LYS C 1002 19.27 27.11 -58.42
N LEU C 1003 20.59 27.00 -58.21
CA LEU C 1003 21.14 25.81 -57.58
C LEU C 1003 20.69 25.69 -56.12
N ILE C 1004 20.60 26.81 -55.42
CA ILE C 1004 20.09 26.82 -54.05
C ILE C 1004 18.62 26.41 -54.02
N ALA C 1005 17.81 26.92 -54.96
CA ALA C 1005 16.41 26.55 -55.01
C ALA C 1005 16.22 25.08 -55.36
N ASN C 1006 17.04 24.56 -56.27
CA ASN C 1006 16.95 23.14 -56.63
C ASN C 1006 17.40 22.25 -55.48
N ALA C 1007 18.39 22.69 -54.70
CA ALA C 1007 18.82 21.91 -53.54
C ALA C 1007 17.77 21.93 -52.43
N PHE C 1008 17.07 23.06 -52.27
CA PHE C 1008 15.94 23.11 -51.33
C PHE C 1008 14.83 22.16 -51.74
N ASN C 1009 14.49 22.15 -53.04
CA ASN C 1009 13.44 21.26 -53.52
C ASN C 1009 13.85 19.79 -53.40
N LYS C 1010 15.13 19.49 -53.65
CA LYS C 1010 15.60 18.12 -53.52
C LYS C 1010 15.62 17.66 -52.07
N ALA C 1011 15.95 18.56 -51.14
CA ALA C 1011 15.95 18.20 -49.73
C ALA C 1011 14.54 17.98 -49.21
N LEU C 1012 13.58 18.81 -49.65
CA LEU C 1012 12.19 18.59 -49.27
C LEU C 1012 11.63 17.29 -49.86
N LEU C 1013 12.01 16.97 -51.10
CA LEU C 1013 11.60 15.72 -51.71
C LEU C 1013 12.22 14.51 -51.00
N SER C 1014 13.46 14.64 -50.54
CA SER C 1014 14.10 13.53 -49.82
C SER C 1014 13.53 13.37 -48.42
N ILE C 1015 13.06 14.45 -47.80
CA ILE C 1015 12.34 14.32 -46.53
C ILE C 1015 11.00 13.64 -46.76
N GLN C 1016 10.32 13.98 -47.87
CA GLN C 1016 9.01 13.43 -48.17
C GLN C 1016 9.07 11.93 -48.48
N ASN C 1017 10.21 11.44 -48.98
CA ASN C 1017 10.40 10.02 -49.28
C ASN C 1017 11.23 9.31 -48.23
N GLY C 1018 11.07 9.64 -46.96
CA GLY C 1018 11.96 9.10 -45.95
C GLY C 1018 11.31 8.47 -44.75
N PHE C 1019 9.99 8.39 -44.74
CA PHE C 1019 9.26 7.79 -43.62
C PHE C 1019 8.98 6.31 -43.90
N THR C 1020 10.05 5.54 -44.07
CA THR C 1020 9.95 4.13 -44.48
C THR C 1020 10.70 3.24 -43.48
N ALA C 1021 10.02 2.91 -42.38
CA ALA C 1021 10.30 1.75 -41.52
C ALA C 1021 11.63 1.76 -40.77
N THR C 1022 12.48 2.75 -41.02
CA THR C 1022 13.75 2.87 -40.32
C THR C 1022 14.07 4.31 -39.96
N ASN C 1023 13.15 5.24 -40.19
CA ASN C 1023 13.31 6.62 -39.78
C ASN C 1023 13.26 6.72 -38.26
N SER C 1024 14.12 7.55 -37.69
CA SER C 1024 14.19 7.65 -36.24
C SER C 1024 13.04 8.47 -35.68
N ALA C 1025 12.51 9.40 -36.47
CA ALA C 1025 11.37 10.20 -36.04
C ALA C 1025 10.11 9.35 -35.95
N LEU C 1026 9.96 8.38 -36.86
CA LEU C 1026 8.79 7.50 -36.81
C LEU C 1026 8.85 6.56 -35.62
N ALA C 1027 10.05 6.06 -35.29
CA ALA C 1027 10.21 5.21 -34.12
C ALA C 1027 9.98 6.00 -32.84
N LYS C 1028 10.45 7.26 -32.80
CA LYS C 1028 10.22 8.13 -31.66
C LYS C 1028 8.74 8.48 -31.51
N ILE C 1029 8.01 8.58 -32.62
CA ILE C 1029 6.57 8.82 -32.55
C ILE C 1029 5.85 7.57 -32.02
N GLN C 1030 6.15 6.40 -32.58
CA GLN C 1030 5.42 5.19 -32.23
C GLN C 1030 5.77 4.64 -30.85
N SER C 1031 6.91 5.05 -30.27
CA SER C 1031 7.23 4.64 -28.91
C SER C 1031 6.26 5.21 -27.89
N VAL C 1032 5.66 6.37 -28.18
CA VAL C 1032 4.65 6.96 -27.29
C VAL C 1032 3.41 6.09 -27.24
N VAL C 1033 2.95 5.63 -28.40
CA VAL C 1033 1.77 4.78 -28.48
C VAL C 1033 2.04 3.42 -27.86
N ASN C 1034 3.24 2.88 -28.09
CA ASN C 1034 3.59 1.58 -27.50
C ASN C 1034 3.69 1.67 -25.97
N ALA C 1035 4.21 2.77 -25.45
CA ALA C 1035 4.30 2.95 -24.00
C ALA C 1035 2.93 3.09 -23.36
N ASN C 1036 2.03 3.86 -24.00
CA ASN C 1036 0.69 4.02 -23.44
C ASN C 1036 -0.10 2.71 -23.50
N ALA C 1037 0.06 1.94 -24.58
CA ALA C 1037 -0.62 0.66 -24.70
C ALA C 1037 -0.11 -0.35 -23.68
N GLN C 1038 1.21 -0.37 -23.46
CA GLN C 1038 1.77 -1.28 -22.46
C GLN C 1038 1.34 -0.92 -21.05
N ALA C 1039 1.24 0.38 -20.75
CA ALA C 1039 0.79 0.81 -19.43
C ALA C 1039 -0.67 0.43 -19.19
N LEU C 1040 -1.54 0.65 -20.18
CA LEU C 1040 -2.94 0.32 -19.99
C LEU C 1040 -3.17 -1.19 -19.95
N ASN C 1041 -2.38 -1.96 -20.69
CA ASN C 1041 -2.52 -3.42 -20.64
C ASN C 1041 -2.01 -3.98 -19.31
N SER C 1042 -0.93 -3.42 -18.78
CA SER C 1042 -0.45 -3.89 -17.48
C SER C 1042 -1.37 -3.46 -16.36
N LEU C 1043 -2.11 -2.37 -16.53
CA LEU C 1043 -3.11 -2.00 -15.54
C LEU C 1043 -4.34 -2.89 -15.64
N LEU C 1044 -4.71 -3.30 -16.86
CA LEU C 1044 -5.84 -4.21 -17.00
C LEU C 1044 -5.52 -5.61 -16.52
N GLN C 1045 -4.25 -6.01 -16.57
CA GLN C 1045 -3.86 -7.32 -16.04
C GLN C 1045 -3.89 -7.41 -14.52
N GLN C 1046 -4.13 -6.31 -13.82
CA GLN C 1046 -4.23 -6.35 -12.37
C GLN C 1046 -5.56 -6.92 -11.88
N LEU C 1047 -6.54 -7.07 -12.77
CA LEU C 1047 -7.85 -7.58 -12.40
C LEU C 1047 -7.90 -9.10 -12.36
N PHE C 1048 -6.79 -9.79 -12.65
CA PHE C 1048 -6.75 -11.24 -12.59
C PHE C 1048 -5.76 -11.75 -11.55
N ASN C 1049 -5.21 -10.87 -10.73
CA ASN C 1049 -4.43 -11.29 -9.58
C ASN C 1049 -5.36 -11.58 -8.41
N LYS C 1050 -5.00 -12.60 -7.62
CA LYS C 1050 -5.83 -12.97 -6.47
C LYS C 1050 -5.52 -12.13 -5.24
N PHE C 1051 -4.26 -11.67 -5.11
CA PHE C 1051 -3.75 -10.89 -3.98
C PHE C 1051 -3.91 -11.62 -2.65
N GLY C 1052 -3.90 -12.95 -2.67
CA GLY C 1052 -4.08 -13.73 -1.46
C GLY C 1052 -5.47 -14.29 -1.24
N ALA C 1053 -6.46 -13.85 -2.02
CA ALA C 1053 -7.82 -14.33 -1.86
C ALA C 1053 -7.98 -15.67 -2.56
N ILE C 1054 -9.19 -16.23 -2.48
CA ILE C 1054 -9.43 -17.54 -3.08
C ILE C 1054 -9.64 -17.45 -4.59
N SER C 1055 -9.91 -16.27 -5.12
CA SER C 1055 -10.13 -16.09 -6.55
C SER C 1055 -9.94 -14.62 -6.88
N SER C 1056 -9.74 -14.35 -8.16
CA SER C 1056 -9.70 -13.00 -8.68
C SER C 1056 -11.04 -12.53 -9.20
N SER C 1057 -12.10 -13.30 -8.98
CA SER C 1057 -13.42 -13.02 -9.51
C SER C 1057 -14.39 -12.76 -8.37
N LEU C 1058 -15.09 -11.61 -8.43
CA LEU C 1058 -16.13 -11.33 -7.44
C LEU C 1058 -17.37 -12.16 -7.69
N GLN C 1059 -17.59 -12.58 -8.94
CA GLN C 1059 -18.71 -13.45 -9.27
C GLN C 1059 -18.56 -14.82 -8.60
N GLU C 1060 -17.33 -15.34 -8.53
CA GLU C 1060 -17.11 -16.62 -7.87
C GLU C 1060 -17.17 -16.49 -6.35
N ILE C 1061 -16.73 -15.36 -5.80
CA ILE C 1061 -16.76 -15.18 -4.35
C ILE C 1061 -18.20 -14.99 -3.87
N LEU C 1062 -18.99 -14.19 -4.59
CA LEU C 1062 -20.34 -13.90 -4.15
C LEU C 1062 -21.33 -15.03 -4.40
N SER C 1063 -20.92 -16.10 -5.08
CA SER C 1063 -21.80 -17.23 -5.35
C SER C 1063 -21.41 -18.47 -4.55
N ARG C 1064 -20.53 -18.33 -3.56
CA ARG C 1064 -20.09 -19.49 -2.80
C ARG C 1064 -20.18 -19.27 -1.29
N LEU C 1065 -20.03 -18.03 -0.84
CA LEU C 1065 -19.79 -17.76 0.58
C LEU C 1065 -20.91 -16.93 1.19
N ASP C 1066 -20.93 -16.91 2.53
CA ASP C 1066 -21.80 -16.13 3.39
C ASP C 1066 -21.40 -14.66 3.33
N PRO C 1067 -22.35 -13.76 3.56
CA PRO C 1067 -22.02 -12.32 3.64
C PRO C 1067 -21.06 -11.96 4.78
N PRO C 1068 -21.01 -12.68 5.91
CA PRO C 1068 -19.84 -12.45 6.80
C PRO C 1068 -18.53 -12.94 6.23
N GLU C 1069 -18.54 -14.00 5.44
CA GLU C 1069 -17.29 -14.60 4.96
C GLU C 1069 -16.88 -14.06 3.59
N ALA C 1070 -17.81 -13.50 2.82
CA ALA C 1070 -17.44 -12.94 1.53
C ALA C 1070 -16.65 -11.65 1.68
N GLN C 1071 -16.87 -10.89 2.76
CA GLN C 1071 -16.22 -9.60 2.93
C GLN C 1071 -14.73 -9.74 3.18
N VAL C 1072 -14.32 -10.83 3.85
CA VAL C 1072 -12.90 -11.09 4.09
C VAL C 1072 -12.16 -11.33 2.78
N GLN C 1073 -12.84 -11.94 1.80
CA GLN C 1073 -12.22 -12.17 0.51
C GLN C 1073 -12.29 -10.94 -0.40
N ILE C 1074 -13.37 -10.17 -0.29
CA ILE C 1074 -13.53 -8.99 -1.15
C ILE C 1074 -12.58 -7.88 -0.71
N ASP C 1075 -12.25 -7.81 0.58
CA ASP C 1075 -11.40 -6.74 1.10
C ASP C 1075 -9.96 -6.81 0.56
N ARG C 1076 -9.45 -8.02 0.34
CA ARG C 1076 -8.09 -8.17 -0.17
C ARG C 1076 -8.00 -7.77 -1.63
N LEU C 1077 -9.03 -8.10 -2.42
CA LEU C 1077 -9.11 -7.63 -3.80
C LEU C 1077 -9.21 -6.11 -3.87
N ILE C 1078 -10.01 -5.52 -2.97
CA ILE C 1078 -10.18 -4.06 -2.94
C ILE C 1078 -8.86 -3.37 -2.62
N ASN C 1079 -8.12 -3.91 -1.64
CA ASN C 1079 -6.82 -3.33 -1.28
C ASN C 1079 -5.80 -3.45 -2.40
N GLY C 1080 -5.72 -4.62 -3.04
CA GLY C 1080 -4.78 -4.79 -4.14
C GLY C 1080 -5.08 -3.92 -5.34
N ARG C 1081 -6.37 -3.75 -5.66
CA ARG C 1081 -6.73 -2.95 -6.81
C ARG C 1081 -6.54 -1.45 -6.54
N LEU C 1082 -6.79 -1.00 -5.31
CA LEU C 1082 -6.52 0.39 -4.97
C LEU C 1082 -5.02 0.68 -4.95
N THR C 1083 -4.21 -0.30 -4.53
CA THR C 1083 -2.76 -0.14 -4.57
C THR C 1083 -2.24 -0.03 -6.00
N ALA C 1084 -2.78 -0.85 -6.91
CA ALA C 1084 -2.38 -0.79 -8.31
C ALA C 1084 -2.78 0.55 -8.95
N LEU C 1085 -3.96 1.06 -8.60
CA LEU C 1085 -4.39 2.37 -9.11
C LEU C 1085 -3.50 3.50 -8.60
N ASN C 1086 -3.10 3.43 -7.32
CA ASN C 1086 -2.18 4.43 -6.76
C ASN C 1086 -0.84 4.42 -7.48
N ALA C 1087 -0.31 3.22 -7.78
CA ALA C 1087 0.98 3.13 -8.47
C ALA C 1087 0.91 3.68 -9.89
N TYR C 1088 -0.19 3.39 -10.60
CA TYR C 1088 -0.37 3.94 -11.95
C TYR C 1088 -0.48 5.47 -11.92
N VAL C 1089 -1.19 6.01 -10.93
CA VAL C 1089 -1.36 7.45 -10.84
C VAL C 1089 -0.04 8.15 -10.54
N SER C 1090 0.80 7.52 -9.71
CA SER C 1090 2.14 8.07 -9.46
C SER C 1090 3.01 8.06 -10.71
N GLN C 1091 2.93 6.99 -11.50
CA GLN C 1091 3.71 6.92 -12.74
C GLN C 1091 3.30 7.98 -13.75
N GLN C 1092 1.99 8.23 -13.88
CA GLN C 1092 1.52 9.26 -14.81
C GLN C 1092 1.92 10.66 -14.36
N LEU C 1093 1.81 10.92 -13.04
CA LEU C 1093 2.21 12.20 -12.49
C LEU C 1093 3.71 12.44 -12.64
N SER C 1094 4.52 11.38 -12.67
CA SER C 1094 5.95 11.57 -12.93
C SER C 1094 6.26 11.75 -14.42
N ASP C 1095 5.46 11.16 -15.33
CA ASP C 1095 5.76 11.31 -16.76
C ASP C 1095 5.34 12.67 -17.31
N ILE C 1096 4.35 13.32 -16.67
CA ILE C 1096 3.89 14.61 -17.18
C ILE C 1096 4.97 15.70 -17.09
N THR C 1097 5.97 15.56 -16.21
CA THR C 1097 7.01 16.56 -16.10
C THR C 1097 7.98 16.50 -17.28
N LEU C 1098 8.34 15.29 -17.70
CA LEU C 1098 9.16 15.13 -18.91
C LEU C 1098 8.44 15.61 -20.14
N ILE C 1099 7.11 15.40 -20.19
CA ILE C 1099 6.35 15.88 -21.34
C ILE C 1099 6.31 17.41 -21.38
N LYS C 1100 6.19 18.05 -20.21
CA LYS C 1100 6.22 19.51 -20.16
C LYS C 1100 7.60 20.08 -20.50
N ALA C 1101 8.68 19.39 -20.12
CA ALA C 1101 10.02 19.85 -20.50
C ALA C 1101 10.23 19.78 -22.01
N GLY C 1102 9.77 18.70 -22.64
CA GLY C 1102 9.82 18.62 -24.09
C GLY C 1102 8.96 19.68 -24.77
N ALA C 1103 7.81 20.00 -24.19
CA ALA C 1103 6.95 21.05 -24.75
C ALA C 1103 7.60 22.42 -24.65
N SER C 1104 8.32 22.70 -23.56
CA SER C 1104 8.99 23.99 -23.44
C SER C 1104 10.16 24.09 -24.42
N ARG C 1105 10.86 22.97 -24.67
CA ARG C 1105 11.90 22.97 -25.70
C ARG C 1105 11.32 23.22 -27.09
N ALA C 1106 10.15 22.63 -27.38
CA ALA C 1106 9.51 22.86 -28.67
C ALA C 1106 9.04 24.31 -28.83
N ILE C 1107 8.56 24.93 -27.74
CA ILE C 1107 8.15 26.33 -27.80
C ILE C 1107 9.35 27.24 -28.06
N GLU C 1108 10.47 26.95 -27.40
CA GLU C 1108 11.68 27.74 -27.63
C GLU C 1108 12.20 27.58 -29.06
N LYS C 1109 12.10 26.37 -29.63
CA LYS C 1109 12.54 26.17 -31.01
C LYS C 1109 11.61 26.82 -32.01
N VAL C 1110 10.30 26.85 -31.74
CA VAL C 1110 9.38 27.56 -32.62
C VAL C 1110 9.66 29.06 -32.57
N ASN C 1111 9.89 29.61 -31.37
CA ASN C 1111 10.13 31.04 -31.24
C ASN C 1111 11.45 31.48 -31.85
N GLU C 1112 12.51 30.68 -31.73
CA GLU C 1112 13.83 31.15 -32.10
C GLU C 1112 14.50 30.41 -33.25
N CYS C 1113 13.84 29.44 -33.87
CA CYS C 1113 14.40 28.81 -35.07
C CYS C 1113 13.48 28.90 -36.28
N VAL C 1114 12.17 28.97 -36.07
CA VAL C 1114 11.20 29.00 -37.17
C VAL C 1114 10.67 30.41 -37.40
N LYS C 1115 10.20 31.07 -36.35
CA LYS C 1115 9.63 32.40 -36.49
C LYS C 1115 10.71 33.47 -36.67
N SER C 1116 11.92 33.16 -36.23
CA SER C 1116 13.07 34.05 -36.37
C SER C 1116 14.32 33.19 -36.29
N GLN C 1117 15.46 33.78 -36.64
CA GLN C 1117 16.74 33.07 -36.54
C GLN C 1117 17.63 33.83 -35.57
N SER C 1118 17.87 33.22 -34.41
CA SER C 1118 18.69 33.83 -33.38
C SER C 1118 20.16 33.70 -33.76
N PRO C 1119 21.04 34.55 -33.20
CA PRO C 1119 22.48 34.38 -33.41
C PRO C 1119 23.13 33.31 -32.55
N ARG C 1120 22.36 32.42 -31.93
CA ARG C 1120 22.92 31.28 -31.22
C ARG C 1120 23.40 30.23 -32.21
N ILE C 1121 24.63 29.78 -32.03
CA ILE C 1121 25.21 28.73 -32.86
C ILE C 1121 25.01 27.41 -32.14
N ASN C 1122 24.75 26.35 -32.91
CA ASN C 1122 24.53 24.97 -32.47
C ASN C 1122 23.27 24.80 -31.63
N PHE C 1123 22.35 25.77 -31.68
CA PHE C 1123 21.06 25.59 -31.00
C PHE C 1123 20.11 24.76 -31.86
N CYS C 1124 19.74 25.28 -33.03
CA CYS C 1124 19.03 24.51 -34.02
C CYS C 1124 20.02 23.88 -34.97
N GLY C 1125 20.02 22.56 -35.06
CA GLY C 1125 20.89 21.90 -36.01
C GLY C 1125 22.30 21.71 -35.47
N ASN C 1126 23.29 21.98 -36.32
CA ASN C 1126 24.65 21.51 -36.07
C ASN C 1126 25.72 22.54 -36.43
N GLY C 1127 25.37 23.79 -36.61
CA GLY C 1127 26.32 24.64 -37.32
C GLY C 1127 26.11 24.55 -38.81
N ASN C 1128 26.46 25.65 -39.50
CA ASN C 1128 26.07 25.93 -40.89
C ASN C 1128 24.56 25.84 -41.09
N HIS C 1129 23.80 26.21 -40.07
CA HIS C 1129 22.35 26.10 -40.10
C HIS C 1129 21.73 27.33 -40.76
N ILE C 1130 20.74 27.10 -41.61
CA ILE C 1130 20.12 28.20 -42.34
C ILE C 1130 18.78 28.57 -41.72
N LEU C 1131 17.80 27.67 -41.78
CA LEU C 1131 16.48 27.97 -41.22
C LEU C 1131 15.77 26.65 -40.91
N SER C 1132 14.57 26.78 -40.32
CA SER C 1132 13.75 25.65 -39.95
C SER C 1132 12.31 25.91 -40.36
N LEU C 1133 11.56 24.82 -40.49
CA LEU C 1133 10.12 24.84 -40.73
C LEU C 1133 9.47 23.88 -39.74
N VAL C 1134 8.15 23.99 -39.58
CA VAL C 1134 7.43 23.21 -38.58
C VAL C 1134 6.20 22.57 -39.22
N GLN C 1135 5.96 21.30 -38.89
CA GLN C 1135 4.79 20.57 -39.34
C GLN C 1135 4.07 19.99 -38.13
N ASN C 1136 2.84 19.54 -38.34
CA ASN C 1136 2.07 18.92 -37.28
C ASN C 1136 2.31 17.42 -37.28
N ALA C 1137 2.54 16.86 -36.11
CA ALA C 1137 2.84 15.44 -35.94
C ALA C 1137 1.90 14.88 -34.88
N PRO C 1138 1.72 13.56 -34.82
CA PRO C 1138 0.97 12.97 -33.71
C PRO C 1138 1.68 13.17 -32.38
N TYR C 1139 1.00 13.83 -31.45
CA TYR C 1139 1.46 14.10 -30.09
C TYR C 1139 2.72 14.97 -30.04
N GLY C 1140 2.96 15.77 -31.08
CA GLY C 1140 4.13 16.62 -31.07
C GLY C 1140 4.17 17.53 -32.29
N LEU C 1141 5.38 17.99 -32.60
CA LEU C 1141 5.65 18.79 -33.79
C LEU C 1141 6.87 18.24 -34.50
N LEU C 1142 6.92 18.45 -35.80
CA LEU C 1142 8.02 17.97 -36.63
C LEU C 1142 8.76 19.16 -37.21
N PHE C 1143 10.03 19.29 -36.88
CA PHE C 1143 10.87 20.38 -37.36
C PHE C 1143 11.75 19.89 -38.49
N ILE C 1144 11.98 20.76 -39.48
CA ILE C 1144 12.78 20.43 -40.66
C ILE C 1144 13.87 21.47 -40.78
N HIS C 1145 15.11 21.07 -40.49
CA HIS C 1145 16.25 21.98 -40.50
C HIS C 1145 16.99 21.86 -41.83
N PHE C 1146 17.39 22.99 -42.39
CA PHE C 1146 18.17 23.04 -43.61
C PHE C 1146 19.54 23.62 -43.31
N SER C 1147 20.58 23.10 -43.95
CA SER C 1147 21.94 23.48 -43.58
C SER C 1147 22.85 23.52 -44.81
N TYR C 1148 23.86 24.39 -44.71
CA TYR C 1148 24.94 24.47 -45.68
C TYR C 1148 25.85 23.26 -45.54
N LYS C 1149 26.26 22.68 -46.66
CA LYS C 1149 27.04 21.43 -46.65
C LYS C 1149 28.07 21.44 -47.77
N PRO C 1150 29.36 21.50 -47.45
CA PRO C 1150 30.39 21.49 -48.50
C PRO C 1150 30.54 20.11 -49.12
N THR C 1151 30.95 20.08 -50.39
CA THR C 1151 31.14 18.83 -51.11
C THR C 1151 32.56 18.60 -51.60
N SER C 1152 33.33 19.65 -51.85
CA SER C 1152 34.72 19.50 -52.26
C SER C 1152 35.55 20.57 -51.59
N PHE C 1153 36.85 20.32 -51.50
CA PHE C 1153 37.74 21.14 -50.68
C PHE C 1153 39.01 21.49 -51.44
N LYS C 1154 39.87 22.28 -50.78
CA LYS C 1154 41.09 22.78 -51.38
C LYS C 1154 42.05 23.16 -50.27
N THR C 1155 43.34 22.90 -50.48
CA THR C 1155 44.37 23.20 -49.49
C THR C 1155 44.97 24.58 -49.77
N VAL C 1156 44.85 25.48 -48.80
CA VAL C 1156 45.33 26.86 -48.93
C VAL C 1156 46.28 27.15 -47.79
N LEU C 1157 47.24 28.04 -48.05
CA LEU C 1157 48.10 28.62 -47.02
C LEU C 1157 47.55 29.99 -46.65
N VAL C 1158 47.22 30.19 -45.38
CA VAL C 1158 46.52 31.38 -44.94
C VAL C 1158 47.38 32.14 -43.92
N SER C 1159 46.99 33.41 -43.72
CA SER C 1159 47.57 34.28 -42.72
C SER C 1159 46.45 34.97 -41.93
N PRO C 1160 46.48 34.89 -40.60
CA PRO C 1160 45.42 35.51 -39.79
C PRO C 1160 45.54 37.01 -39.58
N GLY C 1161 46.49 37.68 -40.24
CA GLY C 1161 46.66 39.11 -40.07
C GLY C 1161 47.86 39.66 -40.79
N LEU C 1162 47.87 40.97 -41.04
CA LEU C 1162 48.97 41.63 -41.75
C LEU C 1162 49.33 42.91 -41.04
N CYS C 1163 50.64 43.14 -40.88
CA CYS C 1163 51.16 44.36 -40.26
C CYS C 1163 51.64 45.28 -41.36
N LEU C 1164 50.85 46.32 -41.66
CA LEU C 1164 51.12 47.23 -42.75
C LEU C 1164 52.21 48.24 -42.37
N SER C 1165 52.55 49.10 -43.33
CA SER C 1165 53.49 50.17 -43.07
C SER C 1165 52.85 51.24 -42.20
N GLY C 1166 53.64 51.81 -41.30
CA GLY C 1166 53.12 52.70 -40.29
C GLY C 1166 52.77 52.03 -38.99
N ASP C 1167 53.19 50.77 -38.81
CA ASP C 1167 52.94 49.95 -37.62
C ASP C 1167 51.45 49.79 -37.34
N ARG C 1168 50.67 49.73 -38.42
CA ARG C 1168 49.25 49.42 -38.34
C ARG C 1168 49.04 47.93 -38.55
N GLY C 1169 47.81 47.49 -38.32
CA GLY C 1169 47.48 46.10 -38.49
C GLY C 1169 46.04 45.93 -38.92
N ILE C 1170 45.80 44.91 -39.73
CA ILE C 1170 44.46 44.53 -40.16
C ILE C 1170 44.27 43.05 -39.88
N ALA C 1171 43.05 42.68 -39.55
CA ALA C 1171 42.67 41.29 -39.36
C ALA C 1171 41.44 40.98 -40.19
N PRO C 1172 41.34 39.79 -40.78
CA PRO C 1172 40.21 39.50 -41.66
C PRO C 1172 38.92 39.27 -40.89
N LYS C 1173 37.84 39.86 -41.40
CA LYS C 1173 36.52 39.74 -40.80
C LYS C 1173 35.83 38.55 -41.44
N GLN C 1174 35.77 37.44 -40.69
CA GLN C 1174 35.15 36.18 -41.10
C GLN C 1174 35.79 35.62 -42.38
N GLY C 1175 37.11 35.47 -42.33
CA GLY C 1175 37.84 34.96 -43.47
C GLY C 1175 39.30 34.89 -43.16
N TYR C 1176 40.11 34.81 -44.23
CA TYR C 1176 41.56 34.71 -44.10
C TYR C 1176 42.23 35.56 -45.16
N PHE C 1177 43.51 35.83 -44.95
CA PHE C 1177 44.36 36.48 -45.94
C PHE C 1177 45.17 35.42 -46.67
N ILE C 1178 45.07 35.41 -48.00
CA ILE C 1178 45.79 34.47 -48.83
C ILE C 1178 46.69 35.24 -49.79
N LYS C 1179 47.69 34.54 -50.31
CA LYS C 1179 48.61 35.09 -51.29
C LYS C 1179 48.30 34.48 -52.65
N GLN C 1180 48.06 35.34 -53.63
CA GLN C 1180 47.75 34.90 -54.99
C GLN C 1180 48.55 35.74 -55.96
N ASN C 1181 49.50 35.09 -56.65
CA ASN C 1181 50.44 35.73 -57.59
C ASN C 1181 51.22 36.86 -56.93
N ASP C 1182 51.80 36.54 -55.75
CA ASP C 1182 52.66 37.45 -54.97
C ASP C 1182 51.96 38.74 -54.59
N SER C 1183 50.68 38.62 -54.24
CA SER C 1183 49.90 39.73 -53.71
C SER C 1183 48.90 39.20 -52.70
N TRP C 1184 48.77 39.91 -51.58
CA TRP C 1184 47.85 39.48 -50.52
C TRP C 1184 46.42 39.80 -50.91
N MET C 1185 45.54 38.80 -50.81
CA MET C 1185 44.12 38.96 -51.07
C MET C 1185 43.32 38.37 -49.91
N PHE C 1186 42.00 38.42 -50.05
CA PHE C 1186 41.08 37.95 -49.02
C PHE C 1186 40.17 36.87 -49.59
N THR C 1187 39.83 35.90 -48.75
CA THR C 1187 38.82 34.90 -49.09
C THR C 1187 37.95 34.63 -47.87
N GLY C 1188 36.73 34.20 -48.12
CA GLY C 1188 35.85 33.82 -47.04
C GLY C 1188 36.22 32.46 -46.47
N SER C 1189 35.81 32.23 -45.23
CA SER C 1189 36.24 31.02 -44.52
C SER C 1189 35.42 29.79 -44.88
N SER C 1190 34.28 29.95 -45.54
CA SER C 1190 33.43 28.82 -45.90
C SER C 1190 33.31 28.63 -47.39
N TYR C 1191 34.03 29.40 -48.20
CA TYR C 1191 34.06 29.22 -49.64
C TYR C 1191 35.33 29.88 -50.16
N TYR C 1192 36.07 29.17 -50.99
CA TYR C 1192 37.33 29.70 -51.53
C TYR C 1192 37.02 30.60 -52.72
N TYR C 1193 37.22 31.90 -52.54
CA TYR C 1193 36.98 32.89 -53.58
C TYR C 1193 37.86 34.11 -53.31
N PRO C 1194 38.98 34.26 -54.01
CA PRO C 1194 39.88 35.38 -53.72
C PRO C 1194 39.31 36.71 -54.23
N GLU C 1195 39.33 37.71 -53.37
CA GLU C 1195 38.77 39.03 -53.65
C GLU C 1195 39.67 40.06 -52.99
N PRO C 1196 39.70 41.29 -53.50
CA PRO C 1196 40.64 42.28 -52.97
C PRO C 1196 40.34 42.72 -51.55
N ILE C 1197 41.35 43.32 -50.92
CA ILE C 1197 41.22 43.76 -49.53
C ILE C 1197 40.63 45.16 -49.51
N SER C 1198 39.61 45.36 -48.68
CA SER C 1198 38.98 46.66 -48.50
C SER C 1198 38.62 46.82 -47.03
N ASP C 1199 37.96 47.93 -46.71
CA ASP C 1199 37.56 48.17 -45.33
C ASP C 1199 36.32 47.38 -44.94
N LYS C 1200 35.70 46.69 -45.90
CA LYS C 1200 34.57 45.81 -45.61
C LYS C 1200 34.99 44.37 -45.35
N ASN C 1201 36.26 44.03 -45.63
CA ASN C 1201 36.79 42.70 -45.33
C ASN C 1201 37.57 42.65 -44.03
N VAL C 1202 38.04 43.79 -43.53
CA VAL C 1202 39.00 43.81 -42.43
C VAL C 1202 38.40 44.56 -41.23
N VAL C 1203 39.15 44.55 -40.15
CA VAL C 1203 38.92 45.41 -39.00
C VAL C 1203 40.24 46.07 -38.64
N PHE C 1204 40.27 47.39 -38.63
CA PHE C 1204 41.51 48.13 -38.45
C PHE C 1204 41.96 48.14 -37.00
N MET C 1205 43.26 47.92 -36.80
CA MET C 1205 43.90 48.07 -35.50
C MET C 1205 45.05 49.05 -35.64
N ASN C 1206 45.19 49.96 -34.67
CA ASN C 1206 46.24 50.97 -34.76
C ASN C 1206 47.62 50.39 -34.51
N SER C 1207 47.73 49.29 -33.77
CA SER C 1207 48.97 48.54 -33.64
C SER C 1207 48.78 47.20 -34.34
N CYS C 1208 49.81 46.35 -34.27
CA CYS C 1208 49.74 45.04 -34.88
C CYS C 1208 50.40 44.02 -33.97
N SER C 1209 50.01 42.76 -34.14
CA SER C 1209 50.51 41.69 -33.29
C SER C 1209 51.94 41.32 -33.67
N VAL C 1210 52.57 40.54 -32.79
CA VAL C 1210 53.98 40.21 -32.96
C VAL C 1210 54.22 39.13 -34.00
N ASN C 1211 53.19 38.36 -34.37
CA ASN C 1211 53.36 37.28 -35.34
C ASN C 1211 52.52 37.50 -36.59
N PHE C 1212 52.06 38.73 -36.83
CA PHE C 1212 51.45 39.06 -38.10
C PHE C 1212 52.50 39.12 -39.19
N THR C 1213 52.07 38.95 -40.44
CA THR C 1213 53.00 38.96 -41.56
C THR C 1213 53.29 40.39 -41.98
N LYS C 1214 54.56 40.68 -42.21
CA LYS C 1214 54.95 42.01 -42.64
C LYS C 1214 54.61 42.21 -44.12
N ALA C 1215 53.73 43.18 -44.38
CA ALA C 1215 53.29 43.48 -45.74
C ALA C 1215 53.36 44.98 -45.96
N PRO C 1216 54.55 45.49 -46.30
CA PRO C 1216 54.71 46.94 -46.46
C PRO C 1216 54.20 47.50 -47.78
N PHE C 1217 53.76 46.65 -48.69
CA PHE C 1217 53.35 47.08 -50.02
C PHE C 1217 51.86 47.46 -50.10
N ILE C 1218 51.08 47.11 -49.08
CA ILE C 1218 49.63 47.26 -49.15
C ILE C 1218 49.25 48.68 -48.77
N TYR C 1219 48.84 49.46 -49.76
CA TYR C 1219 48.11 50.70 -49.56
C TYR C 1219 46.81 50.64 -50.35
N LEU C 1220 46.18 49.47 -50.37
CA LEU C 1220 45.06 49.21 -51.26
C LEU C 1220 43.77 49.77 -50.65
N ASN C 1221 42.68 49.64 -51.39
CA ASN C 1221 41.39 50.22 -51.00
C ASN C 1221 40.78 49.46 -49.82
C1 NAG D . 5.76 -18.54 62.68
C2 NAG D . 6.35 -19.23 63.90
C3 NAG D . 5.40 -19.09 65.09
C4 NAG D . 5.04 -17.62 65.33
C5 NAG D . 4.52 -16.99 64.04
C6 NAG D . 4.30 -15.50 64.16
C7 NAG D . 7.83 -21.13 63.46
C8 NAG D . 7.90 -22.60 63.18
N2 NAG D . 6.60 -20.63 63.63
O3 NAG D . 6.02 -19.64 66.25
O4 NAG D . 4.04 -17.54 66.34
O5 NAG D . 5.47 -17.17 62.99
O6 NAG D . 5.44 -14.77 63.71
O7 NAG D . 8.83 -20.43 63.54
C1 NAG D . 4.56 -16.91 67.53
C2 NAG D . 3.41 -16.16 68.21
C3 NAG D . 3.93 -15.46 69.46
C4 NAG D . 4.64 -16.45 70.39
C5 NAG D . 5.69 -17.27 69.63
C6 NAG D . 6.26 -18.40 70.45
C7 NAG D . 1.61 -15.39 66.74
C8 NAG D . 1.13 -14.29 65.83
N2 NAG D . 2.81 -15.19 67.31
O3 NAG D . 2.85 -14.84 70.14
O4 NAG D . 5.33 -15.71 71.41
O5 NAG D . 5.12 -17.87 68.45
O6 NAG D . 7.62 -18.18 70.77
O7 NAG D . 0.95 -16.40 66.95
C1 MAN D . 4.75 -15.85 72.73
C2 MAN D . 5.92 -16.31 73.65
C3 MAN D . 5.46 -16.50 75.11
C4 MAN D . 3.92 -16.72 75.30
C5 MAN D . 3.29 -17.43 74.06
C6 MAN D . 1.79 -17.47 74.16
O2 MAN D . 6.94 -15.32 73.71
O3 MAN D . 5.91 -15.40 75.91
O4 MAN D . 3.69 -17.50 76.45
O5 MAN D . 3.63 -16.75 72.78
O6 MAN D . 1.39 -16.20 74.66
C1 MAN D . 0.06 -16.27 75.22
C2 MAN D . -0.35 -14.80 75.58
C3 MAN D . 0.29 -14.37 76.90
C4 MAN D . 0.03 -15.39 78.02
C5 MAN D . 0.64 -16.72 77.60
C6 MAN D . 0.46 -17.82 78.63
O2 MAN D . -1.76 -14.68 75.78
O3 MAN D . -0.15 -13.07 77.30
O4 MAN D . 0.63 -14.95 79.23
O5 MAN D . 0.00 -17.16 76.35
O6 MAN D . 1.41 -17.61 79.66
C1 MAN D . 0.97 -12.16 77.27
C2 MAN D . 0.64 -10.98 78.21
C3 MAN D . -0.47 -10.12 77.58
C4 MAN D . -0.12 -9.70 76.14
C5 MAN D . 0.19 -10.95 75.29
C6 MAN D . 0.66 -10.63 73.89
O2 MAN D . 1.76 -10.10 78.35
O3 MAN D . -0.77 -8.97 78.37
O4 MAN D . -1.20 -8.98 75.56
O5 MAN D . 1.24 -11.73 75.94
O6 MAN D . 0.92 -11.85 73.22
C1 MAN D . 6.54 -15.84 77.14
C2 MAN D . 6.90 -14.56 77.93
C3 MAN D . 8.11 -13.88 77.28
C4 MAN D . 9.30 -14.84 77.21
C5 MAN D . 8.91 -16.07 76.37
C6 MAN D . 9.98 -17.14 76.35
O2 MAN D . 7.32 -14.86 79.26
O3 MAN D . 8.47 -12.68 77.95
O4 MAN D . 10.41 -14.21 76.60
O5 MAN D . 7.68 -16.69 76.92
O6 MAN D . 9.89 -17.89 77.56
C1 NAG E . 28.20 -20.24 52.12
C2 NAG E . 27.92 -21.66 52.64
C3 NAG E . 27.58 -21.63 54.11
C4 NAG E . 28.66 -20.90 54.91
C5 NAG E . 28.89 -19.51 54.32
C6 NAG E . 30.02 -18.75 54.97
C7 NAG E . 26.97 -23.48 51.29
C8 NAG E . 25.76 -23.98 50.55
N2 NAG E . 26.85 -22.28 51.87
O3 NAG E . 27.43 -22.96 54.59
O4 NAG E . 28.25 -20.78 56.27
O5 NAG E . 29.22 -19.62 52.93
O6 NAG E . 31.23 -18.93 54.26
O7 NAG E . 28.01 -24.13 51.37
C1 NAG E . 29.10 -21.59 57.13
C2 NAG E . 29.20 -20.90 58.48
C3 NAG E . 30.05 -21.73 59.44
C4 NAG E . 29.52 -23.16 59.52
C5 NAG E . 29.42 -23.77 58.12
C6 NAG E . 28.78 -25.13 58.12
C7 NAG E . 29.12 -18.47 58.79
C8 NAG E . 29.83 -17.16 58.58
N2 NAG E . 29.75 -19.56 58.35
O3 NAG E . 30.05 -21.14 60.74
O4 NAG E . 30.40 -23.96 60.32
O5 NAG E . 28.60 -22.92 57.29
O6 NAG E . 27.89 -25.30 59.21
O7 NAG E . 28.03 -18.52 59.35
C1 NAG F . -43.00 -12.49 37.25
C2 NAG F . -43.26 -11.31 38.17
C3 NAG F . -44.76 -11.16 38.42
C4 NAG F . -45.53 -11.09 37.09
C5 NAG F . -45.14 -12.26 36.19
C6 NAG F . -45.73 -12.17 34.81
C7 NAG F . -41.36 -10.90 39.67
C8 NAG F . -40.78 -11.17 41.03
N2 NAG F . -42.55 -11.46 39.43
O3 NAG F . -44.99 -9.99 39.19
O4 NAG F . -46.93 -11.18 37.34
O5 NAG F . -43.72 -12.30 36.02
O6 NAG F . -45.14 -13.11 33.92
O7 NAG F . -40.79 -10.21 38.84
C1 NAG F . -47.59 -9.91 37.18
C2 NAG F . -48.94 -10.09 36.47
C3 NAG F . -49.68 -8.76 36.39
C4 NAG F . -49.84 -8.16 37.79
C5 NAG F . -48.47 -8.03 38.45
C6 NAG F . -48.56 -7.56 39.89
C7 NAG F . -49.52 -11.61 34.64
C8 NAG F . -49.19 -12.06 33.24
N2 NAG F . -48.75 -10.65 35.14
O3 NAG F . -50.96 -8.98 35.81
O4 NAG F . -50.46 -6.89 37.70
O5 NAG F . -47.81 -9.30 38.48
O6 NAG F . -48.82 -8.64 40.77
O7 NAG F . -50.44 -12.11 35.28
C1 NAG G . -25.67 -2.36 42.55
C2 NAG G . -25.38 -1.34 43.64
C3 NAG G . -26.10 -1.74 44.93
C4 NAG G . -27.59 -2.01 44.68
C5 NAG G . -27.79 -2.94 43.48
C6 NAG G . -29.23 -3.07 43.07
C7 NAG G . -23.36 -0.06 44.17
C8 NAG G . -21.88 -0.13 44.37
N2 NAG G . -23.95 -1.22 43.88
O3 NAG G . -25.95 -0.69 45.88
O4 NAG G . -28.13 -2.65 45.83
O5 NAG G . -27.07 -2.46 42.34
O6 NAG G . -29.56 -4.41 42.72
O7 NAG G . -24.00 0.98 44.29
C1 NAG G . -29.05 -1.80 46.54
C2 NAG G . -29.78 -2.66 47.57
C3 NAG G . -30.75 -1.81 48.38
C4 NAG G . -30.02 -0.62 49.01
C5 NAG G . -29.27 0.16 47.94
C6 NAG G . -28.41 1.26 48.50
C7 NAG G . -29.98 -5.00 46.83
C8 NAG G . -30.85 -6.01 46.13
N2 NAG G . -30.48 -3.76 46.93
O3 NAG G . -31.34 -2.60 49.41
O4 NAG G . -30.96 0.24 49.64
O5 NAG G . -28.38 -0.71 47.21
O6 NAG G . -27.47 0.77 49.45
O7 NAG G . -28.88 -5.29 47.27
C1 NAG H . -33.88 23.10 33.13
C2 NAG H . -34.50 23.20 34.52
C3 NAG H . -35.65 22.21 34.65
C4 NAG H . -36.67 22.42 33.53
C5 NAG H . -35.98 22.38 32.17
C6 NAG H . -36.89 22.74 31.02
C7 NAG H . -33.07 23.95 36.37
C8 NAG H . -32.06 23.55 37.39
N2 NAG H . -33.51 22.98 35.56
O3 NAG H . -36.26 22.37 35.92
O4 NAG H . -37.65 21.40 33.57
O5 NAG H . -34.88 23.33 32.13
O6 NAG H . -36.42 22.18 29.80
O7 NAG H . -33.47 25.11 36.28
C1 NAG H . -38.91 21.92 34.03
C2 NAG H . -40.04 21.03 33.53
C3 NAG H . -41.38 21.52 34.05
C4 NAG H . -41.34 21.63 35.57
C5 NAG H . -40.17 22.50 36.01
C6 NAG H . -40.00 22.54 37.51
C7 NAG H . -39.83 19.86 31.38
C8 NAG H . -39.87 19.98 29.88
N2 NAG H . -40.06 20.98 32.07
O3 NAG H . -42.41 20.63 33.65
O4 NAG H . -42.56 22.20 36.06
O5 NAG H . -38.94 21.98 35.47
O6 NAG H . -38.99 21.63 37.94
O7 NAG H . -39.59 18.79 31.93
C1 NAG I . -62.61 -12.87 18.74
C2 NAG I . -63.85 -12.72 19.61
C3 NAG I . -64.87 -13.81 19.28
C4 NAG I . -65.16 -13.88 17.79
C5 NAG I . -63.86 -13.96 16.99
C6 NAG I . -64.05 -13.86 15.50
C7 NAG I . -63.94 -11.86 21.90
C8 NAG I . -63.47 -12.05 23.31
N2 NAG I . -63.49 -12.76 21.02
O3 NAG I . -66.08 -13.56 20.00
O4 NAG I . -65.95 -15.04 17.54
O5 NAG I . -62.98 -12.88 17.37
O6 NAG I . -63.91 -12.52 15.04
O7 NAG I . -64.68 -10.94 21.59
C1 NAG I . -67.26 -14.71 17.00
C2 NAG I . -67.65 -15.83 16.06
C3 NAG I . -68.99 -15.51 15.41
C4 NAG I . -70.05 -15.24 16.48
C5 NAG I . -69.56 -14.21 17.51
C6 NAG I . -70.49 -14.10 18.70
C7 NAG I . -65.93 -17.18 14.95
C8 NAG I . -64.92 -17.24 13.85
N2 NAG I . -66.63 -16.05 15.04
O3 NAG I . -69.39 -16.60 14.58
O4 NAG I . -71.21 -14.71 15.87
O5 NAG I . -68.26 -14.57 18.02
O6 NAG I . -70.49 -12.77 19.22
O7 NAG I . -66.10 -18.11 15.74
C1 MAN I . -72.31 -15.65 15.78
C2 MAN I . -73.62 -14.78 15.76
C3 MAN I . -74.88 -15.55 16.21
C4 MAN I . -74.71 -17.08 16.12
C5 MAN I . -73.50 -17.52 16.98
C6 MAN I . -73.06 -18.95 16.72
O2 MAN I . -73.92 -14.31 14.44
O3 MAN I . -76.01 -15.14 15.45
O4 MAN I . -75.88 -17.72 16.60
O5 MAN I . -72.32 -16.61 16.84
O6 MAN I . -73.37 -19.25 15.37
C1 MAN I . -73.46 -20.69 15.22
C2 MAN I . -73.26 -21.00 13.71
C3 MAN I . -74.49 -20.50 12.93
C4 MAN I . -75.79 -21.10 13.50
C5 MAN I . -75.90 -20.72 14.99
C6 MAN I . -77.11 -21.34 15.69
O2 MAN I . -73.19 -22.40 13.47
O3 MAN I . -74.37 -20.76 11.53
O4 MAN I . -76.92 -20.60 12.80
O5 MAN I . -74.71 -21.18 15.70
O6 MAN I . -77.23 -20.76 16.97
C1 MAN I . -74.42 -19.51 10.84
C2 MAN I . -75.60 -19.57 9.83
C3 MAN I . -75.26 -20.51 8.68
C4 MAN I . -73.89 -20.17 8.04
C5 MAN I . -72.80 -20.15 9.14
C6 MAN I . -71.46 -19.69 8.61
O2 MAN I . -75.83 -18.29 9.23
O3 MAN I . -76.27 -20.52 7.67
O4 MAN I . -73.56 -21.14 7.06
O5 MAN I . -73.19 -19.23 10.19
O6 MAN I . -70.43 -20.39 9.32
C1 MAN I . -77.02 -14.54 16.31
C2 MAN I . -78.26 -14.32 15.44
C3 MAN I . -77.97 -13.25 14.40
C4 MAN I . -77.55 -11.94 15.08
C5 MAN I . -76.33 -12.16 16.00
C6 MAN I . -76.03 -10.97 16.87
O2 MAN I . -79.34 -13.80 16.22
O3 MAN I . -79.06 -13.03 13.51
O4 MAN I . -77.21 -10.98 14.09
O5 MAN I . -76.58 -13.30 16.89
O6 MAN I . -76.86 -11.04 18.02
C1 NAG J . -57.21 9.90 25.85
C2 NAG J . -57.50 9.07 27.11
C3 NAG J . -58.90 8.46 27.04
C4 NAG J . -59.95 9.51 26.73
C5 NAG J . -59.56 10.27 25.47
C6 NAG J . -60.50 11.41 25.13
C7 NAG J . -55.79 7.90 28.42
C8 NAG J . -54.80 6.77 28.43
N2 NAG J . -56.50 8.04 27.30
O3 NAG J . -59.20 7.81 28.27
O4 NAG J . -61.22 8.89 26.54
O5 NAG J . -58.26 10.85 25.64
O6 NAG J . -60.19 12.57 25.87
O7 NAG J . -55.94 8.63 29.39
C1 NAG J . -62.12 9.26 27.61
C2 NAG J . -63.56 9.20 27.07
C3 NAG J . -64.55 9.52 28.18
C4 NAG J . -64.32 8.65 29.41
C5 NAG J . -62.86 8.75 29.85
C6 NAG J . -62.53 7.81 30.99
C7 NAG J . -64.08 9.65 24.72
C8 NAG J . -64.22 10.71 23.67
N2 NAG J . -63.74 10.09 25.95
O3 NAG J . -65.88 9.35 27.70
O4 NAG J . -65.17 9.06 30.47
O5 NAG J . -62.00 8.40 28.77
O6 NAG J . -62.25 6.49 30.51
O7 NAG J . -64.27 8.47 24.49
C1 NAG K . -26.12 -51.62 1.63
C2 NAG K . -27.23 -51.94 0.63
C3 NAG K . -27.02 -53.35 0.06
C4 NAG K . -25.60 -53.54 -0.47
C5 NAG K . -24.58 -53.11 0.57
C6 NAG K . -23.16 -53.11 0.05
C7 NAG K . -29.53 -51.12 0.70
C8 NAG K . -30.81 -51.10 1.47
N2 NAG K . -28.53 -51.82 1.24
O3 NAG K . -27.96 -53.57 -0.98
O4 NAG K . -25.38 -54.92 -0.75
O5 NAG K . -24.84 -51.77 1.01
O6 NAG K . -22.22 -53.40 1.09
O7 NAG K . -29.40 -50.52 -0.36
C1 NAG K . -25.31 -55.20 -2.15
C2 NAG K . -24.30 -56.34 -2.37
C3 NAG K . -24.25 -56.73 -3.84
C4 NAG K . -25.65 -57.07 -4.35
C5 NAG K . -26.61 -55.91 -4.08
C6 NAG K . -28.04 -56.23 -4.45
C7 NAG K . -22.29 -56.67 -1.01
C8 NAG K . -20.94 -56.13 -0.64
N2 NAG K . -22.97 -55.95 -1.90
O3 NAG K . -23.39 -57.86 -4.00
O4 NAG K . -25.61 -57.35 -5.75
O5 NAG K . -26.60 -55.59 -2.69
O6 NAG K . -28.72 -56.89 -3.39
O7 NAG K . -22.73 -57.69 -0.52
C1 NAG L . -35.86 -34.08 -4.08
C2 NAG L . -36.95 -33.85 -5.12
C3 NAG L . -38.02 -34.94 -5.03
C4 NAG L . -37.40 -36.33 -5.07
C5 NAG L . -36.28 -36.45 -4.04
C6 NAG L . -35.52 -37.75 -4.13
C7 NAG L . -37.96 -31.80 -6.00
C8 NAG L . -38.55 -30.46 -5.67
N2 NAG L . -37.54 -32.54 -4.97
O3 NAG L . -38.94 -34.79 -6.11
O4 NAG L . -38.39 -37.31 -4.76
O5 NAG L . -35.32 -35.40 -4.23
O6 NAG L . -35.00 -38.14 -2.87
O7 NAG L . -37.87 -32.19 -7.16
C1 NAG L . -38.78 -38.07 -5.92
C2 NAG L . -39.47 -39.35 -5.44
C3 NAG L . -39.97 -40.16 -6.64
C4 NAG L . -40.87 -39.29 -7.53
C5 NAG L . -40.12 -38.02 -7.94
C6 NAG L . -40.98 -37.06 -8.73
C7 NAG L . -38.54 -40.12 -3.30
C8 NAG L . -37.54 -41.01 -2.64
N2 NAG L . -38.55 -40.15 -4.64
O3 NAG L . -40.69 -41.29 -6.19
O4 NAG L . -41.23 -40.02 -8.70
O5 NAG L . -39.68 -37.32 -6.76
O6 NAG L . -42.02 -36.51 -7.92
O7 NAG L . -39.31 -39.40 -2.67
C1 NAG M . -25.62 -33.66 -30.43
C2 NAG M . -26.87 -34.43 -30.87
C3 NAG M . -26.90 -35.81 -30.21
C4 NAG M . -25.61 -36.56 -30.50
C5 NAG M . -24.41 -35.73 -30.08
C6 NAG M . -23.08 -36.35 -30.45
C7 NAG M . -28.74 -32.95 -31.45
C8 NAG M . -29.97 -32.25 -30.96
N2 NAG M . -28.08 -33.68 -30.55
O3 NAG M . -28.03 -36.53 -30.68
O4 NAG M . -25.61 -37.81 -29.81
O5 NAG M . -24.45 -34.45 -30.73
O6 NAG M . -22.15 -36.25 -29.38
O7 NAG M . -28.36 -32.85 -32.61
C1 NAG M . -25.74 -38.89 -30.75
C2 NAG M . -25.05 -40.14 -30.20
C3 NAG M . -25.21 -41.31 -31.18
C4 NAG M . -26.68 -41.53 -31.52
C5 NAG M . -27.32 -40.22 -32.01
C6 NAG M . -28.81 -40.34 -32.25
C7 NAG M . -23.15 -39.78 -28.70
C8 NAG M . -21.68 -39.52 -28.59
N2 NAG M . -23.64 -39.90 -29.93
O3 NAG M . -24.67 -42.50 -30.60
O4 NAG M . -26.80 -42.52 -32.54
O5 NAG M . -27.12 -39.19 -31.04
O6 NAG M . -29.54 -40.18 -31.03
O7 NAG M . -23.86 -39.86 -27.69
C1 NAG N . -2.96 -65.79 -2.50
C2 NAG N . -3.56 -67.16 -2.79
C3 NAG N . -2.86 -68.23 -1.96
C4 NAG N . -1.35 -68.19 -2.15
C5 NAG N . -0.83 -66.76 -1.88
C6 NAG N . 0.63 -66.57 -2.19
C7 NAG N . -5.91 -67.28 -3.50
C8 NAG N . -7.34 -67.26 -3.07
N2 NAG N . -4.99 -67.17 -2.54
O3 NAG N . -3.36 -69.52 -2.35
O4 NAG N . -0.74 -69.10 -1.25
O5 NAG N . -1.54 -65.82 -2.71
O6 NAG N . 0.82 -65.57 -3.17
O7 NAG N . -5.59 -67.38 -4.69
C1 NAG N . -0.03 -70.14 -1.95
C2 NAG N . 1.14 -70.60 -1.08
C3 NAG N . 1.92 -71.69 -1.79
C4 NAG N . 1.02 -72.83 -2.24
C5 NAG N . -0.21 -72.31 -3.00
C6 NAG N . -1.24 -73.38 -3.27
C7 NAG N . 1.92 -68.86 0.45
C8 NAG N . 2.89 -67.73 0.66
N2 NAG N . 2.00 -69.49 -0.72
O3 NAG N . 2.95 -72.18 -0.93
O4 NAG N . 1.73 -73.68 -3.12
O5 NAG N . -0.87 -71.27 -2.25
O6 NAG N . -1.49 -73.51 -4.66
O7 NAG N . 1.09 -69.17 1.30
C1 MAN N . 2.09 -74.96 -2.54
C2 MAN N . 1.69 -76.06 -3.58
C3 MAN N . 1.97 -77.48 -3.05
C4 MAN N . 1.97 -77.61 -1.49
C5 MAN N . 1.06 -76.53 -0.84
C6 MAN N . 1.08 -76.60 0.66
O2 MAN N . 2.47 -75.94 -4.78
O3 MAN N . 3.20 -77.99 -3.59
O4 MAN N . 1.51 -78.89 -1.11
O5 MAN N . 1.50 -75.17 -1.22
O6 MAN N . 2.45 -76.70 1.07
C1 MAN N . 2.53 -77.24 2.40
C2 MAN N . 3.98 -77.01 2.91
C3 MAN N . 4.92 -78.00 2.22
C4 MAN N . 4.44 -79.44 2.44
C5 MAN N . 3.06 -79.57 1.80
C6 MAN N . 2.46 -80.96 1.94
O2 MAN N . 4.09 -77.29 4.30
O3 MAN N . 6.26 -77.86 2.66
O4 MAN N . 5.34 -80.36 1.83
O5 MAN N . 2.14 -78.62 2.44
O6 MAN N . 2.25 -81.48 0.64
C1 MAN N . 7.06 -77.48 1.51
C2 MAN N . 8.37 -78.28 1.58
C3 MAN N . 9.18 -77.82 2.80
C4 MAN N . 9.36 -76.27 2.83
C5 MAN N . 7.98 -75.59 2.72
C6 MAN N . 8.07 -74.08 2.59
O2 MAN N . 9.18 -78.01 0.43
O3 MAN N . 10.46 -78.46 2.85
O4 MAN N . 9.99 -75.90 4.04
O5 MAN N . 7.29 -76.08 1.55
O6 MAN N . 6.77 -73.58 2.31
C1 MAN N . 3.03 -79.35 -4.03
C2 MAN N . 4.44 -79.94 -4.33
C3 MAN N . 4.97 -79.44 -5.69
C4 MAN N . 3.93 -79.68 -6.79
C5 MAN N . 2.65 -78.92 -6.43
C6 MAN N . 1.55 -79.10 -7.45
O2 MAN N . 4.41 -81.36 -4.41
O3 MAN N . 6.20 -80.06 -6.03
O4 MAN N . 4.43 -79.21 -8.03
O5 MAN N . 2.15 -79.43 -5.17
O6 MAN N . 0.68 -80.12 -6.99
C1 NAG O . -12.22 -57.03 -23.30
C2 NAG O . -13.43 -57.77 -22.74
C3 NAG O . -13.08 -59.23 -22.44
C4 NAG O . -12.47 -59.90 -23.67
C5 NAG O . -11.28 -59.07 -24.18
C6 NAG O . -10.68 -59.60 -25.46
C7 NAG O . -15.10 -56.49 -21.48
C8 NAG O . -15.44 -55.88 -20.15
N2 NAG O . -13.93 -57.12 -21.53
O3 NAG O . -14.25 -59.92 -22.04
O4 NAG O . -12.02 -61.21 -23.34
O5 NAG O . -11.70 -57.73 -24.45
O6 NAG O . -11.20 -58.92 -26.59
O7 NAG O . -15.85 -56.41 -22.44
C1 NAG O . -12.83 -62.22 -24.00
C2 NAG O . -12.02 -63.52 -24.09
C3 NAG O . -12.88 -64.62 -24.71
C4 NAG O . -14.21 -64.77 -23.97
C5 NAG O . -14.92 -63.42 -23.91
C6 NAG O . -16.20 -63.47 -23.11
C7 NAG O . -9.62 -63.08 -24.29
C8 NAG O . -8.47 -62.92 -25.24
N2 NAG O . -10.81 -63.33 -24.86
O3 NAG O . -12.16 -65.86 -24.65
O4 NAG O . -15.03 -65.72 -24.62
O5 NAG O . -14.07 -62.45 -23.29
O6 NAG O . -16.27 -62.39 -22.19
O7 NAG O . -9.49 -62.99 -23.08
C1 NAG P . 6.50 -37.14 43.44
C2 NAG P . 7.89 -37.78 43.48
C3 NAG P . 8.39 -37.86 44.92
C4 NAG P . 8.30 -36.50 45.62
C5 NAG P . 6.91 -35.90 45.45
C6 NAG P . 6.81 -34.48 45.96
C7 NAG P . 8.89 -39.59 42.17
C8 NAG P . 8.70 -40.98 41.62
N2 NAG P . 7.87 -39.10 42.88
O3 NAG P . 9.74 -38.32 44.91
O4 NAG P . 8.51 -36.66 47.02
O5 NAG P . 6.55 -35.85 44.05
O6 NAG P . 5.57 -34.25 46.62
O7 NAG P . 9.92 -38.96 41.98
C1 NAG P . 9.83 -36.27 47.45
C2 NAG P . 9.75 -35.61 48.82
C3 NAG P . 11.14 -35.31 49.36
C4 NAG P . 12.01 -36.57 49.34
C5 NAG P . 12.03 -37.16 47.93
C6 NAG P . 12.78 -38.47 47.86
C7 NAG P . 7.93 -34.14 49.58
C8 NAG P . 7.23 -32.82 49.38
N2 NAG P . 8.96 -34.39 48.77
O3 NAG P . 11.04 -34.82 50.70
O4 NAG P . 13.34 -36.25 49.74
O5 NAG P . 10.68 -37.42 47.51
O6 NAG P . 11.89 -39.57 47.75
O7 NAG P . 7.56 -34.95 50.43
C1 NAG Q . 13.72 -40.91 24.26
C2 NAG Q . 14.95 -41.67 23.78
C3 NAG Q . 15.08 -42.98 24.55
C4 NAG Q . 15.02 -42.76 26.06
C5 NAG Q . 13.81 -41.89 26.43
C6 NAG Q . 13.81 -41.48 27.89
C7 NAG Q . 15.98 -41.89 21.57
C8 NAG Q . 15.75 -42.15 20.12
N2 NAG Q . 14.91 -41.90 22.35
O3 NAG Q . 16.31 -43.60 24.20
O4 NAG Q . 14.90 -44.00 26.73
O5 NAG Q . 13.80 -40.69 25.66
O6 NAG Q . 12.51 -41.54 28.45
O7 NAG Q . 17.11 -41.68 22.03
C1 NAG Q . 16.11 -44.38 27.41
C2 NAG Q . 15.79 -45.49 28.41
C3 NAG Q . 17.06 -45.97 29.09
C4 NAG Q . 18.11 -46.38 28.05
C5 NAG Q . 18.35 -45.24 27.07
C6 NAG Q . 19.27 -45.62 25.93
C7 NAG Q . 13.53 -45.36 29.36
C8 NAG Q . 12.68 -44.80 30.45
N2 NAG Q . 14.83 -45.03 29.40
O3 NAG Q . 16.76 -47.08 29.94
O4 NAG Q . 19.33 -46.72 28.70
O5 NAG Q . 17.10 -44.84 26.48
O6 NAG Q . 18.56 -46.26 24.88
O7 NAG Q . 13.07 -46.07 28.47
C1 NAG R . 37.41 -25.40 26.53
C2 NAG R . 38.02 -26.69 27.07
C3 NAG R . 37.40 -27.05 28.41
C4 NAG R . 37.53 -25.90 29.39
C5 NAG R . 36.96 -24.61 28.78
C6 NAG R . 37.20 -23.39 29.63
C7 NAG R . 38.91 -28.30 25.45
C8 NAG R . 38.58 -29.42 24.51
N2 NAG R . 37.87 -27.78 26.12
O3 NAG R . 38.04 -28.21 28.92
O4 NAG R . 36.79 -26.19 30.57
O5 NAG R . 37.56 -24.35 27.51
O6 NAG R . 37.48 -22.24 28.83
O7 NAG R . 40.05 -27.88 25.59
C1 NAG R . 37.66 -26.45 31.70
C2 NAG R . 36.84 -26.38 32.98
C3 NAG R . 37.70 -26.77 34.20
C4 NAG R . 38.41 -28.10 33.96
C5 NAG R . 39.18 -28.06 32.64
C6 NAG R . 39.81 -29.38 32.30
C7 NAG R . 35.09 -24.69 32.68
C8 NAG R . 34.66 -23.29 32.96
N2 NAG R . 36.27 -25.06 33.17
O3 NAG R . 36.87 -26.87 35.35
O4 NAG R . 39.32 -28.36 35.03
O5 NAG R . 38.29 -27.73 31.57
O6 NAG R . 38.98 -30.47 32.67
O7 NAG R . 34.39 -25.46 32.02
C1 NAG S . 9.74 -9.12 74.23
C2 NAG S . 8.73 -8.23 74.98
C3 NAG S . 9.31 -7.78 76.32
C4 NAG S . 9.81 -8.97 77.14
C5 NAG S . 10.79 -9.79 76.31
C6 NAG S . 11.26 -11.04 77.01
C7 NAG S . 7.18 -6.97 73.56
C8 NAG S . 6.97 -5.72 72.78
N2 NAG S . 8.36 -7.08 74.17
O3 NAG S . 8.33 -7.06 77.05
O4 NAG S . 10.44 -8.53 78.33
O5 NAG S . 10.16 -10.21 75.09
O6 NAG S . 12.62 -11.32 76.71
O7 NAG S . 6.33 -7.84 73.63
C1 NAG T . 16.47 12.86 68.89
C2 NAG T . 16.09 13.54 70.21
C3 NAG T . 17.19 14.52 70.64
C4 NAG T . 18.55 13.82 70.68
C5 NAG T . 18.84 13.15 69.35
C6 NAG T . 20.12 12.34 69.37
C7 NAG T . 13.68 13.76 70.60
C8 NAG T . 12.46 14.61 70.37
N2 NAG T . 14.82 14.23 70.09
O3 NAG T . 16.87 15.06 71.91
O4 NAG T . 19.57 14.77 70.96
O5 NAG T . 17.78 12.24 69.01
O6 NAG T . 20.73 12.31 68.08
O7 NAG T . 13.64 12.71 71.21
C1 NAG U . 35.31 -0.24 14.48
C2 NAG U . 36.38 -1.07 13.78
C3 NAG U . 36.51 -0.64 12.33
C4 NAG U . 35.15 -0.69 11.63
C5 NAG U . 34.12 0.12 12.41
C6 NAG U . 32.72 0.01 11.85
C7 NAG U . 38.46 -2.00 14.70
C8 NAG U . 39.75 -1.70 15.40
N2 NAG U . 37.66 -0.96 14.46
O3 NAG U . 37.43 -1.48 11.64
O4 NAG U . 35.26 -0.16 10.31
O5 NAG U . 34.05 -0.35 13.77
O6 NAG U . 32.43 1.12 10.99
O7 NAG U . 38.16 -3.14 14.34
C1 NAG V . 46.60 -10.30 65.38
C2 NAG V . 45.73 -11.54 65.58
C3 NAG V . 45.56 -11.84 67.07
C4 NAG V . 46.92 -11.96 67.75
C5 NAG V . 47.74 -10.70 67.48
C6 NAG V . 49.15 -10.78 68.03
C7 NAG V . 44.12 -11.95 63.76
C8 NAG V . 42.74 -11.68 63.26
N2 NAG V . 44.42 -11.39 64.94
O3 NAG V . 44.84 -13.05 67.23
O4 NAG V . 46.75 -12.12 69.15
O5 NAG V . 47.86 -10.47 66.06
O6 NAG V . 49.97 -11.60 67.21
O7 NAG V . 44.93 -12.63 63.14
C1 NAG W . 25.78 -12.35 72.65
C2 NAG W . 25.34 -11.80 74.01
C3 NAG W . 26.19 -12.40 75.12
C4 NAG W . 26.18 -13.92 75.06
C5 NAG W . 26.62 -14.38 73.67
C6 NAG W . 26.53 -15.88 73.50
C7 NAG W . 24.40 -9.57 74.41
C8 NAG W . 24.65 -8.10 74.36
N2 NAG W . 25.41 -10.35 74.02
O3 NAG W . 25.69 -11.97 76.38
O4 NAG W . 27.07 -14.46 76.04
O5 NAG W . 25.76 -13.81 72.68
O6 NAG W . 25.40 -16.42 74.16
O7 NAG W . 23.33 -10.03 74.78
C1 NAG X . 39.84 -8.29 40.57
C2 NAG X . 40.61 -6.99 40.83
C3 NAG X . 41.94 -7.01 40.06
C4 NAG X . 42.74 -8.26 40.42
C5 NAG X . 41.89 -9.51 40.18
C6 NAG X . 42.57 -10.79 40.61
C7 NAG X . 39.94 -4.63 40.99
C8 NAG X . 39.04 -3.56 40.46
N2 NAG X . 39.82 -5.83 40.43
O3 NAG X . 42.70 -5.86 40.39
O4 NAG X . 43.90 -8.34 39.60
O5 NAG X . 40.67 -9.41 40.93
O6 NAG X . 41.68 -11.89 40.58
O7 NAG X . 40.76 -4.41 41.88
C1 NAG Y . 40.36 10.50 60.71
C2 NAG Y . 41.77 10.34 61.28
C3 NAG Y . 42.01 11.37 62.38
C4 NAG Y . 41.73 12.78 61.87
C5 NAG Y . 40.32 12.86 61.28
C6 NAG Y . 40.03 14.18 60.63
C7 NAG Y . 42.71 8.08 61.11
C8 NAG Y . 42.86 6.75 61.77
N2 NAG Y . 42.00 9.00 61.77
O3 NAG Y . 43.35 11.28 62.85
O4 NAG Y . 41.82 13.71 62.95
O5 NAG Y . 40.17 11.86 60.25
O6 NAG Y . 39.53 15.13 61.57
O7 NAG Y . 43.22 8.33 60.01
C1 NAG Z . -41.62 -21.47 46.11
C2 NAG Z . -40.59 -20.81 47.04
C3 NAG Z . -41.02 -20.94 48.49
C4 NAG Z . -42.43 -20.39 48.69
C5 NAG Z . -43.40 -21.07 47.72
C6 NAG Z . -44.78 -20.48 47.77
C7 NAG Z . -38.16 -20.65 46.76
C8 NAG Z . -36.87 -21.40 46.55
N2 NAG Z . -39.26 -21.39 46.83
O3 NAG Z . -40.09 -20.25 49.32
O4 NAG Z . -42.85 -20.60 50.03
O5 NAG Z . -42.94 -20.92 46.38
O6 NAG Z . -45.10 -19.77 46.58
O7 NAG Z . -38.18 -19.43 46.86
C1 NAG AA . -51.88 -35.25 25.14
C2 NAG AA . -51.86 -36.75 25.47
C3 NAG AA . -52.37 -37.57 24.28
C4 NAG AA . -53.73 -37.08 23.83
C5 NAG AA . -53.67 -35.58 23.53
C6 NAG AA . -55.02 -34.99 23.19
C7 NAG AA . -50.30 -37.88 26.99
C8 NAG AA . -48.88 -38.25 27.25
N2 NAG AA . -50.54 -37.19 25.87
O3 NAG AA . -52.44 -38.94 24.66
O4 NAG AA . -54.14 -37.77 22.66
O5 NAG AA . -53.20 -34.87 24.68
O6 NAG AA . -55.80 -34.77 24.36
O7 NAG AA . -51.21 -38.19 27.76
C1 NAG BA . 34.69 17.65 17.86
C2 NAG BA . 35.43 16.55 18.65
C3 NAG BA . 36.41 15.81 17.74
C4 NAG BA . 35.69 15.31 16.48
C5 NAG BA . 34.95 16.44 15.79
C6 NAG BA . 34.12 15.99 14.61
C7 NAG BA . 35.64 17.13 21.03
C8 NAG BA . 36.50 17.74 22.08
N2 NAG BA . 36.13 17.12 19.79
O3 NAG BA . 36.97 14.71 18.45
O4 NAG BA . 36.64 14.76 15.58
O5 NAG BA . 34.04 17.06 16.71
O6 NAG BA . 33.39 17.06 14.04
O7 NAG BA . 34.54 16.65 21.29
C1 NAG CA . -2.03 27.82 31.42
C2 NAG CA . -3.51 27.47 31.38
C3 NAG CA . -4.33 28.51 32.14
C4 NAG CA . -3.78 28.71 33.55
C5 NAG CA . -2.30 29.04 33.50
C6 NAG CA . -1.67 29.11 34.87
C7 NAG CA . -4.39 26.18 29.49
C8 NAG CA . -4.85 26.24 28.07
N2 NAG CA . -3.99 27.34 30.01
O3 NAG CA . -5.68 28.10 32.20
O4 NAG CA . -4.48 29.77 34.20
O5 NAG CA . -1.60 28.00 32.79
O6 NAG CA . -0.49 28.32 34.94
O7 NAG CA . -4.39 25.14 30.12
C1 NAG DA . 16.26 41.57 20.40
C2 NAG DA . 15.15 42.34 21.10
C3 NAG DA . 14.60 43.42 20.18
C4 NAG DA . 15.72 44.34 19.70
C5 NAG DA . 16.83 43.51 19.05
C6 NAG DA . 18.04 44.34 18.68
C7 NAG DA . 13.99 40.99 22.79
C8 NAG DA . 12.82 40.10 23.07
N2 NAG DA . 14.08 41.45 21.54
O3 NAG DA . 13.61 44.19 20.87
O4 NAG DA . 15.22 45.28 18.76
O5 NAG DA . 17.28 42.49 19.96
O6 NAG DA . 19.21 43.83 19.29
O7 NAG DA . 14.81 41.29 23.65
C1 NAG EA . 27.99 42.18 2.26
C2 NAG EA . 28.83 42.44 3.52
C3 NAG EA . 30.22 41.81 3.38
C4 NAG EA . 30.11 40.34 3.00
C5 NAG EA . 29.25 40.18 1.75
C6 NAG EA . 29.02 38.74 1.36
C7 NAG EA . 28.15 44.51 4.66
C8 NAG EA . 28.41 45.97 4.82
N2 NAG EA . 28.94 43.86 3.79
O3 NAG EA . 30.91 41.94 4.62
O4 NAG EA . 31.41 39.81 2.73
O5 NAG EA . 27.95 40.76 1.98
O6 NAG EA . 30.25 38.05 1.18
O7 NAG EA . 27.26 43.93 5.29
C1 NAG FA . 33.53 59.10 0.46
C2 NAG FA . 34.04 60.50 0.18
C3 NAG FA . 34.20 61.28 1.48
C4 NAG FA . 32.90 61.28 2.26
C5 NAG FA . 32.39 59.85 2.46
C6 NAG FA . 31.02 59.78 3.10
C7 NAG FA . 35.43 60.86 -1.82
C8 NAG FA . 36.80 60.74 -2.42
N2 NAG FA . 35.30 60.45 -0.55
O3 NAG FA . 34.58 62.63 1.18
O4 NAG FA . 33.10 61.87 3.54
O5 NAG FA . 32.28 59.19 1.19
O6 NAG FA . 30.97 58.81 4.13
O7 NAG FA . 34.48 61.31 -2.46
C1 NAG GA . 49.25 46.58 -13.65
C2 NAG GA . 50.35 47.63 -13.89
C3 NAG GA . 51.71 46.94 -14.03
C4 NAG GA . 51.98 46.04 -12.83
C5 NAG GA . 50.83 45.06 -12.63
C6 NAG GA . 50.97 44.22 -11.39
C7 NAG GA . 49.38 49.56 -15.05
C8 NAG GA . 49.19 50.25 -16.37
N2 NAG GA . 50.06 48.41 -15.09
O3 NAG GA . 52.72 47.93 -14.14
O4 NAG GA . 53.20 45.32 -13.02
O5 NAG GA . 49.59 45.77 -12.51
O6 NAG GA . 49.95 44.50 -10.45
O7 NAG GA . 48.96 50.04 -14.01
C1 NAG HA . 40.05 -5.83 -3.72
C2 NAG HA . 40.39 -4.44 -3.18
C3 NAG HA . 41.87 -4.13 -3.40
C4 NAG HA . 42.74 -5.23 -2.80
C5 NAG HA . 42.34 -6.58 -3.38
C6 NAG HA . 43.09 -7.73 -2.74
C7 NAG HA . 38.40 -3.01 -3.30
C8 NAG HA . 37.69 -1.94 -4.07
N2 NAG HA . 39.57 -3.42 -3.81
O3 NAG HA . 42.19 -2.88 -2.80
O4 NAG HA . 44.12 -4.98 -3.11
O5 NAG HA . 40.94 -6.81 -3.13
O6 NAG HA . 42.62 -7.98 -1.42
O7 NAG HA . 37.94 -3.48 -2.26
C1 NAG IA . 17.48 66.90 -19.02
C2 NAG IA . 16.36 66.03 -18.43
C3 NAG IA . 15.61 66.79 -17.34
C4 NAG IA . 16.58 67.35 -16.30
C5 NAG IA . 17.65 68.20 -17.00
C6 NAG IA . 18.70 68.72 -16.04
C7 NAG IA . 15.60 64.50 -20.20
C8 NAG IA . 14.54 64.23 -21.22
N2 NAG IA . 15.43 65.61 -19.48
O3 NAG IA . 14.69 65.91 -16.71
O4 NAG IA . 15.88 68.16 -15.36
O5 NAG IA . 18.33 67.39 -17.97
O6 NAG IA . 19.92 68.00 -16.19
O7 NAG IA . 16.58 63.77 -20.06
C1 NAG JA . -75.30 -9.49 10.18
C2 NAG JA . -75.73 -10.48 9.08
C3 NAG JA . -77.11 -10.13 8.56
C4 NAG JA . -78.12 -10.02 9.70
C5 NAG JA . -77.63 -9.01 10.72
C6 NAG JA . -78.52 -8.90 11.92
C7 NAG JA . -74.01 -11.57 7.72
C8 NAG JA . -73.06 -11.42 6.57
N2 NAG JA . -74.76 -10.50 8.00
O3 NAG JA . -77.53 -11.13 7.63
O4 NAG JA . -79.39 -9.62 9.20
O5 NAG JA . -76.33 -9.41 11.20
O6 NAG JA . -77.79 -8.91 13.13
O7 NAG JA . -74.08 -12.61 8.36
C1 NAG KA . -72.01 2.93 -9.31
C2 NAG KA . -73.12 2.45 -10.24
C3 NAG KA . -73.69 3.63 -11.03
C4 NAG KA . -74.15 4.74 -10.10
C5 NAG KA . -73.00 5.14 -9.17
C6 NAG KA . -73.42 6.17 -8.13
C7 NAG KA . -73.20 0.20 -11.25
C8 NAG KA . -72.55 -0.73 -12.22
N2 NAG KA . -72.63 1.41 -11.14
O3 NAG KA . -74.79 3.18 -11.83
O4 NAG KA . -74.58 5.86 -10.84
O5 NAG KA . -72.51 4.00 -8.46
O6 NAG KA . -72.61 7.35 -8.21
O7 NAG KA . -74.18 -0.11 -10.58
C1 NAG LA . -22.67 29.83 8.38
C2 NAG LA . -21.97 30.75 9.40
C3 NAG LA . -20.67 31.29 8.80
C4 NAG LA . -19.78 30.14 8.33
C5 NAG LA . -20.55 29.24 7.37
C6 NAG LA . -19.77 28.01 6.96
C7 NAG LA . -22.89 32.32 11.05
C8 NAG LA . -23.85 33.44 11.28
N2 NAG LA . -22.83 31.84 9.80
O3 NAG LA . -19.98 32.08 9.76
O4 NAG LA . -18.62 30.65 7.67
O5 NAG LA . -21.76 28.77 7.99
O6 NAG LA . -19.37 28.08 5.60
O7 NAG LA . -22.20 31.85 11.94
C1 NAG MA . -74.78 26.44 20.06
C2 NAG MA . -74.84 25.45 21.23
C3 NAG MA . -76.24 24.83 21.33
C4 NAG MA . -77.31 25.92 21.40
C5 NAG MA . -77.15 26.88 20.21
C6 NAG MA . -78.10 28.06 20.29
C7 NAG MA . -73.21 23.83 22.11
C8 NAG MA . -72.20 22.77 21.76
N2 NAG MA . -73.83 24.40 21.08
O3 NAG MA . -76.32 24.01 22.49
O4 NAG MA . -78.61 25.33 21.35
O5 NAG MA . -75.82 27.42 20.21
O6 NAG MA . -77.41 29.29 20.13
O7 NAG MA . -73.45 24.15 23.27
C1 NAG NA . -77.02 4.65 17.64
C2 NAG NA . -78.20 4.11 16.81
C3 NAG NA . -79.52 4.41 17.52
C4 NAG NA . -79.50 3.91 18.95
C5 NAG NA . -78.29 4.46 19.69
C6 NAG NA . -78.14 3.91 21.09
C7 NAG NA . -78.65 4.03 14.40
C8 NAG NA . -78.56 4.77 13.10
N2 NAG NA . -78.19 4.68 15.47
O3 NAG NA . -80.60 3.79 16.82
O4 NAG NA . -80.68 4.31 19.63
O5 NAG NA . -77.09 4.12 18.98
O6 NAG NA . -78.48 2.53 21.13
O7 NAG NA . -79.10 2.89 14.46
C1 NAG OA . -49.15 26.28 17.08
C2 NAG OA . -49.65 27.31 16.07
C3 NAG OA . -49.07 28.67 16.40
C4 NAG OA . -49.37 29.07 17.85
C5 NAG OA . -48.90 27.96 18.80
C6 NAG OA . -49.29 28.21 20.23
C7 NAG OA . -50.15 27.14 13.68
C8 NAG OA . -49.66 26.68 12.34
N2 NAG OA . -49.33 26.93 14.71
O3 NAG OA . -49.61 29.66 15.52
O4 NAG OA . -48.71 30.28 18.18
O5 NAG OA . -49.48 26.70 18.42
O6 NAG OA . -49.34 27.01 20.98
O7 NAG OA . -51.24 27.69 13.82
C1 NAG PA . -68.88 26.97 -1.40
C2 NAG PA . -69.22 28.45 -1.19
C3 NAG PA . -70.20 28.92 -2.26
C4 NAG PA . -69.67 28.63 -3.65
C5 NAG PA . -69.33 27.14 -3.79
C6 NAG PA . -68.68 26.80 -5.10
C7 NAG PA . -69.13 29.43 1.05
C8 NAG PA . -69.82 29.56 2.38
N2 NAG PA . -69.76 28.68 0.14
O3 NAG PA . -70.42 30.32 -2.10
O4 NAG PA . -70.63 28.99 -4.64
O5 NAG PA . -68.41 26.75 -2.76
O6 NAG PA . -69.63 26.82 -6.16
O7 NAG PA . -68.05 29.98 0.82
C1 NAG QA . -34.48 -54.53 10.15
C2 NAG QA . -35.67 -53.64 9.81
C3 NAG QA . -36.95 -54.46 9.67
C4 NAG QA . -36.75 -55.59 8.66
C5 NAG QA . -35.55 -56.43 9.07
C6 NAG QA . -35.22 -57.53 8.10
C7 NAG QA . -35.33 -51.37 10.71
C8 NAG QA . -35.62 -50.44 11.85
N2 NAG QA . -35.85 -52.60 10.82
O3 NAG QA . -38.02 -53.62 9.24
O4 NAG QA . -37.91 -56.41 8.60
O5 NAG QA . -34.39 -55.60 9.17
O6 NAG QA . -34.32 -58.48 8.65
O7 NAG QA . -34.66 -51.03 9.74
C1 NAG RA . -11.39 -62.83 21.44
C2 NAG RA . -11.54 -63.42 22.85
C3 NAG RA . -10.21 -63.96 23.34
C4 NAG RA . -9.60 -64.93 22.34
C5 NAG RA . -9.51 -64.28 20.96
C6 NAG RA . -9.07 -65.24 19.88
C7 NAG RA . -13.01 -62.77 24.70
C8 NAG RA . -13.46 -61.65 25.58
N2 NAG RA . -12.09 -62.46 23.78
O3 NAG RA . -10.41 -64.62 24.59
O4 NAG RA . -8.30 -65.31 22.76
O5 NAG RA . -10.81 -63.80 20.56
O6 NAG RA . -10.15 -65.98 19.36
O7 NAG RA . -13.45 -63.91 24.83
C1 NAG SA . -25.93 32.94 -8.87
C2 NAG SA . -26.67 33.27 -7.56
C3 NAG SA . -25.84 34.24 -6.74
C4 NAG SA . -24.44 33.71 -6.52
C5 NAG SA . -23.79 33.34 -7.85
C6 NAG SA . -22.43 32.69 -7.70
C7 NAG SA . -29.12 33.22 -7.44
C8 NAG SA . -30.39 33.91 -7.81
N2 NAG SA . -27.99 33.81 -7.83
O3 NAG SA . -26.49 34.46 -5.48
O4 NAG SA . -23.63 34.69 -5.86
O5 NAG SA . -24.62 32.42 -8.56
O6 NAG SA . -21.48 33.58 -7.14
O7 NAG SA . -29.11 32.16 -6.81
C1 NAG TA . -31.83 -2.21 -27.46
C2 NAG TA . -31.41 -3.68 -27.52
C3 NAG TA . -32.06 -4.35 -28.73
C4 NAG TA . -33.57 -4.19 -28.69
C5 NAG TA . -33.93 -2.70 -28.61
C6 NAG TA . -35.41 -2.46 -28.44
C7 NAG TA . -29.27 -4.43 -26.58
C8 NAG TA . -27.80 -4.49 -26.79
N2 NAG TA . -29.97 -3.83 -27.55
O3 NAG TA . -31.72 -5.74 -28.74
O4 NAG TA . -34.15 -4.76 -29.85
O5 NAG TA . -33.28 -2.11 -27.48
O6 NAG TA . -35.88 -1.46 -29.33
O7 NAG TA . -29.81 -4.88 -25.58
C1 NAG UA . -25.52 20.52 -36.23
C2 NAG UA . -26.03 19.51 -37.25
C3 NAG UA . -25.08 19.42 -38.44
C4 NAG UA . -24.82 20.79 -39.04
C5 NAG UA . -24.32 21.74 -37.95
C6 NAG UA . -24.16 23.16 -38.44
C7 NAG UA . -27.37 17.51 -36.74
C8 NAG UA . -27.39 16.17 -36.06
N2 NAG UA . -26.22 18.19 -36.65
O3 NAG UA . -25.62 18.56 -39.43
O4 NAG UA . -23.85 20.71 -40.07
O5 NAG UA . -25.27 21.78 -36.87
O6 NAG UA . -25.37 23.90 -38.30
O7 NAG UA . -28.35 17.95 -37.33
C1 NAG VA . -10.30 35.85 -33.81
C2 NAG VA . -11.64 36.57 -33.91
C3 NAG VA . -11.66 37.78 -32.98
C4 NAG VA . -11.28 37.38 -31.57
C5 NAG VA . -9.96 36.62 -31.56
C6 NAG VA . -9.60 36.08 -30.20
C7 NAG VA . -12.71 36.28 -36.11
C8 NAG VA . -12.88 36.84 -37.49
N2 NAG VA . -11.92 36.97 -35.28
O3 NAG VA . -12.95 38.37 -33.00
O4 NAG VA . -11.16 38.54 -30.74
O5 NAG VA . -10.04 35.50 -32.44
O6 NAG VA . -9.40 37.12 -29.25
O7 NAG VA . -13.28 35.24 -35.75
C1 NAG WA . -10.42 46.07 -49.32
C2 NAG WA . -9.98 46.56 -50.70
C3 NAG WA . -11.19 46.65 -51.65
C4 NAG WA . -11.92 45.31 -51.69
C5 NAG WA . -12.30 44.87 -50.28
C6 NAG WA . -12.94 43.50 -50.24
C7 NAG WA . -8.17 48.13 -51.22
C8 NAG WA . -7.62 49.51 -51.00
N2 NAG WA . -9.32 47.86 -50.61
O3 NAG WA . -10.75 47.02 -52.95
O4 NAG WA . -13.10 45.43 -52.48
O5 NAG WA . -11.12 44.80 -49.46
O6 NAG WA . -14.29 43.57 -49.81
O7 NAG WA . -7.59 47.31 -51.91
C1 NAG XA . -0.02 60.49 -32.96
C2 NAG XA . -0.27 61.86 -33.59
C3 NAG XA . -0.52 62.92 -32.52
C4 NAG XA . -1.63 62.48 -31.58
C5 NAG XA . -1.31 61.10 -31.00
C6 NAG XA . -2.43 60.55 -30.14
C7 NAG XA . 0.86 62.07 -35.77
C8 NAG XA . 2.10 62.53 -36.48
N2 NAG XA . 0.85 62.25 -34.44
O3 NAG XA . -0.85 64.15 -33.13
O4 NAG XA . -1.76 63.42 -30.51
O5 NAG XA . -1.12 60.17 -32.07
O6 NAG XA . -3.53 60.11 -30.94
O7 NAG XA . -0.08 61.54 -36.37
C1 NAG YA . -5.70 36.75 15.12
C2 NAG YA . -6.30 37.25 13.80
C3 NAG YA . -6.52 38.76 13.85
C4 NAG YA . -7.36 39.14 15.07
C5 NAG YA . -6.70 38.59 16.34
C6 NAG YA . -7.53 38.82 17.58
C7 NAG YA . -5.66 35.85 11.88
C8 NAG YA . -4.68 35.66 10.76
N2 NAG YA . -5.44 36.90 12.67
O3 NAG YA . -7.17 39.18 12.67
O4 NAG YA . -7.46 40.54 15.18
O5 NAG YA . -6.54 37.16 16.22
O6 NAG YA . -7.44 37.73 18.48
O7 NAG YA . -6.59 35.08 12.05
C1 NAG ZA . 11.83 37.14 -60.31
C2 NAG ZA . 11.47 35.80 -59.67
C3 NAG ZA . 10.75 34.90 -60.67
C4 NAG ZA . 9.56 35.62 -61.29
C5 NAG ZA . 9.99 36.95 -61.89
C6 NAG ZA . 8.84 37.77 -62.41
C7 NAG ZA . 13.10 35.30 -57.91
C8 NAG ZA . 14.34 34.55 -57.53
N2 NAG ZA . 12.66 35.13 -59.15
O3 NAG ZA . 10.33 33.71 -60.02
O4 NAG ZA . 8.97 34.81 -62.30
O5 NAG ZA . 10.65 37.75 -60.88
O6 NAG ZA . 8.43 38.74 -61.46
O7 NAG ZA . 12.55 36.05 -57.11
C1 NAG AB . 7.79 -74.75 -8.87
C2 NAG AB . 8.93 -75.40 -8.05
C3 NAG AB . 9.54 -76.58 -8.82
C4 NAG AB . 8.45 -77.55 -9.24
C5 NAG AB . 7.36 -76.83 -10.04
C6 NAG AB . 6.20 -77.73 -10.41
C7 NAG AB . 10.13 -73.93 -6.49
C8 NAG AB . 11.24 -72.93 -6.34
N2 NAG AB . 9.96 -74.42 -7.73
O3 NAG AB . 10.49 -77.23 -8.00
O4 NAG AB . 9.02 -78.59 -10.05
O5 NAG AB . 6.83 -75.77 -9.24
O6 NAG AB . 6.64 -78.85 -11.16
O7 NAG AB . 9.42 -74.27 -5.56
C1 NAG BB . 25.14 -65.37 -20.49
C2 NAG BB . 26.05 -66.61 -20.44
C3 NAG BB . 26.60 -66.92 -21.83
C4 NAG BB . 25.47 -67.04 -22.85
C5 NAG BB . 24.62 -65.78 -22.83
C6 NAG BB . 23.42 -65.87 -23.74
C7 NAG BB . 27.43 -67.30 -18.53
C8 NAG BB . 28.58 -66.94 -17.63
N2 NAG BB . 27.13 -66.42 -19.49
O3 NAG BB . 27.35 -68.13 -21.78
O4 NAG BB . 26.02 -67.22 -24.14
O5 NAG BB . 24.12 -65.56 -21.50
O6 NAG BB . 22.25 -65.34 -23.12
O7 NAG BB . 26.81 -68.35 -18.40
C1 NAG CB . -4.10 -15.94 -34.26
C2 NAG CB . -5.47 -15.39 -34.68
C3 NAG CB . -5.41 -13.87 -34.80
C4 NAG CB . -4.87 -13.26 -33.52
C5 NAG CB . -3.53 -13.88 -33.14
C6 NAG CB . -2.99 -13.38 -31.83
C7 NAG CB . -7.14 -16.43 -36.15
C8 NAG CB . -7.41 -17.02 -37.50
N2 NAG CB . -5.90 -15.99 -35.93
O3 NAG CB . -6.71 -13.38 -35.07
O4 NAG CB . -4.71 -11.85 -33.68
O5 NAG CB . -3.68 -15.30 -33.03
O6 NAG CB . -2.23 -14.40 -31.17
O7 NAG CB . -8.01 -16.36 -35.29
C1 NAG DB . -3.51 -67.83 -43.59
C2 NAG DB . -4.53 -68.36 -42.58
C3 NAG DB . -4.36 -69.87 -42.40
C4 NAG DB . -4.43 -70.58 -43.75
C5 NAG DB . -3.42 -69.97 -44.72
C6 NAG DB . -3.53 -70.54 -46.12
C7 NAG DB . -5.45 -67.33 -40.56
C8 NAG DB . -5.13 -66.63 -39.27
N2 NAG DB . -4.40 -67.67 -41.31
O3 NAG DB . -5.37 -70.36 -41.54
O4 NAG DB . -4.15 -71.97 -43.58
O5 NAG DB . -3.64 -68.56 -44.84
O6 NAG DB . -4.24 -69.66 -46.98
O7 NAG DB . -6.61 -67.59 -40.89
C1 NAG EB . 0.40 -74.90 -23.41
C2 NAG EB . 1.44 -76.01 -23.20
C3 NAG EB . 1.10 -77.22 -24.07
C4 NAG EB . -0.33 -77.68 -23.83
C5 NAG EB . -1.30 -76.53 -24.00
C6 NAG EB . -2.72 -76.88 -23.62
C7 NAG EB . 3.78 -75.62 -22.61
C8 NAG EB . 5.11 -75.07 -23.07
N2 NAG EB . 2.78 -75.53 -23.48
O3 NAG EB . 2.01 -78.27 -23.79
O4 NAG EB . -0.67 -78.72 -24.74
O5 NAG EB . -0.91 -75.42 -23.16
O6 NAG EB . -2.84 -77.11 -22.22
O7 NAG EB . 3.64 -76.11 -21.50
C1 NAG FB . -6.41 -43.37 -36.99
C2 NAG FB . -5.43 -43.34 -38.17
C3 NAG FB . -6.04 -42.59 -39.36
C4 NAG FB . -7.40 -43.16 -39.71
C5 NAG FB . -8.31 -43.18 -38.49
C6 NAG FB . -9.64 -43.84 -38.75
C7 NAG FB . -2.99 -43.11 -38.31
C8 NAG FB . -1.79 -42.37 -37.79
N2 NAG FB . -4.16 -42.75 -37.78
O3 NAG FB . -5.17 -42.68 -40.48
O4 NAG FB . -8.01 -42.36 -40.72
O5 NAG FB . -7.67 -43.92 -37.43
O6 NAG FB . -10.12 -44.50 -37.58
O7 NAG FB . -2.90 -43.98 -39.17
C1 NAG GB . 16.17 -58.33 -42.39
C2 NAG GB . 15.98 -58.28 -43.91
C3 NAG GB . 16.97 -59.24 -44.59
C4 NAG GB . 18.39 -58.95 -44.15
C5 NAG GB . 18.48 -59.00 -42.62
C6 NAG GB . 19.85 -58.61 -42.10
C7 NAG GB . 13.96 -58.01 -45.28
C8 NAG GB . 12.55 -58.48 -45.53
N2 NAG GB . 14.62 -58.62 -44.28
O3 NAG GB . 16.87 -59.10 -46.01
O4 NAG GB . 19.28 -59.93 -44.69
O5 NAG GB . 17.54 -58.06 -42.06
O6 NAG GB . 20.58 -59.76 -41.69
O7 NAG GB . 14.49 -57.13 -45.96
C1 NAG HB . -0.13 -47.79 44.45
C2 NAG HB . 0.53 -48.63 43.36
C3 NAG HB . 1.01 -49.98 43.93
C4 NAG HB . 1.90 -49.75 45.13
C5 NAG HB . 1.17 -48.91 46.18
C6 NAG HB . 2.02 -48.59 47.38
C7 NAG HB . 0.01 -48.93 40.97
C8 NAG HB . -1.07 -49.15 39.97
N2 NAG HB . -0.39 -48.86 42.25
O3 NAG HB . 1.71 -50.70 42.92
O4 NAG HB . 2.29 -51.00 45.71
O5 NAG HB . 0.77 -47.67 45.59
O6 NAG HB . 1.73 -49.42 48.48
O7 NAG HB . 1.19 -48.83 40.66
C1 NAG IB . -15.71 -30.76 57.86
C2 NAG IB . -17.06 -31.35 58.25
C3 NAG IB . -17.89 -30.34 59.04
C4 NAG IB . -17.09 -29.84 60.25
C5 NAG IB . -15.74 -29.28 59.79
C6 NAG IB . -14.85 -28.89 60.94
C7 NAG IB . -18.55 -32.91 57.05
C8 NAG IB . -19.23 -33.22 55.76
N2 NAG IB . -17.81 -31.80 57.07
O3 NAG IB . -19.10 -30.95 59.49
O4 NAG IB . -17.82 -28.81 60.92
O5 NAG IB . -15.03 -30.28 59.04
O6 NAG IB . -13.77 -29.81 61.08
O7 NAG IB . -18.65 -33.63 58.04
C1 NAG JB . 13.49 -14.53 -38.10
C2 NAG JB . 12.47 -15.59 -38.53
C3 NAG JB . 11.35 -14.95 -39.35
C4 NAG JB . 10.73 -13.80 -38.58
C5 NAG JB . 11.81 -12.81 -38.14
C6 NAG JB . 11.28 -11.68 -37.28
C7 NAG JB . 12.80 -17.94 -39.18
C8 NAG JB . 13.57 -18.90 -40.04
N2 NAG JB . 13.12 -16.65 -39.30
O3 NAG JB . 10.36 -15.93 -39.64
O4 NAG JB . 9.78 -13.12 -39.39
O5 NAG JB . 12.82 -13.49 -37.37
O6 NAG JB . 12.14 -10.55 -37.34
O7 NAG JB . 11.92 -18.32 -38.40
C1 NAG KB . 34.66 -24.04 -5.18
C2 NAG KB . 34.61 -24.21 -3.67
C3 NAG KB . 36.00 -24.60 -3.15
C4 NAG KB . 36.51 -25.84 -3.87
C5 NAG KB . 36.49 -25.61 -5.38
C6 NAG KB . 36.87 -26.85 -6.17
C7 NAG KB . 32.94 -22.89 -2.46
C8 NAG KB . 32.62 -21.58 -1.82
N2 NAG KB . 34.15 -22.99 -3.00
O3 NAG KB . 35.94 -24.84 -1.75
O4 NAG KB . 37.84 -26.13 -3.46
O5 NAG KB . 35.17 -25.25 -5.80
O6 NAG KB . 35.84 -27.83 -6.11
O7 NAG KB . 32.12 -23.81 -2.48
C1 NAG LB . 41.17 -10.81 -25.65
C2 NAG LB . 42.23 -11.29 -24.67
C3 NAG LB . 43.13 -10.13 -24.25
C4 NAG LB . 43.74 -9.45 -25.46
C5 NAG LB . 42.62 -9.01 -26.41
C6 NAG LB . 43.15 -8.42 -27.70
C7 NAG LB . 41.46 -13.23 -23.38
C8 NAG LB . 40.81 -13.70 -22.11
N2 NAG LB . 41.62 -11.91 -23.50
O3 NAG LB . 44.16 -10.62 -23.39
O4 NAG LB . 44.49 -8.32 -25.07
O5 NAG LB . 41.81 -10.14 -26.77
O6 NAG LB . 43.25 -9.42 -28.72
O7 NAG LB . 41.80 -14.01 -24.26
C1 NAG MB . 34.32 6.41 -36.79
C2 NAG MB . 34.57 5.24 -37.74
C3 NAG MB . 33.51 5.23 -38.83
C4 NAG MB . 32.11 5.24 -38.24
C5 NAG MB . 31.96 6.40 -37.26
C6 NAG MB . 30.64 6.40 -36.54
C7 NAG MB . 36.92 4.51 -37.91
C8 NAG MB . 38.22 4.71 -38.60
N2 NAG MB . 35.90 5.29 -38.31
O3 NAG MB . 33.69 4.06 -39.64
O4 NAG MB . 31.15 5.38 -39.27
O5 NAG MB . 32.99 6.33 -36.26
O6 NAG MB . 29.74 7.36 -37.09
O7 NAG MB . 36.77 3.68 -37.01
C1 NAG NB . 48.96 12.05 -46.23
C2 NAG NB . 50.20 12.74 -46.83
C3 NAG NB . 51.31 11.71 -47.08
C4 NAG NB . 51.61 10.93 -45.81
C5 NAG NB . 50.33 10.30 -45.25
C6 NAG NB . 50.55 9.61 -43.93
C7 NAG NB . 49.62 14.73 -48.14
C8 NAG NB . 49.28 15.28 -49.49
N2 NAG NB . 49.85 13.43 -48.07
O3 NAG NB . 52.47 12.38 -47.54
O4 NAG NB . 52.56 9.90 -46.08
O5 NAG NB . 49.35 11.32 -45.04
O6 NAG NB . 50.28 8.23 -44.02
O7 NAG NB . 49.68 15.46 -47.15
C1 NAG OB . 29.64 21.85 -57.94
C2 NAG OB . 30.40 22.10 -59.26
C3 NAG OB . 29.42 22.10 -60.43
C4 NAG OB . 28.58 20.83 -60.45
C5 NAG OB . 27.89 20.63 -59.11
C6 NAG OB . 27.16 19.32 -59.01
C7 NAG OB . 32.46 23.40 -59.03
C8 NAG OB . 33.06 24.77 -59.00
N2 NAG OB . 31.13 23.35 -59.20
O3 NAG OB . 30.15 22.22 -61.65
O4 NAG OB . 27.59 20.92 -61.47
O5 NAG OB . 28.87 20.63 -58.06
O6 NAG OB . 28.06 18.22 -58.91
O7 NAG OB . 33.15 22.40 -58.91
C1 NAG PB . -15.50 -0.10 -36.93
C2 NAG PB . -14.14 -0.23 -37.64
C3 NAG PB . -14.31 -0.15 -39.15
C4 NAG PB . -15.33 -1.19 -39.62
C5 NAG PB . -16.65 -1.01 -38.88
C6 NAG PB . -17.66 -2.08 -39.20
C7 NAG PB . -12.30 0.60 -36.25
C8 NAG PB . -11.43 1.77 -35.91
N2 NAG PB . -13.23 0.81 -37.18
O3 NAG PB . -13.05 -0.38 -39.79
O4 NAG PB . -15.56 -1.05 -41.02
O5 NAG PB . -16.41 -1.10 -37.46
O6 NAG PB . -17.77 -3.05 -38.16
O7 NAG PB . -12.15 -0.49 -35.70
C1 NAG QB . 55.07 33.81 -32.36
C2 NAG QB . 54.64 33.12 -31.06
C3 NAG QB . 55.86 32.49 -30.38
C4 NAG QB . 56.59 31.55 -31.33
C5 NAG QB . 56.93 32.29 -32.62
C6 NAG QB . 57.54 31.38 -33.67
C7 NAG QB . 52.70 33.91 -29.78
C8 NAG QB . 52.18 34.96 -28.85
N2 NAG QB . 53.97 34.05 -30.17
O3 NAG QB . 55.43 31.77 -29.22
O4 NAG QB . 57.77 31.07 -30.72
O5 NAG QB . 55.76 32.86 -33.21
O6 NAG QB . 56.67 30.31 -33.99
O7 NAG QB . 52.01 32.98 -30.17
#